data_8QBB
#
_entry.id   8QBB
#
_cell.length_a   1.00
_cell.length_b   1.00
_cell.length_c   1.00
_cell.angle_alpha   90.00
_cell.angle_beta   90.00
_cell.angle_gamma   90.00
#
_symmetry.space_group_name_H-M   'P 1'
#
loop_
_entity.id
_entity.type
_entity.pdbx_description
1 polymer 'Sphingolipid long chain base-responsive protein PIL1'
2 non-polymer D-MYO-INOSITOL-1,4,5-TRIPHOSPHATE
#
_entity_poly.entity_id   1
_entity_poly.type   'polypeptide(L)'
_entity_poly.pdbx_seq_one_letter_code
;MHRTYSLRNSRAPTASQLQNPPPPPSTTKGRFFGKGGLAYSFRRSAAGAFGPELSRKLSQLVKIEKNVLRSMELTANERR
DAAKQLSIWGLENDDDVSDITDKLGVLIYEVSELDDQFIDRYDQYRLTLKSIRDIEGSVQPSRDRKDKITDKIAYLKYKD
PQSPKIEVLEQELVRAEAESLVAEAQLSNITRSKLRAAFNYQFDSIIEHSEKIALIAGYGKALLELLDDSPVTPGETRPA
YDGYEASKQIIIDAESALNEWTLDSAQVKPTLSFKQDYEDFEPEEGEEEEEEDGQGRWSEDEQEDGQIEEPEQEEEGAVE
EHEQVGHQQSESLPQQTTA
;
_entity_poly.pdbx_strand_id   A,J,F,B,C,I,D,E,K,L,G,M,H,N
#
# COMPACT_ATOMS: atom_id res chain seq x y z
N MET A 1 -24.98 -23.87 -0.55
CA MET A 1 -25.27 -22.48 -0.22
C MET A 1 -26.77 -22.20 -0.30
N HIS A 2 -27.16 -20.98 0.07
CA HIS A 2 -28.56 -20.58 0.04
C HIS A 2 -29.02 -20.11 -1.33
N ARG A 3 -28.09 -19.90 -2.27
CA ARG A 3 -28.44 -19.49 -3.63
C ARG A 3 -29.07 -20.60 -4.44
N THR A 4 -28.95 -21.86 -4.00
CA THR A 4 -29.36 -22.99 -4.82
C THR A 4 -30.88 -23.20 -4.85
N TYR A 5 -31.64 -22.45 -4.04
CA TYR A 5 -33.09 -22.44 -4.22
C TYR A 5 -33.69 -21.05 -4.12
N SER A 6 -32.88 -19.98 -4.22
CA SER A 6 -33.39 -18.62 -4.09
C SER A 6 -32.75 -17.72 -5.14
N LEU A 7 -33.47 -16.67 -5.50
CA LEU A 7 -32.96 -15.65 -6.42
C LEU A 7 -32.18 -14.55 -5.71
N ARG A 8 -32.21 -14.51 -4.38
CA ARG A 8 -31.51 -13.49 -3.62
C ARG A 8 -30.42 -14.13 -2.78
N ASN A 9 -29.35 -13.36 -2.53
CA ASN A 9 -28.21 -13.85 -1.77
C ASN A 9 -28.51 -14.00 -0.28
N SER A 10 -29.69 -13.57 0.18
CA SER A 10 -30.04 -13.72 1.58
C SER A 10 -30.10 -15.19 1.97
N ARG A 11 -29.72 -15.47 3.21
CA ARG A 11 -29.59 -16.84 3.71
C ARG A 11 -30.88 -17.27 4.41
N ALA A 12 -31.37 -18.45 4.05
CA ALA A 12 -32.58 -18.98 4.68
C ALA A 12 -32.29 -19.35 6.13
N PRO A 13 -33.29 -19.29 7.01
CA PRO A 13 -33.07 -19.68 8.41
C PRO A 13 -32.65 -21.13 8.53
N THR A 14 -31.76 -21.39 9.48
CA THR A 14 -31.24 -22.73 9.76
C THR A 14 -31.47 -23.06 11.23
N ALA A 15 -30.94 -24.20 11.66
CA ALA A 15 -31.06 -24.60 13.05
C ALA A 15 -30.36 -23.62 13.98
N SER A 16 -29.15 -23.18 13.61
CA SER A 16 -28.43 -22.20 14.42
C SER A 16 -29.18 -20.87 14.45
N GLN A 17 -29.71 -20.45 13.30
CA GLN A 17 -30.47 -19.21 13.26
C GLN A 17 -31.76 -19.31 14.06
N LEU A 18 -32.41 -20.47 14.04
CA LEU A 18 -33.60 -20.68 14.85
C LEU A 18 -33.27 -20.66 16.34
N GLN A 19 -32.17 -21.28 16.73
CA GLN A 19 -31.79 -21.32 18.14
C GLN A 19 -31.37 -19.94 18.64
N ASN A 20 -30.54 -19.24 17.88
CA ASN A 20 -30.05 -17.92 18.26
C ASN A 20 -30.20 -16.98 17.07
N PRO A 21 -30.62 -15.74 17.31
CA PRO A 21 -30.78 -14.80 16.19
C PRO A 21 -29.44 -14.55 15.52
N PRO A 22 -29.45 -14.25 14.23
CA PRO A 22 -28.20 -14.00 13.50
C PRO A 22 -27.45 -12.83 14.11
N PRO A 23 -26.12 -12.89 14.13
CA PRO A 23 -25.33 -11.81 14.73
C PRO A 23 -25.49 -10.52 13.95
N PRO A 24 -25.44 -9.38 14.63
CA PRO A 24 -25.55 -8.09 13.94
C PRO A 24 -24.37 -7.88 13.00
N PRO A 25 -24.57 -7.15 11.90
CA PRO A 25 -23.48 -6.94 10.96
C PRO A 25 -22.43 -5.99 11.50
N SER A 26 -21.32 -5.88 10.78
CA SER A 26 -20.22 -5.01 11.19
C SER A 26 -20.65 -3.56 11.16
N THR A 27 -20.07 -2.76 12.06
CA THR A 27 -20.45 -1.35 12.16
C THR A 27 -20.07 -0.59 10.91
N THR A 28 -18.89 -0.86 10.35
CA THR A 28 -18.39 -0.17 9.16
C THR A 28 -18.15 -1.17 8.05
N LYS A 29 -18.59 -0.83 6.83
CA LYS A 29 -18.39 -1.64 5.64
C LYS A 29 -17.94 -0.71 4.50
N GLY A 30 -16.63 -0.54 4.38
CA GLY A 30 -16.12 0.34 3.32
C GLY A 30 -16.20 -0.34 1.96
N ARG A 31 -16.60 0.46 0.96
CA ARG A 31 -16.70 -0.03 -0.41
C ARG A 31 -15.35 0.12 -1.10
N PHE A 32 -14.44 -0.79 -0.74
CA PHE A 32 -13.09 -0.80 -1.27
C PHE A 32 -12.60 -2.24 -1.40
N PHE A 33 -11.64 -2.44 -2.30
CA PHE A 33 -11.07 -3.78 -2.49
C PHE A 33 -10.35 -4.24 -1.23
N GLY A 34 -9.61 -3.35 -0.58
CA GLY A 34 -8.86 -3.71 0.60
C GLY A 34 -7.50 -4.31 0.34
N LYS A 35 -7.12 -4.49 -0.93
CA LYS A 35 -5.80 -5.04 -1.24
C LYS A 35 -4.69 -4.09 -0.80
N GLY A 36 -4.88 -2.79 -1.00
CA GLY A 36 -3.89 -1.81 -0.63
C GLY A 36 -2.76 -1.62 -1.63
N GLY A 37 -2.78 -2.33 -2.75
CA GLY A 37 -1.73 -2.20 -3.73
C GLY A 37 -2.16 -2.78 -5.07
N LEU A 38 -1.43 -2.37 -6.11
CA LEU A 38 -1.68 -2.81 -7.47
C LEU A 38 -0.95 -4.11 -7.79
N ALA A 39 -0.18 -4.63 -6.84
CA ALA A 39 0.63 -5.83 -7.08
C ALA A 39 -0.23 -7.04 -7.41
N TYR A 40 -1.36 -7.21 -6.71
CA TYR A 40 -2.22 -8.36 -6.96
C TYR A 40 -2.76 -8.35 -8.39
N SER A 41 -3.32 -7.21 -8.81
CA SER A 41 -3.87 -7.09 -10.16
C SER A 41 -2.77 -7.23 -11.21
N PHE A 42 -1.60 -6.64 -10.95
CA PHE A 42 -0.50 -6.72 -11.90
C PHE A 42 -0.04 -8.17 -12.08
N ARG A 43 0.09 -8.91 -10.98
CA ARG A 43 0.48 -10.30 -11.07
C ARG A 43 -0.59 -11.15 -11.76
N ARG A 44 -1.86 -10.86 -11.48
CA ARG A 44 -2.93 -11.59 -12.14
C ARG A 44 -2.95 -11.35 -13.64
N SER A 45 -2.70 -10.11 -14.05
CA SER A 45 -2.78 -9.76 -15.47
C SER A 45 -1.53 -10.12 -16.25
N ALA A 46 -0.37 -10.20 -15.60
CA ALA A 46 0.87 -10.49 -16.32
C ALA A 46 1.09 -11.97 -16.59
N ALA A 47 0.26 -12.85 -16.02
CA ALA A 47 0.46 -14.28 -16.20
C ALA A 47 0.21 -14.71 -17.64
N GLY A 48 -0.87 -14.22 -18.24
CA GLY A 48 -1.26 -14.61 -19.58
C GLY A 48 -0.71 -13.76 -20.71
N ALA A 49 0.23 -12.86 -20.41
CA ALA A 49 0.75 -11.97 -21.45
C ALA A 49 1.54 -12.75 -22.50
N PHE A 50 2.32 -13.74 -22.08
CA PHE A 50 3.20 -14.46 -22.99
C PHE A 50 3.05 -15.98 -22.93
N GLY A 51 2.37 -16.53 -21.93
CA GLY A 51 2.26 -17.96 -21.78
C GLY A 51 1.41 -18.61 -22.86
N PRO A 52 1.56 -19.93 -23.01
CA PRO A 52 0.74 -20.65 -24.00
C PRO A 52 -0.73 -20.61 -23.63
N GLU A 53 -1.57 -20.69 -24.67
CA GLU A 53 -3.02 -20.56 -24.48
C GLU A 53 -3.59 -21.70 -23.64
N LEU A 54 -3.10 -22.93 -23.84
CA LEU A 54 -3.69 -24.08 -23.17
C LEU A 54 -3.50 -24.02 -21.66
N SER A 55 -2.30 -23.62 -21.21
CA SER A 55 -1.96 -23.63 -19.80
C SER A 55 -2.31 -22.33 -19.08
N ARG A 56 -2.87 -21.35 -19.79
CA ARG A 56 -3.17 -20.06 -19.17
C ARG A 56 -4.23 -20.21 -18.08
N LYS A 57 -5.26 -21.01 -18.34
CA LYS A 57 -6.37 -21.13 -17.41
C LYS A 57 -5.91 -21.66 -16.05
N LEU A 58 -5.09 -22.70 -16.06
CA LEU A 58 -4.59 -23.24 -14.80
C LEU A 58 -3.50 -22.36 -14.20
N SER A 59 -2.69 -21.70 -15.04
CA SER A 59 -1.63 -20.85 -14.52
C SER A 59 -2.20 -19.63 -13.81
N GLN A 60 -3.41 -19.20 -14.18
CA GLN A 60 -4.00 -18.04 -13.52
C GLN A 60 -4.37 -18.34 -12.07
N LEU A 61 -4.64 -19.60 -11.74
CA LEU A 61 -5.09 -19.93 -10.39
C LEU A 61 -3.94 -19.93 -9.40
N VAL A 62 -2.71 -20.20 -9.86
CA VAL A 62 -1.58 -20.29 -8.95
C VAL A 62 -1.32 -18.94 -8.26
N LYS A 63 -1.46 -17.85 -9.00
CA LYS A 63 -1.21 -16.53 -8.43
C LYS A 63 -2.22 -16.20 -7.33
N ILE A 64 -3.50 -16.49 -7.56
CA ILE A 64 -4.50 -16.20 -6.54
C ILE A 64 -4.35 -17.15 -5.36
N GLU A 65 -3.89 -18.38 -5.59
CA GLU A 65 -3.61 -19.27 -4.46
C GLU A 65 -2.45 -18.74 -3.62
N LYS A 66 -1.42 -18.19 -4.27
CA LYS A 66 -0.33 -17.57 -3.53
C LYS A 66 -0.81 -16.36 -2.75
N ASN A 67 -1.72 -15.58 -3.33
CA ASN A 67 -2.31 -14.45 -2.61
C ASN A 67 -3.08 -14.93 -1.39
N VAL A 68 -3.83 -16.02 -1.53
CA VAL A 68 -4.54 -16.60 -0.40
C VAL A 68 -3.56 -17.01 0.69
N LEU A 69 -2.45 -17.64 0.30
CA LEU A 69 -1.44 -18.05 1.27
C LEU A 69 -0.87 -16.85 2.02
N ARG A 70 -0.54 -15.78 1.28
CA ARG A 70 0.01 -14.59 1.91
C ARG A 70 -0.98 -13.96 2.88
N SER A 71 -2.26 -13.88 2.49
CA SER A 71 -3.27 -13.30 3.36
C SER A 71 -3.45 -14.14 4.61
N MET A 72 -3.44 -15.47 4.48
CA MET A 72 -3.53 -16.33 5.65
C MET A 72 -2.32 -16.15 6.56
N GLU A 73 -1.13 -15.98 5.98
CA GLU A 73 0.06 -15.73 6.79
C GLU A 73 -0.08 -14.43 7.57
N LEU A 74 -0.57 -13.38 6.93
CA LEU A 74 -0.77 -12.11 7.63
C LEU A 74 -1.80 -12.26 8.75
N THR A 75 -2.88 -12.97 8.49
CA THR A 75 -3.89 -13.21 9.52
C THR A 75 -3.29 -13.94 10.72
N ALA A 76 -2.52 -14.99 10.46
CA ALA A 76 -1.91 -15.75 11.55
C ALA A 76 -0.94 -14.89 12.34
N ASN A 77 -0.14 -14.08 11.64
CA ASN A 77 0.82 -13.21 12.33
C ASN A 77 0.11 -12.22 13.23
N GLU A 78 -0.96 -11.59 12.73
CA GLU A 78 -1.67 -10.60 13.54
C GLU A 78 -2.37 -11.26 14.73
N ARG A 79 -2.95 -12.45 14.53
CA ARG A 79 -3.59 -13.14 15.64
C ARG A 79 -2.57 -13.55 16.69
N ARG A 80 -1.37 -13.96 16.25
CA ARG A 80 -0.30 -14.25 17.19
C ARG A 80 0.12 -13.01 17.96
N ASP A 81 0.17 -11.86 17.27
CA ASP A 81 0.56 -10.62 17.95
C ASP A 81 -0.47 -10.20 18.99
N ALA A 82 -1.75 -10.43 18.71
CA ALA A 82 -2.79 -9.98 19.63
C ALA A 82 -2.70 -10.65 20.99
N ALA A 83 -2.23 -11.90 21.03
CA ALA A 83 -2.15 -12.63 22.30
C ALA A 83 -1.16 -11.98 23.26
N LYS A 84 -0.07 -11.41 22.73
CA LYS A 84 0.90 -10.74 23.60
C LYS A 84 0.27 -9.55 24.30
N GLN A 85 -0.49 -8.74 23.57
CA GLN A 85 -1.15 -7.60 24.18
C GLN A 85 -2.21 -8.05 25.18
N LEU A 86 -2.96 -9.10 24.85
CA LEU A 86 -3.94 -9.62 25.79
C LEU A 86 -3.27 -10.07 27.08
N SER A 87 -2.10 -10.72 26.97
CA SER A 87 -1.39 -11.19 28.15
C SER A 87 -0.85 -10.04 28.98
N ILE A 88 -0.25 -9.03 28.34
CA ILE A 88 0.35 -7.94 29.11
C ILE A 88 -0.72 -7.10 29.77
N TRP A 89 -1.91 -6.99 29.17
CA TRP A 89 -2.99 -6.21 29.79
C TRP A 89 -3.34 -6.72 31.19
N GLY A 90 -3.15 -8.02 31.44
CA GLY A 90 -3.59 -8.60 32.69
C GLY A 90 -2.72 -8.30 33.89
N LEU A 91 -1.59 -7.61 33.70
CA LEU A 91 -0.69 -7.33 34.82
C LEU A 91 -1.35 -6.43 35.85
N GLU A 92 -2.05 -5.40 35.41
CA GLU A 92 -2.68 -4.43 36.30
C GLU A 92 -4.14 -4.82 36.51
N ASN A 93 -4.34 -5.86 37.30
CA ASN A 93 -5.67 -6.36 37.62
C ASN A 93 -5.53 -7.31 38.81
N ASP A 94 -6.61 -8.02 39.13
CA ASP A 94 -6.59 -8.98 40.22
C ASP A 94 -5.72 -10.18 39.86
N ASP A 95 -5.26 -10.89 40.90
CA ASP A 95 -4.36 -12.02 40.68
C ASP A 95 -5.02 -13.13 39.87
N ASP A 96 -6.28 -13.46 40.18
CA ASP A 96 -6.98 -14.49 39.44
C ASP A 96 -7.15 -14.10 37.98
N VAL A 97 -7.51 -12.84 37.73
CA VAL A 97 -7.66 -12.35 36.37
C VAL A 97 -6.34 -12.43 35.63
N SER A 98 -5.24 -12.05 36.29
CA SER A 98 -3.93 -12.09 35.65
C SER A 98 -3.54 -13.52 35.29
N ASP A 99 -3.74 -14.46 36.21
CA ASP A 99 -3.36 -15.85 35.95
C ASP A 99 -4.19 -16.44 34.81
N ILE A 100 -5.51 -16.23 34.86
CA ILE A 100 -6.38 -16.74 33.81
C ILE A 100 -6.00 -16.11 32.46
N THR A 101 -5.69 -14.81 32.47
CA THR A 101 -5.30 -14.13 31.24
C THR A 101 -4.02 -14.73 30.66
N ASP A 102 -3.02 -14.98 31.51
CA ASP A 102 -1.76 -15.54 31.00
C ASP A 102 -1.98 -16.94 30.41
N LYS A 103 -2.71 -17.78 31.13
CA LYS A 103 -2.89 -19.15 30.66
C LYS A 103 -3.71 -19.19 29.36
N LEU A 104 -4.84 -18.47 29.33
CA LEU A 104 -5.61 -18.45 28.10
C LEU A 104 -4.84 -17.75 26.99
N GLY A 105 -3.92 -16.85 27.35
CA GLY A 105 -3.12 -16.20 26.33
C GLY A 105 -2.18 -17.15 25.63
N VAL A 106 -1.51 -18.02 26.40
CA VAL A 106 -0.66 -19.02 25.74
C VAL A 106 -1.54 -20.02 24.98
N LEU A 107 -2.72 -20.34 25.53
CA LEU A 107 -3.61 -21.28 24.87
C LEU A 107 -4.07 -20.75 23.51
N ILE A 108 -4.36 -19.46 23.42
CA ILE A 108 -4.79 -18.85 22.16
C ILE A 108 -3.62 -18.52 21.25
N TYR A 109 -2.43 -18.31 21.81
CA TYR A 109 -1.21 -18.15 21.02
C TYR A 109 -0.78 -19.44 20.35
N GLU A 110 -1.23 -20.59 20.87
CA GLU A 110 -0.95 -21.88 20.27
C GLU A 110 -1.40 -21.97 18.80
N VAL A 111 -2.43 -21.21 18.43
CA VAL A 111 -3.08 -21.30 17.12
C VAL A 111 -2.12 -21.02 15.96
N SER A 112 -1.14 -20.14 16.19
CA SER A 112 -0.29 -19.67 15.10
C SER A 112 0.53 -20.81 14.50
N GLU A 113 1.03 -21.73 15.34
CA GLU A 113 1.81 -22.85 14.82
C GLU A 113 0.97 -23.74 13.92
N LEU A 114 -0.27 -24.03 14.34
CA LEU A 114 -1.16 -24.83 13.50
C LEU A 114 -1.43 -24.12 12.18
N ASP A 115 -1.64 -22.80 12.23
CA ASP A 115 -1.87 -22.05 11.00
C ASP A 115 -0.65 -22.13 10.07
N ASP A 116 0.56 -22.04 10.64
CA ASP A 116 1.76 -22.12 9.82
C ASP A 116 1.91 -23.49 9.17
N GLN A 117 1.62 -24.56 9.93
CA GLN A 117 1.69 -25.90 9.36
C GLN A 117 0.67 -26.08 8.23
N PHE A 118 -0.55 -25.59 8.43
CA PHE A 118 -1.55 -25.63 7.38
C PHE A 118 -1.09 -24.85 6.15
N ILE A 119 -0.43 -23.72 6.37
CA ILE A 119 0.08 -22.92 5.26
C ILE A 119 1.13 -23.69 4.48
N ASP A 120 2.02 -24.39 5.18
CA ASP A 120 3.05 -25.18 4.50
C ASP A 120 2.43 -26.29 3.66
N ARG A 121 1.44 -26.98 4.22
CA ARG A 121 0.79 -28.05 3.45
C ARG A 121 0.03 -27.48 2.25
N TYR A 122 -0.59 -26.32 2.42
CA TYR A 122 -1.22 -25.62 1.30
C TYR A 122 -0.19 -25.29 0.22
N ASP A 123 1.01 -24.87 0.63
CA ASP A 123 2.07 -24.58 -0.33
C ASP A 123 2.48 -25.83 -1.10
N GLN A 124 2.56 -26.97 -0.43
CA GLN A 124 2.87 -28.22 -1.13
C GLN A 124 1.79 -28.57 -2.16
N TYR A 125 0.52 -28.43 -1.78
CA TYR A 125 -0.56 -28.68 -2.72
C TYR A 125 -0.49 -27.74 -3.92
N ARG A 126 -0.20 -26.46 -3.66
CA ARG A 126 -0.01 -25.51 -4.75
C ARG A 126 1.17 -25.91 -5.64
N LEU A 127 2.22 -26.46 -5.04
CA LEU A 127 3.37 -26.88 -5.84
C LEU A 127 2.98 -28.00 -6.81
N THR A 128 2.20 -28.98 -6.34
CA THR A 128 1.76 -30.04 -7.25
C THR A 128 0.85 -29.49 -8.35
N LEU A 129 -0.09 -28.62 -7.97
CA LEU A 129 -0.98 -28.03 -8.96
C LEU A 129 -0.19 -27.22 -9.99
N LYS A 130 0.90 -26.59 -9.56
CA LYS A 130 1.80 -25.93 -10.50
C LYS A 130 2.48 -26.94 -11.41
N SER A 131 2.92 -28.08 -10.84
CA SER A 131 3.58 -29.10 -11.63
C SER A 131 2.72 -29.61 -12.77
N ILE A 132 1.39 -29.61 -12.59
CA ILE A 132 0.52 -29.99 -13.71
C ILE A 132 0.69 -29.04 -14.90
N ARG A 133 0.84 -27.74 -14.63
CA ARG A 133 0.90 -26.74 -15.69
C ARG A 133 2.09 -26.95 -16.61
N ASP A 134 3.20 -27.45 -16.06
CA ASP A 134 4.38 -27.68 -16.89
C ASP A 134 4.09 -28.71 -17.98
N ILE A 135 3.44 -29.81 -17.61
CA ILE A 135 3.11 -30.84 -18.60
C ILE A 135 2.10 -30.31 -19.60
N GLU A 136 1.12 -29.52 -19.15
CA GLU A 136 0.17 -28.94 -20.09
C GLU A 136 0.86 -28.05 -21.12
N GLY A 137 1.74 -27.17 -20.64
CA GLY A 137 2.42 -26.24 -21.54
C GLY A 137 3.44 -26.93 -22.44
N SER A 138 3.94 -28.09 -22.00
CA SER A 138 4.81 -28.88 -22.87
C SER A 138 3.99 -29.60 -23.94
N VAL A 139 2.76 -30.00 -23.59
CA VAL A 139 1.91 -30.71 -24.55
C VAL A 139 1.45 -29.80 -25.68
N GLN A 140 1.10 -28.55 -25.35
CA GLN A 140 0.50 -27.67 -26.36
C GLN A 140 1.31 -27.53 -27.65
N PRO A 141 2.61 -27.20 -27.63
CA PRO A 141 3.32 -26.94 -28.90
C PRO A 141 3.37 -28.15 -29.82
N SER A 142 3.45 -29.36 -29.26
CA SER A 142 3.45 -30.56 -30.10
C SER A 142 2.14 -30.69 -30.86
N ARG A 143 1.03 -30.27 -30.25
CA ARG A 143 -0.25 -30.31 -30.93
C ARG A 143 -0.37 -29.21 -31.98
N ASP A 144 0.21 -28.04 -31.72
CA ASP A 144 0.05 -26.91 -32.66
C ASP A 144 0.63 -27.23 -34.04
N ARG A 145 1.83 -27.81 -34.08
CA ARG A 145 2.53 -28.02 -35.35
C ARG A 145 1.79 -29.01 -36.25
N LYS A 146 1.25 -30.08 -35.66
CA LYS A 146 0.52 -31.07 -36.46
C LYS A 146 -0.69 -30.44 -37.13
N ASP A 147 -1.39 -29.56 -36.41
CA ASP A 147 -2.52 -28.85 -37.00
C ASP A 147 -2.06 -27.92 -38.11
N LYS A 148 -0.95 -27.21 -37.90
CA LYS A 148 -0.51 -26.23 -38.90
C LYS A 148 -0.09 -26.91 -40.20
N ILE A 149 0.65 -28.02 -40.12
CA ILE A 149 1.16 -28.69 -41.31
C ILE A 149 0.04 -29.43 -42.02
N THR A 150 -1.16 -29.42 -41.44
CA THR A 150 -2.35 -29.92 -42.11
C THR A 150 -3.00 -28.87 -43.00
N ASP A 151 -3.20 -27.66 -42.48
CA ASP A 151 -3.64 -26.55 -43.32
C ASP A 151 -2.64 -26.30 -44.44
N LYS A 152 -1.34 -26.48 -44.16
CA LYS A 152 -0.32 -26.29 -45.20
C LYS A 152 -0.55 -27.24 -46.38
N ILE A 153 -0.68 -28.54 -46.09
CA ILE A 153 -0.85 -29.51 -47.17
C ILE A 153 -2.19 -29.32 -47.86
N ALA A 154 -3.22 -28.95 -47.10
CA ALA A 154 -4.52 -28.68 -47.73
C ALA A 154 -4.43 -27.54 -48.73
N TYR A 155 -3.78 -26.44 -48.34
CA TYR A 155 -3.64 -25.30 -49.23
C TYR A 155 -2.80 -25.65 -50.44
N LEU A 156 -1.70 -26.38 -50.24
CA LEU A 156 -0.85 -26.73 -51.37
C LEU A 156 -1.54 -27.70 -52.32
N LYS A 157 -2.38 -28.60 -51.81
CA LYS A 157 -3.18 -29.46 -52.67
C LYS A 157 -4.21 -28.63 -53.45
N TYR A 158 -4.81 -27.63 -52.80
CA TYR A 158 -5.76 -26.77 -53.51
C TYR A 158 -5.07 -26.02 -54.65
N LYS A 159 -3.86 -25.52 -54.40
CA LYS A 159 -3.18 -24.71 -55.42
C LYS A 159 -2.91 -25.53 -56.68
N ASP A 160 -2.30 -26.71 -56.52
CA ASP A 160 -2.06 -27.61 -57.64
C ASP A 160 -1.82 -29.02 -57.13
N PRO A 161 -2.56 -30.01 -57.64
CA PRO A 161 -2.39 -31.38 -57.15
C PRO A 161 -1.21 -32.13 -57.76
N GLN A 162 -0.46 -31.51 -58.67
CA GLN A 162 0.66 -32.17 -59.34
C GLN A 162 1.99 -31.92 -58.65
N SER A 163 2.01 -31.19 -57.54
CA SER A 163 3.26 -30.94 -56.84
C SER A 163 3.76 -32.22 -56.18
N PRO A 164 5.08 -32.39 -56.08
CA PRO A 164 5.63 -33.60 -55.46
C PRO A 164 5.72 -33.53 -53.94
N LYS A 165 5.32 -32.42 -53.32
CA LYS A 165 5.42 -32.27 -51.87
C LYS A 165 4.24 -32.92 -51.14
N ILE A 166 3.25 -33.43 -51.87
CA ILE A 166 2.06 -34.00 -51.24
C ILE A 166 2.43 -35.18 -50.37
N GLU A 167 3.25 -36.10 -50.89
CA GLU A 167 3.54 -37.33 -50.17
C GLU A 167 4.38 -37.07 -48.92
N VAL A 168 5.39 -36.19 -49.02
CA VAL A 168 6.22 -35.91 -47.86
C VAL A 168 5.43 -35.15 -46.80
N LEU A 169 4.58 -34.21 -47.23
CA LEU A 169 3.73 -33.50 -46.28
C LEU A 169 2.76 -34.46 -45.59
N GLU A 170 2.19 -35.40 -46.34
CA GLU A 170 1.27 -36.37 -45.75
C GLU A 170 1.97 -37.26 -44.74
N GLN A 171 3.19 -37.70 -45.04
CA GLN A 171 3.91 -38.54 -44.09
C GLN A 171 4.31 -37.76 -42.84
N GLU A 172 4.72 -36.50 -43.01
CA GLU A 172 4.99 -35.68 -41.83
C GLU A 172 3.74 -35.52 -41.00
N LEU A 173 2.58 -35.38 -41.65
CA LEU A 173 1.31 -35.35 -40.93
C LEU A 173 1.08 -36.64 -40.16
N VAL A 174 1.38 -37.78 -40.77
CA VAL A 174 1.18 -39.06 -40.09
C VAL A 174 2.06 -39.18 -38.85
N ARG A 175 3.35 -38.83 -38.97
CA ARG A 175 4.24 -38.93 -37.83
C ARG A 175 3.82 -37.97 -36.71
N ALA A 176 3.49 -36.73 -37.08
CA ALA A 176 3.04 -35.78 -36.07
C ALA A 176 1.73 -36.24 -35.43
N GLU A 177 0.87 -36.89 -36.20
CA GLU A 177 -0.38 -37.42 -35.65
C GLU A 177 -0.12 -38.51 -34.62
N ALA A 178 0.81 -39.42 -34.90
CA ALA A 178 1.13 -40.45 -33.92
C ALA A 178 1.69 -39.84 -32.64
N GLU A 179 2.63 -38.89 -32.78
CA GLU A 179 3.19 -38.24 -31.59
C GLU A 179 2.12 -37.51 -30.80
N SER A 180 1.22 -36.81 -31.51
CA SER A 180 0.15 -36.08 -30.84
C SER A 180 -0.80 -37.02 -30.12
N LEU A 181 -1.09 -38.18 -30.71
CA LEU A 181 -1.95 -39.16 -30.05
C LEU A 181 -1.34 -39.63 -28.75
N VAL A 182 -0.04 -39.97 -28.77
CA VAL A 182 0.62 -40.41 -27.54
C VAL A 182 0.58 -39.31 -26.49
N ALA A 183 0.90 -38.07 -26.90
CA ALA A 183 0.92 -36.96 -25.95
C ALA A 183 -0.47 -36.70 -25.36
N GLU A 184 -1.50 -36.75 -26.20
CA GLU A 184 -2.87 -36.53 -25.78
C GLU A 184 -3.35 -37.58 -24.80
N ALA A 185 -3.02 -38.85 -25.00
CA ALA A 185 -3.35 -39.87 -24.00
C ALA A 185 -2.65 -39.64 -22.67
N GLN A 186 -1.33 -39.42 -22.70
CA GLN A 186 -0.62 -39.28 -21.44
C GLN A 186 -1.06 -38.01 -20.69
N LEU A 187 -1.42 -36.96 -21.43
CA LEU A 187 -1.86 -35.73 -20.78
C LEU A 187 -3.06 -35.98 -19.88
N SER A 188 -4.08 -36.66 -20.41
CA SER A 188 -5.26 -36.97 -19.61
C SER A 188 -4.89 -37.88 -18.44
N ASN A 189 -4.08 -38.91 -18.69
CA ASN A 189 -3.66 -39.79 -17.60
C ASN A 189 -3.03 -38.99 -16.46
N ILE A 190 -2.05 -38.16 -16.79
CA ILE A 190 -1.29 -37.43 -15.78
C ILE A 190 -2.16 -36.43 -15.06
N THR A 191 -3.01 -35.69 -15.79
CA THR A 191 -3.82 -34.68 -15.11
C THR A 191 -4.80 -35.34 -14.14
N ARG A 192 -5.41 -36.46 -14.53
CA ARG A 192 -6.32 -37.14 -13.61
C ARG A 192 -5.58 -37.60 -12.36
N SER A 193 -4.44 -38.29 -12.54
CA SER A 193 -3.72 -38.83 -11.38
C SER A 193 -3.24 -37.73 -10.45
N LYS A 194 -2.63 -36.68 -11.01
CA LYS A 194 -2.09 -35.60 -10.20
C LYS A 194 -3.19 -34.84 -9.48
N LEU A 195 -4.31 -34.56 -10.17
CA LEU A 195 -5.41 -33.88 -9.51
C LEU A 195 -5.92 -34.69 -8.32
N ARG A 196 -6.15 -35.99 -8.51
CA ARG A 196 -6.65 -36.81 -7.40
C ARG A 196 -5.68 -36.80 -6.23
N ALA A 197 -4.39 -37.05 -6.50
CA ALA A 197 -3.42 -37.15 -5.40
C ALA A 197 -3.30 -35.84 -4.65
N ALA A 198 -3.11 -34.73 -5.38
CA ALA A 198 -2.94 -33.44 -4.74
C ALA A 198 -4.19 -33.04 -3.95
N PHE A 199 -5.37 -33.34 -4.48
CA PHE A 199 -6.56 -32.84 -3.84
C PHE A 199 -6.89 -33.66 -2.59
N ASN A 200 -6.59 -34.96 -2.61
CA ASN A 200 -6.65 -35.75 -1.37
C ASN A 200 -5.68 -35.21 -0.33
N TYR A 201 -4.45 -34.91 -0.75
CA TYR A 201 -3.47 -34.38 0.19
C TYR A 201 -3.94 -33.06 0.80
N GLN A 202 -4.54 -32.20 -0.02
CA GLN A 202 -5.04 -30.92 0.47
C GLN A 202 -6.26 -31.07 1.37
N PHE A 203 -7.13 -32.05 1.10
CA PHE A 203 -8.32 -32.24 1.93
C PHE A 203 -8.01 -32.88 3.27
N ASP A 204 -6.93 -33.67 3.39
CA ASP A 204 -6.60 -34.25 4.69
C ASP A 204 -6.09 -33.19 5.68
N SER A 205 -5.25 -32.27 5.21
CA SER A 205 -4.63 -31.29 6.10
C SER A 205 -5.67 -30.39 6.74
N ILE A 206 -6.68 -29.96 5.97
CA ILE A 206 -7.66 -29.01 6.49
C ILE A 206 -8.48 -29.64 7.60
N ILE A 207 -8.89 -30.90 7.44
CA ILE A 207 -9.68 -31.54 8.50
C ILE A 207 -8.81 -31.80 9.72
N GLU A 208 -7.54 -32.18 9.52
CA GLU A 208 -6.65 -32.34 10.67
C GLU A 208 -6.53 -31.03 11.46
N HIS A 209 -6.27 -29.93 10.75
CA HIS A 209 -6.11 -28.64 11.42
C HIS A 209 -7.39 -28.20 12.10
N SER A 210 -8.54 -28.42 11.45
CA SER A 210 -9.81 -28.05 12.05
C SER A 210 -10.08 -28.83 13.32
N GLU A 211 -9.78 -30.13 13.33
CA GLU A 211 -9.98 -30.93 14.54
C GLU A 211 -9.07 -30.46 15.66
N LYS A 212 -7.81 -30.16 15.34
CA LYS A 212 -6.91 -29.66 16.38
C LYS A 212 -7.39 -28.33 16.94
N ILE A 213 -7.86 -27.43 16.08
CA ILE A 213 -8.36 -26.14 16.54
C ILE A 213 -9.59 -26.32 17.42
N ALA A 214 -10.48 -27.23 17.03
CA ALA A 214 -11.67 -27.49 17.84
C ALA A 214 -11.30 -28.04 19.21
N LEU A 215 -10.32 -28.94 19.26
CA LEU A 215 -9.87 -29.47 20.55
C LEU A 215 -9.30 -28.36 21.43
N ILE A 216 -8.47 -27.48 20.84
CA ILE A 216 -7.90 -26.37 21.61
C ILE A 216 -8.99 -25.46 22.13
N ALA A 217 -9.98 -25.15 21.29
CA ALA A 217 -11.07 -24.28 21.71
C ALA A 217 -11.89 -24.90 22.83
N GLY A 218 -12.17 -26.20 22.73
CA GLY A 218 -12.90 -26.88 23.80
C GLY A 218 -12.14 -26.87 25.11
N TYR A 219 -10.83 -27.12 25.06
CA TYR A 219 -10.02 -27.08 26.28
C TYR A 219 -10.00 -25.68 26.88
N GLY A 220 -9.89 -24.65 26.04
CA GLY A 220 -9.94 -23.29 26.55
C GLY A 220 -11.26 -22.95 27.20
N LYS A 221 -12.37 -23.36 26.58
CA LYS A 221 -13.69 -23.12 27.15
C LYS A 221 -13.83 -23.84 28.49
N ALA A 222 -13.31 -25.08 28.58
CA ALA A 222 -13.34 -25.78 29.85
C ALA A 222 -12.52 -25.06 30.91
N LEU A 223 -11.37 -24.51 30.52
CA LEU A 223 -10.53 -23.78 31.47
C LEU A 223 -11.20 -22.49 31.95
N LEU A 224 -11.96 -21.83 31.08
CA LEU A 224 -12.51 -20.52 31.43
C LEU A 224 -13.49 -20.59 32.59
N GLU A 225 -14.05 -21.77 32.87
CA GLU A 225 -15.08 -21.89 33.90
C GLU A 225 -14.53 -21.56 35.29
N LEU A 226 -13.25 -21.74 35.52
CA LEU A 226 -12.61 -21.57 36.83
C LEU A 226 -12.58 -20.09 37.31
N LEU A 227 -13.11 -19.13 36.56
CA LEU A 227 -13.03 -17.73 36.96
C LEU A 227 -13.84 -17.41 38.20
N ASP A 228 -14.98 -18.08 38.41
CA ASP A 228 -15.85 -17.84 39.55
C ASP A 228 -16.30 -16.39 39.60
N ASP A 229 -17.07 -16.00 38.58
CA ASP A 229 -17.58 -14.63 38.46
C ASP A 229 -18.83 -14.51 39.33
N SER A 230 -18.69 -13.81 40.45
CA SER A 230 -19.81 -13.58 41.35
C SER A 230 -19.89 -12.10 41.71
N PRO A 231 -21.09 -11.57 41.89
CA PRO A 231 -21.20 -10.14 42.24
C PRO A 231 -20.89 -9.89 43.70
N VAL A 232 -20.23 -8.76 43.96
CA VAL A 232 -19.84 -8.36 45.30
C VAL A 232 -20.21 -6.89 45.50
N THR A 233 -20.84 -6.60 46.65
CA THR A 233 -21.18 -5.23 47.00
C THR A 233 -19.96 -4.54 47.61
N PRO A 234 -19.88 -3.21 47.52
CA PRO A 234 -18.76 -2.49 48.12
C PRO A 234 -18.70 -2.69 49.63
N GLY A 235 -17.49 -2.75 50.15
CA GLY A 235 -17.29 -3.00 51.56
C GLY A 235 -17.00 -4.44 51.93
N GLU A 236 -16.82 -5.33 50.95
CA GLU A 236 -16.52 -6.72 51.18
C GLU A 236 -15.24 -7.11 50.45
N THR A 237 -14.61 -8.17 50.95
CA THR A 237 -13.37 -8.69 50.37
C THR A 237 -13.59 -10.10 49.89
N ARG A 238 -13.26 -10.35 48.63
CA ARG A 238 -13.39 -11.69 48.07
C ARG A 238 -12.31 -12.60 48.64
N PRO A 239 -12.60 -13.90 48.77
CA PRO A 239 -11.60 -14.83 49.33
C PRO A 239 -10.39 -14.95 48.41
N ALA A 240 -9.25 -15.29 49.02
CA ALA A 240 -8.03 -15.48 48.25
C ALA A 240 -8.20 -16.62 47.25
N TYR A 241 -7.65 -16.42 46.06
CA TYR A 241 -7.82 -17.36 44.95
C TYR A 241 -6.62 -18.30 44.90
N ASP A 242 -6.90 -19.59 44.75
CA ASP A 242 -5.88 -20.62 44.57
C ASP A 242 -6.37 -21.60 43.52
N GLY A 243 -5.82 -21.49 42.31
CA GLY A 243 -6.21 -22.36 41.22
C GLY A 243 -5.05 -22.72 40.32
N TYR A 244 -3.83 -22.49 40.79
CA TYR A 244 -2.65 -22.82 40.00
C TYR A 244 -2.55 -24.32 39.75
N GLU A 245 -2.84 -25.13 40.76
CA GLU A 245 -2.81 -26.58 40.65
C GLU A 245 -3.86 -27.13 39.70
N ALA A 246 -4.87 -26.33 39.34
CA ALA A 246 -5.87 -26.77 38.38
C ALA A 246 -5.57 -26.19 37.00
N SER A 247 -5.17 -24.92 36.95
CA SER A 247 -4.87 -24.29 35.68
C SER A 247 -3.65 -24.93 35.00
N LYS A 248 -2.58 -25.17 35.77
CA LYS A 248 -1.40 -25.80 35.21
C LYS A 248 -1.70 -27.21 34.73
N GLN A 249 -2.50 -27.96 35.51
CA GLN A 249 -2.90 -29.29 35.09
C GLN A 249 -3.72 -29.26 33.82
N ILE A 250 -4.63 -28.28 33.70
CA ILE A 250 -5.44 -28.16 32.49
C ILE A 250 -4.56 -27.87 31.29
N ILE A 251 -3.59 -26.95 31.44
CA ILE A 251 -2.71 -26.62 30.33
C ILE A 251 -1.88 -27.83 29.91
N ILE A 252 -1.34 -28.56 30.89
CA ILE A 252 -0.52 -29.73 30.57
C ILE A 252 -1.37 -30.80 29.88
N ASP A 253 -2.58 -31.04 30.39
CA ASP A 253 -3.46 -32.03 29.79
C ASP A 253 -3.84 -31.64 28.36
N ALA A 254 -4.12 -30.35 28.14
CA ALA A 254 -4.45 -29.89 26.80
C ALA A 254 -3.30 -30.10 25.84
N GLU A 255 -2.08 -29.74 26.26
CA GLU A 255 -0.92 -29.92 25.39
C GLU A 255 -0.70 -31.40 25.09
N SER A 256 -0.81 -32.26 26.11
CA SER A 256 -0.60 -33.69 25.90
C SER A 256 -1.66 -34.27 24.97
N ALA A 257 -2.92 -33.87 25.14
CA ALA A 257 -3.98 -34.38 24.28
C ALA A 257 -3.80 -33.91 22.84
N LEU A 258 -3.37 -32.64 22.66
CA LEU A 258 -3.12 -32.15 21.31
C LEU A 258 -1.97 -32.90 20.65
N ASN A 259 -0.90 -33.17 21.41
CA ASN A 259 0.26 -33.87 20.86
C ASN A 259 -0.08 -35.32 20.54
N GLU A 260 -0.86 -35.98 21.39
CA GLU A 260 -1.13 -37.40 21.27
C GLU A 260 -2.04 -37.70 20.08
N TRP A 261 -2.90 -36.74 19.72
CA TRP A 261 -3.88 -36.98 18.67
C TRP A 261 -3.21 -37.36 17.35
N THR A 262 -3.79 -38.33 16.66
CA THR A 262 -3.27 -38.82 15.39
C THR A 262 -4.38 -38.82 14.35
N LEU A 263 -4.00 -39.19 13.12
CA LEU A 263 -4.96 -39.19 12.02
C LEU A 263 -6.09 -40.19 12.25
N ASP A 264 -5.75 -41.39 12.73
CA ASP A 264 -6.76 -42.42 12.96
C ASP A 264 -7.65 -42.13 14.16
N SER A 265 -7.30 -41.15 14.99
CA SER A 265 -8.08 -40.78 16.16
C SER A 265 -9.07 -39.66 15.87
N ALA A 266 -9.55 -39.53 14.64
CA ALA A 266 -10.46 -38.47 14.29
C ALA A 266 -11.84 -38.72 14.92
N GLN A 267 -12.31 -37.75 15.71
CA GLN A 267 -13.60 -37.89 16.37
C GLN A 267 -14.76 -37.64 15.42
N VAL A 268 -14.55 -36.81 14.39
CA VAL A 268 -15.63 -36.47 13.46
C VAL A 268 -15.96 -37.67 12.61
N LYS A 269 -17.26 -38.00 12.53
CA LYS A 269 -17.75 -39.13 11.74
C LYS A 269 -18.83 -38.62 10.80
N PRO A 270 -18.46 -38.21 9.58
CA PRO A 270 -19.47 -37.72 8.63
C PRO A 270 -20.47 -38.80 8.28
N THR A 271 -21.71 -38.39 8.05
CA THR A 271 -22.79 -39.31 7.72
C THR A 271 -22.75 -39.68 6.24
N MET B 1 37.77 -51.60 -65.36
CA MET B 1 38.82 -50.75 -65.93
C MET B 1 40.18 -51.41 -65.82
N HIS B 2 41.20 -50.76 -66.38
CA HIS B 2 42.56 -51.28 -66.34
C HIS B 2 43.31 -50.92 -65.06
N ARG B 3 42.75 -50.03 -64.23
CA ARG B 3 43.36 -49.65 -62.97
C ARG B 3 43.25 -50.75 -61.91
N THR B 4 42.38 -51.73 -62.12
CA THR B 4 42.08 -52.71 -61.07
C THR B 4 43.17 -53.76 -60.91
N TYR B 5 44.18 -53.80 -61.79
CA TYR B 5 45.36 -54.62 -61.54
C TYR B 5 46.67 -53.90 -61.86
N SER B 6 46.66 -52.58 -62.02
CA SER B 6 47.86 -51.84 -62.37
C SER B 6 47.95 -50.55 -61.55
N LEU B 7 49.19 -50.09 -61.36
CA LEU B 7 49.45 -48.83 -60.69
C LEU B 7 49.42 -47.63 -61.64
N ARG B 8 49.38 -47.87 -62.94
CA ARG B 8 49.38 -46.80 -63.93
C ARG B 8 48.06 -46.81 -64.70
N ASN B 9 47.66 -45.63 -65.16
CA ASN B 9 46.41 -45.47 -65.89
C ASN B 9 46.46 -46.06 -67.29
N SER B 10 47.62 -46.51 -67.74
CA SER B 10 47.73 -47.10 -69.08
C SER B 10 46.87 -48.36 -69.17
N ARG B 11 46.31 -48.59 -70.35
CA ARG B 11 45.37 -49.67 -70.59
C ARG B 11 46.10 -50.90 -71.11
N ALA B 12 45.82 -52.05 -70.50
CA ALA B 12 46.42 -53.30 -70.94
C ALA B 12 45.87 -53.70 -72.31
N PRO B 13 46.66 -54.41 -73.11
CA PRO B 13 46.16 -54.85 -74.42
C PRO B 13 44.96 -55.76 -74.30
N THR B 14 44.02 -55.62 -75.24
CA THR B 14 42.80 -56.41 -75.28
C THR B 14 42.69 -57.07 -76.64
N ALA B 15 41.55 -57.73 -76.87
CA ALA B 15 41.32 -58.38 -78.16
C ALA B 15 41.27 -57.38 -79.29
N SER B 16 40.59 -56.25 -79.09
CA SER B 16 40.55 -55.21 -80.12
C SER B 16 41.93 -54.62 -80.35
N GLN B 17 42.69 -54.39 -79.28
CA GLN B 17 44.04 -53.86 -79.43
C GLN B 17 44.95 -54.86 -80.13
N LEU B 18 44.78 -56.16 -79.83
CA LEU B 18 45.57 -57.18 -80.51
C LEU B 18 45.22 -57.24 -81.99
N GLN B 19 43.93 -57.14 -82.33
CA GLN B 19 43.52 -57.22 -83.73
C GLN B 19 43.97 -56.00 -84.51
N ASN B 20 43.77 -54.81 -83.94
CA ASN B 20 44.13 -53.56 -84.60
C ASN B 20 44.89 -52.68 -83.62
N PRO B 21 45.96 -52.01 -84.05
CA PRO B 21 46.71 -51.16 -83.14
C PRO B 21 45.84 -50.04 -82.61
N PRO B 22 46.11 -49.57 -81.39
CA PRO B 22 45.31 -48.49 -80.81
C PRO B 22 45.35 -47.25 -81.67
N PRO B 23 44.25 -46.51 -81.77
CA PRO B 23 44.22 -45.31 -82.61
C PRO B 23 45.18 -44.25 -82.09
N PRO B 24 45.77 -43.46 -82.98
CA PRO B 24 46.66 -42.38 -82.53
C PRO B 24 45.91 -41.34 -81.73
N PRO B 25 46.57 -40.68 -80.78
CA PRO B 25 45.88 -39.68 -79.96
C PRO B 25 45.57 -38.42 -80.74
N SER B 26 44.79 -37.54 -80.13
CA SER B 26 44.41 -36.29 -80.76
C SER B 26 45.63 -35.40 -81.00
N THR B 27 45.57 -34.61 -82.07
CA THR B 27 46.70 -33.75 -82.42
C THR B 27 46.94 -32.69 -81.34
N THR B 28 45.87 -32.10 -80.82
CA THR B 28 45.96 -31.04 -79.82
C THR B 28 45.24 -31.46 -78.55
N LYS B 29 45.88 -31.22 -77.40
CA LYS B 29 45.31 -31.50 -76.09
C LYS B 29 45.58 -30.30 -75.18
N GLY B 30 44.65 -29.36 -75.17
CA GLY B 30 44.81 -28.18 -74.35
C GLY B 30 44.59 -28.48 -72.88
N ARG B 31 45.44 -27.91 -72.02
CA ARG B 31 45.31 -28.10 -70.57
C ARG B 31 44.36 -27.04 -70.01
N PHE B 32 43.08 -27.27 -70.25
CA PHE B 32 42.02 -26.38 -69.81
C PHE B 32 40.79 -27.18 -69.44
N PHE B 33 39.95 -26.60 -68.58
CA PHE B 33 38.72 -27.27 -68.18
C PHE B 33 37.77 -27.45 -69.36
N GLY B 34 37.67 -26.43 -70.21
CA GLY B 34 36.78 -26.48 -71.35
C GLY B 34 35.35 -26.10 -71.06
N LYS B 35 35.01 -25.77 -69.81
CA LYS B 35 33.66 -25.36 -69.48
C LYS B 35 33.30 -24.04 -70.17
N GLY B 36 34.24 -23.09 -70.19
CA GLY B 36 34.01 -21.81 -70.81
C GLY B 36 33.29 -20.81 -69.95
N GLY B 37 32.94 -21.15 -68.71
CA GLY B 37 32.25 -20.23 -67.83
C GLY B 37 32.34 -20.69 -66.39
N LEU B 38 32.07 -19.74 -65.49
CA LEU B 38 32.09 -19.98 -64.05
C LEU B 38 30.75 -20.48 -63.54
N ALA B 39 29.76 -20.62 -64.43
CA ALA B 39 28.42 -21.03 -64.01
C ALA B 39 28.41 -22.43 -63.39
N TYR B 40 29.17 -23.37 -63.98
CA TYR B 40 29.19 -24.73 -63.46
C TYR B 40 29.72 -24.76 -62.03
N SER B 41 30.87 -24.13 -61.80
CA SER B 41 31.47 -24.11 -60.47
C SER B 41 30.58 -23.36 -59.48
N PHE B 42 29.98 -22.24 -59.92
CA PHE B 42 29.11 -21.48 -59.05
C PHE B 42 27.91 -22.30 -58.61
N ARG B 43 27.28 -23.02 -59.56
CA ARG B 43 26.13 -23.84 -59.22
C ARG B 43 26.53 -25.01 -58.33
N ARG B 44 27.71 -25.60 -58.57
CA ARG B 44 28.18 -26.69 -57.73
C ARG B 44 28.44 -26.22 -56.29
N SER B 45 29.00 -25.02 -56.15
CA SER B 45 29.37 -24.53 -54.83
C SER B 45 28.20 -23.92 -54.06
N ALA B 46 27.18 -23.41 -54.76
CA ALA B 46 26.07 -22.76 -54.08
C ALA B 46 25.02 -23.74 -53.54
N ALA B 47 25.13 -25.03 -53.88
CA ALA B 47 24.12 -25.99 -53.44
C ALA B 47 24.17 -26.20 -51.93
N GLY B 48 25.36 -26.34 -51.36
CA GLY B 48 25.53 -26.62 -49.96
C GLY B 48 25.67 -25.42 -49.06
N ALA B 49 25.44 -24.21 -49.58
CA ALA B 49 25.61 -23.02 -48.76
C ALA B 49 24.60 -22.95 -47.63
N PHE B 50 23.35 -23.34 -47.90
CA PHE B 50 22.28 -23.20 -46.92
C PHE B 50 21.48 -24.49 -46.68
N GLY B 51 21.64 -25.51 -47.51
CA GLY B 51 20.87 -26.73 -47.39
C GLY B 51 21.23 -27.54 -46.15
N PRO B 52 20.34 -28.44 -45.76
CA PRO B 52 20.62 -29.31 -44.61
C PRO B 52 21.81 -30.22 -44.88
N GLU B 53 22.50 -30.58 -43.80
CA GLU B 53 23.72 -31.38 -43.92
C GLU B 53 23.45 -32.77 -44.48
N LEU B 54 22.33 -33.40 -44.07
CA LEU B 54 22.09 -34.79 -44.48
C LEU B 54 21.87 -34.90 -45.98
N SER B 55 21.12 -33.97 -46.57
CA SER B 55 20.75 -34.05 -47.98
C SER B 55 21.75 -33.37 -48.90
N ARG B 56 22.82 -32.80 -48.36
CA ARG B 56 23.79 -32.09 -49.20
C ARG B 56 24.49 -33.05 -50.17
N LYS B 57 24.85 -34.24 -49.69
CA LYS B 57 25.61 -35.17 -50.51
C LYS B 57 24.84 -35.57 -51.77
N LEU B 58 23.54 -35.89 -51.61
CA LEU B 58 22.74 -36.26 -52.77
C LEU B 58 22.37 -35.03 -53.61
N SER B 59 22.16 -33.88 -52.96
CA SER B 59 21.79 -32.68 -53.70
C SER B 59 22.93 -32.20 -54.59
N GLN B 60 24.17 -32.52 -54.24
CA GLN B 60 25.29 -32.10 -55.07
C GLN B 60 25.31 -32.82 -56.40
N LEU B 61 24.76 -34.03 -56.47
CA LEU B 61 24.83 -34.82 -57.70
C LEU B 61 23.84 -34.32 -58.75
N VAL B 62 22.73 -33.71 -58.32
CA VAL B 62 21.72 -33.27 -59.26
C VAL B 62 22.26 -32.21 -60.21
N LYS B 63 23.07 -31.29 -59.68
CA LYS B 63 23.62 -30.22 -60.52
C LYS B 63 24.54 -30.77 -61.60
N ILE B 64 25.42 -31.72 -61.22
CA ILE B 64 26.33 -32.29 -62.22
C ILE B 64 25.57 -33.16 -63.21
N GLU B 65 24.48 -33.80 -62.77
CA GLU B 65 23.65 -34.54 -63.73
C GLU B 65 22.99 -33.59 -64.73
N LYS B 66 22.52 -32.44 -64.25
CA LYS B 66 21.97 -31.43 -65.17
C LYS B 66 23.03 -30.93 -66.14
N ASN B 67 24.26 -30.75 -65.66
CA ASN B 67 25.35 -30.37 -66.54
C ASN B 67 25.61 -31.42 -67.60
N VAL B 68 25.57 -32.70 -67.21
CA VAL B 68 25.71 -33.79 -68.16
C VAL B 68 24.61 -33.74 -69.22
N LEU B 69 23.37 -33.48 -68.77
CA LEU B 69 22.25 -33.39 -69.71
C LEU B 69 22.46 -32.25 -70.70
N ARG B 70 22.89 -31.09 -70.21
CA ARG B 70 23.11 -29.95 -71.10
C ARG B 70 24.22 -30.23 -72.10
N SER B 71 25.31 -30.85 -71.65
CA SER B 71 26.41 -31.18 -72.55
C SER B 71 25.97 -32.18 -73.61
N MET B 72 25.18 -33.18 -73.23
CA MET B 72 24.66 -34.13 -74.20
C MET B 72 23.75 -33.44 -75.21
N GLU B 73 22.93 -32.50 -74.74
CA GLU B 73 22.08 -31.75 -75.66
C GLU B 73 22.90 -30.95 -76.67
N LEU B 74 23.97 -30.31 -76.21
CA LEU B 74 24.84 -29.57 -77.12
C LEU B 74 25.50 -30.50 -78.12
N THR B 75 25.96 -31.67 -77.67
CA THR B 75 26.57 -32.65 -78.57
C THR B 75 25.57 -33.09 -79.64
N ALA B 76 24.34 -33.40 -79.23
CA ALA B 76 23.33 -33.84 -80.18
C ALA B 76 23.00 -32.74 -81.18
N ASN B 77 22.90 -31.49 -80.71
CA ASN B 77 22.60 -30.38 -81.60
C ASN B 77 23.70 -30.20 -82.64
N GLU B 78 24.96 -30.25 -82.21
CA GLU B 78 26.06 -30.06 -83.14
C GLU B 78 26.16 -31.21 -84.14
N ARG B 79 25.93 -32.44 -83.68
CA ARG B 79 25.96 -33.57 -84.60
C ARG B 79 24.82 -33.49 -85.61
N ARG B 80 23.65 -33.02 -85.18
CA ARG B 80 22.55 -32.79 -86.11
C ARG B 80 22.91 -31.71 -87.12
N ASP B 81 23.60 -30.65 -86.68
CA ASP B 81 23.98 -29.58 -87.59
C ASP B 81 24.97 -30.06 -88.63
N ALA B 82 25.90 -30.95 -88.24
CA ALA B 82 26.94 -31.40 -89.16
C ALA B 82 26.37 -32.12 -90.38
N ALA B 83 25.25 -32.83 -90.20
CA ALA B 83 24.67 -33.59 -91.31
C ALA B 83 24.20 -32.68 -92.43
N LYS B 84 23.69 -31.49 -92.09
CA LYS B 84 23.26 -30.56 -93.13
C LYS B 84 24.42 -30.13 -94.01
N GLN B 85 25.57 -29.81 -93.39
CA GLN B 85 26.74 -29.43 -94.17
C GLN B 85 27.24 -30.60 -95.00
N LEU B 86 27.25 -31.81 -94.43
CA LEU B 86 27.66 -32.98 -95.19
C LEU B 86 26.76 -33.17 -96.41
N SER B 87 25.46 -32.96 -96.24
CA SER B 87 24.53 -33.14 -97.35
C SER B 87 24.73 -32.07 -98.42
N ILE B 88 24.88 -30.80 -98.03
CA ILE B 88 25.01 -29.75 -99.03
C ILE B 88 26.33 -29.84 -99.77
N TRP B 89 27.39 -30.36 -99.13
CA TRP B 89 28.66 -30.52 -99.83
C TRP B 89 28.55 -31.38 -101.07
N GLY B 90 27.61 -32.33 -101.09
CA GLY B 90 27.54 -33.29 -102.17
C GLY B 90 26.93 -32.76 -103.45
N LEU B 91 26.45 -31.52 -103.47
CA LEU B 91 25.83 -30.98 -104.67
C LEU B 91 26.82 -30.87 -105.82
N GLU B 92 28.03 -30.38 -105.53
CA GLU B 92 29.05 -30.17 -106.56
C GLU B 92 29.97 -31.38 -106.59
N ASN B 93 29.46 -32.48 -107.15
CA ASN B 93 30.21 -33.72 -107.30
C ASN B 93 29.46 -34.60 -108.28
N ASP B 94 29.87 -35.86 -108.40
CA ASP B 94 29.21 -36.80 -109.28
C ASP B 94 27.83 -37.16 -108.75
N ASP B 95 26.97 -37.64 -109.65
CA ASP B 95 25.58 -37.94 -109.28
C ASP B 95 25.51 -39.05 -108.24
N ASP B 96 26.31 -40.11 -108.41
CA ASP B 96 26.29 -41.19 -107.43
C ASP B 96 26.77 -40.70 -106.06
N VAL B 97 27.82 -39.88 -106.05
CA VAL B 97 28.32 -39.34 -104.79
C VAL B 97 27.26 -38.47 -104.14
N SER B 98 26.56 -37.64 -104.92
CA SER B 98 25.54 -36.78 -104.37
C SER B 98 24.39 -37.58 -103.77
N ASP B 99 23.94 -38.62 -104.48
CA ASP B 99 22.82 -39.43 -103.98
C ASP B 99 23.21 -40.16 -102.71
N ILE B 100 24.38 -40.80 -102.71
CA ILE B 100 24.85 -41.50 -101.52
C ILE B 100 25.01 -40.54 -100.36
N THR B 101 25.54 -39.34 -100.63
CA THR B 101 25.71 -38.35 -99.58
C THR B 101 24.36 -37.94 -98.98
N ASP B 102 23.35 -37.70 -99.81
CA ASP B 102 22.05 -37.30 -99.29
C ASP B 102 21.43 -38.39 -98.43
N LYS B 103 21.46 -39.64 -98.93
CA LYS B 103 20.83 -40.73 -98.19
C LYS B 103 21.54 -40.99 -96.87
N LEU B 104 22.88 -41.09 -96.90
CA LEU B 104 23.59 -41.30 -95.65
C LEU B 104 23.47 -40.09 -94.75
N GLY B 105 23.25 -38.90 -95.32
CA GLY B 105 23.05 -37.72 -94.51
C GLY B 105 21.78 -37.78 -93.70
N VAL B 106 20.67 -38.20 -94.33
CA VAL B 106 19.45 -38.35 -93.54
C VAL B 106 19.61 -39.51 -92.55
N LEU B 107 20.33 -40.56 -92.96
CA LEU B 107 20.52 -41.71 -92.06
C LEU B 107 21.29 -41.31 -90.81
N ILE B 108 22.30 -40.45 -90.95
CA ILE B 108 23.09 -40.00 -89.80
C ILE B 108 22.40 -38.86 -89.06
N TYR B 109 21.54 -38.09 -89.71
CA TYR B 109 20.72 -37.09 -89.05
C TYR B 109 19.65 -37.72 -88.17
N GLU B 110 19.29 -38.98 -88.44
CA GLU B 110 18.33 -39.71 -87.60
C GLU B 110 18.74 -39.77 -86.13
N VAL B 111 20.04 -39.71 -85.84
CA VAL B 111 20.59 -39.93 -84.51
C VAL B 111 20.07 -38.92 -83.49
N SER B 112 19.79 -37.69 -83.94
CA SER B 112 19.46 -36.61 -83.02
C SER B 112 18.17 -36.89 -82.27
N GLU B 113 17.17 -37.48 -82.94
CA GLU B 113 15.91 -37.79 -82.27
C GLU B 113 16.11 -38.81 -81.16
N LEU B 114 16.90 -39.84 -81.43
CA LEU B 114 17.20 -40.85 -80.41
C LEU B 114 17.93 -40.20 -79.23
N ASP B 115 18.88 -39.31 -79.52
CA ASP B 115 19.58 -38.62 -78.44
C ASP B 115 18.61 -37.79 -77.60
N ASP B 116 17.67 -37.10 -78.24
CA ASP B 116 16.70 -36.29 -77.51
C ASP B 116 15.82 -37.15 -76.61
N GLN B 117 15.36 -38.30 -77.14
CA GLN B 117 14.54 -39.20 -76.32
C GLN B 117 15.32 -39.72 -75.12
N PHE B 118 16.59 -40.10 -75.34
CA PHE B 118 17.43 -40.54 -74.23
C PHE B 118 17.61 -39.43 -73.21
N ILE B 119 17.75 -38.19 -73.69
CA ILE B 119 17.88 -37.05 -72.78
C ILE B 119 16.63 -36.88 -71.93
N ASP B 120 15.45 -37.02 -72.54
CA ASP B 120 14.20 -36.90 -71.78
C ASP B 120 14.10 -37.98 -70.72
N ARG B 121 14.44 -39.22 -71.05
CA ARG B 121 14.38 -40.29 -70.06
C ARG B 121 15.41 -40.06 -68.95
N TYR B 122 16.59 -39.56 -69.30
CA TYR B 122 17.58 -39.17 -68.30
C TYR B 122 17.02 -38.10 -67.37
N ASP B 123 16.29 -37.14 -67.92
CA ASP B 123 15.67 -36.09 -67.10
C ASP B 123 14.65 -36.68 -66.13
N GLN B 124 13.85 -37.66 -66.58
CA GLN B 124 12.91 -38.30 -65.66
C GLN B 124 13.64 -39.03 -64.53
N TYR B 125 14.71 -39.75 -64.85
CA TYR B 125 15.49 -40.41 -63.82
C TYR B 125 16.08 -39.40 -62.83
N ARG B 126 16.58 -38.28 -63.34
CA ARG B 126 17.06 -37.21 -62.47
C ARG B 126 15.95 -36.65 -61.60
N LEU B 127 14.74 -36.57 -62.13
CA LEU B 127 13.61 -36.08 -61.35
C LEU B 127 13.33 -36.99 -60.16
N THR B 128 13.35 -38.30 -60.38
CA THR B 128 13.11 -39.22 -59.26
C THR B 128 14.26 -39.13 -58.24
N LEU B 129 15.50 -39.08 -58.72
CA LEU B 129 16.63 -38.95 -57.80
C LEU B 129 16.54 -37.66 -56.99
N LYS B 130 16.02 -36.60 -57.61
CA LYS B 130 15.75 -35.37 -56.88
C LYS B 130 14.66 -35.58 -55.83
N SER B 131 13.60 -36.31 -56.20
CA SER B 131 12.51 -36.56 -55.26
C SER B 131 12.98 -37.27 -54.00
N ILE B 132 14.03 -38.09 -54.08
CA ILE B 132 14.58 -38.69 -52.87
C ILE B 132 15.08 -37.62 -51.89
N ARG B 133 15.71 -36.56 -52.42
CA ARG B 133 16.34 -35.55 -51.57
C ARG B 133 15.31 -34.83 -50.71
N ASP B 134 14.09 -34.65 -51.22
CA ASP B 134 13.06 -33.98 -50.43
C ASP B 134 12.75 -34.75 -49.16
N ILE B 135 12.60 -36.07 -49.26
CA ILE B 135 12.31 -36.87 -48.08
C ILE B 135 13.51 -36.88 -47.13
N GLU B 136 14.72 -36.93 -47.68
CA GLU B 136 15.90 -36.87 -46.79
C GLU B 136 15.93 -35.56 -46.00
N GLY B 137 15.73 -34.43 -46.69
CA GLY B 137 15.79 -33.14 -46.03
C GLY B 137 14.62 -32.91 -45.09
N SER B 138 13.51 -33.59 -45.33
CA SER B 138 12.41 -33.53 -44.37
C SER B 138 12.71 -34.37 -43.14
N VAL B 139 13.43 -35.49 -43.32
CA VAL B 139 13.74 -36.36 -42.20
C VAL B 139 14.74 -35.71 -41.25
N GLN B 140 15.73 -35.00 -41.77
CA GLN B 140 16.81 -34.47 -40.92
C GLN B 140 16.33 -33.64 -39.73
N PRO B 141 15.47 -32.61 -39.89
CA PRO B 141 15.14 -31.76 -38.74
C PRO B 141 14.44 -32.49 -37.62
N SER B 142 13.62 -33.48 -37.93
CA SER B 142 12.97 -34.26 -36.89
C SER B 142 14.00 -35.00 -36.03
N ARG B 143 15.09 -35.45 -36.64
CA ARG B 143 16.14 -36.12 -35.88
C ARG B 143 16.95 -35.13 -35.07
N ASP B 144 17.17 -33.91 -35.58
CA ASP B 144 18.02 -32.96 -34.87
C ASP B 144 17.46 -32.60 -33.49
N ARG B 145 16.15 -32.33 -33.41
CA ARG B 145 15.57 -31.83 -32.18
C ARG B 145 15.62 -32.87 -31.05
N LYS B 146 15.38 -34.15 -31.39
CA LYS B 146 15.42 -35.20 -30.38
C LYS B 146 16.82 -35.30 -29.77
N ASP B 147 17.86 -35.17 -30.60
CA ASP B 147 19.22 -35.17 -30.08
C ASP B 147 19.48 -33.96 -29.21
N LYS B 148 18.99 -32.78 -29.62
CA LYS B 148 19.30 -31.57 -28.85
C LYS B 148 18.64 -31.60 -27.47
N ILE B 149 17.38 -32.04 -27.40
CA ILE B 149 16.66 -32.03 -26.13
C ILE B 149 17.15 -33.15 -25.22
N THR B 150 18.08 -33.96 -25.71
CA THR B 150 18.79 -34.93 -24.88
C THR B 150 20.00 -34.33 -24.17
N ASP B 151 20.83 -33.59 -24.91
CA ASP B 151 21.90 -32.84 -24.27
C ASP B 151 21.32 -31.83 -23.28
N LYS B 152 20.15 -31.25 -23.60
CA LYS B 152 19.52 -30.30 -22.69
C LYS B 152 19.22 -30.95 -21.34
N ILE B 153 18.53 -32.11 -21.35
CA ILE B 153 18.16 -32.75 -20.10
C ILE B 153 19.39 -33.27 -19.38
N ALA B 154 20.39 -33.74 -20.13
CA ALA B 154 21.63 -34.18 -19.49
C ALA B 154 22.30 -33.05 -18.73
N TYR B 155 22.41 -31.88 -19.37
CA TYR B 155 23.03 -30.72 -18.72
C TYR B 155 22.24 -30.27 -17.51
N LEU B 156 20.91 -30.23 -17.64
CA LEU B 156 20.09 -29.79 -16.52
C LEU B 156 20.13 -30.77 -15.36
N LYS B 157 20.24 -32.07 -15.64
CA LYS B 157 20.43 -33.04 -14.58
C LYS B 157 21.79 -32.87 -13.92
N TYR B 158 22.82 -32.57 -14.70
CA TYR B 158 24.13 -32.32 -14.12
C TYR B 158 24.11 -31.12 -13.19
N LYS B 159 23.42 -30.04 -13.60
CA LYS B 159 23.42 -28.82 -12.80
C LYS B 159 22.80 -29.05 -11.42
N ASP B 160 21.61 -29.65 -11.39
CA ASP B 160 20.95 -29.99 -10.13
C ASP B 160 19.89 -31.04 -10.38
N PRO B 161 19.92 -32.16 -9.65
CA PRO B 161 18.93 -33.23 -9.87
C PRO B 161 17.59 -33.00 -9.19
N GLN B 162 17.41 -31.89 -8.48
CA GLN B 162 16.18 -31.62 -7.76
C GLN B 162 15.21 -30.76 -8.56
N SER B 163 15.55 -30.39 -9.80
CA SER B 163 14.66 -29.57 -10.61
C SER B 163 13.45 -30.40 -11.05
N PRO B 164 12.28 -29.77 -11.19
CA PRO B 164 11.08 -30.51 -11.60
C PRO B 164 10.95 -30.70 -13.10
N LYS B 165 11.88 -30.17 -13.90
CA LYS B 165 11.81 -30.28 -15.35
C LYS B 165 12.31 -31.63 -15.88
N ILE B 166 12.85 -32.47 -15.01
CA ILE B 166 13.43 -33.75 -15.43
C ILE B 166 12.36 -34.62 -16.09
N GLU B 167 11.20 -34.74 -15.45
CA GLU B 167 10.19 -35.67 -15.94
C GLU B 167 9.59 -35.20 -17.26
N VAL B 168 9.31 -33.91 -17.39
CA VAL B 168 8.73 -33.41 -18.63
C VAL B 168 9.76 -33.49 -19.77
N LEU B 169 11.02 -33.17 -19.47
CA LEU B 169 12.06 -33.31 -20.49
C LEU B 169 12.21 -34.76 -20.92
N GLU B 170 12.16 -35.70 -19.97
CA GLU B 170 12.30 -37.11 -20.31
C GLU B 170 11.13 -37.59 -21.17
N GLN B 171 9.91 -37.14 -20.86
CA GLN B 171 8.78 -37.56 -21.68
C GLN B 171 8.83 -36.95 -23.08
N GLU B 172 9.26 -35.69 -23.19
CA GLU B 172 9.46 -35.11 -24.50
C GLU B 172 10.50 -35.90 -25.28
N LEU B 173 11.55 -36.34 -24.59
CA LEU B 173 12.54 -37.22 -25.22
C LEU B 173 11.91 -38.50 -25.72
N VAL B 174 11.03 -39.10 -24.92
CA VAL B 174 10.39 -40.35 -25.33
C VAL B 174 9.53 -40.16 -26.58
N ARG B 175 8.72 -39.10 -26.60
CA ARG B 175 7.86 -38.85 -27.77
C ARG B 175 8.69 -38.57 -29.01
N ALA B 176 9.72 -37.73 -28.87
CA ALA B 176 10.59 -37.44 -30.01
C ALA B 176 11.32 -38.70 -30.47
N GLU B 177 11.66 -39.59 -29.54
CA GLU B 177 12.32 -40.84 -29.90
C GLU B 177 11.40 -41.73 -30.72
N ALA B 178 10.13 -41.83 -30.32
CA ALA B 178 9.18 -42.63 -31.10
C ALA B 178 9.02 -42.07 -32.51
N GLU B 179 8.84 -40.74 -32.62
CA GLU B 179 8.70 -40.14 -33.93
C GLU B 179 9.94 -40.34 -34.78
N SER B 180 11.12 -40.21 -34.17
CA SER B 180 12.38 -40.40 -34.90
C SER B 180 12.53 -41.84 -35.36
N LEU B 181 12.11 -42.80 -34.54
CA LEU B 181 12.17 -44.20 -34.94
C LEU B 181 11.31 -44.46 -36.18
N VAL B 182 10.08 -43.95 -36.17
CA VAL B 182 9.21 -44.13 -37.33
C VAL B 182 9.83 -43.49 -38.57
N ALA B 183 10.33 -42.26 -38.43
CA ALA B 183 10.92 -41.55 -39.56
C ALA B 183 12.14 -42.29 -40.10
N GLU B 184 12.99 -42.78 -39.21
CA GLU B 184 14.20 -43.52 -39.58
C GLU B 184 13.89 -44.82 -40.31
N ALA B 185 12.87 -45.56 -39.89
CA ALA B 185 12.48 -46.75 -40.65
C ALA B 185 11.96 -46.41 -42.05
N GLN B 186 11.04 -45.44 -42.13
CA GLN B 186 10.47 -45.14 -43.45
C GLN B 186 11.51 -44.56 -44.39
N LEU B 187 12.49 -43.82 -43.85
CA LEU B 187 13.53 -43.24 -44.69
C LEU B 187 14.29 -44.32 -45.46
N SER B 188 14.73 -45.35 -44.74
CA SER B 188 15.43 -46.46 -45.39
C SER B 188 14.54 -47.17 -46.38
N ASN B 189 13.28 -47.43 -45.99
CA ASN B 189 12.35 -48.08 -46.91
C ASN B 189 12.24 -47.31 -48.22
N ILE B 190 11.98 -46.00 -48.12
CA ILE B 190 11.73 -45.17 -49.29
C ILE B 190 12.98 -45.05 -50.15
N THR B 191 14.15 -44.84 -49.53
CA THR B 191 15.35 -44.67 -50.33
C THR B 191 15.67 -45.95 -51.10
N ARG B 192 15.53 -47.12 -50.45
CA ARG B 192 15.78 -48.35 -51.17
C ARG B 192 14.83 -48.52 -52.36
N SER B 193 13.53 -48.35 -52.12
CA SER B 193 12.56 -48.57 -53.19
C SER B 193 12.77 -47.59 -54.35
N LYS B 194 12.94 -46.30 -54.02
CA LYS B 194 13.09 -45.29 -55.08
C LYS B 194 14.38 -45.50 -55.85
N LEU B 195 15.48 -45.81 -55.16
CA LEU B 195 16.73 -46.06 -55.87
C LEU B 195 16.58 -47.22 -56.85
N ARG B 196 16.00 -48.33 -56.39
CA ARG B 196 15.84 -49.48 -57.29
C ARG B 196 14.99 -49.12 -58.50
N ALA B 197 13.82 -48.49 -58.27
CA ALA B 197 12.92 -48.21 -59.38
C ALA B 197 13.55 -47.25 -60.39
N ALA B 198 14.11 -46.14 -59.89
CA ALA B 198 14.70 -45.15 -60.78
C ALA B 198 15.88 -45.74 -61.55
N PHE B 199 16.69 -46.57 -60.90
CA PHE B 199 17.90 -47.02 -61.55
C PHE B 199 17.59 -48.09 -62.59
N ASN B 200 16.57 -48.92 -62.35
CA ASN B 200 16.08 -49.80 -63.40
C ASN B 200 15.55 -49.01 -64.59
N TYR B 201 14.77 -47.95 -64.32
CA TYR B 201 14.24 -47.14 -65.40
C TYR B 201 15.36 -46.51 -66.21
N GLN B 202 16.41 -46.03 -65.54
CA GLN B 202 17.54 -45.43 -66.22
C GLN B 202 18.36 -46.44 -67.00
N PHE B 203 18.51 -47.67 -66.51
CA PHE B 203 19.28 -48.69 -67.20
C PHE B 203 18.56 -49.26 -68.43
N ASP B 204 17.23 -49.26 -68.45
CA ASP B 204 16.54 -49.76 -69.64
C ASP B 204 16.69 -48.82 -70.83
N SER B 205 16.59 -47.51 -70.60
CA SER B 205 16.62 -46.55 -71.70
C SER B 205 17.95 -46.58 -72.44
N ILE B 206 19.06 -46.71 -71.70
CA ILE B 206 20.37 -46.64 -72.33
C ILE B 206 20.60 -47.84 -73.25
N ILE B 207 20.18 -49.04 -72.83
CA ILE B 207 20.36 -50.21 -73.69
C ILE B 207 19.43 -50.12 -74.89
N GLU B 208 18.20 -49.63 -74.70
CA GLU B 208 17.31 -49.44 -75.86
C GLU B 208 17.94 -48.49 -76.89
N HIS B 209 18.43 -47.34 -76.43
CA HIS B 209 19.03 -46.37 -77.33
C HIS B 209 20.27 -46.92 -78.00
N SER B 210 21.10 -47.66 -77.25
CA SER B 210 22.31 -48.24 -77.83
C SER B 210 21.97 -49.25 -78.92
N GLU B 211 20.96 -50.09 -78.68
CA GLU B 211 20.57 -51.06 -79.70
C GLU B 211 20.04 -50.37 -80.95
N LYS B 212 19.23 -49.32 -80.78
CA LYS B 212 18.73 -48.59 -81.93
C LYS B 212 19.87 -47.94 -82.72
N ILE B 213 20.84 -47.36 -82.02
CA ILE B 213 21.99 -46.73 -82.68
C ILE B 213 22.80 -47.77 -83.44
N ALA B 214 23.00 -48.95 -82.83
CA ALA B 214 23.75 -50.01 -83.49
C ALA B 214 23.03 -50.48 -84.76
N LEU B 215 21.71 -50.61 -84.69
CA LEU B 215 20.95 -51.00 -85.88
C LEU B 215 21.09 -49.96 -86.99
N ILE B 216 21.00 -48.68 -86.64
CA ILE B 216 21.14 -47.61 -87.63
C ILE B 216 22.53 -47.65 -88.26
N ALA B 217 23.56 -47.83 -87.43
CA ALA B 217 24.93 -47.89 -87.94
C ALA B 217 25.13 -49.07 -88.87
N GLY B 218 24.59 -50.24 -88.50
CA GLY B 218 24.70 -51.39 -89.37
C GLY B 218 24.02 -51.19 -90.70
N TYR B 219 22.82 -50.60 -90.69
CA TYR B 219 22.12 -50.32 -91.94
C TYR B 219 22.89 -49.33 -92.80
N GLY B 220 23.47 -48.30 -92.18
CA GLY B 220 24.28 -47.36 -92.94
C GLY B 220 25.51 -48.01 -93.56
N LYS B 221 26.19 -48.87 -92.80
CA LYS B 221 27.34 -49.57 -93.33
C LYS B 221 26.95 -50.48 -94.49
N ALA B 222 25.80 -51.15 -94.38
CA ALA B 222 25.30 -51.97 -95.49
C ALA B 222 25.01 -51.11 -96.70
N LEU B 223 24.45 -49.92 -96.51
CA LEU B 223 24.14 -49.04 -97.62
C LEU B 223 25.40 -48.52 -98.31
N LEU B 224 26.47 -48.29 -97.53
CA LEU B 224 27.67 -47.66 -98.09
C LEU B 224 28.34 -48.52 -99.16
N GLU B 225 28.08 -49.82 -99.16
CA GLU B 225 28.76 -50.73 -100.09
C GLU B 225 28.43 -50.41 -101.55
N LEU B 226 27.26 -49.83 -101.82
CA LEU B 226 26.76 -49.57 -103.17
C LEU B 226 27.59 -48.48 -103.93
N LEU B 227 28.64 -47.90 -103.34
CA LEU B 227 29.39 -46.84 -104.00
C LEU B 227 30.15 -47.31 -105.24
N ASP B 228 30.64 -48.55 -105.25
CA ASP B 228 31.41 -49.11 -106.36
C ASP B 228 32.63 -48.25 -106.65
N ASP B 229 33.54 -48.20 -105.68
CA ASP B 229 34.77 -47.42 -105.79
C ASP B 229 35.79 -48.24 -106.59
N SER B 230 36.02 -47.83 -107.84
CA SER B 230 37.00 -48.49 -108.70
C SER B 230 37.91 -47.44 -109.32
N PRO B 231 39.18 -47.77 -109.53
CA PRO B 231 40.10 -46.80 -110.13
C PRO B 231 39.89 -46.68 -111.63
N VAL B 232 40.03 -45.47 -112.14
CA VAL B 232 39.86 -45.18 -113.56
C VAL B 232 41.03 -44.29 -114.02
N THR B 233 41.62 -44.65 -115.15
CA THR B 233 42.68 -43.85 -115.73
C THR B 233 42.08 -42.70 -116.55
N PRO B 234 42.82 -41.61 -116.72
CA PRO B 234 42.30 -40.48 -117.50
C PRO B 234 42.04 -40.90 -118.95
N GLY B 235 40.99 -40.32 -119.53
CA GLY B 235 40.59 -40.66 -120.88
C GLY B 235 39.48 -41.69 -120.98
N GLU B 236 38.88 -42.08 -119.85
CA GLU B 236 37.79 -43.04 -119.84
C GLU B 236 36.58 -42.45 -119.13
N THR B 237 35.41 -42.98 -119.45
CA THR B 237 34.15 -42.54 -118.86
C THR B 237 33.51 -43.69 -118.10
N ARG B 238 33.19 -43.45 -116.83
CA ARG B 238 32.54 -44.46 -116.03
C ARG B 238 31.08 -44.64 -116.47
N PRO B 239 30.54 -45.85 -116.34
CA PRO B 239 29.16 -46.09 -116.77
C PRO B 239 28.16 -45.29 -115.92
N ALA B 240 27.02 -44.99 -116.52
CA ALA B 240 25.97 -44.27 -115.81
C ALA B 240 25.50 -45.06 -114.61
N TYR B 241 25.25 -44.35 -113.50
CA TYR B 241 24.90 -44.97 -112.24
C TYR B 241 23.38 -45.00 -112.07
N ASP B 242 22.85 -46.14 -111.66
CA ASP B 242 21.44 -46.30 -111.36
C ASP B 242 21.30 -47.15 -110.10
N GLY B 243 21.02 -46.51 -108.98
CA GLY B 243 20.88 -47.22 -107.72
C GLY B 243 19.80 -46.64 -106.83
N TYR B 244 18.92 -45.81 -107.42
CA TYR B 244 17.84 -45.21 -106.65
C TYR B 244 16.89 -46.28 -106.12
N GLU B 245 16.57 -47.28 -106.95
CA GLU B 245 15.68 -48.38 -106.55
C GLU B 245 16.26 -49.24 -105.46
N ALA B 246 17.56 -49.14 -105.19
CA ALA B 246 18.18 -49.90 -104.12
C ALA B 246 18.37 -49.02 -102.89
N SER B 247 18.80 -47.78 -103.11
CA SER B 247 19.02 -46.85 -101.99
C SER B 247 17.71 -46.51 -101.30
N LYS B 248 16.66 -46.20 -102.07
CA LYS B 248 15.38 -45.88 -101.46
C LYS B 248 14.81 -47.08 -100.71
N GLN B 249 14.95 -48.28 -101.27
CA GLN B 249 14.51 -49.48 -100.59
C GLN B 249 15.28 -49.70 -99.29
N ILE B 250 16.59 -49.46 -99.31
CA ILE B 250 17.39 -49.61 -98.10
C ILE B 250 16.94 -48.63 -97.03
N ILE B 251 16.70 -47.37 -97.42
CA ILE B 251 16.26 -46.37 -96.45
C ILE B 251 14.91 -46.75 -95.86
N ILE B 252 13.97 -47.18 -96.70
CA ILE B 252 12.64 -47.55 -96.22
C ILE B 252 12.73 -48.75 -95.29
N ASP B 253 13.53 -49.76 -95.67
CA ASP B 253 13.68 -50.94 -94.84
C ASP B 253 14.31 -50.59 -93.49
N ALA B 254 15.31 -49.71 -93.50
CA ALA B 254 15.95 -49.30 -92.26
C ALA B 254 14.96 -48.58 -91.35
N GLU B 255 14.17 -47.66 -91.90
CA GLU B 255 13.19 -46.95 -91.10
C GLU B 255 12.15 -47.91 -90.53
N SER B 256 11.67 -48.84 -91.35
CA SER B 256 10.67 -49.80 -90.89
C SER B 256 11.22 -50.70 -89.80
N ALA B 257 12.47 -51.17 -89.96
CA ALA B 257 13.07 -52.03 -88.95
C ALA B 257 13.30 -51.28 -87.65
N LEU B 258 13.71 -50.01 -87.74
CA LEU B 258 13.90 -49.23 -86.53
C LEU B 258 12.57 -49.00 -85.81
N ASN B 259 11.51 -48.72 -86.57
CA ASN B 259 10.20 -48.47 -85.97
C ASN B 259 9.62 -49.74 -85.34
N GLU B 260 9.80 -50.87 -86.01
CA GLU B 260 9.17 -52.13 -85.60
C GLU B 260 9.81 -52.67 -84.33
N TRP B 261 11.08 -52.36 -84.10
CA TRP B 261 11.81 -52.94 -82.97
C TRP B 261 11.13 -52.57 -81.65
N THR B 262 11.07 -53.55 -80.75
CA THR B 262 10.44 -53.38 -79.44
C THR B 262 11.39 -53.85 -78.35
N LEU B 263 10.95 -53.67 -77.10
CA LEU B 263 11.79 -54.04 -75.96
C LEU B 263 12.09 -55.53 -75.93
N ASP B 264 11.07 -56.36 -76.19
CA ASP B 264 11.25 -57.81 -76.15
C ASP B 264 12.05 -58.34 -77.32
N SER B 265 12.31 -57.52 -78.35
CA SER B 265 13.08 -57.93 -79.52
C SER B 265 14.56 -57.58 -79.40
N ALA B 266 15.09 -57.54 -78.18
CA ALA B 266 16.49 -57.19 -77.98
C ALA B 266 17.39 -58.31 -78.47
N GLN B 267 18.29 -57.99 -79.40
CA GLN B 267 19.20 -58.99 -79.94
C GLN B 267 20.35 -59.31 -78.98
N VAL B 268 20.74 -58.34 -78.15
CA VAL B 268 21.86 -58.54 -77.24
C VAL B 268 21.47 -59.52 -76.15
N LYS B 269 22.32 -60.53 -75.92
CA LYS B 269 22.10 -61.54 -74.90
C LYS B 269 23.33 -61.61 -74.01
N PRO B 270 23.36 -60.85 -72.92
CA PRO B 270 24.52 -60.88 -72.03
C PRO B 270 24.70 -62.25 -71.41
N THR B 271 25.96 -62.62 -71.20
CA THR B 271 26.29 -63.92 -70.62
C THR B 271 26.14 -63.90 -69.09
N MET C 1 -60.36 -20.51 -36.91
CA MET C 1 -60.73 -19.21 -36.38
C MET C 1 -62.23 -18.97 -36.49
N HIS C 2 -62.69 -17.84 -35.95
CA HIS C 2 -64.10 -17.50 -35.98
C HIS C 2 -64.52 -16.81 -37.28
N ARG C 3 -63.57 -16.43 -38.13
CA ARG C 3 -63.88 -15.81 -39.41
C ARG C 3 -64.42 -16.80 -40.43
N THR C 4 -64.26 -18.11 -40.18
CA THR C 4 -64.58 -19.11 -41.20
C THR C 4 -66.08 -19.36 -41.33
N TYR C 5 -66.92 -18.79 -40.46
CA TYR C 5 -68.36 -18.80 -40.70
C TYR C 5 -69.02 -17.46 -40.42
N SER C 6 -68.26 -16.37 -40.29
CA SER C 6 -68.83 -15.07 -39.97
C SER C 6 -68.18 -13.99 -40.83
N LEU C 7 -68.94 -12.91 -41.05
CA LEU C 7 -68.44 -11.74 -41.76
C LEU C 7 -67.73 -10.75 -40.85
N ARG C 8 -67.82 -10.92 -39.54
CA ARG C 8 -67.20 -10.01 -38.59
C ARG C 8 -66.12 -10.75 -37.80
N ASN C 9 -65.10 -9.99 -37.38
CA ASN C 9 -63.98 -10.56 -36.64
C ASN C 9 -64.34 -10.97 -35.23
N SER C 10 -65.55 -10.66 -34.76
CA SER C 10 -65.96 -11.04 -33.42
C SER C 10 -65.97 -12.57 -33.28
N ARG C 11 -65.62 -13.03 -32.08
CA ARG C 11 -65.46 -14.46 -31.81
C ARG C 11 -66.75 -15.03 -31.25
N ALA C 12 -67.18 -16.16 -31.82
CA ALA C 12 -68.38 -16.83 -31.35
C ALA C 12 -68.14 -17.43 -29.97
N PRO C 13 -69.19 -17.54 -29.14
CA PRO C 13 -69.01 -18.14 -27.82
C PRO C 13 -68.53 -19.58 -27.91
N THR C 14 -67.68 -19.96 -26.96
CA THR C 14 -67.12 -21.31 -26.89
C THR C 14 -67.39 -21.87 -25.50
N ALA C 15 -66.82 -23.06 -25.24
CA ALA C 15 -67.00 -23.69 -23.93
C ALA C 15 -66.37 -22.85 -22.83
N SER C 16 -65.17 -22.31 -23.06
CA SER C 16 -64.54 -21.46 -22.07
C SER C 16 -65.33 -20.17 -21.86
N GLN C 17 -65.85 -19.59 -22.94
CA GLN C 17 -66.65 -18.38 -22.82
C GLN C 17 -67.96 -18.66 -22.11
N LEU C 18 -68.55 -19.84 -22.36
CA LEU C 18 -69.78 -20.21 -21.66
C LEU C 18 -69.52 -20.41 -20.17
N GLN C 19 -68.40 -21.05 -19.83
CA GLN C 19 -68.09 -21.31 -18.42
C GLN C 19 -67.75 -20.02 -17.68
N ASN C 20 -66.91 -19.18 -18.29
CA ASN C 20 -66.50 -17.93 -17.67
C ASN C 20 -66.64 -16.80 -18.69
N PRO C 21 -67.12 -15.63 -18.28
CA PRO C 21 -67.27 -14.53 -19.23
C PRO C 21 -65.93 -14.12 -19.79
N PRO C 22 -65.90 -13.62 -21.02
CA PRO C 22 -64.62 -13.20 -21.63
C PRO C 22 -63.95 -12.13 -20.80
N PRO C 23 -62.62 -12.14 -20.72
CA PRO C 23 -61.90 -11.14 -19.92
C PRO C 23 -62.10 -9.75 -20.49
N PRO C 24 -62.12 -8.73 -19.63
CA PRO C 24 -62.25 -7.35 -20.11
C PRO C 24 -61.05 -6.95 -20.94
N PRO C 25 -61.24 -6.06 -21.91
CA PRO C 25 -60.11 -5.66 -22.75
C PRO C 25 -59.13 -4.77 -22.01
N SER C 26 -58.00 -4.51 -22.65
CA SER C 26 -56.96 -3.68 -22.05
C SER C 26 -57.45 -2.26 -21.86
N THR C 27 -56.95 -1.60 -20.81
CA THR C 27 -57.38 -0.24 -20.50
C THR C 27 -56.98 0.73 -21.60
N THR C 28 -55.77 0.60 -22.14
CA THR C 28 -55.26 1.50 -23.16
C THR C 28 -54.93 0.70 -24.42
N LYS C 29 -55.32 1.23 -25.58
CA LYS C 29 -55.02 0.63 -26.88
C LYS C 29 -54.58 1.74 -27.82
N GLY C 30 -53.27 1.99 -27.86
CA GLY C 30 -52.75 3.04 -28.72
C GLY C 30 -52.75 2.60 -30.18
N ARG C 31 -53.14 3.52 -31.06
CA ARG C 31 -53.16 3.26 -32.50
C ARG C 31 -51.78 3.57 -33.08
N PHE C 32 -50.85 2.65 -32.83
CA PHE C 32 -49.48 2.78 -33.29
C PHE C 32 -48.93 1.41 -33.62
N PHE C 33 -47.92 1.38 -34.49
CA PHE C 33 -47.28 0.12 -34.87
C PHE C 33 -46.60 -0.53 -33.67
N GLY C 34 -45.93 0.27 -32.85
CA GLY C 34 -45.21 -0.23 -31.70
C GLY C 34 -43.82 -0.74 -31.99
N LYS C 35 -43.37 -0.70 -33.25
CA LYS C 35 -42.02 -1.14 -33.57
C LYS C 35 -40.97 -0.24 -32.94
N GLY C 36 -41.21 1.06 -32.93
CA GLY C 36 -40.29 2.01 -32.36
C GLY C 36 -39.13 2.40 -33.25
N GLY C 37 -39.06 1.89 -34.47
CA GLY C 37 -37.97 2.22 -35.36
C GLY C 37 -38.31 1.86 -36.80
N LEU C 38 -37.57 2.46 -37.73
CA LEU C 38 -37.74 2.23 -39.15
C LEU C 38 -36.93 1.03 -39.64
N ALA C 39 -36.18 0.38 -38.74
CA ALA C 39 -35.31 -0.73 -39.14
C ALA C 39 -36.11 -1.89 -39.70
N TYR C 40 -37.26 -2.22 -39.09
CA TYR C 40 -38.05 -3.35 -39.58
C TYR C 40 -38.52 -3.11 -41.01
N SER C 41 -39.11 -1.94 -41.27
CA SER C 41 -39.61 -1.64 -42.61
C SER C 41 -38.46 -1.55 -43.60
N PHE C 42 -37.33 -0.97 -43.19
CA PHE C 42 -36.18 -0.86 -44.09
C PHE C 42 -35.67 -2.24 -44.48
N ARG C 43 -35.54 -3.14 -43.52
CA ARG C 43 -35.09 -4.50 -43.81
C ARG C 43 -36.09 -5.25 -44.67
N ARG C 44 -37.38 -5.05 -44.42
CA ARG C 44 -38.40 -5.70 -45.24
C ARG C 44 -38.35 -5.22 -46.68
N SER C 45 -38.15 -3.92 -46.87
CA SER C 45 -38.18 -3.34 -48.22
C SER C 45 -36.88 -3.53 -48.99
N ALA C 46 -35.74 -3.67 -48.30
CA ALA C 46 -34.47 -3.80 -48.99
C ALA C 46 -34.17 -5.21 -49.48
N ALA C 47 -34.98 -6.20 -49.10
CA ALA C 47 -34.70 -7.57 -49.51
C ALA C 47 -34.88 -7.77 -51.01
N GLY C 48 -35.95 -7.22 -51.57
CA GLY C 48 -36.27 -7.40 -52.98
C GLY C 48 -35.71 -6.35 -53.92
N ALA C 49 -34.82 -5.48 -53.44
CA ALA C 49 -34.29 -4.42 -54.29
C ALA C 49 -33.42 -4.98 -55.41
N PHE C 50 -32.62 -6.00 -55.12
CA PHE C 50 -31.68 -6.53 -56.09
C PHE C 50 -31.75 -8.04 -56.29
N GLY C 51 -32.46 -8.77 -55.42
CA GLY C 51 -32.51 -10.21 -55.51
C GLY C 51 -33.28 -10.70 -56.72
N PRO C 52 -33.07 -11.97 -57.07
CA PRO C 52 -33.80 -12.55 -58.20
C PRO C 52 -35.30 -12.63 -57.92
N GLU C 53 -36.09 -12.57 -58.99
CA GLU C 53 -37.53 -12.52 -58.85
C GLU C 53 -38.10 -13.81 -58.24
N LEU C 54 -37.55 -14.97 -58.62
CA LEU C 54 -38.12 -16.24 -58.17
C LEU C 54 -37.99 -16.41 -56.67
N SER C 55 -36.84 -16.05 -56.10
CA SER C 55 -36.57 -16.29 -54.68
C SER C 55 -36.99 -15.13 -53.79
N ARG C 56 -37.56 -14.06 -54.35
CA ARG C 56 -37.94 -12.91 -53.55
C ARG C 56 -39.05 -13.26 -52.56
N LYS C 57 -40.03 -14.05 -52.99
CA LYS C 57 -41.18 -14.37 -52.15
C LYS C 57 -40.75 -15.10 -50.88
N LEU C 58 -39.87 -16.09 -51.02
CA LEU C 58 -39.41 -16.81 -49.84
C LEU C 58 -38.40 -16.00 -49.04
N SER C 59 -37.58 -15.19 -49.72
CA SER C 59 -36.58 -14.39 -49.03
C SER C 59 -37.23 -13.33 -48.14
N GLN C 60 -38.44 -12.88 -48.51
CA GLN C 60 -39.12 -11.87 -47.70
C GLN C 60 -39.52 -12.42 -46.34
N LEU C 61 -39.76 -13.73 -46.23
CA LEU C 61 -40.25 -14.30 -44.98
C LEU C 61 -39.15 -14.42 -43.94
N VAL C 62 -37.90 -14.56 -44.37
CA VAL C 62 -36.79 -14.75 -43.44
C VAL C 62 -36.63 -13.53 -42.53
N LYS C 63 -36.78 -12.33 -43.08
CA LYS C 63 -36.62 -11.12 -42.29
C LYS C 63 -37.68 -11.02 -41.20
N ILE C 64 -38.94 -11.30 -41.55
CA ILE C 64 -40.01 -11.23 -40.55
C ILE C 64 -39.86 -12.35 -39.52
N GLU C 65 -39.33 -13.51 -39.94
CA GLU C 65 -39.05 -14.55 -38.95
C GLU C 65 -37.97 -14.13 -37.97
N LYS C 66 -36.93 -13.45 -38.48
CA LYS C 66 -35.90 -12.92 -37.60
C LYS C 66 -36.48 -11.87 -36.65
N ASN C 67 -37.39 -11.03 -37.15
CA ASN C 67 -38.05 -10.06 -36.28
C ASN C 67 -38.86 -10.76 -35.19
N VAL C 68 -39.56 -11.85 -35.55
CA VAL C 68 -40.29 -12.64 -34.56
C VAL C 68 -39.34 -13.18 -33.50
N LEU C 69 -38.18 -13.69 -33.93
CA LEU C 69 -37.20 -14.23 -32.99
C LEU C 69 -36.71 -13.14 -32.04
N ARG C 70 -36.41 -11.95 -32.58
CA ARG C 70 -35.93 -10.86 -31.73
C ARG C 70 -37.00 -10.43 -30.72
N SER C 71 -38.25 -10.34 -31.16
CA SER C 71 -39.32 -9.95 -30.26
C SER C 71 -39.53 -10.99 -29.17
N MET C 72 -39.45 -12.28 -29.52
CA MET C 72 -39.55 -13.33 -28.51
C MET C 72 -38.39 -13.25 -27.52
N GLU C 73 -37.19 -12.94 -28.00
CA GLU C 73 -36.05 -12.79 -27.10
C GLU C 73 -36.28 -11.64 -26.12
N LEU C 74 -36.79 -10.51 -26.62
CA LEU C 74 -37.07 -9.38 -25.73
C LEU C 74 -38.14 -9.75 -24.70
N THR C 75 -39.18 -10.46 -25.13
CA THR C 75 -40.23 -10.89 -24.20
C THR C 75 -39.65 -11.78 -23.11
N ALA C 76 -38.81 -12.75 -23.50
CA ALA C 76 -38.22 -13.65 -22.52
C ALA C 76 -37.32 -12.90 -21.55
N ASN C 77 -36.53 -11.96 -22.07
CA ASN C 77 -35.65 -11.19 -21.20
C ASN C 77 -36.44 -10.38 -20.18
N GLU C 78 -37.51 -9.71 -20.63
CA GLU C 78 -38.30 -8.90 -19.71
C GLU C 78 -39.01 -9.77 -18.68
N ARG C 79 -39.54 -10.93 -19.10
CA ARG C 79 -40.20 -11.82 -18.14
C ARG C 79 -39.20 -12.35 -17.12
N ARG C 80 -37.97 -12.65 -17.57
CA ARG C 80 -36.93 -13.05 -16.63
C ARG C 80 -36.59 -11.94 -15.65
N ASP C 81 -36.56 -10.69 -16.14
CA ASP C 81 -36.26 -9.56 -15.26
C ASP C 81 -37.35 -9.35 -14.21
N ALA C 82 -38.61 -9.58 -14.59
CA ALA C 82 -39.71 -9.32 -13.66
C ALA C 82 -39.64 -10.20 -12.41
N ALA C 83 -39.12 -11.43 -12.55
CA ALA C 83 -39.07 -12.34 -11.43
C ALA C 83 -38.15 -11.84 -10.33
N LYS C 84 -37.07 -11.15 -10.70
CA LYS C 84 -36.16 -10.60 -9.68
C LYS C 84 -36.88 -9.56 -8.83
N GLN C 85 -37.63 -8.67 -9.46
CA GLN C 85 -38.38 -7.67 -8.71
C GLN C 85 -39.45 -8.32 -7.84
N LEU C 86 -40.14 -9.32 -8.38
CA LEU C 86 -41.15 -10.03 -7.59
C LEU C 86 -40.50 -10.66 -6.37
N SER C 87 -39.30 -11.23 -6.52
CA SER C 87 -38.63 -11.87 -5.40
C SER C 87 -38.18 -10.85 -4.36
N ILE C 88 -37.58 -9.73 -4.79
CA ILE C 88 -37.08 -8.76 -3.83
C ILE C 88 -38.22 -8.07 -3.09
N TRP C 89 -39.39 -7.92 -3.73
CA TRP C 89 -40.52 -7.29 -3.04
C TRP C 89 -40.91 -8.03 -1.77
N GLY C 90 -40.67 -9.34 -1.72
CA GLY C 90 -41.14 -10.15 -0.60
C GLY C 90 -40.33 -10.01 0.67
N LEU C 91 -39.23 -9.26 0.64
CA LEU C 91 -38.39 -9.13 1.84
C LEU C 91 -39.13 -8.44 2.97
N GLU C 92 -39.86 -7.36 2.66
CA GLU C 92 -40.56 -6.58 3.67
C GLU C 92 -42.02 -7.06 3.74
N ASN C 93 -42.21 -8.23 4.34
CA ASN C 93 -43.53 -8.82 4.51
C ASN C 93 -43.39 -9.95 5.54
N ASP C 94 -44.46 -10.74 5.68
CA ASP C 94 -44.44 -11.86 6.60
C ASP C 94 -43.51 -12.95 6.09
N ASP C 95 -43.06 -13.81 7.03
CA ASP C 95 -42.10 -14.85 6.68
C ASP C 95 -42.68 -15.84 5.66
N ASP C 96 -43.93 -16.26 5.86
CA ASP C 96 -44.55 -17.18 4.91
C ASP C 96 -44.68 -16.55 3.53
N VAL C 97 -45.08 -15.28 3.48
CA VAL C 97 -45.20 -14.59 2.21
C VAL C 97 -43.83 -14.50 1.53
N SER C 98 -42.79 -14.19 2.30
CA SER C 98 -41.45 -14.08 1.73
C SER C 98 -40.98 -15.40 1.16
N ASP C 99 -41.18 -16.49 1.91
CA ASP C 99 -40.73 -17.81 1.44
C ASP C 99 -41.48 -18.23 0.19
N ILE C 100 -42.81 -18.09 0.19
CA ILE C 100 -43.61 -18.44 -0.97
C ILE C 100 -43.20 -17.59 -2.17
N THR C 101 -42.94 -16.31 -1.94
CA THR C 101 -42.54 -15.41 -3.02
C THR C 101 -41.21 -15.86 -3.62
N ASP C 102 -40.23 -16.21 -2.78
CA ASP C 102 -38.94 -16.64 -3.31
C ASP C 102 -39.06 -17.93 -4.12
N LYS C 103 -39.78 -18.91 -3.60
CA LYS C 103 -39.88 -20.19 -4.29
C LYS C 103 -40.65 -20.03 -5.61
N LEU C 104 -41.80 -19.36 -5.58
CA LEU C 104 -42.52 -19.17 -6.83
C LEU C 104 -41.73 -18.27 -7.77
N GLY C 105 -40.87 -17.40 -7.23
CA GLY C 105 -40.06 -16.56 -8.09
C GLY C 105 -39.05 -17.36 -8.88
N VAL C 106 -38.37 -18.31 -8.23
CA VAL C 106 -37.46 -19.16 -9.00
C VAL C 106 -38.26 -20.05 -9.96
N LEU C 107 -39.43 -20.50 -9.52
CA LEU C 107 -40.26 -21.36 -10.38
C LEU C 107 -40.68 -20.63 -11.64
N ILE C 108 -41.02 -19.34 -11.54
CA ILE C 108 -41.42 -18.56 -12.71
C ILE C 108 -40.22 -18.04 -13.49
N TYR C 109 -39.07 -17.88 -12.84
CA TYR C 109 -37.83 -17.54 -13.54
C TYR C 109 -37.32 -18.70 -14.38
N GLU C 110 -37.74 -19.93 -14.07
CA GLU C 110 -37.38 -21.09 -14.87
C GLU C 110 -37.75 -20.96 -16.36
N VAL C 111 -38.79 -20.19 -16.65
CA VAL C 111 -39.39 -20.09 -17.99
C VAL C 111 -38.39 -19.58 -19.03
N SER C 112 -37.47 -18.72 -18.62
CA SER C 112 -36.58 -18.05 -19.57
C SER C 112 -35.69 -19.04 -20.31
N GLU C 113 -35.20 -20.06 -19.60
CA GLU C 113 -34.34 -21.05 -20.26
C GLU C 113 -35.10 -21.81 -21.33
N LEU C 114 -36.34 -22.21 -21.03
CA LEU C 114 -37.16 -22.89 -22.03
C LEU C 114 -37.40 -21.99 -23.23
N ASP C 115 -37.68 -20.71 -22.98
CA ASP C 115 -37.87 -19.77 -24.09
C ASP C 115 -36.62 -19.66 -24.94
N ASP C 116 -35.44 -19.62 -24.31
CA ASP C 116 -34.20 -19.52 -25.06
C ASP C 116 -33.96 -20.76 -25.92
N GLN C 117 -34.24 -21.94 -25.36
CA GLN C 117 -34.09 -23.17 -26.14
C GLN C 117 -35.04 -23.19 -27.33
N PHE C 118 -36.29 -22.79 -27.11
CA PHE C 118 -37.25 -22.71 -28.21
C PHE C 118 -36.77 -21.71 -29.27
N ILE C 119 -36.16 -20.61 -28.84
CA ILE C 119 -35.64 -19.62 -29.77
C ILE C 119 -34.53 -20.22 -30.62
N ASP C 120 -33.64 -20.98 -29.99
CA ASP C 120 -32.54 -21.61 -30.75
C ASP C 120 -33.08 -22.60 -31.78
N ARG C 121 -34.07 -23.40 -31.40
CA ARG C 121 -34.63 -24.35 -32.36
C ARG C 121 -35.36 -23.62 -33.49
N TYR C 122 -36.04 -22.52 -33.16
CA TYR C 122 -36.65 -21.68 -34.18
C TYR C 122 -35.59 -21.14 -35.14
N ASP C 123 -34.43 -20.75 -34.61
CA ASP C 123 -33.34 -20.27 -35.46
C ASP C 123 -32.84 -21.35 -36.40
N GLN C 124 -32.74 -22.59 -35.92
CA GLN C 124 -32.34 -23.69 -36.81
C GLN C 124 -33.37 -23.91 -37.92
N TYR C 125 -34.66 -23.87 -37.59
CA TYR C 125 -35.68 -24.01 -38.61
C TYR C 125 -35.60 -22.88 -39.63
N ARG C 126 -35.37 -21.65 -39.16
CA ARG C 126 -35.18 -20.53 -40.06
C ARG C 126 -33.95 -20.73 -40.94
N LEU C 127 -32.90 -21.33 -40.40
CA LEU C 127 -31.70 -21.59 -41.19
C LEU C 127 -32.00 -22.54 -42.35
N THR C 128 -32.76 -23.61 -42.08
CA THR C 128 -33.11 -24.52 -43.18
C THR C 128 -33.99 -23.84 -44.22
N LEU C 129 -34.98 -23.07 -43.75
CA LEU C 129 -35.85 -22.36 -44.67
C LEU C 129 -35.06 -21.37 -45.52
N LYS C 130 -34.02 -20.77 -44.94
CA LYS C 130 -33.11 -19.93 -45.70
C LYS C 130 -32.34 -20.76 -46.73
N SER C 131 -31.89 -21.95 -46.34
CA SER C 131 -31.14 -22.81 -47.25
C SER C 131 -31.94 -23.16 -48.50
N ILE C 132 -33.26 -23.24 -48.39
CA ILE C 132 -34.08 -23.45 -49.59
C ILE C 132 -33.89 -22.32 -50.61
N ARG C 133 -33.80 -21.08 -50.12
CA ARG C 133 -33.75 -19.92 -51.00
C ARG C 133 -32.50 -19.92 -51.88
N ASP C 134 -31.40 -20.47 -51.37
CA ASP C 134 -30.17 -20.52 -52.16
C ASP C 134 -30.37 -21.36 -53.42
N ILE C 135 -30.99 -22.53 -53.27
CA ILE C 135 -31.22 -23.40 -54.43
C ILE C 135 -32.22 -22.76 -55.38
N GLU C 136 -33.25 -22.09 -54.84
CA GLU C 136 -34.19 -21.39 -55.73
C GLU C 136 -33.49 -20.32 -56.56
N GLY C 137 -32.67 -19.49 -55.92
CA GLY C 137 -31.99 -18.41 -56.61
C GLY C 137 -30.91 -18.91 -57.55
N SER C 138 -30.37 -20.10 -57.28
CA SER C 138 -29.45 -20.71 -58.22
C SER C 138 -30.19 -21.27 -59.44
N VAL C 139 -31.40 -21.76 -59.23
CA VAL C 139 -32.17 -22.34 -60.32
C VAL C 139 -32.63 -21.28 -61.31
N GLN C 140 -33.04 -20.10 -60.80
CA GLN C 140 -33.64 -19.09 -61.69
C GLN C 140 -32.78 -18.71 -62.90
N PRO C 141 -31.49 -18.34 -62.76
CA PRO C 141 -30.75 -17.86 -63.94
C PRO C 141 -30.59 -18.90 -65.03
N SER C 142 -30.50 -20.18 -64.68
CA SER C 142 -30.40 -21.21 -65.70
C SER C 142 -31.67 -21.27 -66.54
N ARG C 143 -32.82 -21.00 -65.91
CA ARG C 143 -34.08 -20.97 -66.67
C ARG C 143 -34.19 -19.73 -67.53
N ASP C 144 -33.68 -18.59 -67.05
CA ASP C 144 -33.85 -17.33 -67.80
C ASP C 144 -33.19 -17.40 -69.18
N ARG C 145 -31.96 -17.92 -69.25
CA ARG C 145 -31.21 -17.90 -70.51
C ARG C 145 -31.86 -18.74 -71.59
N LYS C 146 -32.38 -19.92 -71.21
CA LYS C 146 -33.03 -20.78 -72.19
C LYS C 146 -34.23 -20.10 -72.81
N ASP C 147 -35.00 -19.38 -71.99
CA ASP C 147 -36.14 -18.63 -72.52
C ASP C 147 -35.67 -17.51 -73.44
N LYS C 148 -34.59 -16.80 -73.06
CA LYS C 148 -34.16 -15.66 -73.86
C LYS C 148 -33.65 -16.10 -75.24
N ILE C 149 -32.87 -17.17 -75.29
CA ILE C 149 -32.29 -17.62 -76.55
C ILE C 149 -33.33 -18.28 -77.43
N THR C 150 -34.56 -18.41 -76.92
CA THR C 150 -35.70 -18.83 -77.71
C THR C 150 -36.36 -17.68 -78.46
N ASP C 151 -36.62 -16.58 -77.76
CA ASP C 151 -37.08 -15.36 -78.43
C ASP C 151 -36.04 -14.89 -79.44
N LYS C 152 -34.75 -15.07 -79.13
CA LYS C 152 -33.70 -14.68 -80.07
C LYS C 152 -33.83 -15.42 -81.39
N ILE C 153 -33.92 -16.76 -81.33
CA ILE C 153 -33.99 -17.54 -82.56
C ILE C 153 -35.31 -17.29 -83.28
N ALA C 154 -36.40 -17.09 -82.52
CA ALA C 154 -37.68 -16.77 -83.16
C ALA C 154 -37.58 -15.46 -83.96
N TYR C 155 -37.00 -14.43 -83.36
CA TYR C 155 -36.88 -13.15 -84.05
C TYR C 155 -35.96 -13.27 -85.27
N LEU C 156 -34.85 -13.98 -85.12
CA LEU C 156 -33.93 -14.12 -86.25
C LEU C 156 -34.54 -14.93 -87.38
N LYS C 157 -35.36 -15.94 -87.06
CA LYS C 157 -36.09 -16.66 -88.10
C LYS C 157 -37.12 -15.77 -88.78
N TYR C 158 -37.79 -14.91 -88.00
CA TYR C 158 -38.74 -13.98 -88.61
C TYR C 158 -38.04 -13.03 -89.57
N LYS C 159 -36.86 -12.52 -89.19
CA LYS C 159 -36.17 -11.54 -90.03
C LYS C 159 -35.81 -12.13 -91.39
N ASP C 160 -35.16 -13.30 -91.39
CA ASP C 160 -34.83 -13.99 -92.63
C ASP C 160 -34.55 -15.46 -92.35
N PRO C 161 -35.22 -16.38 -93.05
CA PRO C 161 -35.01 -17.81 -92.78
C PRO C 161 -33.78 -18.40 -93.44
N GLN C 162 -33.02 -17.61 -94.21
CA GLN C 162 -31.85 -18.11 -94.91
C GLN C 162 -30.55 -17.93 -94.13
N SER C 163 -30.61 -17.39 -92.92
CA SER C 163 -29.42 -17.21 -92.12
C SER C 163 -28.88 -18.57 -91.64
N PRO C 164 -27.56 -18.71 -91.52
CA PRO C 164 -26.98 -19.98 -91.07
C PRO C 164 -26.97 -20.16 -89.55
N LYS C 165 -27.44 -19.17 -88.79
CA LYS C 165 -27.42 -19.26 -87.33
C LYS C 165 -28.59 -20.07 -86.77
N ILE C 166 -29.53 -20.49 -87.62
CA ILE C 166 -30.72 -21.19 -87.15
C ILE C 166 -30.33 -22.50 -86.47
N GLU C 167 -29.46 -23.28 -87.09
CA GLU C 167 -29.14 -24.61 -86.57
C GLU C 167 -28.36 -24.52 -85.25
N VAL C 168 -27.40 -23.60 -85.15
CA VAL C 168 -26.63 -23.48 -83.92
C VAL C 168 -27.50 -22.93 -82.80
N LEU C 169 -28.37 -21.97 -83.11
CA LEU C 169 -29.28 -21.46 -82.11
C LEU C 169 -30.24 -22.55 -81.62
N GLU C 170 -30.74 -23.37 -82.55
CA GLU C 170 -31.64 -24.45 -82.17
C GLU C 170 -30.94 -25.48 -81.28
N GLN C 171 -29.69 -25.82 -81.60
CA GLN C 171 -28.99 -26.78 -80.76
C GLN C 171 -28.67 -26.20 -79.38
N GLU C 172 -28.31 -24.92 -79.31
CA GLU C 172 -28.13 -24.29 -78.01
C GLU C 172 -29.43 -24.32 -77.22
N LEU C 173 -30.55 -24.11 -77.90
CA LEU C 173 -31.86 -24.25 -77.26
C LEU C 173 -32.06 -25.65 -76.71
N VAL C 174 -31.68 -26.67 -77.49
CA VAL C 174 -31.86 -28.05 -77.04
C VAL C 174 -31.03 -28.33 -75.79
N ARG C 175 -29.75 -27.93 -75.79
CA ARG C 175 -28.90 -28.17 -74.62
C ARG C 175 -29.42 -27.43 -73.39
N ALA C 176 -29.78 -26.16 -73.56
CA ALA C 176 -30.32 -25.40 -72.45
C ALA C 176 -31.63 -26.01 -71.95
N GLU C 177 -32.44 -26.56 -72.87
CA GLU C 177 -33.69 -27.21 -72.47
C GLU C 177 -33.42 -28.44 -71.61
N ALA C 178 -32.43 -29.26 -72.00
CA ALA C 178 -32.10 -30.43 -71.18
C ALA C 178 -31.64 -30.01 -69.79
N GLU C 179 -30.73 -29.03 -69.72
CA GLU C 179 -30.26 -28.56 -68.43
C GLU C 179 -31.39 -28.00 -67.58
N SER C 180 -32.29 -27.23 -68.20
CA SER C 180 -33.42 -26.66 -67.48
C SER C 180 -34.36 -27.74 -66.98
N LEU C 181 -34.57 -28.80 -67.77
CA LEU C 181 -35.42 -29.90 -67.31
C LEU C 181 -34.84 -30.56 -66.07
N VAL C 182 -33.53 -30.84 -66.08
CA VAL C 182 -32.91 -31.45 -64.91
C VAL C 182 -33.05 -30.54 -63.69
N ALA C 183 -32.76 -29.25 -63.88
CA ALA C 183 -32.82 -28.30 -62.78
C ALA C 183 -34.25 -28.19 -62.22
N GLU C 184 -35.24 -28.14 -63.11
CA GLU C 184 -36.65 -28.05 -62.72
C GLU C 184 -37.12 -29.26 -61.95
N ALA C 185 -36.71 -30.47 -62.34
CA ALA C 185 -37.05 -31.65 -61.54
C ALA C 185 -36.42 -31.62 -60.16
N GLN C 186 -35.11 -31.34 -60.07
CA GLN C 186 -34.45 -31.38 -58.78
C GLN C 186 -34.98 -30.28 -57.87
N LEU C 187 -35.37 -29.14 -58.43
CA LEU C 187 -35.88 -28.04 -57.61
C LEU C 187 -37.11 -28.47 -56.83
N SER C 188 -38.08 -29.10 -57.52
CA SER C 188 -39.27 -29.58 -56.84
C SER C 188 -38.92 -30.66 -55.81
N ASN C 189 -38.05 -31.59 -56.19
CA ASN C 189 -37.63 -32.63 -55.23
C ASN C 189 -37.09 -32.01 -53.94
N ILE C 190 -36.14 -31.09 -54.09
CA ILE C 190 -35.45 -30.52 -52.94
C ILE C 190 -36.40 -29.68 -52.11
N THR C 191 -37.25 -28.86 -52.74
CA THR C 191 -38.13 -28.01 -51.95
C THR C 191 -39.12 -28.86 -51.15
N ARG C 192 -39.67 -29.92 -51.76
CA ARG C 192 -40.58 -30.77 -51.00
C ARG C 192 -39.87 -31.40 -49.81
N SER C 193 -38.70 -32.02 -50.04
CA SER C 193 -38.02 -32.72 -48.95
C SER C 193 -37.63 -31.76 -47.83
N LYS C 194 -37.03 -30.61 -48.18
CA LYS C 194 -36.58 -29.66 -47.17
C LYS C 194 -37.74 -29.07 -46.40
N LEU C 195 -38.83 -28.72 -47.09
CA LEU C 195 -40.00 -28.20 -46.38
C LEU C 195 -40.52 -29.21 -45.37
N ARG C 196 -40.68 -30.47 -45.78
CA ARG C 196 -41.19 -31.47 -44.85
C ARG C 196 -40.27 -31.62 -43.65
N ALA C 197 -38.96 -31.78 -43.88
CA ALA C 197 -38.05 -32.02 -42.77
C ALA C 197 -38.01 -30.85 -41.81
N ALA C 198 -37.85 -29.63 -42.34
CA ALA C 198 -37.76 -28.46 -41.48
C ALA C 198 -39.05 -28.24 -40.71
N PHE C 199 -40.20 -28.49 -41.34
CA PHE C 199 -41.44 -28.15 -40.68
C PHE C 199 -41.79 -29.17 -39.61
N ASN C 200 -41.42 -30.44 -39.82
CA ASN C 200 -41.50 -31.42 -38.73
C ASN C 200 -40.60 -31.03 -37.57
N TYR C 201 -39.37 -30.61 -37.87
CA TYR C 201 -38.46 -30.21 -36.81
C TYR C 201 -39.02 -29.04 -36.02
N GLN C 202 -39.61 -28.07 -36.71
CA GLN C 202 -40.19 -26.91 -36.07
C GLN C 202 -41.43 -27.25 -35.26
N PHE C 203 -42.26 -28.19 -35.72
CA PHE C 203 -43.47 -28.57 -35.00
C PHE C 203 -43.19 -29.41 -33.76
N ASP C 204 -42.09 -30.16 -33.72
CA ASP C 204 -41.79 -30.93 -32.51
C ASP C 204 -41.37 -30.04 -31.34
N SER C 205 -40.55 -29.02 -31.61
CA SER C 205 -40.02 -28.18 -30.55
C SER C 205 -41.12 -27.43 -29.82
N ILE C 206 -42.11 -26.93 -30.56
CA ILE C 206 -43.14 -26.10 -29.94
C ILE C 206 -44.00 -26.94 -28.99
N ILE C 207 -44.34 -28.17 -29.38
CA ILE C 207 -45.14 -29.00 -28.48
C ILE C 207 -44.32 -29.42 -27.27
N GLU C 208 -43.03 -29.72 -27.46
CA GLU C 208 -42.19 -30.03 -26.31
C GLU C 208 -42.15 -28.88 -25.32
N HIS C 209 -41.91 -27.66 -25.82
CA HIS C 209 -41.83 -26.49 -24.95
C HIS C 209 -43.17 -26.22 -24.27
N SER C 210 -44.28 -26.37 -25.00
CA SER C 210 -45.60 -26.15 -24.42
C SER C 210 -45.87 -27.14 -23.29
N GLU C 211 -45.52 -28.41 -23.50
CA GLU C 211 -45.75 -29.40 -22.44
C GLU C 211 -44.90 -29.10 -21.21
N LYS C 212 -43.64 -28.70 -21.41
CA LYS C 212 -42.81 -28.35 -20.27
C LYS C 212 -43.37 -27.14 -19.52
N ILE C 213 -43.84 -26.12 -20.24
CA ILE C 213 -44.42 -24.95 -19.61
C ILE C 213 -45.67 -25.32 -18.83
N ALA C 214 -46.52 -26.18 -19.40
CA ALA C 214 -47.72 -26.62 -18.71
C ALA C 214 -47.38 -27.37 -17.43
N LEU C 215 -46.37 -28.23 -17.48
CA LEU C 215 -45.95 -28.94 -16.28
C LEU C 215 -45.47 -27.97 -15.20
N ILE C 216 -44.66 -26.98 -15.60
CA ILE C 216 -44.17 -26.00 -14.63
C ILE C 216 -45.33 -25.22 -14.01
N ALA C 217 -46.29 -24.81 -14.85
CA ALA C 217 -47.43 -24.07 -14.35
C ALA C 217 -48.27 -24.89 -13.38
N GLY C 218 -48.49 -26.16 -13.71
CA GLY C 218 -49.23 -27.03 -12.80
C GLY C 218 -48.53 -27.21 -11.46
N TYR C 219 -47.21 -27.41 -11.49
CA TYR C 219 -46.47 -27.54 -10.25
C TYR C 219 -46.52 -26.27 -9.42
N GLY C 220 -46.43 -25.10 -10.08
CA GLY C 220 -46.55 -23.85 -9.36
C GLY C 220 -47.92 -23.66 -8.73
N LYS C 221 -48.98 -24.00 -9.47
CA LYS C 221 -50.33 -23.91 -8.92
C LYS C 221 -50.51 -24.85 -7.73
N ALA C 222 -49.93 -26.05 -7.82
CA ALA C 222 -49.99 -26.97 -6.68
C ALA C 222 -49.25 -26.40 -5.48
N LEU C 223 -48.11 -25.75 -5.72
CA LEU C 223 -47.33 -25.16 -4.62
C LEU C 223 -48.08 -23.99 -3.97
N LEU C 224 -48.83 -23.22 -4.76
CA LEU C 224 -49.45 -22.01 -4.23
C LEU C 224 -50.48 -22.30 -3.15
N GLU C 225 -51.01 -23.53 -3.10
CA GLU C 225 -52.07 -23.85 -2.14
C GLU C 225 -51.60 -23.74 -0.70
N LEU C 226 -50.31 -23.91 -0.44
CA LEU C 226 -49.74 -23.93 0.92
C LEU C 226 -49.80 -22.56 1.64
N LEU C 227 -50.34 -21.49 1.01
CA LEU C 227 -50.34 -20.18 1.64
C LEU C 227 -51.21 -20.10 2.89
N ASP C 228 -52.33 -20.83 2.91
CA ASP C 228 -53.27 -20.82 4.04
C ASP C 228 -53.78 -19.40 4.30
N ASP C 229 -54.51 -18.88 3.32
CA ASP C 229 -55.08 -17.54 3.40
C ASP C 229 -56.38 -17.61 4.21
N SER C 230 -56.33 -17.10 5.44
CA SER C 230 -57.48 -17.06 6.32
C SER C 230 -57.64 -15.66 6.90
N PRO C 231 -58.88 -15.21 7.11
CA PRO C 231 -59.07 -13.86 7.66
C PRO C 231 -58.82 -13.85 9.17
N VAL C 232 -58.22 -12.75 9.64
CA VAL C 232 -57.92 -12.56 11.04
C VAL C 232 -58.37 -11.16 11.46
N THR C 233 -59.05 -11.08 12.60
CA THR C 233 -59.45 -9.81 13.16
C THR C 233 -58.29 -9.18 13.93
N PRO C 234 -58.28 -7.85 14.06
CA PRO C 234 -57.21 -7.20 14.83
C PRO C 234 -57.22 -7.64 16.28
N GLY C 235 -56.02 -7.74 16.85
CA GLY C 235 -55.88 -8.22 18.22
C GLY C 235 -55.54 -9.69 18.35
N GLU C 236 -55.28 -10.38 17.25
CA GLU C 236 -54.93 -11.79 17.28
C GLU C 236 -53.61 -12.01 16.55
N THR C 237 -52.94 -13.11 16.90
CA THR C 237 -51.66 -13.47 16.32
C THR C 237 -51.80 -14.81 15.60
N ARG C 238 -51.40 -14.83 14.33
CA ARG C 238 -51.46 -16.07 13.56
C ARG C 238 -50.36 -17.02 14.02
N PRO C 239 -50.60 -18.33 13.93
CA PRO C 239 -49.58 -19.30 14.37
C PRO C 239 -48.33 -19.24 13.52
N ALA C 240 -47.20 -19.62 14.12
CA ALA C 240 -45.94 -19.63 13.39
C ALA C 240 -46.02 -20.59 12.21
N TYR C 241 -45.42 -20.19 11.09
CA TYR C 241 -45.50 -20.94 9.84
C TYR C 241 -44.26 -21.82 9.70
N ASP C 242 -44.49 -23.08 9.32
CA ASP C 242 -43.41 -24.02 9.04
C ASP C 242 -43.81 -24.84 7.81
N GLY C 243 -43.21 -24.50 6.67
CA GLY C 243 -43.52 -25.20 5.43
C GLY C 243 -42.31 -25.37 4.54
N TYR C 244 -41.11 -25.17 5.11
CA TYR C 244 -39.89 -25.32 4.33
C TYR C 244 -39.72 -26.75 3.85
N GLU C 245 -40.01 -27.73 4.71
CA GLU C 245 -39.91 -29.14 4.35
C GLU C 245 -40.89 -29.57 3.29
N ALA C 246 -41.92 -28.75 3.01
CA ALA C 246 -42.86 -29.06 1.94
C ALA C 246 -42.52 -28.26 0.70
N SER C 247 -42.17 -26.99 0.87
CA SER C 247 -41.84 -26.14 -0.28
C SER C 247 -40.57 -26.62 -0.98
N LYS C 248 -39.53 -26.94 -0.20
CA LYS C 248 -38.29 -27.43 -0.81
C LYS C 248 -38.52 -28.76 -1.52
N GLN C 249 -39.31 -29.64 -0.91
CA GLN C 249 -39.64 -30.91 -1.56
C GLN C 249 -40.41 -30.69 -2.85
N ILE C 250 -41.35 -29.75 -2.86
CA ILE C 250 -42.11 -29.45 -4.06
C ILE C 250 -41.19 -28.93 -5.17
N ILE C 251 -40.28 -28.02 -4.82
CA ILE C 251 -39.36 -27.48 -5.81
C ILE C 251 -38.47 -28.58 -6.38
N ILE C 252 -37.92 -29.43 -5.51
CA ILE C 252 -37.05 -30.51 -5.96
C ILE C 252 -37.81 -31.48 -6.86
N ASP C 253 -39.03 -31.84 -6.47
CA ASP C 253 -39.85 -32.75 -7.27
C ASP C 253 -40.18 -32.15 -8.62
N ALA C 254 -40.50 -30.85 -8.65
CA ALA C 254 -40.80 -30.19 -9.91
C ALA C 254 -39.59 -30.19 -10.84
N GLU C 255 -38.42 -29.87 -10.29
CA GLU C 255 -37.22 -29.87 -11.12
C GLU C 255 -36.91 -31.26 -11.64
N SER C 256 -37.03 -32.28 -10.79
CA SER C 256 -36.76 -33.65 -11.22
C SER C 256 -37.74 -34.11 -12.28
N ALA C 257 -39.02 -33.79 -12.11
CA ALA C 257 -40.03 -34.18 -13.10
C ALA C 257 -39.80 -33.47 -14.43
N LEU C 258 -39.42 -32.19 -14.38
CA LEU C 258 -39.14 -31.47 -15.62
C LEU C 258 -37.92 -32.06 -16.33
N ASN C 259 -36.88 -32.41 -15.57
CA ASN C 259 -35.67 -32.97 -16.17
C ASN C 259 -35.92 -34.36 -16.75
N GLU C 260 -36.71 -35.17 -16.05
CA GLU C 260 -36.92 -36.57 -16.41
C GLU C 260 -37.76 -36.70 -17.68
N TRP C 261 -38.64 -35.73 -17.93
CA TRP C 261 -39.57 -35.82 -19.05
C TRP C 261 -38.82 -35.95 -20.37
N THR C 262 -39.32 -36.82 -21.24
CA THR C 262 -38.73 -37.08 -22.54
C THR C 262 -39.79 -36.95 -23.63
N LEU C 263 -39.34 -37.10 -24.88
CA LEU C 263 -40.25 -36.95 -26.01
C LEU C 263 -41.34 -38.01 -26.00
N ASP C 264 -40.97 -39.26 -25.70
CA ASP C 264 -41.94 -40.35 -25.70
C ASP C 264 -42.90 -40.30 -24.52
N SER C 265 -42.62 -39.45 -23.52
CA SER C 265 -43.47 -39.31 -22.35
C SER C 265 -44.49 -38.19 -22.49
N ALA C 266 -44.93 -37.89 -23.72
CA ALA C 266 -45.88 -36.81 -23.94
C ALA C 266 -47.25 -37.21 -23.42
N GLN C 267 -47.80 -36.41 -22.50
CA GLN C 267 -49.12 -36.69 -21.95
C GLN C 267 -50.25 -36.33 -22.91
N VAL C 268 -50.03 -35.34 -23.77
CA VAL C 268 -51.08 -34.89 -24.68
C VAL C 268 -51.33 -35.95 -25.74
N LYS C 269 -52.60 -36.31 -25.93
CA LYS C 269 -53.00 -37.30 -26.92
C LYS C 269 -54.06 -36.69 -27.82
N PRO C 270 -53.67 -36.07 -28.93
CA PRO C 270 -54.66 -35.48 -29.84
C PRO C 270 -55.58 -36.52 -30.42
N THR C 271 -56.83 -36.11 -30.63
CA THR C 271 -57.85 -37.01 -31.17
C THR C 271 -57.73 -37.12 -32.69
N MET D 1 3.06 -25.12 23.34
CA MET D 1 4.04 -24.96 22.27
C MET D 1 5.31 -25.73 22.58
N HIS D 2 6.25 -25.72 21.63
CA HIS D 2 7.51 -26.43 21.79
C HIS D 2 8.55 -25.61 22.55
N ARG D 3 8.31 -24.32 22.79
CA ARG D 3 9.23 -23.48 23.53
C ARG D 3 9.22 -23.79 25.03
N THR D 4 8.22 -24.52 25.52
CA THR D 4 8.05 -24.69 26.96
C THR D 4 9.02 -25.71 27.56
N TYR D 5 9.79 -26.43 26.74
CA TYR D 5 10.90 -27.21 27.27
C TYR D 5 12.18 -27.08 26.44
N SER D 6 12.29 -26.08 25.57
CA SER D 6 13.47 -25.94 24.72
C SER D 6 13.88 -24.47 24.65
N LEU D 7 15.17 -24.26 24.40
CA LEU D 7 15.71 -22.92 24.21
C LEU D 7 15.61 -22.44 22.76
N ARG D 8 15.27 -23.33 21.83
CA ARG D 8 15.17 -22.97 20.43
C ARG D 8 13.73 -23.11 19.95
N ASN D 9 13.36 -22.30 18.96
CA ASN D 9 12.01 -22.28 18.43
C ASN D 9 11.68 -23.52 17.61
N SER D 10 12.66 -24.38 17.35
CA SER D 10 12.40 -25.60 16.59
C SER D 10 11.40 -26.49 17.32
N ARG D 11 10.58 -27.19 16.55
CA ARG D 11 9.48 -27.99 17.07
C ARG D 11 9.93 -29.43 17.26
N ALA D 12 9.66 -29.99 18.44
CA ALA D 12 10.00 -31.38 18.71
C ALA D 12 9.12 -32.31 17.89
N PRO D 13 9.63 -33.49 17.53
CA PRO D 13 8.81 -34.44 16.76
C PRO D 13 7.56 -34.85 17.53
N THR D 14 6.46 -35.03 16.79
CA THR D 14 5.18 -35.43 17.35
C THR D 14 4.69 -36.67 16.62
N ALA D 15 3.46 -37.08 16.94
CA ALA D 15 2.88 -38.26 16.28
C ALA D 15 2.70 -38.03 14.79
N SER D 16 2.21 -36.85 14.40
CA SER D 16 2.06 -36.53 12.99
C SER D 16 3.43 -36.48 12.29
N GLN D 17 4.42 -35.89 12.94
CA GLN D 17 5.76 -35.82 12.37
C GLN D 17 6.38 -37.21 12.26
N LEU D 18 6.12 -38.08 13.24
CA LEU D 18 6.61 -39.45 13.18
C LEU D 18 5.95 -40.22 12.04
N GLN D 19 4.63 -40.04 11.86
CA GLN D 19 3.92 -40.76 10.81
C GLN D 19 4.32 -40.27 9.43
N ASN D 20 4.40 -38.94 9.24
CA ASN D 20 4.74 -38.35 7.96
C ASN D 20 5.80 -37.28 8.18
N PRO D 21 6.81 -37.20 7.32
CA PRO D 21 7.84 -36.18 7.51
C PRO D 21 7.24 -34.79 7.41
N PRO D 22 7.83 -33.82 8.11
CA PRO D 22 7.30 -32.45 8.07
C PRO D 22 7.30 -31.90 6.65
N PRO D 23 6.30 -31.11 6.29
CA PRO D 23 6.22 -30.56 4.93
C PRO D 23 7.39 -29.63 4.64
N PRO D 24 7.86 -29.58 3.41
CA PRO D 24 8.95 -28.67 3.05
C PRO D 24 8.51 -27.22 3.21
N PRO D 25 9.44 -26.32 3.54
CA PRO D 25 9.07 -24.92 3.73
C PRO D 25 8.75 -24.24 2.41
N SER D 26 8.24 -23.02 2.52
CA SER D 26 7.87 -22.25 1.33
C SER D 26 9.09 -21.92 0.50
N THR D 27 8.89 -21.82 -0.82
CA THR D 27 10.01 -21.55 -1.71
C THR D 27 10.60 -20.16 -1.47
N THR D 28 9.74 -19.16 -1.26
CA THR D 28 10.18 -17.79 -1.05
C THR D 28 9.71 -17.30 0.32
N LYS D 29 10.62 -16.64 1.04
CA LYS D 29 10.32 -16.04 2.35
C LYS D 29 10.92 -14.63 2.38
N GLY D 30 10.12 -13.65 1.97
CA GLY D 30 10.61 -12.28 1.96
C GLY D 30 10.68 -11.70 3.36
N ARG D 31 11.75 -10.97 3.64
CA ARG D 31 11.94 -10.32 4.94
C ARG D 31 11.26 -8.96 4.91
N PHE D 32 9.93 -8.99 5.00
CA PHE D 32 9.12 -7.78 4.98
C PHE D 32 7.91 -7.98 5.88
N PHE D 33 7.36 -6.86 6.36
CA PHE D 33 6.17 -6.93 7.21
C PHE D 33 4.97 -7.49 6.46
N GLY D 34 4.80 -7.10 5.20
CA GLY D 34 3.69 -7.55 4.40
C GLY D 34 2.41 -6.76 4.59
N LYS D 35 2.41 -5.76 5.47
CA LYS D 35 1.20 -4.95 5.67
C LYS D 35 0.86 -4.16 4.41
N GLY D 36 1.87 -3.60 3.74
CA GLY D 36 1.67 -2.83 2.54
C GLY D 36 1.27 -1.39 2.77
N GLY D 37 1.18 -0.95 4.01
CA GLY D 37 0.80 0.43 4.29
C GLY D 37 1.14 0.81 5.72
N LEU D 38 1.20 2.12 5.95
CA LEU D 38 1.51 2.68 7.25
C LEU D 38 0.27 2.83 8.13
N ALA D 39 -0.91 2.46 7.60
CA ALA D 39 -2.15 2.65 8.32
C ALA D 39 -2.19 1.83 9.61
N TYR D 40 -1.70 0.59 9.58
CA TYR D 40 -1.71 -0.25 10.77
C TYR D 40 -0.89 0.37 11.89
N SER D 41 0.35 0.75 11.58
CA SER D 41 1.22 1.35 12.59
C SER D 41 0.67 2.68 13.08
N PHE D 42 0.11 3.48 12.17
CA PHE D 42 -0.45 4.77 12.55
C PHE D 42 -1.62 4.59 13.52
N ARG D 43 -2.51 3.64 13.22
CA ARG D 43 -3.64 3.38 14.10
C ARG D 43 -3.19 2.83 15.44
N ARG D 44 -2.17 1.96 15.43
CA ARG D 44 -1.66 1.42 16.68
C ARG D 44 -1.04 2.51 17.55
N SER D 45 -0.32 3.45 16.93
CA SER D 45 0.39 4.47 17.68
C SER D 45 -0.51 5.62 18.11
N ALA D 46 -1.59 5.90 17.37
CA ALA D 46 -2.45 7.03 17.70
C ALA D 46 -3.45 6.74 18.81
N ALA D 47 -3.57 5.49 19.25
CA ALA D 47 -4.56 5.16 20.27
C ALA D 47 -4.21 5.78 21.61
N GLY D 48 -2.94 5.70 22.02
CA GLY D 48 -2.50 6.18 23.31
C GLY D 48 -2.03 7.62 23.35
N ALA D 49 -2.23 8.38 22.28
CA ALA D 49 -1.74 9.75 22.24
C ALA D 49 -2.47 10.64 23.25
N PHE D 50 -3.78 10.44 23.40
CA PHE D 50 -4.59 11.31 24.25
C PHE D 50 -5.45 10.56 25.26
N GLY D 51 -5.60 9.25 25.14
CA GLY D 51 -6.46 8.50 26.02
C GLY D 51 -5.94 8.41 27.45
N PRO D 52 -6.82 8.07 28.38
CA PRO D 52 -6.39 7.92 29.78
C PRO D 52 -5.40 6.77 29.93
N GLU D 53 -4.54 6.89 30.93
CA GLU D 53 -3.47 5.91 31.14
C GLU D 53 -4.03 4.53 31.50
N LEU D 54 -5.09 4.47 32.32
CA LEU D 54 -5.58 3.18 32.80
C LEU D 54 -6.14 2.33 31.66
N SER D 55 -6.88 2.95 30.74
CA SER D 55 -7.56 2.22 29.68
C SER D 55 -6.72 2.06 28.42
N ARG D 56 -5.49 2.58 28.41
CA ARG D 56 -4.66 2.50 27.22
C ARG D 56 -4.30 1.05 26.88
N LYS D 57 -3.99 0.24 27.90
CA LYS D 57 -3.54 -1.12 27.66
C LYS D 57 -4.61 -1.94 26.95
N LEU D 58 -5.86 -1.84 27.41
CA LEU D 58 -6.94 -2.58 26.76
C LEU D 58 -7.35 -1.94 25.45
N SER D 59 -7.27 -0.61 25.35
CA SER D 59 -7.65 0.07 24.12
C SER D 59 -6.70 -0.27 22.97
N GLN D 60 -5.45 -0.61 23.29
CA GLN D 60 -4.49 -0.95 22.24
C GLN D 60 -4.86 -2.26 21.55
N LEU D 61 -5.55 -3.17 22.24
CA LEU D 61 -5.84 -4.48 21.68
C LEU D 61 -6.97 -4.42 20.65
N VAL D 62 -7.88 -3.45 20.80
CA VAL D 62 -9.03 -3.36 19.90
C VAL D 62 -8.58 -3.12 18.46
N LYS D 63 -7.57 -2.26 18.28
CA LYS D 63 -7.10 -1.96 16.92
C LYS D 63 -6.51 -3.19 16.25
N ILE D 64 -5.69 -3.95 16.98
CA ILE D 64 -5.09 -5.15 16.38
C ILE D 64 -6.16 -6.22 16.15
N GLU D 65 -7.19 -6.28 17.00
CA GLU D 65 -8.28 -7.20 16.74
C GLU D 65 -9.04 -6.82 15.46
N LYS D 66 -9.25 -5.51 15.25
CA LYS D 66 -9.87 -5.06 14.01
C LYS D 66 -9.00 -5.41 12.81
N ASN D 67 -7.68 -5.26 12.95
CA ASN D 67 -6.77 -5.66 11.88
C ASN D 67 -6.88 -7.15 11.58
N VAL D 68 -6.98 -7.97 12.63
CA VAL D 68 -7.18 -9.41 12.45
C VAL D 68 -8.47 -9.67 11.68
N LEU D 69 -9.54 -8.97 12.05
CA LEU D 69 -10.82 -9.14 11.36
C LEU D 69 -10.71 -8.78 9.89
N ARG D 70 -10.04 -7.67 9.58
CA ARG D 70 -9.90 -7.25 8.19
C ARG D 70 -9.07 -8.26 7.40
N SER D 71 -7.99 -8.76 7.99
CA SER D 71 -7.16 -9.75 7.30
C SER D 71 -7.94 -11.04 7.04
N MET D 72 -8.74 -11.47 8.03
CA MET D 72 -9.57 -12.66 7.82
C MET D 72 -10.59 -12.44 6.72
N GLU D 73 -11.17 -11.24 6.66
CA GLU D 73 -12.11 -10.92 5.60
C GLU D 73 -11.45 -10.99 4.22
N LEU D 74 -10.23 -10.45 4.12
CA LEU D 74 -9.51 -10.53 2.85
C LEU D 74 -9.20 -11.97 2.47
N THR D 75 -8.78 -12.78 3.45
CA THR D 75 -8.52 -14.19 3.19
C THR D 75 -9.76 -14.90 2.67
N ALA D 76 -10.90 -14.67 3.34
CA ALA D 76 -12.14 -15.31 2.92
C ALA D 76 -12.55 -14.88 1.52
N ASN D 77 -12.40 -13.58 1.22
CA ASN D 77 -12.76 -13.09 -0.10
C ASN D 77 -11.90 -13.72 -1.18
N GLU D 78 -10.59 -13.82 -0.95
CA GLU D 78 -9.71 -14.40 -1.95
C GLU D 78 -9.97 -15.89 -2.13
N ARG D 79 -10.22 -16.61 -1.03
CA ARG D 79 -10.54 -18.02 -1.14
C ARG D 79 -11.86 -18.24 -1.89
N ARG D 80 -12.84 -17.36 -1.66
CA ARG D 80 -14.09 -17.43 -2.41
C ARG D 80 -13.83 -17.17 -3.90
N ASP D 81 -12.95 -16.22 -4.21
CA ASP D 81 -12.66 -15.91 -5.60
C ASP D 81 -11.97 -17.09 -6.31
N ALA D 82 -11.10 -17.80 -5.59
CA ALA D 82 -10.34 -18.89 -6.21
C ALA D 82 -11.24 -20.00 -6.73
N ALA D 83 -12.38 -20.25 -6.06
CA ALA D 83 -13.27 -21.32 -6.46
C ALA D 83 -13.86 -21.07 -7.84
N LYS D 84 -14.15 -19.81 -8.18
CA LYS D 84 -14.68 -19.50 -9.49
C LYS D 84 -13.70 -19.89 -10.60
N GLN D 85 -12.42 -19.54 -10.41
CA GLN D 85 -11.41 -19.90 -11.40
C GLN D 85 -11.24 -21.42 -11.48
N LEU D 86 -11.25 -22.09 -10.32
CA LEU D 86 -11.16 -23.54 -10.33
C LEU D 86 -12.31 -24.16 -11.12
N SER D 87 -13.51 -23.61 -10.95
CA SER D 87 -14.68 -24.14 -11.66
C SER D 87 -14.61 -23.89 -13.15
N ILE D 88 -14.22 -22.66 -13.55
CA ILE D 88 -14.20 -22.37 -14.99
C ILE D 88 -13.10 -23.14 -15.70
N TRP D 89 -11.99 -23.44 -15.00
CA TRP D 89 -10.93 -24.22 -15.64
C TRP D 89 -11.41 -25.57 -16.15
N GLY D 90 -12.43 -26.14 -15.51
CA GLY D 90 -12.86 -27.49 -15.86
C GLY D 90 -13.66 -27.60 -17.13
N LEU D 91 -13.98 -26.49 -17.78
CA LEU D 91 -14.79 -26.55 -19.00
C LEU D 91 -14.07 -27.29 -20.11
N GLU D 92 -12.78 -27.00 -20.30
CA GLU D 92 -11.99 -27.61 -21.38
C GLU D 92 -11.25 -28.82 -20.84
N ASN D 93 -11.99 -29.90 -20.62
CA ASN D 93 -11.44 -31.16 -20.12
C ASN D 93 -12.50 -32.24 -20.35
N ASP D 94 -12.26 -33.42 -19.77
CA ASP D 94 -13.21 -34.52 -19.89
C ASP D 94 -14.47 -34.22 -19.09
N ASP D 95 -15.56 -34.90 -19.46
CA ASP D 95 -16.85 -34.64 -18.82
C ASP D 95 -16.83 -34.98 -17.34
N ASP D 96 -16.22 -36.11 -16.97
CA ASP D 96 -16.13 -36.47 -15.55
C ASP D 96 -15.32 -35.46 -14.77
N VAL D 97 -14.20 -35.01 -15.34
CA VAL D 97 -13.37 -34.00 -14.68
C VAL D 97 -14.16 -32.70 -14.51
N SER D 98 -14.90 -32.30 -15.53
CA SER D 98 -15.68 -31.07 -15.46
C SER D 98 -16.75 -31.16 -14.37
N ASP D 99 -17.47 -32.28 -14.31
CA ASP D 99 -18.53 -32.43 -13.32
C ASP D 99 -17.96 -32.45 -11.90
N ILE D 100 -16.89 -33.22 -11.69
CA ILE D 100 -16.26 -33.28 -10.37
C ILE D 100 -15.74 -31.90 -9.99
N THR D 101 -15.15 -31.18 -10.95
CA THR D 101 -14.64 -29.84 -10.67
C THR D 101 -15.76 -28.90 -10.25
N ASP D 102 -16.89 -28.92 -10.95
CA ASP D 102 -18.00 -28.03 -10.60
C ASP D 102 -18.53 -28.34 -9.20
N LYS D 103 -18.75 -29.62 -8.91
CA LYS D 103 -19.33 -29.98 -7.61
C LYS D 103 -18.38 -29.64 -6.47
N LEU D 104 -17.11 -30.04 -6.60
CA LEU D 104 -16.16 -29.70 -5.54
C LEU D 104 -15.94 -28.20 -5.48
N GLY D 105 -16.15 -27.50 -6.59
CA GLY D 105 -16.02 -26.05 -6.56
C GLY D 105 -17.08 -25.39 -5.72
N VAL D 106 -18.33 -25.83 -5.86
CA VAL D 106 -19.37 -25.27 -4.98
C VAL D 106 -19.12 -25.72 -3.54
N LEU D 107 -18.65 -26.95 -3.36
CA LEU D 107 -18.39 -27.46 -2.03
C LEU D 107 -17.32 -26.64 -1.31
N ILE D 108 -16.28 -26.23 -2.03
CA ILE D 108 -15.22 -25.42 -1.44
C ILE D 108 -15.58 -23.94 -1.38
N TYR D 109 -16.47 -23.48 -2.25
CA TYR D 109 -17.00 -22.13 -2.17
C TYR D 109 -17.92 -21.94 -0.98
N GLU D 110 -18.47 -23.03 -0.44
CA GLU D 110 -19.29 -22.97 0.76
C GLU D 110 -18.58 -22.32 1.95
N VAL D 111 -17.25 -22.42 2.00
CA VAL D 111 -16.45 -22.00 3.15
C VAL D 111 -16.62 -20.52 3.48
N SER D 112 -16.84 -19.70 2.45
CA SER D 112 -16.83 -18.24 2.63
C SER D 112 -17.96 -17.79 3.56
N GLU D 113 -19.14 -18.40 3.45
CA GLU D 113 -20.25 -18.02 4.33
C GLU D 113 -19.92 -18.32 5.79
N LEU D 114 -19.34 -19.49 6.06
CA LEU D 114 -18.94 -19.82 7.41
C LEU D 114 -17.90 -18.83 7.94
N ASP D 115 -16.95 -18.46 7.08
CA ASP D 115 -15.95 -17.48 7.49
C ASP D 115 -16.59 -16.14 7.82
N ASP D 116 -17.57 -15.71 7.03
CA ASP D 116 -18.25 -14.44 7.28
C ASP D 116 -19.02 -14.48 8.61
N GLN D 117 -19.70 -15.59 8.88
CA GLN D 117 -20.41 -15.72 10.15
C GLN D 117 -19.45 -15.68 11.33
N PHE D 118 -18.33 -16.39 11.22
CA PHE D 118 -17.32 -16.34 12.27
C PHE D 118 -16.79 -14.93 12.45
N ILE D 119 -16.63 -14.19 11.35
CA ILE D 119 -16.16 -12.80 11.43
C ILE D 119 -17.16 -11.94 12.18
N ASP D 120 -18.45 -12.13 11.90
CA ASP D 120 -19.48 -11.35 12.60
C ASP D 120 -19.47 -11.64 14.10
N ARG D 121 -19.36 -12.91 14.48
CA ARG D 121 -19.32 -13.24 15.90
C ARG D 121 -18.06 -12.70 16.57
N TYR D 122 -16.93 -12.72 15.85
CA TYR D 122 -15.70 -12.09 16.33
C TYR D 122 -15.92 -10.60 16.55
N ASP D 123 -16.65 -9.95 15.64
CA ASP D 123 -16.94 -8.53 15.80
C ASP D 123 -17.78 -8.26 17.04
N GLN D 124 -18.76 -9.13 17.32
CA GLN D 124 -19.54 -8.96 18.54
C GLN D 124 -18.68 -9.10 19.79
N TYR D 125 -17.79 -10.10 19.81
CA TYR D 125 -16.88 -10.27 20.94
C TYR D 125 -15.99 -9.04 21.11
N ARG D 126 -15.47 -8.50 19.99
CA ARG D 126 -14.69 -7.28 20.05
C ARG D 126 -15.51 -6.11 20.59
N LEU D 127 -16.80 -6.06 20.24
CA LEU D 127 -17.65 -4.99 20.74
C LEU D 127 -17.77 -5.05 22.26
N THR D 128 -17.96 -6.24 22.81
CA THR D 128 -18.03 -6.34 24.27
C THR D 128 -16.71 -5.98 24.93
N LEU D 129 -15.60 -6.46 24.36
CA LEU D 129 -14.29 -6.12 24.90
C LEU D 129 -14.04 -4.62 24.84
N LYS D 130 -14.55 -3.96 23.80
CA LYS D 130 -14.51 -2.50 23.74
C LYS D 130 -15.36 -1.88 24.85
N SER D 131 -16.55 -2.44 25.08
CA SER D 131 -17.44 -1.92 26.12
C SER D 131 -16.79 -1.91 27.50
N ILE D 132 -15.89 -2.87 27.76
CA ILE D 132 -15.15 -2.84 29.02
C ILE D 132 -14.32 -1.55 29.16
N ARG D 133 -13.71 -1.11 28.06
CA ARG D 133 -12.80 0.04 28.10
C ARG D 133 -13.52 1.32 28.53
N ASP D 134 -14.79 1.46 28.16
CA ASP D 134 -15.55 2.64 28.54
C ASP D 134 -15.64 2.76 30.05
N ILE D 135 -15.97 1.67 30.74
CA ILE D 135 -16.08 1.70 32.19
C ILE D 135 -14.72 1.94 32.83
N GLU D 136 -13.66 1.33 32.26
CA GLU D 136 -12.32 1.59 32.80
C GLU D 136 -11.96 3.08 32.71
N GLY D 137 -12.19 3.68 31.54
CA GLY D 137 -11.82 5.08 31.35
C GLY D 137 -12.73 6.02 32.12
N SER D 138 -13.94 5.59 32.44
CA SER D 138 -14.79 6.39 33.33
C SER D 138 -14.33 6.28 34.77
N VAL D 139 -13.79 5.12 35.16
CA VAL D 139 -13.34 4.94 36.53
C VAL D 139 -12.09 5.75 36.83
N GLN D 140 -11.16 5.84 35.88
CA GLN D 140 -9.87 6.48 36.15
C GLN D 140 -9.98 7.91 36.71
N PRO D 141 -10.72 8.84 36.10
CA PRO D 141 -10.69 10.24 36.59
C PRO D 141 -11.20 10.39 38.02
N SER D 142 -12.18 9.57 38.43
CA SER D 142 -12.67 9.65 39.79
C SER D 142 -11.58 9.28 40.78
N ARG D 143 -10.71 8.34 40.40
CA ARG D 143 -9.60 7.96 41.28
C ARG D 143 -8.51 9.04 41.30
N ASP D 144 -8.28 9.71 40.16
CA ASP D 144 -7.18 10.68 40.11
C ASP D 144 -7.38 11.83 41.09
N ARG D 145 -8.60 12.37 41.16
CA ARG D 145 -8.84 13.57 41.96
C ARG D 145 -8.65 13.30 43.46
N LYS D 146 -9.12 12.14 43.93
CA LYS D 146 -8.96 11.80 45.34
C LYS D 146 -7.49 11.74 45.73
N ASP D 147 -6.65 11.18 44.85
CA ASP D 147 -5.23 11.15 45.11
C ASP D 147 -4.63 12.56 45.12
N LYS D 148 -5.07 13.41 44.18
CA LYS D 148 -4.47 14.74 44.08
C LYS D 148 -4.79 15.59 45.31
N ILE D 149 -6.05 15.55 45.77
CA ILE D 149 -6.47 16.39 46.88
C ILE D 149 -5.93 15.85 48.20
N THR D 150 -5.22 14.72 48.15
CA THR D 150 -4.46 14.21 49.29
C THR D 150 -3.07 14.81 49.38
N ASP D 151 -2.33 14.84 48.27
CA ASP D 151 -1.08 15.57 48.24
C ASP D 151 -1.31 17.04 48.54
N LYS D 152 -2.44 17.60 48.10
CA LYS D 152 -2.73 19.00 48.39
C LYS D 152 -2.81 19.26 49.89
N ILE D 153 -3.61 18.45 50.61
CA ILE D 153 -3.77 18.67 52.04
C ILE D 153 -2.48 18.37 52.78
N ALA D 154 -1.73 17.36 52.31
CA ALA D 154 -0.44 17.07 52.94
C ALA D 154 0.51 18.26 52.84
N TYR D 155 0.61 18.85 51.64
CA TYR D 155 1.49 20.00 51.44
C TYR D 155 1.04 21.19 52.27
N LEU D 156 -0.27 21.45 52.30
CA LEU D 156 -0.77 22.59 53.07
C LEU D 156 -0.59 22.39 54.57
N LYS D 157 -0.69 21.15 55.05
CA LYS D 157 -0.39 20.87 56.46
C LYS D 157 1.10 21.08 56.74
N TYR D 158 1.96 20.67 55.80
CA TYR D 158 3.39 20.90 55.98
C TYR D 158 3.71 22.38 56.06
N LYS D 159 3.08 23.20 55.20
CA LYS D 159 3.40 24.63 55.17
C LYS D 159 3.07 25.30 56.49
N ASP D 160 1.85 25.09 57.00
CA ASP D 160 1.46 25.62 58.31
C ASP D 160 0.24 24.86 58.83
N PRO D 161 0.31 24.33 60.04
CA PRO D 161 -0.81 23.56 60.58
C PRO D 161 -1.94 24.40 61.16
N GLN D 162 -1.82 25.72 61.14
CA GLN D 162 -2.83 26.60 61.72
C GLN D 162 -3.85 27.09 60.70
N SER D 163 -3.74 26.66 59.45
CA SER D 163 -4.70 27.09 58.42
C SER D 163 -6.06 26.45 58.68
N PRO D 164 -7.15 27.15 58.35
CA PRO D 164 -8.49 26.59 58.56
C PRO D 164 -8.97 25.66 57.46
N LYS D 165 -8.17 25.46 56.40
CA LYS D 165 -8.58 24.61 55.29
C LYS D 165 -8.37 23.13 55.56
N ILE D 166 -7.75 22.78 56.68
CA ILE D 166 -7.43 21.38 56.98
C ILE D 166 -8.70 20.54 57.06
N GLU D 167 -9.71 21.04 57.80
CA GLU D 167 -10.91 20.25 58.04
C GLU D 167 -11.73 20.06 56.77
N VAL D 168 -11.87 21.12 55.95
CA VAL D 168 -12.65 20.99 54.73
C VAL D 168 -11.92 20.09 53.73
N LEU D 169 -10.59 20.23 53.64
CA LEU D 169 -9.83 19.35 52.76
C LEU D 169 -9.94 17.90 53.21
N GLU D 170 -9.88 17.65 54.52
CA GLU D 170 -10.00 16.28 55.03
C GLU D 170 -11.38 15.69 54.73
N GLN D 171 -12.43 16.48 54.87
CA GLN D 171 -13.76 15.96 54.58
C GLN D 171 -13.94 15.70 53.08
N GLU D 172 -13.41 16.58 52.24
CA GLU D 172 -13.43 16.31 50.80
C GLU D 172 -12.68 15.02 50.49
N LEU D 173 -11.57 14.79 51.18
CA LEU D 173 -10.85 13.53 51.04
C LEU D 173 -11.72 12.35 51.43
N VAL D 174 -12.47 12.48 52.53
CA VAL D 174 -13.33 11.38 52.98
C VAL D 174 -14.41 11.07 51.94
N ARG D 175 -15.09 12.10 51.42
CA ARG D 175 -16.14 11.87 50.44
C ARG D 175 -15.57 11.25 49.16
N ALA D 176 -14.45 11.79 48.68
CA ALA D 176 -13.83 11.22 47.49
C ALA D 176 -13.37 9.79 47.72
N GLU D 177 -12.93 9.49 48.95
CA GLU D 177 -12.53 8.13 49.29
C GLU D 177 -13.70 7.16 49.23
N ALA D 178 -14.86 7.57 49.76
CA ALA D 178 -16.03 6.70 49.68
C ALA D 178 -16.43 6.46 48.23
N GLU D 179 -16.48 7.52 47.42
CA GLU D 179 -16.84 7.35 46.02
C GLU D 179 -15.84 6.45 45.29
N SER D 180 -14.55 6.64 45.57
CA SER D 180 -13.52 5.82 44.94
C SER D 180 -13.64 4.36 45.35
N LEU D 181 -13.97 4.10 46.62
CA LEU D 181 -14.16 2.73 47.07
C LEU D 181 -15.30 2.05 46.31
N VAL D 182 -16.43 2.74 46.17
CA VAL D 182 -17.56 2.16 45.43
C VAL D 182 -17.16 1.89 43.99
N ALA D 183 -16.50 2.86 43.34
CA ALA D 183 -16.10 2.71 41.95
C ALA D 183 -15.12 1.55 41.79
N GLU D 184 -14.15 1.43 42.70
CA GLU D 184 -13.15 0.37 42.66
C GLU D 184 -13.76 -1.01 42.83
N ALA D 185 -14.74 -1.17 43.71
CA ALA D 185 -15.43 -2.46 43.81
C ALA D 185 -16.19 -2.81 42.53
N GLN D 186 -16.99 -1.87 42.02
CA GLN D 186 -17.80 -2.19 40.85
C GLN D 186 -16.93 -2.45 39.63
N LEU D 187 -15.78 -1.77 39.55
CA LEU D 187 -14.89 -1.97 38.40
C LEU D 187 -14.45 -3.42 38.30
N SER D 188 -13.98 -3.99 39.41
CA SER D 188 -13.58 -5.40 39.43
C SER D 188 -14.75 -6.30 39.12
N ASN D 189 -15.91 -6.04 39.74
CA ASN D 189 -17.09 -6.85 39.46
C ASN D 189 -17.39 -6.90 37.96
N ILE D 190 -17.47 -5.72 37.34
CA ILE D 190 -17.87 -5.61 35.94
C ILE D 190 -16.84 -6.24 35.03
N THR D 191 -15.54 -5.99 35.28
CA THR D 191 -14.55 -6.54 34.38
C THR D 191 -14.54 -8.06 34.44
N ARG D 192 -14.67 -8.64 35.64
CA ARG D 192 -14.73 -10.10 35.72
C ARG D 192 -15.92 -10.65 34.95
N SER D 193 -17.12 -10.10 35.21
CA SER D 193 -18.32 -10.64 34.57
C SER D 193 -18.25 -10.50 33.06
N LYS D 194 -17.88 -9.32 32.57
CA LYS D 194 -17.85 -9.08 31.12
C LYS D 194 -16.79 -9.94 30.44
N LEU D 195 -15.60 -10.07 31.06
CA LEU D 195 -14.58 -10.93 30.47
C LEU D 195 -15.08 -12.36 30.34
N ARG D 196 -15.67 -12.90 31.42
CA ARG D 196 -16.15 -14.28 31.34
C ARG D 196 -17.21 -14.45 30.25
N ALA D 197 -18.21 -13.56 30.23
CA ALA D 197 -19.30 -13.72 29.27
C ALA D 197 -18.79 -13.61 27.83
N ALA D 198 -18.02 -12.56 27.54
CA ALA D 198 -17.53 -12.36 26.19
C ALA D 198 -16.63 -13.50 25.75
N PHE D 199 -15.79 -14.01 26.65
CA PHE D 199 -14.81 -15.00 26.23
C PHE D 199 -15.47 -16.35 26.02
N ASN D 200 -16.50 -16.67 26.81
CA ASN D 200 -17.31 -17.86 26.51
C ASN D 200 -17.99 -17.72 25.15
N TYR D 201 -18.57 -16.55 24.87
CA TYR D 201 -19.22 -16.33 23.58
C TYR D 201 -18.25 -16.50 22.44
N GLN D 202 -17.03 -15.98 22.59
CA GLN D 202 -16.01 -16.10 21.56
C GLN D 202 -15.50 -17.52 21.39
N PHE D 203 -15.40 -18.30 22.48
CA PHE D 203 -14.93 -19.67 22.39
C PHE D 203 -15.95 -20.63 21.80
N ASP D 204 -17.25 -20.35 21.94
CA ASP D 204 -18.24 -21.23 21.33
C ASP D 204 -18.25 -21.15 19.80
N SER D 205 -18.13 -19.92 19.27
CA SER D 205 -18.24 -19.73 17.82
C SER D 205 -17.12 -20.44 17.08
N ILE D 206 -15.90 -20.39 17.62
CA ILE D 206 -14.76 -20.96 16.92
C ILE D 206 -14.89 -22.48 16.82
N ILE D 207 -15.33 -23.14 17.89
CA ILE D 207 -15.48 -24.59 17.81
C ILE D 207 -16.64 -24.97 16.89
N GLU D 208 -17.73 -24.18 16.91
CA GLU D 208 -18.82 -24.45 15.98
C GLU D 208 -18.33 -24.36 14.53
N HIS D 209 -17.62 -23.29 14.20
CA HIS D 209 -17.13 -23.10 12.83
C HIS D 209 -16.14 -24.19 12.45
N SER D 210 -15.25 -24.57 13.38
CA SER D 210 -14.28 -25.62 13.09
C SER D 210 -14.96 -26.95 12.81
N GLU D 211 -15.99 -27.29 13.59
CA GLU D 211 -16.70 -28.54 13.35
C GLU D 211 -17.41 -28.52 12.01
N LYS D 212 -18.04 -27.39 11.66
CA LYS D 212 -18.69 -27.30 10.35
C LYS D 212 -17.68 -27.45 9.22
N ILE D 213 -16.52 -26.80 9.34
CA ILE D 213 -15.49 -26.89 8.31
C ILE D 213 -14.99 -28.33 8.19
N ALA D 214 -14.79 -29.01 9.33
CA ALA D 214 -14.34 -30.40 9.29
C ALA D 214 -15.37 -31.29 8.60
N LEU D 215 -16.65 -31.07 8.89
CA LEU D 215 -17.69 -31.86 8.22
C LEU D 215 -17.67 -31.63 6.72
N ILE D 216 -17.54 -30.37 6.30
CA ILE D 216 -17.50 -30.07 4.86
C ILE D 216 -16.30 -30.73 4.21
N ALA D 217 -15.14 -30.67 4.87
CA ALA D 217 -13.93 -31.28 4.31
C ALA D 217 -14.08 -32.78 4.20
N GLY D 218 -14.66 -33.43 5.22
CA GLY D 218 -14.88 -34.87 5.15
C GLY D 218 -15.81 -35.26 4.02
N TYR D 219 -16.89 -34.50 3.85
CA TYR D 219 -17.82 -34.79 2.75
C TYR D 219 -17.15 -34.60 1.40
N GLY D 220 -16.33 -33.56 1.26
CA GLY D 220 -15.60 -33.38 0.00
C GLY D 220 -14.63 -34.50 -0.28
N LYS D 221 -13.91 -34.95 0.75
CA LYS D 221 -12.97 -36.06 0.57
C LYS D 221 -13.72 -37.34 0.18
N ALA D 222 -14.89 -37.56 0.79
CA ALA D 222 -15.71 -38.71 0.40
C ALA D 222 -16.15 -38.60 -1.05
N LEU D 223 -16.52 -37.40 -1.49
CA LEU D 223 -16.97 -37.20 -2.87
C LEU D 223 -15.83 -37.42 -3.86
N LEU D 224 -14.60 -37.06 -3.49
CA LEU D 224 -13.49 -37.09 -4.44
C LEU D 224 -13.18 -38.52 -4.90
N GLU D 225 -13.59 -39.53 -4.14
CA GLU D 225 -13.24 -40.91 -4.47
C GLU D 225 -13.84 -41.36 -5.80
N LEU D 226 -14.96 -40.76 -6.21
CA LEU D 226 -15.71 -41.15 -7.41
C LEU D 226 -14.95 -40.86 -8.73
N LEU D 227 -13.74 -40.31 -8.70
CA LEU D 227 -13.04 -39.95 -9.93
C LEU D 227 -12.63 -41.16 -10.77
N ASP D 228 -12.30 -42.29 -10.14
CA ASP D 228 -11.86 -43.50 -10.82
C ASP D 228 -10.64 -43.22 -11.70
N ASP D 229 -9.54 -42.86 -11.04
CA ASP D 229 -8.29 -42.56 -11.71
C ASP D 229 -7.57 -43.87 -12.02
N SER D 230 -7.57 -44.25 -13.30
CA SER D 230 -6.90 -45.46 -13.74
C SER D 230 -6.03 -45.14 -14.96
N PRO D 231 -4.87 -45.80 -15.09
CA PRO D 231 -4.01 -45.52 -16.24
C PRO D 231 -4.52 -46.18 -17.51
N VAL D 232 -4.37 -45.49 -18.63
CA VAL D 232 -4.81 -45.97 -19.93
C VAL D 232 -3.68 -45.75 -20.94
N THR D 233 -3.39 -46.77 -21.73
CA THR D 233 -2.40 -46.66 -22.79
C THR D 233 -3.03 -46.01 -24.02
N PRO D 234 -2.22 -45.38 -24.87
CA PRO D 234 -2.78 -44.77 -26.09
C PRO D 234 -3.38 -45.81 -27.00
N GLY D 235 -4.46 -45.43 -27.68
CA GLY D 235 -5.20 -46.33 -28.54
C GLY D 235 -6.41 -46.99 -27.91
N GLU D 236 -6.79 -46.57 -26.71
CA GLU D 236 -7.95 -47.11 -26.02
C GLU D 236 -8.89 -45.99 -25.62
N THR D 237 -10.16 -46.33 -25.45
CA THR D 237 -11.20 -45.38 -25.07
C THR D 237 -11.79 -45.78 -23.72
N ARG D 238 -11.79 -44.84 -22.79
CA ARG D 238 -12.37 -45.10 -21.48
C ARG D 238 -13.89 -45.17 -21.57
N PRO D 239 -14.53 -45.96 -20.71
CA PRO D 239 -15.99 -46.07 -20.77
C PRO D 239 -16.67 -44.76 -20.41
N ALA D 240 -17.88 -44.58 -20.93
CA ALA D 240 -18.65 -43.38 -20.64
C ALA D 240 -18.93 -43.28 -19.15
N TYR D 241 -18.85 -42.07 -18.62
CA TYR D 241 -18.98 -41.81 -17.18
C TYR D 241 -20.42 -41.42 -16.86
N ASP D 242 -20.97 -42.03 -15.81
CA ASP D 242 -22.29 -41.68 -15.30
C ASP D 242 -22.25 -41.68 -13.79
N GLY D 243 -22.20 -40.49 -13.19
CA GLY D 243 -22.14 -40.37 -11.75
C GLY D 243 -22.93 -39.19 -11.23
N TYR D 244 -23.80 -38.64 -12.07
CA TYR D 244 -24.61 -37.50 -11.65
C TYR D 244 -25.55 -37.88 -10.50
N GLU D 245 -26.15 -39.06 -10.57
CA GLU D 245 -27.05 -39.55 -9.54
C GLU D 245 -26.35 -39.82 -8.21
N ALA D 246 -25.02 -39.88 -8.21
CA ALA D 246 -24.28 -40.06 -6.97
C ALA D 246 -23.72 -38.73 -6.49
N SER D 247 -23.20 -37.92 -7.42
CA SER D 247 -22.64 -36.63 -7.06
C SER D 247 -23.71 -35.68 -6.52
N LYS D 248 -24.86 -35.62 -7.20
CA LYS D 248 -25.94 -34.74 -6.74
C LYS D 248 -26.45 -35.20 -5.38
N GLN D 249 -26.58 -36.52 -5.18
CA GLN D 249 -27.00 -37.04 -3.89
C GLN D 249 -26.00 -36.70 -2.80
N ILE D 250 -24.70 -36.79 -3.11
CA ILE D 250 -23.68 -36.45 -2.13
C ILE D 250 -23.76 -34.98 -1.76
N ILE D 251 -23.93 -34.11 -2.75
CA ILE D 251 -24.03 -32.67 -2.47
C ILE D 251 -25.25 -32.37 -1.61
N ILE D 252 -26.40 -32.97 -1.95
CA ILE D 252 -27.63 -32.73 -1.19
C ILE D 252 -27.47 -33.23 0.25
N ASP D 253 -26.90 -34.43 0.40
CA ASP D 253 -26.71 -34.99 1.74
C ASP D 253 -25.75 -34.12 2.56
N ALA D 254 -24.68 -33.63 1.94
CA ALA D 254 -23.74 -32.77 2.65
C ALA D 254 -24.42 -31.49 3.11
N GLU D 255 -25.20 -30.85 2.22
CA GLU D 255 -25.89 -29.63 2.60
C GLU D 255 -26.88 -29.88 3.73
N SER D 256 -27.64 -30.98 3.64
CA SER D 256 -28.62 -31.29 4.68
C SER D 256 -27.94 -31.58 6.01
N ALA D 257 -26.84 -32.32 5.99
CA ALA D 257 -26.12 -32.61 7.23
C ALA D 257 -25.53 -31.36 7.85
N LEU D 258 -25.00 -30.45 7.01
CA LEU D 258 -24.46 -29.21 7.53
C LEU D 258 -25.56 -28.35 8.15
N ASN D 259 -26.73 -28.29 7.50
CA ASN D 259 -27.83 -27.48 8.00
C ASN D 259 -28.40 -28.06 9.29
N GLU D 260 -28.50 -29.39 9.37
CA GLU D 260 -29.16 -30.05 10.49
C GLU D 260 -28.33 -29.96 11.77
N TRP D 261 -27.01 -29.87 11.63
CA TRP D 261 -26.13 -29.89 12.78
C TRP D 261 -26.44 -28.75 13.74
N THR D 262 -26.43 -29.05 15.03
CA THR D 262 -26.73 -28.09 16.08
C THR D 262 -25.61 -28.09 17.12
N LEU D 263 -25.74 -27.19 18.10
CA LEU D 263 -24.73 -27.06 19.14
C LEU D 263 -24.61 -28.33 19.97
N ASP D 264 -25.74 -28.93 20.34
CA ASP D 264 -25.73 -30.12 21.16
C ASP D 264 -25.27 -31.36 20.41
N SER D 265 -25.16 -31.29 19.08
CA SER D 265 -24.72 -32.41 18.27
C SER D 265 -23.22 -32.39 17.99
N ALA D 266 -22.43 -31.83 18.90
CA ALA D 266 -20.99 -31.74 18.70
C ALA D 266 -20.36 -33.12 18.83
N GLN D 267 -19.65 -33.55 17.78
CA GLN D 267 -19.01 -34.86 17.80
C GLN D 267 -17.72 -34.85 18.62
N VAL D 268 -17.04 -33.70 18.71
CA VAL D 268 -15.78 -33.62 19.43
C VAL D 268 -16.03 -33.76 20.93
N LYS D 269 -15.27 -34.65 21.56
CA LYS D 269 -15.39 -34.90 23.01
C LYS D 269 -14.00 -34.74 23.62
N PRO D 270 -13.64 -33.55 24.07
CA PRO D 270 -12.32 -33.35 24.69
C PRO D 270 -12.18 -34.18 25.96
N THR D 271 -10.95 -34.64 26.19
CA THR D 271 -10.66 -35.47 27.35
C THR D 271 -10.46 -34.62 28.60
N MET E 1 12.08 -22.88 34.52
CA MET E 1 11.88 -21.44 34.65
C MET E 1 10.39 -21.09 34.60
N HIS E 2 10.10 -19.80 34.78
CA HIS E 2 8.71 -19.33 34.76
C HIS E 2 8.21 -19.03 33.35
N ARG E 3 9.09 -19.03 32.34
CA ARG E 3 8.70 -18.80 30.97
C ARG E 3 7.98 -19.99 30.36
N THR E 4 8.05 -21.17 30.98
CA THR E 4 7.54 -22.38 30.36
C THR E 4 6.02 -22.50 30.42
N TYR E 5 5.33 -21.60 31.14
CA TYR E 5 3.89 -21.52 31.03
C TYR E 5 3.36 -20.09 30.93
N SER E 6 4.22 -19.11 30.65
CA SER E 6 3.79 -17.72 30.59
C SER E 6 4.43 -17.02 29.39
N LEU E 7 3.75 -15.99 28.90
CA LEU E 7 4.26 -15.15 27.83
C LEU E 7 5.15 -14.01 28.32
N ARG E 8 5.17 -13.77 29.63
CA ARG E 8 5.97 -12.69 30.20
C ARG E 8 7.07 -13.27 31.09
N ASN E 9 8.18 -12.54 31.17
CA ASN E 9 9.33 -12.97 31.96
C ASN E 9 9.09 -12.90 33.46
N SER E 10 7.97 -12.34 33.89
CA SER E 10 7.67 -12.25 35.32
C SER E 10 7.56 -13.64 35.92
N ARG E 11 7.99 -13.76 37.18
CA ARG E 11 8.07 -15.05 37.86
C ARG E 11 6.80 -15.28 38.67
N ALA E 12 6.22 -16.47 38.52
CA ALA E 12 5.03 -16.82 39.27
C ALA E 12 5.37 -17.01 40.75
N PRO E 13 4.42 -16.75 41.64
CA PRO E 13 4.69 -16.93 43.07
C PRO E 13 5.03 -18.38 43.40
N THR E 14 5.95 -18.55 44.34
CA THR E 14 6.40 -19.86 44.79
C THR E 14 6.24 -19.96 46.30
N ALA E 15 6.74 -21.06 46.88
CA ALA E 15 6.66 -21.24 48.32
C ALA E 15 7.46 -20.18 49.06
N SER E 16 8.67 -19.87 48.58
CA SER E 16 9.47 -18.84 49.20
C SER E 16 8.81 -17.47 49.06
N GLN E 17 8.23 -17.19 47.89
CA GLN E 17 7.55 -15.91 47.69
C GLN E 17 6.30 -15.82 48.56
N LEU E 18 5.59 -16.94 48.73
CA LEU E 18 4.42 -16.94 49.61
C LEU E 18 4.83 -16.72 51.07
N GLN E 19 5.92 -17.35 51.50
CA GLN E 19 6.36 -17.20 52.89
C GLN E 19 6.87 -15.79 53.16
N ASN E 20 7.71 -15.27 52.26
CA ASN E 20 8.30 -13.94 52.42
C ASN E 20 8.14 -13.17 51.12
N PRO E 21 7.78 -11.88 51.18
CA PRO E 21 7.63 -11.12 49.95
C PRO E 21 8.93 -11.05 49.18
N PRO E 22 8.88 -10.94 47.86
CA PRO E 22 10.10 -10.88 47.05
C PRO E 22 10.95 -9.68 47.45
N PRO E 23 12.27 -9.82 47.43
CA PRO E 23 13.15 -8.71 47.81
C PRO E 23 13.01 -7.54 46.86
N PRO E 24 13.16 -6.32 47.36
CA PRO E 24 13.09 -5.14 46.49
C PRO E 24 14.23 -5.14 45.48
N PRO E 25 14.01 -4.57 44.30
CA PRO E 25 15.06 -4.57 43.28
C PRO E 25 16.19 -3.62 43.64
N SER E 26 17.26 -3.68 42.86
CA SER E 26 18.43 -2.84 43.10
C SER E 26 18.08 -1.37 42.87
N THR E 27 18.74 -0.49 43.62
CA THR E 27 18.45 0.94 43.52
C THR E 27 18.80 1.48 42.14
N THR E 28 19.93 1.07 41.58
CA THR E 28 20.41 1.54 40.29
C THR E 28 20.54 0.37 39.33
N LYS E 29 20.06 0.57 38.10
CA LYS E 29 20.16 -0.42 37.03
C LYS E 29 20.60 0.30 35.75
N GLY E 30 21.91 0.37 35.54
CA GLY E 30 22.42 1.04 34.35
C GLY E 30 22.22 0.19 33.11
N ARG E 31 21.82 0.85 32.02
CA ARG E 31 21.62 0.16 30.75
C ARG E 31 22.95 0.12 29.98
N PHE E 32 23.82 -0.77 30.44
CA PHE E 32 25.14 -0.94 29.86
C PHE E 32 25.55 -2.40 29.93
N PHE E 33 26.45 -2.79 29.03
CA PHE E 33 26.92 -4.18 29.01
C PHE E 33 27.69 -4.50 30.29
N GLY E 34 28.50 -3.57 30.77
CA GLY E 34 29.30 -3.79 31.96
C GLY E 34 30.61 -4.51 31.73
N LYS E 35 30.91 -4.90 30.50
CA LYS E 35 32.19 -5.57 30.23
C LYS E 35 33.36 -4.63 30.47
N GLY E 36 33.23 -3.37 30.07
CA GLY E 36 34.29 -2.40 30.25
C GLY E 36 35.38 -2.43 29.20
N GLY E 37 35.27 -3.29 28.19
CA GLY E 37 36.27 -3.37 27.16
C GLY E 37 35.75 -4.11 25.95
N LEU E 38 36.44 -3.90 24.82
CA LEU E 38 36.10 -4.53 23.56
C LEU E 38 36.75 -5.91 23.40
N ALA E 39 37.53 -6.34 24.39
CA ALA E 39 38.26 -7.59 24.30
C ALA E 39 37.31 -8.79 24.19
N TYR E 40 36.22 -8.78 24.95
CA TYR E 40 35.29 -9.91 24.92
C TYR E 40 34.68 -10.07 23.52
N SER E 41 34.16 -8.96 22.96
CA SER E 41 33.55 -9.03 21.63
C SER E 41 34.59 -9.37 20.57
N PHE E 42 35.80 -8.82 20.69
CA PHE E 42 36.84 -9.12 19.71
C PHE E 42 37.20 -10.60 19.73
N ARG E 43 37.36 -11.17 20.93
CA ARG E 43 37.68 -12.60 21.03
C ARG E 43 36.53 -13.46 20.52
N ARG E 44 35.28 -13.06 20.80
CA ARG E 44 34.14 -13.81 20.32
C ARG E 44 34.06 -13.78 18.79
N SER E 45 34.36 -12.63 18.19
CA SER E 45 34.22 -12.49 16.74
C SER E 45 35.41 -13.05 15.96
N ALA E 46 36.60 -13.11 16.58
CA ALA E 46 37.78 -13.57 15.86
C ALA E 46 37.91 -15.08 15.80
N ALA E 47 37.06 -15.81 16.53
CA ALA E 47 37.18 -17.27 16.56
C ALA E 47 36.82 -17.89 15.22
N GLY E 48 35.75 -17.43 14.59
CA GLY E 48 35.27 -17.99 13.34
C GLY E 48 35.81 -17.34 12.09
N ALA E 49 36.81 -16.46 12.19
CA ALA E 49 37.32 -15.78 11.02
C ALA E 49 38.02 -16.74 10.06
N PHE E 50 38.77 -17.71 10.59
CA PHE E 50 39.55 -18.61 9.76
C PHE E 50 39.33 -20.09 10.06
N GLY E 51 38.66 -20.45 11.15
CA GLY E 51 38.49 -21.83 11.52
C GLY E 51 37.56 -22.58 10.60
N PRO E 52 37.63 -23.91 10.64
CA PRO E 52 36.73 -24.72 9.80
C PRO E 52 35.27 -24.54 10.22
N GLU E 53 34.39 -24.72 9.24
CA GLU E 53 32.96 -24.47 9.48
C GLU E 53 32.37 -25.44 10.50
N LEU E 54 32.78 -26.72 10.46
CA LEU E 54 32.16 -27.71 11.32
C LEU E 54 32.43 -27.44 12.79
N SER E 55 33.66 -27.05 13.12
CA SER E 55 34.07 -26.88 14.51
C SER E 55 33.84 -25.47 15.04
N ARG E 56 33.31 -24.57 14.21
CA ARG E 56 33.11 -23.19 14.65
C ARG E 56 32.09 -23.10 15.79
N LYS E 57 31.00 -23.88 15.70
CA LYS E 57 29.92 -23.80 16.67
C LYS E 57 30.43 -24.14 18.07
N LEU E 58 31.20 -25.23 18.19
CA LEU E 58 31.74 -25.60 19.49
C LEU E 58 32.89 -24.71 19.91
N SER E 59 33.69 -24.24 18.95
CA SER E 59 34.81 -23.38 19.29
C SER E 59 34.35 -22.03 19.83
N GLN E 60 33.16 -21.59 19.45
CA GLN E 60 32.65 -20.31 19.95
C GLN E 60 32.36 -20.37 21.45
N LEU E 61 32.03 -21.55 21.97
CA LEU E 61 31.63 -21.66 23.38
C LEU E 61 32.82 -21.58 24.32
N VAL E 62 34.01 -21.99 23.85
CA VAL E 62 35.19 -22.00 24.71
C VAL E 62 35.55 -20.60 25.17
N LYS E 63 35.43 -19.61 24.29
CA LYS E 63 35.78 -18.24 24.65
C LYS E 63 34.85 -17.70 25.73
N ILE E 64 33.55 -17.94 25.58
CA ILE E 64 32.60 -17.45 26.59
C ILE E 64 32.76 -18.21 27.91
N GLU E 65 33.15 -19.49 27.84
CA GLU E 65 33.45 -20.22 29.07
C GLU E 65 34.67 -19.63 29.78
N LYS E 66 35.69 -19.26 29.01
CA LYS E 66 36.86 -18.61 29.60
C LYS E 66 36.47 -17.27 30.22
N ASN E 67 35.58 -16.53 29.55
CA ASN E 67 35.09 -15.27 30.13
C ASN E 67 34.35 -15.51 31.44
N VAL E 68 33.54 -16.57 31.49
CA VAL E 68 32.86 -16.93 32.73
C VAL E 68 33.87 -17.23 33.82
N LEU E 69 34.93 -17.97 33.49
CA LEU E 69 35.96 -18.31 34.46
C LEU E 69 36.64 -17.05 34.99
N ARG E 70 36.98 -16.12 34.10
CA ARG E 70 37.62 -14.88 34.51
C ARG E 70 36.71 -14.05 35.42
N SER E 71 35.43 -13.96 35.07
CA SER E 71 34.49 -13.20 35.89
C SER E 71 34.33 -13.83 37.27
N MET E 72 34.27 -15.16 37.33
CA MET E 72 34.19 -15.84 38.62
C MET E 72 35.45 -15.59 39.44
N GLU E 73 36.62 -15.59 38.79
CA GLU E 73 37.85 -15.29 39.51
C GLU E 73 37.83 -13.89 40.09
N LEU E 74 37.36 -12.91 39.32
CA LEU E 74 37.26 -11.55 39.82
C LEU E 74 36.30 -11.46 41.00
N THR E 75 35.15 -12.15 40.90
CA THR E 75 34.19 -12.16 41.99
C THR E 75 34.80 -12.73 43.26
N ALA E 76 35.50 -13.86 43.13
CA ALA E 76 36.13 -14.49 44.28
C ALA E 76 37.19 -13.59 44.90
N ASN E 77 37.99 -12.93 44.06
CA ASN E 77 39.03 -12.04 44.56
C ASN E 77 38.42 -10.88 45.34
N GLU E 78 37.35 -10.27 44.80
CA GLU E 78 36.74 -9.14 45.48
C GLU E 78 36.07 -9.56 46.78
N ARG E 79 35.41 -10.72 46.78
CA ARG E 79 34.80 -11.21 48.02
C ARG E 79 35.85 -11.53 49.07
N ARG E 80 37.00 -12.06 48.65
CA ARG E 80 38.10 -12.29 49.58
C ARG E 80 38.62 -10.96 50.13
N ASP E 81 38.70 -9.94 49.28
CA ASP E 81 39.19 -8.64 49.74
C ASP E 81 38.25 -8.01 50.75
N ALA E 82 36.93 -8.19 50.56
CA ALA E 82 35.96 -7.55 51.45
C ALA E 82 36.10 -8.01 52.90
N ALA E 83 36.49 -9.27 53.10
CA ALA E 83 36.60 -9.81 54.45
C ALA E 83 37.67 -9.10 55.26
N LYS E 84 38.76 -8.68 54.62
CA LYS E 84 39.81 -7.95 55.33
C LYS E 84 39.29 -6.63 55.88
N GLN E 85 38.53 -5.89 55.05
CA GLN E 85 37.96 -4.63 55.53
C GLN E 85 36.93 -4.86 56.62
N LEU E 86 36.11 -5.91 56.48
CA LEU E 86 35.15 -6.23 57.52
C LEU E 86 35.86 -6.52 58.84
N SER E 87 36.98 -7.24 58.78
CA SER E 87 37.73 -7.58 59.99
C SER E 87 38.36 -6.35 60.61
N ILE E 88 38.99 -5.49 59.81
CA ILE E 88 39.68 -4.34 60.37
C ILE E 88 38.69 -3.33 60.95
N TRP E 89 37.48 -3.25 60.40
CA TRP E 89 36.49 -2.32 60.94
C TRP E 89 36.17 -2.60 62.40
N GLY E 90 36.31 -3.86 62.84
CA GLY E 90 35.90 -4.22 64.18
C GLY E 90 36.85 -3.80 65.28
N LEU E 91 38.00 -3.22 64.94
CA LEU E 91 38.97 -2.84 65.96
C LEU E 91 38.41 -1.76 66.88
N GLU E 92 37.74 -0.75 66.31
CA GLU E 92 37.22 0.38 67.08
C GLU E 92 35.75 0.11 67.39
N ASN E 93 35.52 -0.80 68.35
CA ASN E 93 34.18 -1.16 68.81
C ASN E 93 34.34 -1.93 70.11
N ASP E 94 33.24 -2.52 70.57
CA ASP E 94 33.27 -3.30 71.80
C ASP E 94 34.05 -4.60 71.59
N ASP E 95 34.52 -5.18 72.69
CA ASP E 95 35.36 -6.38 72.61
C ASP E 95 34.59 -7.56 72.01
N ASP E 96 33.34 -7.75 72.42
CA ASP E 96 32.55 -8.84 71.86
C ASP E 96 32.32 -8.65 70.37
N VAL E 97 32.02 -7.42 69.96
CA VAL E 97 31.82 -7.14 68.54
C VAL E 97 33.11 -7.41 67.76
N SER E 98 34.26 -7.00 68.31
CA SER E 98 35.53 -7.21 67.63
C SER E 98 35.82 -8.69 67.47
N ASP E 99 35.61 -9.48 68.54
CA ASP E 99 35.91 -10.91 68.47
C ASP E 99 34.99 -11.61 67.47
N ILE E 100 33.69 -11.31 67.54
CA ILE E 100 32.74 -11.92 66.61
C ILE E 100 33.08 -11.53 65.18
N THR E 101 33.47 -10.26 64.97
CA THR E 101 33.83 -9.79 63.64
C THR E 101 35.04 -10.54 63.11
N ASP E 102 36.07 -10.73 63.93
CA ASP E 102 37.27 -11.43 63.48
C ASP E 102 36.95 -12.88 63.11
N LYS E 103 36.21 -13.57 63.98
CA LYS E 103 35.92 -14.98 63.72
C LYS E 103 35.05 -15.16 62.48
N LEU E 104 33.96 -14.38 62.39
CA LEU E 104 33.12 -14.50 61.20
C LEU E 104 33.88 -14.01 59.96
N GLY E 105 34.86 -13.13 60.14
CA GLY E 105 35.65 -12.68 59.01
C GLY E 105 36.50 -13.79 58.42
N VAL E 106 37.15 -14.57 59.28
CA VAL E 106 37.90 -15.70 58.75
C VAL E 106 36.94 -16.75 58.18
N LEU E 107 35.78 -16.92 58.82
CA LEU E 107 34.81 -17.89 58.35
C LEU E 107 34.30 -17.54 56.95
N ILE E 108 34.08 -16.26 56.68
CA ILE E 108 33.63 -15.83 55.36
C ILE E 108 34.77 -15.70 54.36
N TYR E 109 36.00 -15.47 54.83
CA TYR E 109 37.17 -15.50 53.98
C TYR E 109 37.50 -16.91 53.49
N GLU E 110 37.02 -17.93 54.19
CA GLU E 110 37.19 -19.32 53.77
C GLU E 110 36.68 -19.60 52.36
N VAL E 111 35.67 -18.83 51.93
CA VAL E 111 34.94 -19.08 50.67
C VAL E 111 35.86 -19.04 49.45
N SER E 112 36.89 -18.19 49.51
CA SER E 112 37.72 -17.94 48.32
C SER E 112 38.44 -19.20 47.86
N GLU E 113 38.93 -20.01 48.81
CA GLU E 113 39.63 -21.24 48.43
C GLU E 113 38.69 -22.21 47.71
N LEU E 114 37.47 -22.35 48.21
CA LEU E 114 36.48 -23.20 47.55
C LEU E 114 36.18 -22.69 46.15
N ASP E 115 36.06 -21.37 46.01
CA ASP E 115 35.81 -20.79 44.69
C ASP E 115 36.97 -21.08 43.74
N ASP E 116 38.20 -20.99 44.23
CA ASP E 116 39.36 -21.26 43.38
C ASP E 116 39.40 -22.72 42.94
N GLN E 117 39.10 -23.64 43.86
CA GLN E 117 39.06 -25.05 43.50
C GLN E 117 37.99 -25.33 42.46
N PHE E 118 36.80 -24.74 42.64
CA PHE E 118 35.74 -24.89 41.64
C PHE E 118 36.18 -24.32 40.29
N ILE E 119 36.92 -23.21 40.31
CA ILE E 119 37.42 -22.61 39.08
C ILE E 119 38.38 -23.56 38.37
N ASP E 120 39.27 -24.20 39.13
CA ASP E 120 40.21 -25.14 38.54
C ASP E 120 39.50 -26.32 37.90
N ARG E 121 38.49 -26.87 38.59
CA ARG E 121 37.75 -27.99 38.02
C ARG E 121 36.97 -27.56 36.77
N TYR E 122 36.41 -26.34 36.80
CA TYR E 122 35.77 -25.78 35.61
C TYR E 122 36.76 -25.68 34.45
N ASP E 123 38.00 -25.28 34.75
CA ASP E 123 39.03 -25.20 33.71
C ASP E 123 39.32 -26.57 33.12
N GLN E 124 39.38 -27.61 33.96
CA GLN E 124 39.59 -28.95 33.42
C GLN E 124 38.44 -29.39 32.51
N TYR E 125 37.20 -29.12 32.92
CA TYR E 125 36.06 -29.44 32.08
C TYR E 125 36.13 -28.69 30.75
N ARG E 126 36.50 -27.41 30.80
CA ARG E 126 36.69 -26.64 29.57
C ARG E 126 37.78 -27.23 28.71
N LEU E 127 38.84 -27.76 29.32
CA LEU E 127 39.92 -28.37 28.56
C LEU E 127 39.43 -29.58 27.79
N THR E 128 38.62 -30.43 28.43
CA THR E 128 38.08 -31.59 27.71
C THR E 128 37.13 -31.15 26.59
N LEU E 129 36.28 -30.17 26.87
CA LEU E 129 35.37 -29.69 25.83
C LEU E 129 36.14 -29.09 24.66
N LYS E 130 37.29 -28.46 24.95
CA LYS E 130 38.18 -28.01 23.88
C LYS E 130 38.75 -29.19 23.11
N SER E 131 39.15 -30.25 23.82
CA SER E 131 39.73 -31.41 23.16
C SER E 131 38.77 -32.03 22.15
N ILE E 132 37.47 -31.93 22.39
CA ILE E 132 36.51 -32.40 21.37
C ILE E 132 36.67 -31.66 20.04
N ARG E 133 36.92 -30.34 20.11
CA ARG E 133 36.97 -29.52 18.91
C ARG E 133 38.10 -29.94 17.99
N ASP E 134 39.21 -30.41 18.56
CA ASP E 134 40.33 -30.84 17.72
C ASP E 134 39.93 -31.99 16.82
N ILE E 135 39.24 -32.99 17.37
CA ILE E 135 38.81 -34.12 16.56
C ILE E 135 37.78 -33.69 15.52
N GLU E 136 36.87 -32.79 15.91
CA GLU E 136 35.90 -32.30 14.93
C GLU E 136 36.60 -31.61 13.74
N GLY E 137 37.54 -30.72 14.04
CA GLY E 137 38.22 -29.99 12.99
C GLY E 137 39.15 -30.86 12.17
N SER E 138 39.62 -31.97 12.76
CA SER E 138 40.39 -32.93 11.98
C SER E 138 39.48 -33.74 11.06
N VAL E 139 38.25 -34.01 11.51
CA VAL E 139 37.33 -34.81 10.71
C VAL E 139 36.85 -34.03 9.49
N GLN E 140 36.59 -32.73 9.63
CA GLN E 140 35.98 -31.97 8.53
C GLN E 140 36.74 -32.08 7.20
N PRO E 141 38.05 -31.84 7.11
CA PRO E 141 38.70 -31.81 5.79
C PRO E 141 38.65 -33.14 5.06
N SER E 142 38.69 -34.26 5.79
CA SER E 142 38.59 -35.56 5.14
C SER E 142 37.23 -35.72 4.46
N ARG E 143 36.18 -35.16 5.06
CA ARG E 143 34.86 -35.21 4.43
C ARG E 143 34.75 -34.29 3.24
N ASP E 144 35.41 -33.12 3.29
CA ASP E 144 35.26 -32.14 2.21
C ASP E 144 35.75 -32.69 0.87
N ARG E 145 36.92 -33.34 0.87
CA ARG E 145 37.53 -33.78 -0.39
C ARG E 145 36.70 -34.84 -1.09
N LYS E 146 36.14 -35.79 -0.34
CA LYS E 146 35.32 -36.82 -0.94
C LYS E 146 34.10 -36.23 -1.65
N ASP E 147 33.49 -35.21 -1.03
CA ASP E 147 32.38 -34.54 -1.68
C ASP E 147 32.83 -33.80 -2.94
N LYS E 148 33.99 -33.14 -2.88
CA LYS E 148 34.43 -32.35 -4.03
C LYS E 148 34.74 -33.24 -5.24
N ILE E 149 35.43 -34.36 -5.01
CA ILE E 149 35.84 -35.22 -6.12
C ILE E 149 34.64 -36.01 -6.65
N THR E 150 33.47 -35.82 -6.04
CA THR E 150 32.22 -36.35 -6.57
C THR E 150 31.59 -35.40 -7.58
N ASP E 151 31.49 -34.11 -7.24
CA ASP E 151 31.07 -33.12 -8.23
C ASP E 151 32.02 -33.10 -9.41
N LYS E 152 33.32 -33.32 -9.16
CA LYS E 152 34.29 -33.35 -10.25
C LYS E 152 33.96 -34.44 -11.26
N ILE E 153 33.76 -35.67 -10.78
CA ILE E 153 33.49 -36.77 -11.70
C ILE E 153 32.13 -36.61 -12.35
N ALA E 154 31.15 -36.07 -11.61
CA ALA E 154 29.85 -35.82 -12.22
C ALA E 154 29.96 -34.84 -13.39
N TYR E 155 30.68 -33.74 -13.19
CA TYR E 155 30.83 -32.75 -14.24
C TYR E 155 31.59 -33.33 -15.44
N LEU E 156 32.66 -34.09 -15.16
CA LEU E 156 33.43 -34.65 -16.26
C LEU E 156 32.65 -35.71 -17.03
N LYS E 157 31.78 -36.47 -16.35
CA LYS E 157 30.89 -37.39 -17.05
C LYS E 157 29.87 -36.63 -17.89
N TYR E 158 29.36 -35.51 -17.37
CA TYR E 158 28.43 -34.71 -18.17
C TYR E 158 29.09 -34.17 -19.43
N LYS E 159 30.34 -33.72 -19.31
CA LYS E 159 31.01 -33.12 -20.46
C LYS E 159 31.18 -34.12 -21.59
N ASP E 160 31.72 -35.29 -21.29
CA ASP E 160 31.86 -36.36 -22.28
C ASP E 160 32.05 -37.70 -21.57
N PRO E 161 31.24 -38.71 -21.89
CA PRO E 161 31.35 -40.01 -21.22
C PRO E 161 32.46 -40.90 -21.76
N GLN E 162 33.19 -40.47 -22.78
CA GLN E 162 34.24 -41.28 -23.38
C GLN E 162 35.62 -41.02 -22.80
N SER E 163 35.73 -40.15 -21.81
CA SER E 163 37.02 -39.86 -21.21
C SER E 163 37.49 -41.05 -20.38
N PRO E 164 38.80 -41.29 -20.32
CA PRO E 164 39.32 -42.42 -19.54
C PRO E 164 39.49 -42.15 -18.06
N LYS E 165 39.18 -40.93 -17.59
CA LYS E 165 39.35 -40.58 -16.19
C LYS E 165 38.19 -41.04 -15.32
N ILE E 166 37.13 -41.59 -15.92
CA ILE E 166 35.95 -41.98 -15.16
C ILE E 166 36.29 -43.05 -14.14
N GLU E 167 37.04 -44.08 -14.56
CA GLU E 167 37.30 -45.21 -13.67
C GLU E 167 38.22 -44.82 -12.52
N VAL E 168 39.26 -44.03 -12.79
CA VAL E 168 40.17 -43.62 -11.71
C VAL E 168 39.47 -42.68 -10.75
N LEU E 169 38.65 -41.76 -11.29
CA LEU E 169 37.89 -40.87 -10.41
C LEU E 169 36.91 -41.65 -9.55
N GLU E 170 36.25 -42.65 -10.12
CA GLU E 170 35.30 -43.47 -9.36
C GLU E 170 36.01 -44.25 -8.26
N GLN E 171 37.18 -44.80 -8.54
CA GLN E 171 37.91 -45.53 -7.50
C GLN E 171 38.41 -44.61 -6.40
N GLU E 172 38.88 -43.41 -6.77
CA GLU E 172 39.25 -42.44 -5.75
C GLU E 172 38.04 -42.09 -4.88
N LEU E 173 36.88 -41.97 -5.51
CA LEU E 173 35.64 -41.76 -4.76
C LEU E 173 35.39 -42.90 -3.78
N VAL E 174 35.60 -44.14 -4.23
CA VAL E 174 35.36 -45.29 -3.36
C VAL E 174 36.29 -45.27 -2.15
N ARG E 175 37.59 -45.03 -2.38
CA ARG E 175 38.54 -45.01 -1.27
C ARG E 175 38.22 -43.87 -0.29
N ALA E 176 37.94 -42.68 -0.82
CA ALA E 176 37.58 -41.57 0.04
C ALA E 176 36.29 -41.85 0.81
N GLU E 177 35.36 -42.56 0.18
CA GLU E 177 34.11 -42.92 0.84
C GLU E 177 34.37 -43.86 2.02
N ALA E 178 35.23 -44.85 1.83
CA ALA E 178 35.56 -45.75 2.94
C ALA E 178 36.21 -44.99 4.10
N GLU E 179 37.18 -44.13 3.78
CA GLU E 179 37.84 -43.36 4.83
C GLU E 179 36.85 -42.45 5.55
N SER E 180 35.95 -41.81 4.78
CA SER E 180 34.96 -40.92 5.38
C SER E 180 33.99 -41.69 6.27
N LEU E 181 33.61 -42.90 5.87
CA LEU E 181 32.73 -43.72 6.70
C LEU E 181 33.38 -44.04 8.04
N VAL E 182 34.66 -44.44 8.01
CA VAL E 182 35.35 -44.74 9.26
C VAL E 182 35.42 -43.49 10.15
N ALA E 183 35.79 -42.35 9.54
CA ALA E 183 35.92 -41.11 10.30
C ALA E 183 34.59 -40.69 10.90
N GLU E 184 33.51 -40.80 10.12
CA GLU E 184 32.18 -40.44 10.57
C GLU E 184 31.68 -41.30 11.72
N ALA E 185 31.95 -42.61 11.70
CA ALA E 185 31.61 -43.45 12.84
C ALA E 185 32.39 -43.07 14.10
N GLN E 186 33.71 -42.93 13.98
CA GLN E 186 34.50 -42.64 15.17
C GLN E 186 34.17 -41.27 15.74
N LEU E 187 33.81 -40.31 14.87
CA LEU E 187 33.48 -38.98 15.35
C LEU E 187 32.31 -39.01 16.32
N SER E 188 31.23 -39.70 15.94
CA SER E 188 30.08 -39.83 16.83
C SER E 188 30.45 -40.56 18.11
N ASN E 189 31.20 -41.67 17.97
CA ASN E 189 31.62 -42.41 19.16
C ASN E 189 32.35 -41.49 20.15
N ILE E 190 33.35 -40.77 19.66
CA ILE E 190 34.21 -39.96 20.51
C ILE E 190 33.42 -38.81 21.12
N THR E 191 32.59 -38.13 20.32
CA THR E 191 31.87 -36.99 20.88
C THR E 191 30.91 -37.43 21.97
N ARG E 192 30.21 -38.55 21.77
CA ARG E 192 29.32 -39.05 22.82
C ARG E 192 30.10 -39.35 24.10
N SER E 193 31.18 -40.14 23.98
CA SER E 193 31.92 -40.54 25.18
C SER E 193 32.51 -39.34 25.91
N LYS E 194 33.15 -38.44 25.17
CA LYS E 194 33.78 -37.28 25.79
C LYS E 194 32.76 -36.36 26.43
N LEU E 195 31.63 -36.12 25.76
CA LEU E 195 30.60 -35.28 26.35
C LEU E 195 30.12 -35.86 27.67
N ARG E 196 29.80 -37.17 27.68
CA ARG E 196 29.32 -37.78 28.91
C ARG E 196 30.36 -37.66 30.03
N ALA E 197 31.61 -38.02 29.75
CA ALA E 197 32.61 -38.03 30.81
C ALA E 197 32.84 -36.62 31.35
N ALA E 198 33.06 -35.65 30.46
CA ALA E 198 33.33 -34.29 30.90
C ALA E 198 32.15 -33.71 31.66
N PHE E 199 30.93 -34.00 31.24
CA PHE E 199 29.79 -33.35 31.84
C PHE E 199 29.49 -33.96 33.21
N ASN E 200 29.72 -35.27 33.37
CA ASN E 200 29.68 -35.85 34.72
C ASN E 200 30.73 -35.23 35.63
N TYR E 201 31.95 -35.06 35.12
CA TYR E 201 33.00 -34.46 35.93
C TYR E 201 32.62 -33.04 36.35
N GLN E 202 32.05 -32.27 35.44
CA GLN E 202 31.63 -30.91 35.74
C GLN E 202 30.45 -30.85 36.71
N PHE E 203 29.52 -31.79 36.63
CA PHE E 203 28.37 -31.81 37.53
C PHE E 203 28.71 -32.25 38.94
N ASP E 204 29.74 -33.08 39.12
CA ASP E 204 30.11 -33.47 40.49
C ASP E 204 30.73 -32.32 41.29
N SER E 205 31.58 -31.53 40.64
CA SER E 205 32.30 -30.47 41.35
C SER E 205 31.35 -29.41 41.89
N ILE E 206 30.32 -29.06 41.11
CA ILE E 206 29.43 -27.98 41.52
C ILE E 206 28.62 -28.38 42.75
N ILE E 207 28.14 -29.63 42.80
CA ILE E 207 27.38 -30.05 43.97
C ILE E 207 28.29 -30.18 45.18
N GLU E 208 29.53 -30.66 44.98
CA GLU E 208 30.46 -30.71 46.11
C GLU E 208 30.70 -29.32 46.68
N HIS E 209 30.98 -28.34 45.81
CA HIS E 209 31.25 -26.98 46.27
C HIS E 209 30.01 -26.37 46.93
N SER E 210 28.83 -26.62 46.37
CA SER E 210 27.61 -26.08 46.96
C SER E 210 27.37 -26.65 48.35
N GLU E 211 27.59 -27.95 48.53
CA GLU E 211 27.41 -28.55 49.85
C GLU E 211 28.40 -27.98 50.85
N LYS E 212 29.66 -27.80 50.44
CA LYS E 212 30.64 -27.21 51.35
C LYS E 212 30.25 -25.79 51.74
N ILE E 213 29.80 -25.00 50.76
CA ILE E 213 29.40 -23.62 51.04
C ILE E 213 28.20 -23.60 51.99
N ALA E 214 27.24 -24.50 51.79
CA ALA E 214 26.08 -24.56 52.67
C ALA E 214 26.49 -24.93 54.09
N LEU E 215 27.42 -25.87 54.24
CA LEU E 215 27.91 -26.23 55.57
C LEU E 215 28.58 -25.03 56.25
N ILE E 216 29.42 -24.30 55.50
CA ILE E 216 30.09 -23.14 56.07
C ILE E 216 29.07 -22.09 56.50
N ALA E 217 28.06 -21.85 55.66
CA ALA E 217 27.04 -20.86 55.99
C ALA E 217 26.26 -21.26 57.23
N GLY E 218 25.90 -22.55 57.34
CA GLY E 218 25.19 -23.00 58.51
C GLY E 218 26.00 -22.85 59.78
N TYR E 219 27.30 -23.19 59.71
CA TYR E 219 28.17 -23.03 60.88
C TYR E 219 28.29 -21.55 61.26
N GLY E 220 28.42 -20.67 60.27
CA GLY E 220 28.47 -19.24 60.58
C GLY E 220 27.20 -18.73 61.22
N LYS E 221 26.04 -19.17 60.71
CA LYS E 221 24.78 -18.76 61.31
C LYS E 221 24.66 -19.26 62.74
N ALA E 222 25.11 -20.49 62.99
CA ALA E 222 25.11 -21.01 64.35
C ALA E 222 26.02 -20.18 65.26
N LEU E 223 27.18 -19.77 64.73
CA LEU E 223 28.10 -18.96 65.53
C LEU E 223 27.53 -17.58 65.84
N LEU E 224 26.76 -17.01 64.92
CA LEU E 224 26.30 -15.63 65.09
C LEU E 224 25.38 -15.47 66.29
N GLU E 225 24.76 -16.56 66.76
CA GLU E 225 23.79 -16.46 67.85
C GLU E 225 24.42 -15.97 69.14
N LEU E 226 25.72 -16.19 69.35
CA LEU E 226 26.42 -15.87 70.59
C LEU E 226 26.56 -14.35 70.83
N LEU E 227 26.03 -13.47 69.97
CA LEU E 227 26.21 -12.03 70.15
C LEU E 227 25.48 -11.49 71.37
N ASP E 228 24.32 -12.04 71.72
CA ASP E 228 23.52 -11.59 72.85
C ASP E 228 23.15 -10.11 72.70
N ASP E 229 22.36 -9.84 71.66
CA ASP E 229 21.91 -8.48 71.36
C ASP E 229 20.72 -8.15 72.26
N SER E 230 20.95 -7.31 73.25
CA SER E 230 19.89 -6.87 74.16
C SER E 230 19.91 -5.36 74.29
N PRO E 231 18.75 -4.73 74.44
CA PRO E 231 18.72 -3.27 74.57
C PRO E 231 19.13 -2.82 75.97
N VAL E 232 19.87 -1.71 76.02
CA VAL E 232 20.34 -1.14 77.28
C VAL E 232 20.06 0.36 77.27
N THR E 233 19.51 0.86 78.38
CA THR E 233 19.27 2.28 78.53
C THR E 233 20.55 2.98 78.99
N PRO E 234 20.68 4.28 78.70
CA PRO E 234 21.88 5.00 79.13
C PRO E 234 22.00 5.03 80.64
N GLY E 235 23.23 4.97 81.13
CA GLY E 235 23.49 4.92 82.56
C GLY E 235 23.71 3.53 83.12
N GLU E 236 23.80 2.51 82.27
CA GLU E 236 24.03 1.14 82.70
C GLU E 236 25.25 0.57 81.99
N THR E 237 25.86 -0.44 82.61
CA THR E 237 27.04 -1.10 82.07
C THR E 237 26.71 -2.57 81.81
N ARG E 238 26.97 -3.02 80.58
CA ARG E 238 26.73 -4.41 80.24
C ARG E 238 27.79 -5.30 80.89
N PRO E 239 27.44 -6.54 81.23
CA PRO E 239 28.41 -7.43 81.88
C PRO E 239 29.56 -7.77 80.94
N ALA E 240 30.71 -8.07 81.54
CA ALA E 240 31.88 -8.45 80.77
C ALA E 240 31.60 -9.71 79.95
N TYR E 241 32.10 -9.73 78.72
CA TYR E 241 31.83 -10.80 77.78
C TYR E 241 32.97 -11.82 77.82
N ASP E 242 32.60 -13.10 77.88
CA ASP E 242 33.56 -14.20 77.81
C ASP E 242 32.98 -15.30 76.93
N GLY E 243 33.47 -15.40 75.70
CA GLY E 243 32.97 -16.40 74.77
C GLY E 243 34.06 -16.96 73.88
N TYR E 244 35.33 -16.73 74.27
CA TYR E 244 36.44 -17.24 73.48
C TYR E 244 36.44 -18.76 73.46
N GLU E 245 36.16 -19.40 74.59
CA GLU E 245 36.12 -20.85 74.70
C GLU E 245 34.99 -21.46 73.89
N ALA E 246 34.02 -20.67 73.45
CA ALA E 246 32.93 -21.17 72.61
C ALA E 246 33.20 -20.83 71.16
N SER E 247 33.66 -19.62 70.89
CA SER E 247 33.94 -19.20 69.52
C SER E 247 35.08 -20.00 68.91
N LYS E 248 36.18 -20.18 69.66
CA LYS E 248 37.29 -20.97 69.15
C LYS E 248 36.88 -22.41 68.90
N GLN E 249 36.09 -22.98 69.81
CA GLN E 249 35.60 -24.34 69.62
C GLN E 249 34.71 -24.44 68.38
N ILE E 250 33.86 -23.44 68.16
CA ILE E 250 32.99 -23.44 66.99
C ILE E 250 33.82 -23.38 65.72
N ILE E 251 34.85 -22.52 65.69
CA ILE E 251 35.69 -22.41 64.50
C ILE E 251 36.43 -23.72 64.24
N ILE E 252 36.99 -24.33 65.29
CA ILE E 252 37.71 -25.58 65.12
C ILE E 252 36.78 -26.68 64.63
N ASP E 253 35.59 -26.77 65.22
CA ASP E 253 34.63 -27.79 64.81
C ASP E 253 34.19 -27.59 63.36
N ALA E 254 33.98 -26.33 62.96
CA ALA E 254 33.59 -26.06 61.58
C ALA E 254 34.69 -26.47 60.61
N GLU E 255 35.95 -26.13 60.93
CA GLU E 255 37.05 -26.51 60.05
C GLU E 255 37.18 -28.02 59.96
N SER E 256 37.06 -28.71 61.10
CA SER E 256 37.19 -30.17 61.10
C SER E 256 36.06 -30.82 60.31
N ALA E 257 34.82 -30.32 60.48
CA ALA E 257 33.70 -30.88 59.74
C ALA E 257 33.84 -30.63 58.25
N LEU E 258 34.32 -29.46 57.86
CA LEU E 258 34.53 -29.18 56.45
C LEU E 258 35.61 -30.08 55.86
N ASN E 259 36.69 -30.30 56.60
CA ASN E 259 37.78 -31.14 56.11
C ASN E 259 37.36 -32.61 56.02
N GLU E 260 36.58 -33.07 57.00
CA GLU E 260 36.23 -34.49 57.10
C GLU E 260 35.25 -34.90 56.02
N TRP E 261 34.43 -33.96 55.54
CA TRP E 261 33.38 -34.29 54.59
C TRP E 261 33.96 -34.89 53.31
N THR E 262 33.29 -35.92 52.80
CA THR E 262 33.72 -36.62 51.60
C THR E 262 32.56 -36.71 50.61
N LEU E 263 32.86 -37.27 49.44
CA LEU E 263 31.85 -37.38 48.39
C LEU E 263 30.68 -38.26 48.82
N ASP E 264 30.98 -39.40 49.46
CA ASP E 264 29.93 -40.32 49.87
C ASP E 264 29.11 -39.80 51.06
N SER E 265 29.57 -38.73 51.72
CA SER E 265 28.85 -38.15 52.85
C SER E 265 27.92 -37.02 52.44
N ALA E 266 27.38 -37.06 51.23
CA ALA E 266 26.51 -35.99 50.76
C ALA E 266 25.16 -36.07 51.47
N GLN E 267 24.78 -34.97 52.14
CA GLN E 267 23.52 -34.93 52.85
C GLN E 267 22.34 -34.75 51.92
N VAL E 268 22.53 -34.10 50.78
CA VAL E 268 21.43 -33.83 49.86
C VAL E 268 20.99 -35.13 49.21
N LYS E 269 19.68 -35.38 49.22
CA LYS E 269 19.08 -36.58 48.64
C LYS E 269 17.98 -36.14 47.68
N PRO E 270 18.31 -35.95 46.40
CA PRO E 270 17.29 -35.54 45.43
C PRO E 270 16.21 -36.60 45.28
N THR E 271 14.98 -36.15 45.05
CA THR E 271 13.85 -37.04 44.90
C THR E 271 13.78 -37.63 43.49
N MET F 1 41.18 -22.13 56.93
CA MET F 1 42.11 -22.18 55.81
C MET F 1 43.37 -22.98 56.17
N HIS F 2 44.25 -23.15 55.19
CA HIS F 2 45.49 -23.89 55.42
C HIS F 2 46.60 -23.03 55.98
N ARG F 3 46.42 -21.71 56.03
CA ARG F 3 47.41 -20.80 56.59
C ARG F 3 47.47 -20.87 58.12
N THR F 4 46.46 -21.46 58.76
CA THR F 4 46.37 -21.40 60.21
C THR F 4 47.32 -22.36 60.93
N TYR F 5 48.02 -23.24 60.19
CA TYR F 5 49.11 -23.99 60.78
C TYR F 5 50.35 -24.06 59.90
N SER F 6 50.46 -23.22 58.87
CA SER F 6 51.59 -23.26 57.97
C SER F 6 52.07 -21.84 57.65
N LEU F 7 53.35 -21.74 57.32
CA LEU F 7 53.94 -20.48 56.89
C LEU F 7 53.80 -20.23 55.39
N ARG F 8 53.37 -21.22 54.62
CA ARG F 8 53.21 -21.09 53.18
C ARG F 8 51.73 -21.22 52.80
N ASN F 9 51.36 -20.55 51.72
CA ASN F 9 49.98 -20.56 51.25
C ASN F 9 49.56 -21.89 50.65
N SER F 10 50.48 -22.84 50.48
CA SER F 10 50.12 -24.14 49.94
C SER F 10 49.14 -24.85 50.84
N ARG F 11 48.24 -25.61 50.23
CA ARG F 11 47.14 -26.27 50.92
C ARG F 11 47.54 -27.68 51.31
N ALA F 12 47.30 -28.03 52.58
CA ALA F 12 47.60 -29.38 53.04
C ALA F 12 46.63 -30.38 52.42
N PRO F 13 47.06 -31.63 52.23
CA PRO F 13 46.16 -32.64 51.66
C PRO F 13 44.94 -32.87 52.54
N THR F 14 43.80 -33.11 51.88
CA THR F 14 42.54 -33.34 52.55
C THR F 14 41.96 -34.66 52.05
N ALA F 15 40.72 -34.96 52.48
CA ALA F 15 40.06 -36.18 52.06
C ALA F 15 39.82 -36.18 50.55
N SER F 16 39.36 -35.04 50.00
CA SER F 16 39.15 -34.95 48.56
C SER F 16 40.47 -35.07 47.80
N GLN F 17 41.53 -34.44 48.32
CA GLN F 17 42.84 -34.54 47.67
C GLN F 17 43.39 -35.96 47.76
N LEU F 18 43.15 -36.64 48.88
CA LEU F 18 43.58 -38.03 49.01
C LEU F 18 42.82 -38.94 48.04
N GLN F 19 41.50 -38.72 47.89
CA GLN F 19 40.70 -39.55 47.00
C GLN F 19 41.06 -39.30 45.54
N ASN F 20 41.18 -38.03 45.15
CA ASN F 20 41.48 -37.66 43.77
C ASN F 20 42.60 -36.62 43.78
N PRO F 21 43.57 -36.73 42.87
CA PRO F 21 44.65 -35.76 42.84
C PRO F 21 44.11 -34.37 42.56
N PRO F 22 44.77 -33.33 43.06
CA PRO F 22 44.31 -31.95 42.83
C PRO F 22 44.25 -31.64 41.35
N PRO F 23 43.27 -30.85 40.92
CA PRO F 23 43.15 -30.52 39.48
C PRO F 23 44.34 -29.71 39.01
N PRO F 24 44.74 -29.88 37.75
CA PRO F 24 45.85 -29.08 37.21
C PRO F 24 45.49 -27.61 37.16
N PRO F 25 46.47 -26.73 37.30
CA PRO F 25 46.18 -25.30 37.28
C PRO F 25 45.80 -24.81 35.89
N SER F 26 45.36 -23.56 35.83
CA SER F 26 44.96 -22.96 34.55
C SER F 26 46.15 -22.83 33.63
N THR F 27 45.90 -22.93 32.32
CA THR F 27 46.97 -22.86 31.35
C THR F 27 47.63 -21.49 31.35
N THR F 28 46.84 -20.42 31.43
CA THR F 28 47.34 -19.06 31.41
C THR F 28 46.98 -18.34 32.69
N LYS F 29 47.94 -17.61 33.26
CA LYS F 29 47.74 -16.81 34.47
C LYS F 29 48.40 -15.45 34.26
N GLY F 30 47.63 -14.51 33.73
CA GLY F 30 48.18 -13.18 33.48
C GLY F 30 48.33 -12.39 34.77
N ARG F 31 49.45 -11.68 34.88
CA ARG F 31 49.73 -10.85 36.06
C ARG F 31 49.11 -9.47 35.84
N PHE F 32 47.79 -9.42 36.00
CA PHE F 32 47.03 -8.20 35.82
C PHE F 32 45.86 -8.18 36.79
N PHE F 33 45.38 -6.98 37.11
CA PHE F 33 44.25 -6.85 38.01
C PHE F 33 42.98 -7.47 37.42
N GLY F 34 42.77 -7.27 36.12
CA GLY F 34 41.59 -7.77 35.45
C GLY F 34 40.36 -6.90 35.57
N LYS F 35 40.45 -5.77 36.28
CA LYS F 35 39.29 -4.89 36.40
C LYS F 35 38.93 -4.28 35.05
N GLY F 36 39.92 -3.90 34.26
CA GLY F 36 39.69 -3.31 32.96
C GLY F 36 39.37 -1.83 32.97
N GLY F 37 39.36 -1.19 34.14
CA GLY F 37 39.05 0.23 34.22
C GLY F 37 39.49 0.80 35.54
N LEU F 38 39.62 2.13 35.57
CA LEU F 38 40.02 2.87 36.75
C LEU F 38 38.83 3.22 37.64
N ALA F 39 37.62 2.84 37.23
CA ALA F 39 36.42 3.19 37.98
C ALA F 39 36.41 2.59 39.38
N TYR F 40 36.84 1.34 39.51
CA TYR F 40 36.85 0.69 40.82
C TYR F 40 37.77 1.43 41.79
N SER F 41 39.00 1.71 41.37
CA SER F 41 39.94 2.41 42.24
C SER F 41 39.48 3.82 42.53
N PHE F 42 38.92 4.50 41.53
CA PHE F 42 38.42 5.86 41.74
C PHE F 42 37.30 5.89 42.76
N ARG F 43 36.36 4.96 42.66
CA ARG F 43 35.25 4.90 43.62
C ARG F 43 35.76 4.53 45.01
N ARG F 44 36.73 3.63 45.09
CA ARG F 44 37.28 3.26 46.38
C ARG F 44 38.00 4.43 47.04
N SER F 45 38.72 5.22 46.25
CA SER F 45 39.51 6.32 46.81
C SER F 45 38.69 7.57 47.08
N ALA F 46 37.58 7.78 46.36
CA ALA F 46 36.80 8.99 46.54
C ALA F 46 35.84 8.93 47.73
N ALA F 47 35.69 7.77 48.36
CA ALA F 47 34.74 7.65 49.46
C ALA F 47 35.19 8.45 50.68
N GLY F 48 36.47 8.37 51.04
CA GLY F 48 37.00 9.02 52.22
C GLY F 48 37.54 10.42 52.00
N ALA F 49 37.31 11.02 50.83
CA ALA F 49 37.86 12.35 50.57
C ALA F 49 37.21 13.41 51.45
N PHE F 50 35.90 13.31 51.68
CA PHE F 50 35.19 14.34 52.43
C PHE F 50 34.34 13.80 53.57
N GLY F 51 34.13 12.49 53.67
CA GLY F 51 33.29 11.93 54.70
C GLY F 51 33.89 12.04 56.09
N PRO F 52 33.03 11.90 57.11
CA PRO F 52 33.53 11.95 58.49
C PRO F 52 34.46 10.78 58.78
N GLU F 53 35.39 11.02 59.72
CA GLU F 53 36.41 10.02 60.02
C GLU F 53 35.82 8.75 60.61
N LEU F 54 34.81 8.87 61.48
CA LEU F 54 34.28 7.70 62.18
C LEU F 54 33.63 6.72 61.22
N SER F 55 32.87 7.21 60.25
CA SER F 55 32.10 6.37 59.35
C SER F 55 32.87 5.97 58.09
N ARG F 56 34.12 6.42 57.95
CA ARG F 56 34.89 6.11 56.74
C ARG F 56 35.15 4.61 56.62
N LYS F 57 35.49 3.96 57.74
CA LYS F 57 35.86 2.55 57.70
C LYS F 57 34.72 1.69 57.18
N LEU F 58 33.50 1.92 57.67
CA LEU F 58 32.37 1.15 57.20
C LEU F 58 31.91 1.60 55.81
N SER F 59 32.04 2.89 55.51
CA SER F 59 31.64 3.38 54.19
C SER F 59 32.51 2.83 53.08
N GLN F 60 33.76 2.48 53.40
CA GLN F 60 34.64 1.92 52.37
C GLN F 60 34.19 0.54 51.91
N LEU F 61 33.50 -0.21 52.77
CA LEU F 61 33.12 -1.57 52.43
C LEU F 61 31.94 -1.61 51.46
N VAL F 62 31.08 -0.59 51.49
CA VAL F 62 29.89 -0.59 50.64
C VAL F 62 30.28 -0.59 49.16
N LYS F 63 31.31 0.17 48.80
CA LYS F 63 31.72 0.24 47.41
C LYS F 63 32.22 -1.11 46.91
N ILE F 64 33.04 -1.79 47.70
CA ILE F 64 33.56 -3.09 47.28
C ILE F 64 32.44 -4.13 47.27
N GLU F 65 31.45 -4.00 48.16
CA GLU F 65 30.30 -4.90 48.10
C GLU F 65 29.50 -4.68 46.81
N LYS F 66 29.33 -3.42 46.41
CA LYS F 66 28.68 -3.13 45.14
C LYS F 66 29.47 -3.70 43.97
N ASN F 67 30.79 -3.61 44.03
CA ASN F 67 31.63 -4.21 42.99
C ASN F 67 31.44 -5.73 42.94
N VAL F 68 31.35 -6.37 44.11
CA VAL F 68 31.09 -7.80 44.16
C VAL F 68 29.75 -8.11 43.51
N LEU F 69 28.73 -7.31 43.80
CA LEU F 69 27.42 -7.52 43.21
C LEU F 69 27.46 -7.40 41.70
N ARG F 70 28.15 -6.38 41.19
CA ARG F 70 28.25 -6.20 39.74
C ARG F 70 28.99 -7.36 39.08
N SER F 71 30.08 -7.82 39.69
CA SER F 71 30.82 -8.94 39.13
C SER F 71 29.97 -10.21 39.13
N MET F 72 29.21 -10.45 40.20
CA MET F 72 28.32 -11.60 40.22
C MET F 72 27.25 -11.50 39.15
N GLU F 73 26.72 -10.29 38.92
CA GLU F 73 25.74 -10.11 37.86
C GLU F 73 26.33 -10.43 36.49
N LEU F 74 27.56 -9.97 36.24
CA LEU F 74 28.22 -10.27 34.97
C LEU F 74 28.44 -11.77 34.81
N THR F 75 28.87 -12.44 35.89
CA THR F 75 29.07 -13.88 35.84
C THR F 75 27.77 -14.60 35.51
N ALA F 76 26.67 -14.22 36.17
CA ALA F 76 25.39 -14.85 35.92
C ALA F 76 24.93 -14.62 34.48
N ASN F 77 25.11 -13.39 33.98
CA ASN F 77 24.70 -13.09 32.61
C ASN F 77 25.48 -13.94 31.61
N GLU F 78 26.80 -14.05 31.79
CA GLU F 78 27.60 -14.83 30.86
C GLU F 78 27.27 -16.32 30.94
N ARG F 79 27.03 -16.84 32.14
CA ARG F 79 26.65 -18.25 32.27
C ARG F 79 25.30 -18.50 31.63
N ARG F 80 24.37 -17.56 31.76
CA ARG F 80 23.08 -17.68 31.07
C ARG F 80 23.27 -17.66 29.56
N ASP F 81 24.17 -16.81 29.06
CA ASP F 81 24.41 -16.75 27.62
C ASP F 81 25.00 -18.04 27.08
N ALA F 82 25.87 -18.69 27.87
CA ALA F 82 26.56 -19.89 27.38
C ALA F 82 25.58 -21.03 27.10
N ALA F 83 24.48 -21.10 27.85
CA ALA F 83 23.52 -22.19 27.65
C ALA F 83 22.86 -22.12 26.28
N LYS F 84 22.62 -20.92 25.76
CA LYS F 84 22.03 -20.79 24.43
C LYS F 84 22.93 -21.38 23.37
N GLN F 85 24.24 -21.08 23.44
CA GLN F 85 25.17 -21.64 22.48
C GLN F 85 25.28 -23.16 22.63
N LEU F 86 25.29 -23.64 23.87
CA LEU F 86 25.33 -25.08 24.10
C LEU F 86 24.10 -25.75 23.47
N SER F 87 22.94 -25.12 23.61
CA SER F 87 21.71 -25.70 23.05
C SER F 87 21.72 -25.68 21.52
N ILE F 88 22.13 -24.56 20.91
CA ILE F 88 22.10 -24.49 19.45
C ILE F 88 23.13 -25.41 18.82
N TRP F 89 24.25 -25.67 19.50
CA TRP F 89 25.25 -26.58 18.95
C TRP F 89 24.68 -27.97 18.69
N GLY F 90 23.66 -28.39 19.44
CA GLY F 90 23.17 -29.74 19.34
C GLY F 90 22.30 -30.02 18.14
N LEU F 91 22.00 -29.00 17.33
CA LEU F 91 21.12 -29.20 16.18
C LEU F 91 21.75 -30.14 15.17
N GLU F 92 23.04 -29.96 14.88
CA GLU F 92 23.74 -30.77 13.87
C GLU F 92 24.46 -31.92 14.57
N ASN F 93 23.68 -32.90 14.99
CA ASN F 93 24.20 -34.10 15.65
C ASN F 93 23.09 -35.15 15.65
N ASP F 94 23.30 -36.23 16.39
CA ASP F 94 22.31 -37.28 16.48
C ASP F 94 21.10 -36.80 17.29
N ASP F 95 19.96 -37.48 17.08
CA ASP F 95 18.72 -37.06 17.72
C ASP F 95 18.81 -37.16 19.25
N ASP F 96 19.39 -38.25 19.76
CA ASP F 96 19.52 -38.39 21.20
C ASP F 96 20.42 -37.31 21.78
N VAL F 97 21.53 -37.02 21.10
CA VAL F 97 22.43 -35.96 21.55
C VAL F 97 21.72 -34.62 21.56
N SER F 98 20.93 -34.34 20.51
CA SER F 98 20.22 -33.07 20.43
C SER F 98 19.20 -32.94 21.56
N ASP F 99 18.44 -34.00 21.82
CA ASP F 99 17.43 -33.94 22.87
C ASP F 99 18.06 -33.76 24.25
N ILE F 100 19.11 -34.54 24.54
CA ILE F 100 19.80 -34.43 25.81
C ILE F 100 20.40 -33.03 25.96
N THR F 101 20.97 -32.50 24.87
CA THR F 101 21.55 -31.17 24.91
C THR F 101 20.50 -30.12 25.23
N ASP F 102 19.34 -30.19 24.59
CA ASP F 102 18.29 -29.20 24.84
C ASP F 102 17.82 -29.26 26.30
N LYS F 103 17.56 -30.47 26.79
CA LYS F 103 17.03 -30.59 28.16
C LYS F 103 18.05 -30.14 29.19
N LEU F 104 19.29 -30.61 29.07
CA LEU F 104 20.31 -30.16 30.01
C LEU F 104 20.60 -28.68 29.83
N GLY F 105 20.36 -28.15 28.64
CA GLY F 105 20.56 -26.72 28.42
C GLY F 105 19.57 -25.88 29.20
N VAL F 106 18.29 -26.27 29.18
CA VAL F 106 17.34 -25.53 30.01
C VAL F 106 17.62 -25.76 31.49
N LEU F 107 18.06 -26.98 31.83
CA LEU F 107 18.37 -27.28 33.23
C LEU F 107 19.50 -26.41 33.76
N ILE F 108 20.53 -26.18 32.93
CA ILE F 108 21.65 -25.34 33.34
C ILE F 108 21.36 -23.86 33.18
N TYR F 109 20.44 -23.48 32.28
CA TYR F 109 19.97 -22.12 32.17
C TYR F 109 19.13 -21.69 33.37
N GLU F 110 18.56 -22.66 34.09
CA GLU F 110 17.81 -22.38 35.31
C GLU F 110 18.60 -21.58 36.34
N VAL F 111 19.92 -21.74 36.35
CA VAL F 111 20.81 -21.19 37.38
C VAL F 111 20.72 -19.67 37.48
N SER F 112 20.49 -19.01 36.35
CA SER F 112 20.56 -17.55 36.30
C SER F 112 19.51 -16.90 37.19
N GLU F 113 18.30 -17.46 37.24
CA GLU F 113 17.26 -16.90 38.08
C GLU F 113 17.64 -16.97 39.56
N LEU F 114 18.19 -18.11 39.99
CA LEU F 114 18.64 -18.26 41.36
C LEU F 114 19.75 -17.26 41.68
N ASP F 115 20.67 -17.06 40.74
CA ASP F 115 21.74 -16.08 40.93
C ASP F 115 21.17 -14.67 41.07
N ASP F 116 20.16 -14.33 40.27
CA ASP F 116 19.56 -13.01 40.36
C ASP F 116 18.85 -12.79 41.69
N GLN F 117 18.14 -13.82 42.18
CA GLN F 117 17.49 -13.70 43.47
C GLN F 117 18.51 -13.53 44.59
N PHE F 118 19.60 -14.31 44.54
CA PHE F 118 20.65 -14.15 45.53
C PHE F 118 21.26 -12.75 45.46
N ILE F 119 21.40 -12.20 44.25
CA ILE F 119 21.93 -10.86 44.09
C ILE F 119 21.00 -9.83 44.74
N ASP F 120 19.69 -9.99 44.56
CA ASP F 120 18.74 -9.06 45.16
C ASP F 120 18.81 -9.12 46.68
N ARG F 121 18.90 -10.32 47.26
CA ARG F 121 18.99 -10.43 48.71
C ARG F 121 20.30 -9.85 49.22
N TYR F 122 21.39 -10.05 48.47
CA TYR F 122 22.66 -9.41 48.79
C TYR F 122 22.53 -7.89 48.79
N ASP F 123 21.79 -7.35 47.82
CA ASP F 123 21.56 -5.91 47.76
C ASP F 123 20.80 -5.42 48.98
N GLN F 124 19.80 -6.17 49.43
CA GLN F 124 19.09 -5.78 50.65
C GLN F 124 20.01 -5.78 51.87
N TYR F 125 20.85 -6.80 52.00
CA TYR F 125 21.81 -6.83 53.11
C TYR F 125 22.77 -5.64 53.04
N ARG F 126 23.24 -5.31 51.84
CA ARG F 126 24.08 -4.13 51.66
C ARG F 126 23.34 -2.86 52.04
N LEU F 127 22.03 -2.80 51.74
CA LEU F 127 21.26 -1.62 52.11
C LEU F 127 21.22 -1.43 53.62
N THR F 128 21.00 -2.51 54.37
CA THR F 128 21.00 -2.39 55.82
C THR F 128 22.38 -1.99 56.35
N LEU F 129 23.43 -2.61 55.82
CA LEU F 129 24.78 -2.26 56.24
C LEU F 129 25.09 -0.80 55.94
N LYS F 130 24.55 -0.29 54.83
CA LYS F 130 24.64 1.14 54.53
C LYS F 130 23.89 1.97 55.56
N SER F 131 22.69 1.51 55.94
CA SER F 131 21.89 2.24 56.93
C SER F 131 22.61 2.42 58.25
N ILE F 132 23.47 1.48 58.62
CA ILE F 132 24.28 1.67 59.83
C ILE F 132 25.16 2.92 59.73
N ARG F 133 25.74 3.16 58.55
CA ARG F 133 26.70 4.24 58.37
C ARG F 133 26.06 5.60 58.61
N ASP F 134 24.78 5.74 58.29
CA ASP F 134 24.10 7.01 58.51
C ASP F 134 24.09 7.38 59.99
N ILE F 135 23.75 6.42 60.84
CA ILE F 135 23.72 6.68 62.28
C ILE F 135 25.12 6.94 62.81
N GLU F 136 26.11 6.21 62.31
CA GLU F 136 27.48 6.48 62.73
C GLU F 136 27.91 7.92 62.39
N GLY F 137 27.65 8.34 61.15
CA GLY F 137 28.06 9.67 60.73
C GLY F 137 27.25 10.77 61.37
N SER F 138 26.03 10.44 61.82
CA SER F 138 25.26 11.41 62.60
C SER F 138 25.80 11.52 64.02
N VAL F 139 26.30 10.41 64.57
CA VAL F 139 26.81 10.40 65.94
C VAL F 139 28.11 11.20 66.04
N GLN F 140 29.00 11.09 65.05
CA GLN F 140 30.32 11.70 65.16
C GLN F 140 30.30 13.19 65.49
N PRO F 141 29.57 14.07 64.77
CA PRO F 141 29.70 15.51 65.04
C PRO F 141 29.26 15.91 66.44
N SER F 142 28.27 15.22 67.01
CA SER F 142 27.85 15.53 68.38
C SER F 142 28.98 15.26 69.37
N ARG F 143 29.79 14.23 69.10
CA ARG F 143 30.92 13.94 69.97
C ARG F 143 32.05 14.95 69.77
N ASP F 144 32.26 15.43 68.54
CA ASP F 144 33.39 16.31 68.28
C ASP F 144 33.30 17.61 69.08
N ARG F 145 32.11 18.22 69.12
CA ARG F 145 31.96 19.54 69.73
C ARG F 145 32.21 19.49 71.23
N LYS F 146 31.72 18.45 71.90
CA LYS F 146 31.93 18.33 73.34
C LYS F 146 33.42 18.25 73.67
N ASP F 147 34.18 17.52 72.86
CA ASP F 147 35.63 17.45 73.07
C ASP F 147 36.27 18.81 72.82
N LYS F 148 35.83 19.53 71.77
CA LYS F 148 36.48 20.80 71.45
C LYS F 148 36.25 21.85 72.53
N ILE F 149 35.03 21.94 73.04
CA ILE F 149 34.70 22.97 74.04
C ILE F 149 35.30 22.61 75.40
N THR F 150 35.94 21.45 75.49
CA THR F 150 36.73 21.08 76.66
C THR F 150 38.15 21.62 76.60
N ASP F 151 38.83 21.44 75.46
CA ASP F 151 40.12 22.10 75.27
C ASP F 151 39.97 23.61 75.34
N LYS F 152 38.84 24.14 74.86
CA LYS F 152 38.63 25.59 74.94
C LYS F 152 38.63 26.07 76.39
N ILE F 153 37.84 25.43 77.26
CA ILE F 153 37.76 25.88 78.64
C ILE F 153 39.08 25.62 79.36
N ALA F 154 39.76 24.53 79.03
CA ALA F 154 41.06 24.26 79.64
C ALA F 154 42.06 25.37 79.30
N TYR F 155 42.12 25.76 78.03
CA TYR F 155 43.04 26.82 77.62
C TYR F 155 42.68 28.15 78.27
N LEU F 156 41.38 28.48 78.31
CA LEU F 156 40.98 29.74 78.91
C LEU F 156 41.23 29.78 80.41
N LYS F 157 41.10 28.64 81.09
CA LYS F 157 41.46 28.57 82.50
C LYS F 157 42.96 28.73 82.69
N TYR F 158 43.76 28.15 81.79
CA TYR F 158 45.21 28.32 81.86
C TYR F 158 45.60 29.78 81.69
N LYS F 159 44.96 30.48 80.76
CA LYS F 159 45.34 31.87 80.47
C LYS F 159 45.11 32.76 81.69
N ASP F 160 43.91 32.70 82.27
CA ASP F 160 43.60 33.44 83.49
C ASP F 160 42.39 32.84 84.18
N PRO F 161 42.49 32.50 85.46
CA PRO F 161 41.36 31.88 86.17
C PRO F 161 40.30 32.86 86.65
N GLN F 162 40.48 34.16 86.43
CA GLN F 162 39.54 35.16 86.90
C GLN F 162 38.50 35.53 85.86
N SER F 163 38.51 34.91 84.68
CA SER F 163 37.54 35.22 83.66
C SER F 163 36.15 34.70 84.07
N PRO F 164 35.09 35.39 83.67
CA PRO F 164 33.73 34.95 84.04
C PRO F 164 33.16 33.87 83.11
N LYS F 165 33.89 33.47 82.07
CA LYS F 165 33.39 32.49 81.12
C LYS F 165 33.55 31.05 81.61
N ILE F 166 34.21 30.86 82.75
CA ILE F 166 34.48 29.50 83.24
C ILE F 166 33.17 28.77 83.52
N GLU F 167 32.24 29.42 84.20
CA GLU F 167 31.01 28.73 84.63
C GLU F 167 30.13 28.39 83.44
N VAL F 168 29.98 29.31 82.48
CA VAL F 168 29.14 29.03 81.32
C VAL F 168 29.78 27.96 80.44
N LEU F 169 31.10 28.01 80.28
CA LEU F 169 31.78 26.97 79.52
C LEU F 169 31.63 25.61 80.19
N GLU F 170 31.74 25.57 81.52
CA GLU F 170 31.59 24.30 82.24
C GLU F 170 30.18 23.75 82.09
N GLN F 171 29.17 24.61 82.17
CA GLN F 171 27.80 24.11 82.01
C GLN F 171 27.53 23.63 80.59
N GLU F 172 28.06 24.34 79.59
CA GLU F 172 27.95 23.86 78.23
C GLU F 172 28.63 22.49 78.08
N LEU F 173 29.76 22.32 78.74
CA LEU F 173 30.42 21.01 78.78
C LEU F 173 29.52 19.95 79.39
N VAL F 174 28.83 20.29 80.48
CA VAL F 174 27.95 19.32 81.14
C VAL F 174 26.81 18.90 80.22
N ARG F 175 26.16 19.88 79.57
CA ARG F 175 25.05 19.56 78.68
C ARG F 175 25.51 18.72 77.49
N ALA F 176 26.62 19.11 76.88
CA ALA F 176 27.16 18.33 75.77
C ALA F 176 27.57 16.94 76.22
N GLU F 177 28.07 16.81 77.45
CA GLU F 177 28.43 15.50 77.98
C GLU F 177 27.21 14.60 78.12
N ALA F 178 26.11 15.14 78.63
CA ALA F 178 24.89 14.34 78.75
C ALA F 178 24.39 13.88 77.37
N GLU F 179 24.36 14.81 76.41
CA GLU F 179 23.92 14.45 75.06
C GLU F 179 24.83 13.39 74.45
N SER F 180 26.15 13.55 74.64
CA SER F 180 27.10 12.59 74.10
C SER F 180 26.94 11.22 74.75
N LEU F 181 26.66 11.18 76.04
CA LEU F 181 26.44 9.91 76.71
C LEU F 181 25.24 9.18 76.12
N VAL F 182 24.13 9.90 75.92
CA VAL F 182 22.94 9.27 75.34
C VAL F 182 23.26 8.75 73.93
N ALA F 183 23.93 9.59 73.12
CA ALA F 183 24.24 9.20 71.76
C ALA F 183 25.16 7.97 71.73
N GLU F 184 26.17 7.95 72.60
CA GLU F 184 27.12 6.85 72.69
C GLU F 184 26.46 5.54 73.09
N ALA F 185 25.52 5.57 74.03
CA ALA F 185 24.79 4.35 74.36
C ALA F 185 23.94 3.85 73.21
N GLN F 186 23.16 4.74 72.58
CA GLN F 186 22.28 4.28 71.52
C GLN F 186 23.07 3.78 70.31
N LEU F 187 24.24 4.38 70.06
CA LEU F 187 25.06 3.96 68.93
C LEU F 187 25.44 2.49 69.04
N SER F 188 25.92 2.08 70.21
CA SER F 188 26.28 0.68 70.42
C SER F 188 25.05 -0.22 70.31
N ASN F 189 23.94 0.20 70.94
CA ASN F 189 22.71 -0.58 70.84
C ASN F 189 22.33 -0.84 69.38
N ILE F 190 22.27 0.24 68.59
CA ILE F 190 21.79 0.15 67.21
C ILE F 190 22.75 -0.67 66.37
N THR F 191 24.06 -0.45 66.52
CA THR F 191 25.00 -1.18 65.67
C THR F 191 24.94 -2.68 65.97
N ARG F 192 24.85 -3.06 67.25
CA ARG F 192 24.73 -4.48 67.56
C ARG F 192 23.47 -5.08 66.95
N SER F 193 22.31 -4.43 67.17
CA SER F 193 21.06 -5.01 66.67
C SER F 193 21.05 -5.11 65.15
N LYS F 194 21.46 -4.03 64.46
CA LYS F 194 21.42 -4.03 63.01
C LYS F 194 22.40 -5.04 62.42
N LEU F 195 23.61 -5.13 63.00
CA LEU F 195 24.57 -6.12 62.51
C LEU F 195 24.00 -7.53 62.63
N ARG F 196 23.45 -7.87 63.80
CA ARG F 196 22.90 -9.21 63.97
C ARG F 196 21.78 -9.49 62.96
N ALA F 197 20.82 -8.57 62.85
CA ALA F 197 19.68 -8.82 61.97
C ALA F 197 20.11 -8.96 60.51
N ALA F 198 20.91 -8.01 60.03
CA ALA F 198 21.35 -8.05 58.64
C ALA F 198 22.17 -9.29 58.35
N PHE F 199 23.02 -9.69 59.28
CA PHE F 199 23.94 -10.78 58.98
C PHE F 199 23.21 -12.12 59.02
N ASN F 200 22.21 -12.26 59.89
CA ASN F 200 21.33 -13.43 59.81
C ASN F 200 20.59 -13.47 58.48
N TYR F 201 20.05 -12.33 58.05
CA TYR F 201 19.34 -12.29 56.78
C TYR F 201 20.26 -12.68 55.62
N GLN F 202 21.49 -12.20 55.63
CA GLN F 202 22.45 -12.53 54.59
C GLN F 202 22.89 -13.99 54.64
N PHE F 203 23.01 -14.59 55.82
CA PHE F 203 23.42 -15.98 55.94
C PHE F 203 22.33 -16.96 55.55
N ASP F 204 21.05 -16.60 55.70
CA ASP F 204 19.99 -17.52 55.27
C ASP F 204 19.91 -17.67 53.76
N SER F 205 20.05 -16.56 53.03
CA SER F 205 19.88 -16.58 51.58
C SER F 205 20.93 -17.45 50.91
N ILE F 206 22.17 -17.38 51.39
CA ILE F 206 23.25 -18.12 50.72
C ILE F 206 23.06 -19.62 50.87
N ILE F 207 22.63 -20.09 52.05
CA ILE F 207 22.41 -21.52 52.21
C ILE F 207 21.20 -21.98 51.41
N GLU F 208 20.14 -21.14 51.36
CA GLU F 208 19.00 -21.50 50.53
C GLU F 208 19.41 -21.66 49.06
N HIS F 209 20.15 -20.69 48.53
CA HIS F 209 20.58 -20.75 47.14
C HIS F 209 21.51 -21.92 46.89
N SER F 210 22.42 -22.21 47.83
CA SER F 210 23.33 -23.32 47.66
C SER F 210 22.57 -24.64 47.63
N GLU F 211 21.58 -24.81 48.50
CA GLU F 211 20.80 -26.05 48.50
C GLU F 211 20.01 -26.20 47.20
N LYS F 212 19.43 -25.11 46.70
CA LYS F 212 18.72 -25.19 45.42
C LYS F 212 19.66 -25.56 44.28
N ILE F 213 20.84 -24.96 44.25
CA ILE F 213 21.82 -25.27 43.21
C ILE F 213 22.25 -26.73 43.28
N ALA F 214 22.47 -27.23 44.51
CA ALA F 214 22.86 -28.63 44.67
C ALA F 214 21.77 -29.57 44.18
N LEU F 215 20.51 -29.24 44.49
CA LEU F 215 19.40 -30.07 44.00
C LEU F 215 19.35 -30.08 42.48
N ILE F 216 19.52 -28.91 41.85
CA ILE F 216 19.49 -28.83 40.39
C ILE F 216 20.62 -29.65 39.80
N ALA F 217 21.83 -29.55 40.39
CA ALA F 217 22.97 -30.30 39.89
C ALA F 217 22.76 -31.80 40.02
N GLY F 218 22.20 -32.24 41.14
CA GLY F 218 21.92 -33.65 41.31
C GLY F 218 20.91 -34.17 40.31
N TYR F 219 19.85 -33.39 40.07
CA TYR F 219 18.86 -33.79 39.07
C TYR F 219 19.47 -33.87 37.67
N GLY F 220 20.33 -32.90 37.33
CA GLY F 220 20.99 -32.94 36.04
C GLY F 220 21.90 -34.15 35.89
N LYS F 221 22.65 -34.47 36.95
CA LYS F 221 23.53 -35.65 36.90
C LYS F 221 22.70 -36.92 36.76
N ALA F 222 21.57 -36.99 37.44
CA ALA F 222 20.68 -38.15 37.27
C ALA F 222 20.16 -38.24 35.84
N LEU F 223 19.82 -37.10 35.24
CA LEU F 223 19.32 -37.10 33.87
C LEU F 223 20.39 -37.52 32.88
N LEU F 224 21.65 -37.17 33.13
CA LEU F 224 22.71 -37.42 32.14
C LEU F 224 22.94 -38.90 31.89
N GLU F 225 22.53 -39.77 32.83
CA GLU F 225 22.79 -41.20 32.71
C GLU F 225 22.10 -41.82 31.49
N LEU F 226 20.99 -41.24 31.05
CA LEU F 226 20.16 -41.77 29.96
C LEU F 226 20.86 -41.72 28.57
N LEU F 227 22.10 -41.24 28.46
CA LEU F 227 22.75 -41.11 27.15
C LEU F 227 23.06 -42.45 26.51
N ASP F 228 23.38 -43.48 27.30
CA ASP F 228 23.72 -44.81 26.80
C ASP F 228 24.91 -44.74 25.83
N ASP F 229 26.05 -44.34 26.38
CA ASP F 229 27.29 -44.21 25.61
C ASP F 229 27.92 -45.58 25.47
N SER F 230 27.84 -46.15 24.28
CA SER F 230 28.44 -47.45 23.99
C SER F 230 29.27 -47.36 22.72
N PRO F 231 30.37 -48.10 22.63
CA PRO F 231 31.19 -48.05 21.42
C PRO F 231 30.59 -48.88 20.30
N VAL F 232 30.71 -48.36 19.07
CA VAL F 232 30.19 -49.02 17.89
C VAL F 232 31.26 -49.02 16.80
N THR F 233 31.47 -50.16 16.17
CA THR F 233 32.40 -50.27 15.06
C THR F 233 31.74 -49.80 13.77
N PRO F 234 32.53 -49.34 12.80
CA PRO F 234 31.95 -48.90 11.53
C PRO F 234 31.24 -50.05 10.81
N GLY F 235 30.14 -49.70 10.13
CA GLY F 235 29.33 -50.70 9.47
C GLY F 235 28.13 -51.18 10.24
N GLU F 236 27.83 -50.57 11.38
CA GLU F 236 26.68 -50.94 12.20
C GLU F 236 25.81 -49.71 12.45
N THR F 237 24.54 -49.97 12.74
CA THR F 237 23.56 -48.92 13.00
C THR F 237 23.04 -49.07 14.42
N ARG F 238 23.11 -47.99 15.19
CA ARG F 238 22.60 -48.02 16.55
C ARG F 238 21.07 -48.02 16.54
N PRO F 239 20.44 -48.64 17.54
CA PRO F 239 18.97 -48.68 17.57
C PRO F 239 18.38 -47.30 17.75
N ALA F 240 17.15 -47.14 17.25
CA ALA F 240 16.44 -45.87 17.39
C ALA F 240 16.25 -45.52 18.85
N TYR F 241 16.41 -44.25 19.19
CA TYR F 241 16.37 -43.77 20.56
C TYR F 241 14.97 -43.26 20.88
N ASP F 242 14.44 -43.66 22.04
CA ASP F 242 13.16 -43.18 22.54
C ASP F 242 13.29 -42.95 24.04
N GLY F 243 13.42 -41.68 24.43
CA GLY F 243 13.57 -41.34 25.84
C GLY F 243 12.85 -40.05 26.20
N TYR F 244 11.96 -39.59 25.33
CA TYR F 244 11.22 -38.36 25.60
C TYR F 244 10.34 -38.51 26.83
N GLU F 245 9.67 -39.66 26.96
CA GLU F 245 8.81 -39.94 28.11
C GLU F 245 9.57 -40.03 29.42
N ALA F 246 10.89 -40.16 29.39
CA ALA F 246 11.69 -40.19 30.60
C ALA F 246 12.32 -38.82 30.84
N SER F 247 12.83 -38.19 29.77
CA SER F 247 13.46 -36.89 29.90
C SER F 247 12.46 -35.82 30.32
N LYS F 248 11.29 -35.80 29.69
CA LYS F 248 10.27 -34.82 30.06
C LYS F 248 9.81 -35.03 31.50
N GLN F 249 9.64 -36.29 31.91
CA GLN F 249 9.26 -36.58 33.28
C GLN F 249 10.33 -36.12 34.26
N ILE F 250 11.60 -36.34 33.91
CA ILE F 250 12.69 -35.90 34.77
C ILE F 250 12.69 -34.38 34.92
N ILE F 251 12.51 -33.67 33.81
CA ILE F 251 12.49 -32.20 33.87
C ILE F 251 11.33 -31.71 34.72
N ILE F 252 10.14 -32.29 34.52
CA ILE F 252 8.97 -31.87 35.29
C ILE F 252 9.18 -32.16 36.78
N ASP F 253 9.70 -33.34 37.09
CA ASP F 253 9.93 -33.70 38.49
C ASP F 253 10.96 -32.77 39.12
N ALA F 254 12.02 -32.43 38.39
CA ALA F 254 13.03 -31.52 38.91
C ALA F 254 12.44 -30.15 39.19
N GLU F 255 11.64 -29.62 38.25
CA GLU F 255 11.03 -28.31 38.47
C GLU F 255 10.09 -28.34 39.66
N SER F 256 9.28 -29.40 39.78
CA SER F 256 8.34 -29.49 40.89
C SER F 256 9.07 -29.60 42.23
N ALA F 257 10.14 -30.39 42.28
CA ALA F 257 10.91 -30.54 43.51
C ALA F 257 11.58 -29.23 43.89
N LEU F 258 12.11 -28.50 42.91
CA LEU F 258 12.72 -27.21 43.19
C LEU F 258 11.70 -26.22 43.72
N ASN F 259 10.51 -26.19 43.12
CA ASN F 259 9.47 -25.26 43.54
C ASN F 259 8.94 -25.60 44.93
N GLU F 260 8.79 -26.90 45.22
CA GLU F 260 8.15 -27.34 46.46
C GLU F 260 9.05 -27.10 47.66
N TRP F 261 10.37 -27.10 47.45
CA TRP F 261 11.30 -26.99 48.56
C TRP F 261 11.09 -25.69 49.34
N THR F 262 11.16 -25.79 50.67
CA THR F 262 10.95 -24.66 51.55
C THR F 262 12.11 -24.56 52.53
N LEU F 263 12.08 -23.52 53.37
CA LEU F 263 13.16 -23.28 54.32
C LEU F 263 13.26 -24.41 55.34
N ASP F 264 12.13 -24.88 55.85
CA ASP F 264 12.13 -25.93 56.85
C ASP F 264 12.49 -27.30 56.28
N SER F 265 12.54 -27.44 54.95
CA SER F 265 12.88 -28.70 54.30
C SER F 265 14.36 -28.79 53.97
N ALA F 266 15.22 -28.14 54.74
CA ALA F 266 16.65 -28.15 54.46
C ALA F 266 17.24 -29.53 54.78
N GLN F 267 17.86 -30.15 53.78
CA GLN F 267 18.46 -31.47 53.98
C GLN F 267 19.78 -31.40 54.73
N VAL F 268 20.51 -30.28 54.61
CA VAL F 268 21.81 -30.17 55.24
C VAL F 268 21.64 -30.05 56.76
N LYS F 269 22.38 -30.87 57.50
CA LYS F 269 22.33 -30.89 58.95
C LYS F 269 23.75 -30.71 59.49
N PRO F 270 24.19 -29.47 59.72
CA PRO F 270 25.53 -29.25 60.25
C PRO F 270 25.71 -29.89 61.62
N THR F 271 26.93 -30.37 61.87
CA THR F 271 27.25 -31.03 63.13
C THR F 271 27.55 -29.99 64.22
N MET G 1 13.13 -40.25 -90.12
CA MET G 1 12.52 -39.33 -89.17
C MET G 1 11.02 -39.23 -89.40
N HIS G 2 10.34 -38.49 -88.53
CA HIS G 2 8.89 -38.30 -88.64
C HIS G 2 8.52 -37.17 -89.59
N ARG G 3 9.48 -36.37 -90.04
CA ARG G 3 9.20 -35.30 -91.00
C ARG G 3 8.93 -35.82 -92.41
N THR G 4 9.25 -37.08 -92.69
CA THR G 4 9.19 -37.57 -94.06
C THR G 4 7.78 -37.89 -94.52
N TYR G 5 6.78 -37.84 -93.63
CA TYR G 5 5.39 -37.87 -94.07
C TYR G 5 4.50 -36.86 -93.37
N SER G 6 5.07 -35.85 -92.70
CA SER G 6 4.28 -34.88 -91.97
C SER G 6 4.84 -33.47 -92.20
N LEU G 7 3.95 -32.49 -92.08
CA LEU G 7 4.34 -31.08 -92.16
C LEU G 7 4.78 -30.50 -90.83
N ARG G 8 4.58 -31.23 -89.72
CA ARG G 8 4.97 -30.76 -88.40
C ARG G 8 6.06 -31.65 -87.83
N ASN G 9 6.90 -31.05 -86.99
CA ASN G 9 8.02 -31.76 -86.38
C ASN G 9 7.59 -32.76 -85.33
N SER G 10 6.31 -32.81 -84.97
CA SER G 10 5.83 -33.76 -83.99
C SER G 10 6.04 -35.19 -84.48
N ARG G 11 6.33 -36.09 -83.55
CA ARG G 11 6.68 -37.47 -83.85
C ARG G 11 5.44 -38.35 -83.79
N ALA G 12 5.25 -39.16 -84.83
CA ALA G 12 4.12 -40.08 -84.86
C ALA G 12 4.32 -41.19 -83.83
N PRO G 13 3.23 -41.74 -83.29
CA PRO G 13 3.35 -42.83 -82.32
C PRO G 13 4.06 -44.04 -82.92
N THR G 14 4.87 -44.70 -82.09
CA THR G 14 5.61 -45.89 -82.48
C THR G 14 5.30 -47.02 -81.51
N ALA G 15 6.02 -48.13 -81.67
CA ALA G 15 5.81 -49.28 -80.78
C ALA G 15 6.17 -48.94 -79.34
N SER G 16 7.30 -48.23 -79.15
CA SER G 16 7.69 -47.82 -77.81
C SER G 16 6.69 -46.84 -77.22
N GLN G 17 6.21 -45.89 -78.04
CA GLN G 17 5.22 -44.94 -77.56
C GLN G 17 3.90 -45.63 -77.24
N LEU G 18 3.52 -46.62 -78.03
CA LEU G 18 2.30 -47.38 -77.74
C LEU G 18 2.45 -48.18 -76.45
N GLN G 19 3.61 -48.79 -76.22
CA GLN G 19 3.81 -49.59 -75.01
C GLN G 19 3.88 -48.71 -73.77
N ASN G 20 4.63 -47.61 -73.84
CA ASN G 20 4.79 -46.70 -72.71
C ASN G 20 4.57 -45.28 -73.19
N PRO G 21 3.87 -44.45 -72.43
CA PRO G 21 3.65 -43.07 -72.85
C PRO G 21 4.97 -42.33 -72.98
N PRO G 22 5.04 -41.35 -73.88
CA PRO G 22 6.30 -40.59 -74.06
C PRO G 22 6.71 -39.91 -72.76
N PRO G 23 8.01 -39.82 -72.50
CA PRO G 23 8.48 -39.20 -71.26
C PRO G 23 8.13 -37.73 -71.23
N PRO G 24 7.86 -37.18 -70.04
CA PRO G 24 7.57 -35.75 -69.93
C PRO G 24 8.78 -34.91 -70.33
N PRO G 25 8.56 -33.71 -70.86
CA PRO G 25 9.68 -32.88 -71.28
C PRO G 25 10.44 -32.31 -70.10
N SER G 26 11.58 -31.68 -70.40
CA SER G 26 12.41 -31.10 -69.36
C SER G 26 11.68 -29.94 -68.67
N THR G 27 11.98 -29.76 -67.38
CA THR G 27 11.31 -28.70 -66.62
C THR G 27 11.65 -27.32 -67.15
N THR G 28 12.93 -27.10 -67.49
CA THR G 28 13.39 -25.80 -67.98
C THR G 28 13.97 -25.95 -69.38
N LYS G 29 13.61 -25.02 -70.27
CA LYS G 29 14.12 -24.98 -71.64
C LYS G 29 14.49 -23.53 -71.97
N GLY G 30 15.74 -23.16 -71.69
CA GLY G 30 16.18 -21.81 -71.96
C GLY G 30 16.39 -21.59 -73.45
N ARG G 31 15.96 -20.41 -73.92
CA ARG G 31 16.12 -20.04 -75.32
C ARG G 31 17.49 -19.37 -75.51
N PHE G 32 18.52 -20.22 -75.52
CA PHE G 32 19.89 -19.77 -75.65
C PHE G 32 20.68 -20.81 -76.44
N PHE G 33 21.76 -20.36 -77.07
CA PHE G 33 22.61 -21.28 -77.82
C PHE G 33 23.27 -22.31 -76.91
N GLY G 34 23.72 -21.87 -75.74
CA GLY G 34 24.39 -22.74 -74.80
C GLY G 34 25.87 -22.94 -75.05
N LYS G 35 26.43 -22.32 -76.10
CA LYS G 35 27.85 -22.46 -76.36
C LYS G 35 28.68 -21.81 -75.26
N GLY G 36 28.24 -20.66 -74.76
CA GLY G 36 28.95 -19.96 -73.71
C GLY G 36 30.12 -19.12 -74.17
N GLY G 37 30.39 -19.06 -75.47
CA GLY G 37 31.50 -18.27 -75.97
C GLY G 37 31.36 -18.03 -77.46
N LEU G 38 32.09 -17.02 -77.93
CA LEU G 38 32.10 -16.63 -79.33
C LEU G 38 33.13 -17.43 -80.15
N ALA G 39 33.88 -18.31 -79.49
CA ALA G 39 34.93 -19.07 -80.16
C ALA G 39 34.39 -19.95 -81.27
N TYR G 40 33.26 -20.62 -81.03
CA TYR G 40 32.69 -21.50 -82.05
C TYR G 40 32.33 -20.72 -83.31
N SER G 41 31.60 -19.62 -83.16
CA SER G 41 31.21 -18.83 -84.31
C SER G 41 32.41 -18.20 -85.00
N PHE G 42 33.39 -17.75 -84.22
CA PHE G 42 34.60 -17.16 -84.80
C PHE G 42 35.35 -18.17 -85.64
N ARG G 43 35.52 -19.39 -85.11
CA ARG G 43 36.21 -20.43 -85.86
C ARG G 43 35.42 -20.85 -87.10
N ARG G 44 34.10 -20.91 -86.99
CA ARG G 44 33.28 -21.26 -88.16
C ARG G 44 33.39 -20.19 -89.24
N SER G 45 33.42 -18.92 -88.86
CA SER G 45 33.44 -17.83 -89.84
C SER G 45 34.82 -17.55 -90.40
N ALA G 46 35.89 -17.85 -89.67
CA ALA G 46 37.22 -17.54 -90.14
C ALA G 46 37.78 -18.58 -91.12
N ALA G 47 37.10 -19.72 -91.30
CA ALA G 47 37.62 -20.75 -92.19
C ALA G 47 37.63 -20.30 -93.64
N GLY G 48 36.55 -19.67 -94.10
CA GLY G 48 36.41 -19.27 -95.48
C GLY G 48 36.89 -17.87 -95.81
N ALA G 49 37.58 -17.20 -94.89
CA ALA G 49 38.02 -15.84 -95.14
C ALA G 49 39.07 -15.78 -96.24
N PHE G 50 40.00 -16.74 -96.27
CA PHE G 50 41.10 -16.72 -97.22
C PHE G 50 41.28 -18.00 -98.02
N GLY G 51 40.61 -19.09 -97.65
CA GLY G 51 40.79 -20.35 -98.32
C GLY G 51 40.22 -20.37 -99.73
N PRO G 52 40.67 -21.33 -100.54
CA PRO G 52 40.14 -21.44 -101.90
C PRO G 52 38.66 -21.77 -101.91
N GLU G 53 37.98 -21.34 -102.97
CA GLU G 53 36.53 -21.50 -103.05
C GLU G 53 36.12 -22.97 -103.11
N LEU G 54 36.87 -23.80 -103.85
CA LEU G 54 36.47 -25.19 -104.04
C LEU G 54 36.47 -25.97 -102.74
N SER G 55 37.49 -25.78 -101.92
CA SER G 55 37.66 -26.57 -100.69
C SER G 55 36.98 -25.94 -99.48
N ARG G 56 36.30 -24.80 -99.65
CA ARG G 56 35.66 -24.14 -98.50
C ARG G 56 34.54 -25.00 -97.93
N LYS G 57 33.74 -25.62 -98.80
CA LYS G 57 32.56 -26.37 -98.34
C LYS G 57 32.97 -27.52 -97.43
N LEU G 58 34.00 -28.28 -97.83
CA LEU G 58 34.45 -29.39 -96.98
C LEU G 58 35.25 -28.89 -95.79
N SER G 59 35.99 -27.79 -95.94
CA SER G 59 36.77 -27.27 -94.83
C SER G 59 35.88 -26.75 -93.71
N GLN G 60 34.67 -26.31 -94.04
CA GLN G 60 33.76 -25.82 -93.00
C GLN G 60 33.31 -26.93 -92.06
N LEU G 61 33.27 -28.18 -92.54
CA LEU G 61 32.75 -29.26 -91.72
C LEU G 61 33.75 -29.72 -90.66
N VAL G 62 35.05 -29.54 -90.91
CA VAL G 62 36.07 -29.99 -89.98
C VAL G 62 35.95 -29.27 -88.64
N LYS G 63 35.67 -27.96 -88.67
CA LYS G 63 35.57 -27.20 -87.44
C LYS G 63 34.40 -27.67 -86.59
N ILE G 64 33.24 -27.90 -87.21
CA ILE G 64 32.08 -28.36 -86.45
C ILE G 64 32.29 -29.80 -85.96
N GLU G 65 33.03 -30.62 -86.72
CA GLU G 65 33.37 -31.95 -86.22
C GLU G 65 34.27 -31.87 -84.99
N LYS G 66 35.24 -30.94 -85.02
CA LYS G 66 36.08 -30.74 -83.84
C LYS G 66 35.26 -30.26 -82.65
N ASN G 67 34.28 -29.39 -82.90
CA ASN G 67 33.39 -28.95 -81.83
C ASN G 67 32.60 -30.11 -81.26
N VAL G 68 32.12 -31.01 -82.12
CA VAL G 68 31.42 -32.21 -81.67
C VAL G 68 32.33 -33.05 -80.80
N LEU G 69 33.59 -33.21 -81.22
CA LEU G 69 34.55 -34.00 -80.44
C LEU G 69 34.76 -33.38 -79.06
N ARG G 70 34.93 -32.06 -79.01
CA ARG G 70 35.15 -31.39 -77.72
C ARG G 70 33.93 -31.54 -76.81
N SER G 71 32.73 -31.39 -77.37
CA SER G 71 31.53 -31.53 -76.56
C SER G 71 31.38 -32.95 -76.03
N MET G 72 31.70 -33.94 -76.86
CA MET G 72 31.65 -35.33 -76.40
C MET G 72 32.67 -35.57 -75.30
N GLU G 73 33.86 -34.97 -75.43
CA GLU G 73 34.86 -35.10 -74.37
C GLU G 73 34.37 -34.51 -73.06
N LEU G 74 33.74 -33.33 -73.12
CA LEU G 74 33.21 -32.72 -71.91
C LEU G 74 32.11 -33.59 -71.29
N THR G 75 31.24 -34.15 -72.13
CA THR G 75 30.18 -35.04 -71.64
C THR G 75 30.78 -36.25 -70.92
N ALA G 76 31.78 -36.87 -71.54
CA ALA G 76 32.40 -38.04 -70.94
C ALA G 76 33.08 -37.69 -69.63
N ASN G 77 33.76 -36.54 -69.57
CA ASN G 77 34.43 -36.14 -68.35
C ASN G 77 33.42 -35.91 -67.22
N GLU G 78 32.32 -35.24 -67.52
CA GLU G 78 31.33 -34.97 -66.48
C GLU G 78 30.65 -36.26 -66.02
N ARG G 79 30.35 -37.17 -66.95
CA ARG G 79 29.75 -38.44 -66.56
C ARG G 79 30.71 -39.26 -65.71
N ARG G 80 32.00 -39.22 -66.03
CA ARG G 80 33.00 -39.88 -65.19
C ARG G 80 33.06 -39.26 -63.81
N ASP G 81 32.95 -37.93 -63.73
CA ASP G 81 32.99 -37.25 -62.43
C ASP G 81 31.77 -37.63 -61.58
N ALA G 82 30.61 -37.79 -62.20
CA ALA G 82 29.39 -38.07 -61.43
C ALA G 82 29.47 -39.37 -60.67
N ALA G 83 30.18 -40.37 -61.21
CA ALA G 83 30.27 -41.68 -60.56
C ALA G 83 30.98 -41.58 -59.23
N LYS G 84 31.98 -40.71 -59.11
CA LYS G 84 32.68 -40.55 -57.84
C LYS G 84 31.73 -40.06 -56.75
N GLN G 85 30.92 -39.05 -57.07
CA GLN G 85 29.95 -38.54 -56.10
C GLN G 85 28.91 -39.60 -55.75
N LEU G 86 28.44 -40.34 -56.76
CA LEU G 86 27.49 -41.42 -56.49
C LEU G 86 28.09 -42.44 -55.54
N SER G 87 29.37 -42.77 -55.73
CA SER G 87 30.02 -43.76 -54.87
C SER G 87 30.20 -43.24 -53.45
N ILE G 88 30.65 -41.99 -53.30
CA ILE G 88 30.91 -41.48 -51.96
C ILE G 88 29.62 -41.29 -51.19
N TRP G 89 28.50 -40.99 -51.88
CA TRP G 89 27.23 -40.83 -51.18
C TRP G 89 26.84 -42.08 -50.40
N GLY G 90 27.26 -43.25 -50.85
CA GLY G 90 26.81 -44.50 -50.25
C GLY G 90 27.46 -44.84 -48.92
N LEU G 91 28.43 -44.04 -48.47
CA LEU G 91 29.12 -44.36 -47.21
C LEU G 91 28.16 -44.29 -46.02
N GLU G 92 27.31 -43.26 -45.98
CA GLU G 92 26.40 -43.06 -44.86
C GLU G 92 25.03 -43.65 -45.22
N ASN G 93 24.97 -44.97 -45.19
CA ASN G 93 23.75 -45.72 -45.47
C ASN G 93 23.95 -47.15 -44.99
N ASP G 94 23.01 -48.03 -45.35
CA ASP G 94 23.11 -49.43 -44.98
C ASP G 94 24.25 -50.10 -45.74
N ASP G 95 24.73 -51.23 -45.18
CA ASP G 95 25.86 -51.92 -45.77
C ASP G 95 25.55 -52.44 -47.17
N ASP G 96 24.36 -53.02 -47.36
CA ASP G 96 23.98 -53.50 -48.69
C ASP G 96 23.91 -52.37 -49.69
N VAL G 97 23.31 -51.24 -49.29
CA VAL G 97 23.23 -50.08 -50.17
C VAL G 97 24.62 -49.58 -50.53
N SER G 98 25.52 -49.53 -49.55
CA SER G 98 26.88 -49.06 -49.80
C SER G 98 27.61 -49.97 -50.79
N ASP G 99 27.50 -51.28 -50.60
CA ASP G 99 28.19 -52.22 -51.47
C ASP G 99 27.64 -52.15 -52.90
N ILE G 100 26.32 -52.15 -53.03
CA ILE G 100 25.70 -52.05 -54.35
C ILE G 100 26.09 -50.73 -55.02
N THR G 101 26.11 -49.64 -54.25
CA THR G 101 26.49 -48.35 -54.79
C THR G 101 27.92 -48.37 -55.31
N ASP G 102 28.86 -48.94 -54.54
CA ASP G 102 30.25 -48.98 -54.99
C ASP G 102 30.40 -49.79 -56.27
N LYS G 103 29.79 -50.97 -56.31
CA LYS G 103 29.96 -51.84 -57.48
C LYS G 103 29.33 -51.22 -58.71
N LEU G 104 28.08 -50.73 -58.60
CA LEU G 104 27.47 -50.10 -59.75
C LEU G 104 28.19 -48.81 -60.11
N GLY G 105 28.85 -48.18 -59.13
CA GLY G 105 29.61 -46.98 -59.43
C GLY G 105 30.81 -47.27 -60.31
N VAL G 106 31.56 -48.32 -60.02
CA VAL G 106 32.66 -48.68 -60.92
C VAL G 106 32.11 -49.15 -62.26
N LEU G 107 30.97 -49.85 -62.23
CA LEU G 107 30.38 -50.34 -63.48
C LEU G 107 29.98 -49.19 -64.39
N ILE G 108 29.43 -48.11 -63.83
CA ILE G 108 29.04 -46.94 -64.62
C ILE G 108 30.21 -46.03 -64.93
N TYR G 109 31.26 -46.04 -64.10
CA TYR G 109 32.49 -45.34 -64.39
C TYR G 109 33.26 -45.95 -65.55
N GLU G 110 33.00 -47.23 -65.83
CA GLU G 110 33.63 -47.90 -66.97
C GLU G 110 33.38 -47.19 -68.30
N VAL G 111 32.26 -46.47 -68.42
CA VAL G 111 31.79 -45.87 -69.68
C VAL G 111 32.81 -44.88 -70.26
N SER G 112 33.54 -44.19 -69.38
CA SER G 112 34.40 -43.09 -69.83
C SER G 112 35.51 -43.59 -70.76
N GLU G 113 36.08 -44.76 -70.46
CA GLU G 113 37.14 -45.29 -71.32
C GLU G 113 36.61 -45.59 -72.72
N LEU G 114 35.43 -46.19 -72.80
CA LEU G 114 34.82 -46.46 -74.11
C LEU G 114 34.56 -45.17 -74.86
N ASP G 115 34.08 -44.15 -74.15
CA ASP G 115 33.85 -42.85 -74.80
C ASP G 115 35.15 -42.27 -75.33
N ASP G 116 36.23 -42.38 -74.56
CA ASP G 116 37.52 -41.84 -75.00
C ASP G 116 38.02 -42.57 -76.24
N GLN G 117 37.89 -43.90 -76.27
CA GLN G 117 38.30 -44.67 -77.45
C GLN G 117 37.48 -44.27 -78.68
N PHE G 118 36.17 -44.12 -78.50
CA PHE G 118 35.33 -43.67 -79.61
C PHE G 118 35.74 -42.28 -80.08
N ILE G 119 36.13 -41.41 -79.15
CA ILE G 119 36.58 -40.08 -79.50
C ILE G 119 37.86 -40.15 -80.33
N ASP G 120 38.79 -41.02 -79.94
CA ASP G 120 40.03 -41.16 -80.71
C ASP G 120 39.77 -41.65 -82.13
N ARG G 121 38.87 -42.63 -82.27
CA ARG G 121 38.56 -43.14 -83.61
C ARG G 121 37.85 -42.07 -84.44
N TYR G 122 36.98 -41.28 -83.79
CA TYR G 122 36.35 -40.15 -84.47
C TYR G 122 37.40 -39.15 -84.95
N ASP G 123 38.44 -38.91 -84.13
CA ASP G 123 39.51 -38.02 -84.53
C ASP G 123 40.26 -38.54 -85.74
N GLN G 124 40.51 -39.86 -85.79
CA GLN G 124 41.15 -40.42 -86.97
C GLN G 124 40.30 -40.24 -88.23
N TYR G 125 39.00 -40.48 -88.11
CA TYR G 125 38.10 -40.27 -89.26
C TYR G 125 38.12 -38.82 -89.70
N ARG G 126 38.10 -37.89 -88.73
CA ARG G 126 38.21 -36.47 -89.06
C ARG G 126 39.54 -36.16 -89.75
N LEU G 127 40.61 -36.83 -89.34
CA LEU G 127 41.91 -36.61 -89.97
C LEU G 127 41.88 -37.00 -91.44
N THR G 128 41.27 -38.14 -91.76
CA THR G 128 41.17 -38.54 -93.17
C THR G 128 40.29 -37.57 -93.96
N LEU G 129 39.16 -37.17 -93.38
CA LEU G 129 38.29 -36.22 -94.06
C LEU G 129 39.00 -34.89 -94.29
N LYS G 130 39.87 -34.50 -93.36
CA LYS G 130 40.72 -33.33 -93.57
C LYS G 130 41.70 -33.56 -94.71
N SER G 131 42.29 -34.76 -94.77
CA SER G 131 43.25 -35.07 -95.82
C SER G 131 42.65 -34.93 -97.22
N ILE G 132 41.34 -35.18 -97.36
CA ILE G 132 40.69 -34.94 -98.66
C ILE G 132 40.80 -33.46 -99.07
N ARG G 133 40.65 -32.55 -98.12
CA ARG G 133 40.61 -31.12 -98.43
C ARG G 133 41.92 -30.64 -99.02
N ASP G 134 43.04 -31.23 -98.61
CA ASP G 134 44.34 -30.84 -99.16
C ASP G 134 44.39 -31.08 -100.66
N ILE G 135 43.95 -32.24 -101.10
CA ILE G 135 43.97 -32.55 -102.54
C ILE G 135 42.99 -31.67 -103.29
N GLU G 136 41.82 -31.39 -102.68
CA GLU G 136 40.88 -30.48 -103.35
C GLU G 136 41.49 -29.09 -103.56
N GLY G 137 42.10 -28.55 -102.50
CA GLY G 137 42.67 -27.21 -102.59
C GLY G 137 43.90 -27.15 -103.46
N SER G 138 44.59 -28.29 -103.62
CA SER G 138 45.69 -28.35 -104.58
C SER G 138 45.17 -28.40 -106.01
N VAL G 139 44.03 -29.06 -106.22
CA VAL G 139 43.47 -29.19 -107.55
C VAL G 139 42.95 -27.85 -108.08
N GLN G 140 42.32 -27.05 -107.21
CA GLN G 140 41.66 -25.82 -107.68
C GLN G 140 42.57 -24.89 -108.48
N PRO G 141 43.76 -24.50 -108.01
CA PRO G 141 44.54 -23.48 -108.76
C PRO G 141 44.95 -23.93 -110.13
N SER G 142 45.21 -25.22 -110.32
CA SER G 142 45.57 -25.72 -111.65
C SER G 142 44.42 -25.53 -112.63
N ARG G 143 43.18 -25.66 -112.14
CA ARG G 143 42.02 -25.45 -113.00
C ARG G 143 41.80 -23.97 -113.28
N ASP G 144 42.08 -23.09 -112.31
CA ASP G 144 41.80 -21.67 -112.50
C ASP G 144 42.59 -21.08 -113.66
N ARG G 145 43.88 -21.39 -113.75
CA ARG G 145 44.75 -20.76 -114.75
C ARG G 145 44.34 -21.14 -116.17
N LYS G 146 43.98 -22.40 -116.39
CA LYS G 146 43.57 -22.82 -117.73
C LYS G 146 42.34 -22.06 -118.18
N ASP G 147 41.39 -21.83 -117.28
CA ASP G 147 40.21 -21.05 -117.62
C ASP G 147 40.60 -19.59 -117.92
N LYS G 148 41.50 -19.02 -117.13
CA LYS G 148 41.84 -17.61 -117.31
C LYS G 148 42.54 -17.37 -118.65
N ILE G 149 43.48 -18.24 -119.01
CA ILE G 149 44.25 -18.05 -120.24
C ILE G 149 43.40 -18.38 -121.46
N THR G 150 42.17 -18.82 -121.24
CA THR G 150 41.19 -18.98 -122.31
C THR G 150 40.44 -17.68 -122.61
N ASP G 151 39.94 -17.02 -121.57
CA ASP G 151 39.38 -15.68 -121.76
C ASP G 151 40.43 -14.73 -122.31
N LYS G 152 41.69 -14.91 -121.90
CA LYS G 152 42.76 -14.04 -122.42
C LYS G 152 42.88 -14.16 -123.93
N ILE G 153 42.98 -15.40 -124.44
CA ILE G 153 43.15 -15.58 -125.88
C ILE G 153 41.89 -15.19 -126.62
N ALA G 154 40.72 -15.43 -126.03
CA ALA G 154 39.48 -15.00 -126.68
C ALA G 154 39.45 -13.48 -126.85
N TYR G 155 39.80 -12.74 -125.79
CA TYR G 155 39.79 -11.29 -125.87
C TYR G 155 40.83 -10.78 -126.87
N LEU G 156 42.02 -11.37 -126.87
CA LEU G 156 43.06 -10.93 -127.79
C LEU G 156 42.70 -11.24 -129.24
N LYS G 157 42.01 -12.36 -129.48
CA LYS G 157 41.51 -12.65 -130.83
C LYS G 157 40.44 -11.65 -131.23
N TYR G 158 39.57 -11.27 -130.29
CA TYR G 158 38.55 -10.27 -130.59
C TYR G 158 39.19 -8.93 -130.97
N LYS G 159 40.23 -8.53 -130.25
CA LYS G 159 40.83 -7.23 -130.48
C LYS G 159 41.42 -7.14 -131.89
N ASP G 160 42.24 -8.12 -132.27
CA ASP G 160 42.79 -8.19 -133.62
C ASP G 160 43.27 -9.60 -133.92
N PRO G 161 42.82 -10.20 -135.02
CA PRO G 161 43.22 -11.57 -135.34
C PRO G 161 44.59 -11.71 -135.99
N GLN G 162 45.29 -10.60 -136.23
CA GLN G 162 46.58 -10.63 -136.89
C GLN G 162 47.75 -10.69 -135.91
N SER G 163 47.49 -10.72 -134.61
CA SER G 163 48.56 -10.78 -133.63
C SER G 163 49.25 -12.15 -133.68
N PRO G 164 50.56 -12.19 -133.41
CA PRO G 164 51.27 -13.48 -133.43
C PRO G 164 51.16 -14.28 -132.15
N LYS G 165 50.48 -13.77 -131.13
CA LYS G 165 50.37 -14.47 -129.86
C LYS G 165 49.28 -15.55 -129.86
N ILE G 166 48.51 -15.65 -130.94
CA ILE G 166 47.40 -16.60 -130.99
C ILE G 166 47.91 -18.03 -130.84
N GLU G 167 48.96 -18.37 -131.60
CA GLU G 167 49.42 -19.76 -131.61
C GLU G 167 50.03 -20.17 -130.27
N VAL G 168 50.83 -19.29 -129.67
CA VAL G 168 51.45 -19.64 -128.39
C VAL G 168 50.39 -19.71 -127.29
N LEU G 169 49.42 -18.79 -127.31
CA LEU G 169 48.34 -18.85 -126.34
C LEU G 169 47.52 -20.12 -126.50
N GLU G 170 47.25 -20.52 -127.74
CA GLU G 170 46.49 -21.75 -127.99
C GLU G 170 47.24 -22.98 -127.50
N GLN G 171 48.56 -23.02 -127.72
CA GLN G 171 49.32 -24.18 -127.25
C GLN G 171 49.40 -24.21 -125.72
N GLU G 172 49.55 -23.05 -125.09
CA GLU G 172 49.51 -23.02 -123.64
C GLU G 172 48.16 -23.51 -123.13
N LEU G 173 47.08 -23.14 -123.84
CA LEU G 173 45.75 -23.66 -123.52
C LEU G 173 45.72 -25.18 -123.63
N VAL G 174 46.32 -25.73 -124.68
CA VAL G 174 46.32 -27.19 -124.87
C VAL G 174 47.05 -27.89 -123.73
N ARG G 175 48.24 -27.40 -123.36
CA ARG G 175 49.01 -28.03 -122.29
C ARG G 175 48.26 -27.94 -120.96
N ALA G 176 47.72 -26.76 -120.65
CA ALA G 176 46.96 -26.60 -119.42
C ALA G 176 45.72 -27.49 -119.43
N GLU G 177 45.11 -27.68 -120.60
CA GLU G 177 43.94 -28.55 -120.70
C GLU G 177 44.31 -30.00 -120.39
N ALA G 178 45.43 -30.47 -120.92
CA ALA G 178 45.86 -31.84 -120.62
C ALA G 178 46.12 -32.02 -119.11
N GLU G 179 46.84 -31.06 -118.52
CA GLU G 179 47.12 -31.16 -117.09
C GLU G 179 45.83 -31.12 -116.27
N SER G 180 44.89 -30.25 -116.67
CA SER G 180 43.62 -30.16 -115.95
C SER G 180 42.80 -31.43 -116.09
N LEU G 181 42.85 -32.07 -117.26
CA LEU G 181 42.13 -33.33 -117.43
C LEU G 181 42.68 -34.41 -116.50
N VAL G 182 44.01 -34.51 -116.42
CA VAL G 182 44.59 -35.51 -115.51
C VAL G 182 44.20 -35.21 -114.07
N ALA G 183 44.31 -33.94 -113.67
CA ALA G 183 43.99 -33.57 -112.29
C ALA G 183 42.52 -33.85 -111.97
N GLU G 184 41.62 -33.52 -112.91
CA GLU G 184 40.19 -33.74 -112.74
C GLU G 184 39.83 -35.21 -112.61
N ALA G 185 40.45 -36.09 -113.39
CA ALA G 185 40.22 -37.52 -113.21
C ALA G 185 40.70 -38.02 -111.85
N GLN G 186 41.94 -37.67 -111.47
CA GLN G 186 42.46 -38.20 -110.21
C GLN G 186 41.68 -37.65 -109.02
N LEU G 187 41.18 -36.42 -109.13
CA LEU G 187 40.43 -35.83 -108.03
C LEU G 187 39.21 -36.67 -107.68
N SER G 188 38.43 -37.04 -108.71
CA SER G 188 37.25 -37.88 -108.48
C SER G 188 37.66 -39.24 -107.94
N ASN G 189 38.70 -39.85 -108.53
CA ASN G 189 39.16 -41.14 -108.02
C ASN G 189 39.48 -41.09 -106.54
N ILE G 190 40.29 -40.10 -106.13
CA ILE G 190 40.76 -40.01 -104.76
C ILE G 190 39.62 -39.70 -103.82
N THR G 191 38.73 -38.77 -104.19
CA THR G 191 37.65 -38.43 -103.27
C THR G 191 36.72 -39.63 -103.04
N ARG G 192 36.40 -40.37 -104.11
CA ARG G 192 35.57 -41.56 -103.91
C ARG G 192 36.24 -42.57 -102.99
N SER G 193 37.51 -42.91 -103.27
CA SER G 193 38.17 -43.93 -102.47
C SER G 193 38.30 -43.50 -101.00
N LYS G 194 38.75 -42.27 -100.77
CA LYS G 194 38.94 -41.80 -99.40
C LYS G 194 37.63 -41.71 -98.64
N LEU G 195 36.58 -41.21 -99.30
CA LEU G 195 35.28 -41.15 -98.63
C LEU G 195 34.82 -42.54 -98.21
N ARG G 196 34.89 -43.52 -99.12
CA ARG G 196 34.46 -44.86 -98.77
C ARG G 196 35.27 -45.43 -97.61
N ALA G 197 36.60 -45.34 -97.67
CA ALA G 197 37.43 -45.94 -96.64
C ALA G 197 37.18 -45.29 -95.29
N ALA G 198 37.21 -43.96 -95.24
CA ALA G 198 37.03 -43.26 -93.97
C ALA G 198 35.65 -43.52 -93.39
N PHE G 199 34.62 -43.58 -94.24
CA PHE G 199 33.29 -43.68 -93.71
C PHE G 199 32.99 -45.09 -93.20
N ASN G 200 33.57 -46.10 -93.87
CA ASN G 200 33.53 -47.45 -93.29
C ASN G 200 34.23 -47.50 -91.94
N TYR G 201 35.42 -46.89 -91.85
CA TYR G 201 36.14 -46.89 -90.59
C TYR G 201 35.34 -46.21 -89.49
N GLN G 202 34.68 -45.11 -89.81
CA GLN G 202 33.86 -44.40 -88.84
C GLN G 202 32.61 -45.17 -88.45
N PHE G 203 31.99 -45.90 -89.38
CA PHE G 203 30.79 -46.67 -89.07
C PHE G 203 31.07 -47.93 -88.26
N ASP G 204 32.26 -48.52 -88.36
CA ASP G 204 32.56 -49.68 -87.53
C ASP G 204 32.71 -49.35 -86.06
N SER G 205 33.38 -48.23 -85.76
CA SER G 205 33.67 -47.87 -84.38
C SER G 205 32.40 -47.62 -83.59
N ILE G 206 31.43 -46.94 -84.20
CA ILE G 206 30.22 -46.57 -83.47
C ILE G 206 29.41 -47.80 -83.09
N ILE G 207 29.31 -48.79 -83.98
CA ILE G 207 28.56 -49.99 -83.64
C ILE G 207 29.31 -50.81 -82.60
N GLU G 208 30.64 -50.87 -82.70
CA GLU G 208 31.41 -51.56 -81.66
C GLU G 208 31.16 -50.93 -80.28
N HIS G 209 31.26 -49.60 -80.20
CA HIS G 209 31.07 -48.91 -78.94
C HIS G 209 29.65 -49.09 -78.42
N SER G 210 28.66 -49.02 -79.31
CA SER G 210 27.28 -49.20 -78.89
C SER G 210 27.03 -50.60 -78.34
N GLU G 211 27.60 -51.62 -78.98
CA GLU G 211 27.43 -52.98 -78.47
C GLU G 211 28.09 -53.15 -77.11
N LYS G 212 29.28 -52.57 -76.93
CA LYS G 212 29.94 -52.66 -75.63
C LYS G 212 29.11 -51.96 -74.55
N ILE G 213 28.57 -50.78 -74.87
CA ILE G 213 27.76 -50.05 -73.90
C ILE G 213 26.51 -50.83 -73.55
N ALA G 214 25.87 -51.46 -74.55
CA ALA G 214 24.68 -52.26 -74.29
C ALA G 214 25.01 -53.45 -73.39
N LEU G 215 26.14 -54.10 -73.62
CA LEU G 215 26.54 -55.22 -72.77
C LEU G 215 26.76 -54.75 -71.33
N ILE G 216 27.43 -53.61 -71.16
CA ILE G 216 27.67 -53.09 -69.81
C ILE G 216 26.35 -52.76 -69.12
N ALA G 217 25.43 -52.14 -69.85
CA ALA G 217 24.14 -51.79 -69.27
C ALA G 217 23.35 -53.02 -68.87
N GLY G 218 23.36 -54.06 -69.71
CA GLY G 218 22.67 -55.29 -69.37
C GLY G 218 23.25 -55.96 -68.14
N TYR G 219 24.59 -55.98 -68.03
CA TYR G 219 25.21 -56.57 -66.86
C TYR G 219 24.87 -55.77 -65.61
N GLY G 220 24.86 -54.43 -65.70
CA GLY G 220 24.47 -53.62 -64.56
C GLY G 220 23.03 -53.86 -64.13
N LYS G 221 22.12 -53.96 -65.11
CA LYS G 221 20.73 -54.24 -64.78
C LYS G 221 20.58 -55.60 -64.12
N ALA G 222 21.33 -56.60 -64.60
CA ALA G 222 21.31 -57.91 -63.96
C ALA G 222 21.83 -57.83 -62.53
N LEU G 223 22.87 -57.04 -62.30
CA LEU G 223 23.43 -56.90 -60.96
C LEU G 223 22.45 -56.20 -60.01
N LEU G 224 21.67 -55.24 -60.53
CA LEU G 224 20.82 -54.44 -59.65
C LEU G 224 19.75 -55.26 -58.95
N GLU G 225 19.42 -56.44 -59.49
CA GLU G 225 18.33 -57.24 -58.93
C GLU G 225 18.62 -57.70 -57.51
N LEU G 226 19.89 -57.85 -57.14
CA LEU G 226 20.33 -58.39 -55.85
C LEU G 226 19.99 -57.45 -54.65
N LEU G 227 19.36 -56.30 -54.85
CA LEU G 227 19.09 -55.38 -53.76
C LEU G 227 18.09 -55.92 -52.75
N ASP G 228 17.10 -56.71 -53.19
CA ASP G 228 16.07 -57.27 -52.31
C ASP G 228 15.32 -56.15 -51.58
N ASP G 229 14.62 -55.33 -52.36
CA ASP G 229 13.84 -54.21 -51.84
C ASP G 229 12.50 -54.74 -51.33
N SER G 230 12.35 -54.81 -50.01
CA SER G 230 11.12 -55.26 -49.39
C SER G 230 10.69 -54.26 -48.32
N PRO G 231 9.38 -54.06 -48.14
CA PRO G 231 8.93 -53.11 -47.11
C PRO G 231 9.03 -53.71 -45.72
N VAL G 232 9.40 -52.86 -44.76
CA VAL G 232 9.52 -53.26 -43.36
C VAL G 232 8.83 -52.23 -42.49
N THR G 233 8.04 -52.70 -41.54
CA THR G 233 7.38 -51.83 -40.58
C THR G 233 8.34 -51.48 -39.44
N PRO G 234 8.14 -50.33 -38.78
CA PRO G 234 9.02 -49.98 -37.67
C PRO G 234 8.93 -50.99 -36.53
N GLY G 235 10.07 -51.21 -35.88
CA GLY G 235 10.15 -52.21 -34.82
C GLY G 235 10.68 -53.56 -35.25
N GLU G 236 11.16 -53.68 -36.48
CA GLU G 236 11.72 -54.93 -36.99
C GLU G 236 13.13 -54.69 -37.52
N THR G 237 13.92 -55.77 -37.54
CA THR G 237 15.29 -55.72 -38.03
C THR G 237 15.43 -56.62 -39.24
N ARG G 238 15.95 -56.07 -40.33
CA ARG G 238 16.17 -56.85 -41.53
C ARG G 238 17.35 -57.80 -41.34
N PRO G 239 17.32 -58.97 -41.99
CA PRO G 239 18.42 -59.92 -41.83
C PRO G 239 19.72 -59.38 -42.37
N ALA G 240 20.83 -59.87 -41.82
CA ALA G 240 22.16 -59.46 -42.29
C ALA G 240 22.35 -59.83 -43.75
N TYR G 241 22.97 -58.93 -44.50
CA TYR G 241 23.14 -59.07 -45.94
C TYR G 241 24.50 -59.69 -46.24
N ASP G 242 24.52 -60.69 -47.12
CA ASP G 242 25.75 -61.30 -47.60
C ASP G 242 25.61 -61.56 -49.10
N GLY G 243 26.25 -60.71 -49.90
CA GLY G 243 26.18 -60.84 -51.34
C GLY G 243 27.50 -60.50 -52.02
N TYR G 244 28.58 -60.45 -51.24
CA TYR G 244 29.88 -60.13 -51.81
C TYR G 244 30.32 -61.19 -52.81
N GLU G 245 30.09 -62.46 -52.48
CA GLU G 245 30.45 -63.58 -53.35
C GLU G 245 29.65 -63.60 -54.64
N ALA G 246 28.55 -62.85 -54.73
CA ALA G 246 27.78 -62.76 -55.96
C ALA G 246 28.10 -61.48 -56.70
N SER G 247 28.24 -60.38 -55.97
CA SER G 247 28.55 -59.10 -56.60
C SER G 247 29.94 -59.11 -57.22
N LYS G 248 30.93 -59.62 -56.50
CA LYS G 248 32.29 -59.69 -57.05
C LYS G 248 32.34 -60.60 -58.27
N GLN G 249 31.64 -61.73 -58.21
CA GLN G 249 31.58 -62.62 -59.35
C GLN G 249 30.92 -61.96 -60.55
N ILE G 250 29.85 -61.19 -60.31
CA ILE G 250 29.18 -60.48 -61.40
C ILE G 250 30.11 -59.46 -62.04
N ILE G 251 30.83 -58.71 -61.21
CA ILE G 251 31.75 -57.70 -61.74
C ILE G 251 32.85 -58.37 -62.56
N ILE G 252 33.43 -59.45 -62.04
CA ILE G 252 34.50 -60.14 -62.75
C ILE G 252 33.98 -60.70 -64.08
N ASP G 253 32.81 -61.32 -64.06
CA ASP G 253 32.23 -61.88 -65.28
C ASP G 253 31.94 -60.80 -66.30
N ALA G 254 31.42 -59.65 -65.84
CA ALA G 254 31.16 -58.55 -66.75
C ALA G 254 32.44 -58.03 -67.39
N GLU G 255 33.49 -57.85 -66.60
CA GLU G 255 34.75 -57.39 -67.16
C GLU G 255 35.32 -58.38 -68.16
N SER G 256 35.26 -59.68 -67.82
CA SER G 256 35.79 -60.70 -68.72
C SER G 256 35.00 -60.76 -70.02
N ALA G 257 33.67 -60.67 -69.93
CA ALA G 257 32.85 -60.70 -71.13
C ALA G 257 33.10 -59.47 -72.01
N LEU G 258 33.27 -58.30 -71.38
CA LEU G 258 33.56 -57.10 -72.15
C LEU G 258 34.92 -57.21 -72.85
N ASN G 259 35.92 -57.74 -72.15
CA ASN G 259 37.25 -57.87 -72.73
C ASN G 259 37.28 -58.90 -73.85
N GLU G 260 36.56 -60.01 -73.68
CA GLU G 260 36.61 -61.13 -74.61
C GLU G 260 35.93 -60.79 -75.93
N TRP G 261 34.94 -59.90 -75.89
CA TRP G 261 34.15 -59.60 -77.08
C TRP G 261 35.03 -59.08 -78.21
N THR G 262 34.75 -59.53 -79.42
CA THR G 262 35.51 -59.16 -80.61
C THR G 262 34.56 -58.69 -81.69
N LEU G 263 35.14 -58.24 -82.81
CA LEU G 263 34.34 -57.72 -83.91
C LEU G 263 33.43 -58.78 -84.51
N ASP G 264 33.95 -60.00 -84.69
CA ASP G 264 33.17 -61.07 -85.29
C ASP G 264 32.11 -61.62 -84.35
N SER G 265 32.14 -61.26 -83.06
CA SER G 265 31.17 -61.72 -82.09
C SER G 265 30.01 -60.75 -81.91
N ALA G 266 29.66 -60.00 -82.96
CA ALA G 266 28.58 -59.03 -82.86
C ALA G 266 27.24 -59.74 -82.78
N GLN G 267 26.48 -59.46 -81.71
CA GLN G 267 25.18 -60.08 -81.54
C GLN G 267 24.11 -59.46 -82.42
N VAL G 268 24.26 -58.18 -82.76
CA VAL G 268 23.25 -57.49 -83.56
C VAL G 268 23.27 -58.02 -84.99
N LYS G 269 22.10 -58.37 -85.50
CA LYS G 269 21.95 -58.89 -86.85
C LYS G 269 20.90 -58.06 -87.57
N PRO G 270 21.31 -56.99 -88.27
CA PRO G 270 20.34 -56.17 -88.98
C PRO G 270 19.64 -56.95 -90.08
N THR G 271 18.37 -56.61 -90.30
CA THR G 271 17.57 -57.30 -91.31
C THR G 271 17.85 -56.74 -92.70
N MET H 1 -17.55 -21.22 -126.03
CA MET H 1 -18.25 -20.49 -124.98
C MET H 1 -19.75 -20.42 -125.27
N HIS H 2 -20.50 -19.85 -124.34
CA HIS H 2 -21.94 -19.71 -124.49
C HIS H 2 -22.34 -18.47 -125.28
N ARG H 3 -21.40 -17.57 -125.56
CA ARG H 3 -21.69 -16.37 -126.34
C ARG H 3 -21.87 -16.67 -127.83
N THR H 4 -21.46 -17.85 -128.28
CA THR H 4 -21.44 -18.14 -129.71
C THR H 4 -22.83 -18.43 -130.29
N TYR H 5 -23.86 -18.56 -129.45
CA TYR H 5 -25.22 -18.60 -129.97
C TYR H 5 -26.20 -17.75 -129.17
N SER H 6 -25.70 -16.83 -128.32
CA SER H 6 -26.58 -16.02 -127.49
C SER H 6 -26.09 -14.58 -127.47
N LEU H 7 -27.03 -13.66 -127.24
CA LEU H 7 -26.71 -12.25 -127.09
C LEU H 7 -26.36 -11.86 -125.66
N ARG H 8 -26.56 -12.76 -124.69
CA ARG H 8 -26.26 -12.48 -123.30
C ARG H 8 -25.15 -13.40 -122.82
N ASN H 9 -24.38 -12.90 -121.84
CA ASN H 9 -23.25 -13.65 -121.30
C ASN H 9 -23.68 -14.83 -120.44
N SER H 10 -24.98 -14.97 -120.16
CA SER H 10 -25.45 -16.10 -119.36
C SER H 10 -25.14 -17.42 -120.06
N ARG H 11 -24.84 -18.44 -119.25
CA ARG H 11 -24.41 -19.74 -119.75
C ARG H 11 -25.60 -20.68 -119.89
N ALA H 12 -25.70 -21.32 -121.06
CA ALA H 12 -26.77 -22.27 -121.28
C ALA H 12 -26.57 -23.52 -120.43
N PRO H 13 -27.65 -24.20 -120.04
CA PRO H 13 -27.51 -25.42 -119.24
C PRO H 13 -26.72 -26.49 -119.97
N THR H 14 -25.92 -27.23 -119.22
CA THR H 14 -25.09 -28.31 -119.76
C THR H 14 -25.39 -29.59 -118.99
N ALA H 15 -24.61 -30.64 -119.28
CA ALA H 15 -24.80 -31.91 -118.58
C ALA H 15 -24.51 -31.78 -117.09
N SER H 16 -23.44 -31.07 -116.74
CA SER H 16 -23.13 -30.86 -115.33
C SER H 16 -24.20 -30.02 -114.65
N GLN H 17 -24.70 -28.99 -115.34
CA GLN H 17 -25.75 -28.16 -114.77
C GLN H 17 -27.05 -28.94 -114.62
N LEU H 18 -27.34 -29.83 -115.58
CA LEU H 18 -28.52 -30.68 -115.47
C LEU H 18 -28.40 -31.66 -114.31
N GLN H 19 -27.21 -32.25 -114.13
CA GLN H 19 -27.03 -33.21 -113.05
C GLN H 19 -27.06 -32.53 -111.68
N ASN H 20 -26.37 -31.40 -111.55
CA ASN H 20 -26.30 -30.69 -110.29
C ASN H 20 -26.58 -29.21 -110.54
N PRO H 21 -27.35 -28.53 -109.70
CA PRO H 21 -27.62 -27.12 -109.92
C PRO H 21 -26.33 -26.31 -109.86
N PRO H 22 -26.27 -25.20 -110.59
CA PRO H 22 -25.06 -24.37 -110.59
C PRO H 22 -24.74 -23.89 -109.19
N PRO H 23 -23.46 -23.79 -108.85
CA PRO H 23 -23.08 -23.34 -107.50
C PRO H 23 -23.50 -21.90 -107.25
N PRO H 24 -23.85 -21.56 -106.02
CA PRO H 24 -24.22 -20.18 -105.70
C PRO H 24 -23.04 -19.24 -105.90
N PRO H 25 -23.31 -17.98 -106.27
CA PRO H 25 -22.21 -17.04 -106.49
C PRO H 25 -21.53 -16.63 -105.20
N SER H 26 -20.42 -15.92 -105.33
CA SER H 26 -19.67 -15.46 -104.17
C SER H 26 -20.48 -14.46 -103.36
N THR H 27 -20.25 -14.47 -102.04
CA THR H 27 -21.01 -13.58 -101.16
C THR H 27 -20.71 -12.11 -101.46
N THR H 28 -19.45 -11.78 -101.69
CA THR H 28 -19.02 -10.41 -101.94
C THR H 28 -18.37 -10.31 -103.32
N LYS H 29 -18.74 -9.27 -104.08
CA LYS H 29 -18.17 -9.00 -105.39
C LYS H 29 -17.86 -7.50 -105.47
N GLY H 30 -16.65 -7.13 -105.08
CA GLY H 30 -16.27 -5.73 -105.11
C GLY H 30 -16.01 -5.26 -106.54
N ARG H 31 -16.48 -4.05 -106.85
CA ARG H 31 -16.28 -3.45 -108.17
C ARG H 31 -14.94 -2.71 -108.18
N PHE H 32 -13.87 -3.50 -108.26
CA PHE H 32 -12.52 -2.97 -108.26
C PHE H 32 -11.64 -3.84 -109.15
N PHE H 33 -10.56 -3.25 -109.65
CA PHE H 33 -9.63 -4.00 -110.49
C PHE H 33 -8.95 -5.12 -109.71
N GLY H 34 -8.58 -4.86 -108.46
CA GLY H 34 -7.90 -5.84 -107.64
C GLY H 34 -6.40 -5.92 -107.84
N LYS H 35 -5.84 -5.13 -108.75
CA LYS H 35 -4.40 -5.15 -108.96
C LYS H 35 -3.65 -4.65 -107.73
N GLY H 36 -4.17 -3.61 -107.08
CA GLY H 36 -3.55 -3.05 -105.89
C GLY H 36 -2.40 -2.10 -106.16
N GLY H 37 -2.08 -1.83 -107.42
CA GLY H 37 -1.00 -0.92 -107.74
C GLY H 37 -1.08 -0.46 -109.18
N LEU H 38 -0.38 0.65 -109.45
CA LEU H 38 -0.33 1.25 -110.77
C LEU H 38 0.77 0.65 -111.64
N ALA H 39 1.53 -0.31 -111.09
CA ALA H 39 2.66 -0.89 -111.81
C ALA H 39 2.21 -1.62 -113.07
N TYR H 40 1.10 -2.36 -113.00
CA TYR H 40 0.63 -3.10 -114.16
C TYR H 40 0.29 -2.15 -115.31
N SER H 41 -0.51 -1.12 -115.02
CA SER H 41 -0.90 -0.17 -116.07
C SER H 41 0.31 0.59 -116.59
N PHE H 42 1.23 0.97 -115.69
CA PHE H 42 2.42 1.70 -116.11
C PHE H 42 3.27 0.86 -117.06
N ARG H 43 3.48 -0.42 -116.72
CA ARG H 43 4.25 -1.31 -117.59
C ARG H 43 3.55 -1.55 -118.91
N ARG H 44 2.22 -1.68 -118.88
CA ARG H 44 1.48 -1.87 -120.12
C ARG H 44 1.58 -0.66 -121.03
N SER H 45 1.52 0.55 -120.45
CA SER H 45 1.52 1.77 -121.25
C SER H 45 2.91 2.20 -121.69
N ALA H 46 3.96 1.82 -120.95
CA ALA H 46 5.31 2.27 -121.31
C ALA H 46 5.96 1.43 -122.40
N ALA H 47 5.34 0.32 -122.80
CA ALA H 47 5.95 -0.55 -123.80
C ALA H 47 6.01 0.12 -125.17
N GLY H 48 4.92 0.76 -125.58
CA GLY H 48 4.81 1.37 -126.88
C GLY H 48 5.24 2.82 -126.97
N ALA H 49 5.85 3.37 -125.92
CA ALA H 49 6.23 4.78 -125.93
C ALA H 49 7.32 5.05 -126.96
N PHE H 50 8.29 4.14 -127.09
CA PHE H 50 9.44 4.37 -127.96
C PHE H 50 9.72 3.24 -128.94
N GLY H 51 9.08 2.07 -128.78
CA GLY H 51 9.37 0.94 -129.63
C GLY H 51 8.87 1.12 -131.06
N PRO H 52 9.39 0.31 -131.98
CA PRO H 52 8.93 0.39 -133.36
C PRO H 52 7.48 -0.01 -133.49
N GLU H 53 6.82 0.56 -134.52
CA GLU H 53 5.39 0.35 -134.70
C GLU H 53 5.06 -1.11 -135.01
N LEU H 54 5.89 -1.78 -135.81
CA LEU H 54 5.56 -3.13 -136.24
C LEU H 54 5.55 -4.12 -135.08
N SER H 55 6.52 -4.01 -134.18
CA SER H 55 6.66 -4.96 -133.09
C SER H 55 5.90 -4.57 -131.83
N ARG H 56 5.18 -3.45 -131.85
CA ARG H 56 4.46 -3.00 -130.65
C ARG H 56 3.35 -3.98 -130.28
N LYS H 57 2.63 -4.50 -131.28
CA LYS H 57 1.48 -5.36 -131.01
C LYS H 57 1.90 -6.62 -130.26
N LEU H 58 2.99 -7.27 -130.71
CA LEU H 58 3.46 -8.46 -130.03
C LEU H 58 4.16 -8.13 -128.73
N SER H 59 4.86 -6.99 -128.68
CA SER H 59 5.57 -6.62 -127.45
C SER H 59 4.61 -6.32 -126.32
N GLN H 60 3.38 -5.89 -126.64
CA GLN H 60 2.41 -5.60 -125.58
C GLN H 60 1.97 -6.86 -124.85
N LEU H 61 2.02 -8.02 -125.51
CA LEU H 61 1.52 -9.25 -124.91
C LEU H 61 2.49 -9.81 -123.87
N VAL H 62 3.80 -9.53 -124.03
CA VAL H 62 4.80 -10.09 -123.13
C VAL H 62 4.57 -9.59 -121.71
N LYS H 63 4.23 -8.31 -121.55
CA LYS H 63 4.04 -7.75 -120.21
C LYS H 63 2.85 -8.40 -119.52
N ILE H 64 1.73 -8.59 -120.22
CA ILE H 64 0.58 -9.21 -119.60
C ILE H 64 0.84 -10.69 -119.32
N GLU H 65 1.65 -11.35 -120.16
CA GLU H 65 2.03 -12.73 -119.86
C GLU H 65 2.88 -12.80 -118.59
N LYS H 66 3.79 -11.84 -118.42
CA LYS H 66 4.58 -11.78 -117.18
C LYS H 66 3.67 -11.54 -115.98
N ASN H 67 2.67 -10.67 -116.14
CA ASN H 67 1.70 -10.45 -115.07
C ASN H 67 0.95 -11.73 -114.72
N VAL H 68 0.55 -12.49 -115.74
CA VAL H 68 -0.09 -13.78 -115.52
C VAL H 68 0.82 -14.71 -114.73
N LEU H 69 2.11 -14.75 -115.10
CA LEU H 69 3.06 -15.61 -114.41
C LEU H 69 3.19 -15.20 -112.94
N ARG H 70 3.28 -13.89 -112.68
CA ARG H 70 3.40 -13.42 -111.30
C ARG H 70 2.16 -13.77 -110.48
N SER H 71 0.98 -13.58 -111.07
CA SER H 71 -0.26 -13.91 -110.36
C SER H 71 -0.35 -15.40 -110.06
N MET H 72 0.05 -16.24 -111.02
CA MET H 72 0.07 -17.68 -110.78
C MET H 72 1.05 -18.04 -109.67
N GLU H 73 2.21 -17.38 -109.65
CA GLU H 73 3.17 -17.63 -108.57
C GLU H 73 2.59 -17.27 -107.22
N LEU H 74 1.90 -16.13 -107.13
CA LEU H 74 1.27 -15.74 -105.87
C LEU H 74 0.20 -16.75 -105.45
N THR H 75 -0.60 -17.20 -106.40
CA THR H 75 -1.63 -18.20 -106.11
C THR H 75 -1.00 -19.48 -105.56
N ALA H 76 0.06 -19.95 -106.22
CA ALA H 76 0.72 -21.18 -105.77
C ALA H 76 1.32 -21.01 -104.39
N ASN H 77 1.93 -19.85 -104.12
CA ASN H 77 2.52 -19.61 -102.82
C ASN H 77 1.46 -19.61 -101.72
N GLU H 78 0.33 -18.94 -101.97
CA GLU H 78 -0.71 -18.89 -100.96
C GLU H 78 -1.35 -20.26 -100.73
N ARG H 79 -1.56 -21.03 -101.80
CA ARG H 79 -2.10 -22.37 -101.64
C ARG H 79 -1.14 -23.28 -100.89
N ARG H 80 0.17 -23.12 -101.13
CA ARG H 80 1.15 -23.86 -100.35
C ARG H 80 1.12 -23.46 -98.88
N ASP H 81 0.93 -22.17 -98.61
CA ASP H 81 0.88 -21.71 -97.22
C ASP H 81 -0.34 -22.26 -96.50
N ALA H 82 -1.48 -22.38 -97.20
CA ALA H 82 -2.71 -22.82 -96.55
C ALA H 82 -2.59 -24.23 -95.99
N ALA H 83 -1.81 -25.09 -96.64
CA ALA H 83 -1.69 -26.47 -96.20
C ALA H 83 -1.04 -26.56 -94.82
N LYS H 84 -0.09 -25.68 -94.52
CA LYS H 84 0.54 -25.69 -93.20
C LYS H 84 -0.47 -25.41 -92.10
N GLN H 85 -1.33 -24.41 -92.31
CA GLN H 85 -2.36 -24.10 -91.33
C GLN H 85 -3.36 -25.25 -91.21
N LEU H 86 -3.74 -25.84 -92.34
CA LEU H 86 -4.64 -26.98 -92.29
C LEU H 86 -4.03 -28.12 -91.47
N SER H 87 -2.73 -28.36 -91.65
CA SER H 87 -2.08 -29.44 -90.91
C SER H 87 -1.98 -29.14 -89.43
N ILE H 88 -1.60 -27.91 -89.06
CA ILE H 88 -1.43 -27.61 -87.64
C ILE H 88 -2.77 -27.58 -86.92
N TRP H 89 -3.86 -27.24 -87.61
CA TRP H 89 -5.17 -27.24 -86.96
C TRP H 89 -5.53 -28.62 -86.41
N GLY H 90 -5.02 -29.69 -87.02
CA GLY H 90 -5.44 -31.03 -86.63
C GLY H 90 -4.84 -31.54 -85.34
N LEU H 91 -3.92 -30.79 -84.72
CA LEU H 91 -3.28 -31.26 -83.50
C LEU H 91 -4.29 -31.42 -82.37
N GLU H 92 -5.19 -30.46 -82.21
CA GLU H 92 -6.16 -30.47 -81.12
C GLU H 92 -7.48 -31.06 -81.63
N ASN H 93 -7.48 -32.37 -81.81
CA ASN H 93 -8.64 -33.11 -82.27
C ASN H 93 -8.39 -34.59 -82.01
N ASP H 94 -9.26 -35.44 -82.55
CA ASP H 94 -9.11 -36.88 -82.39
C ASP H 94 -7.90 -37.38 -83.18
N ASP H 95 -7.40 -38.55 -82.78
CA ASP H 95 -6.19 -39.09 -83.41
C ASP H 95 -6.41 -39.40 -84.89
N ASP H 96 -7.56 -40.00 -85.23
CA ASP H 96 -7.85 -40.29 -86.63
C ASP H 96 -7.94 -39.01 -87.45
N VAL H 97 -8.61 -37.99 -86.91
CA VAL H 97 -8.73 -36.71 -87.61
C VAL H 97 -7.35 -36.10 -87.81
N SER H 98 -6.50 -36.16 -86.79
CA SER H 98 -5.16 -35.59 -86.90
C SER H 98 -4.34 -36.31 -87.97
N ASP H 99 -4.38 -37.64 -87.99
CA ASP H 99 -3.61 -38.39 -88.97
C ASP H 99 -4.09 -38.12 -90.38
N ILE H 100 -5.42 -38.16 -90.59
CA ILE H 100 -5.98 -37.88 -91.91
C ILE H 100 -5.63 -36.47 -92.34
N THR H 101 -5.68 -35.51 -91.41
CA THR H 101 -5.35 -34.13 -91.73
C THR H 101 -3.90 -34.00 -92.17
N ASP H 102 -2.97 -34.64 -91.45
CA ASP H 102 -1.57 -34.55 -91.83
C ASP H 102 -1.31 -35.15 -93.21
N LYS H 103 -1.86 -36.35 -93.46
CA LYS H 103 -1.60 -37.01 -94.74
C LYS H 103 -2.21 -36.22 -95.89
N LEU H 104 -3.48 -35.82 -95.77
CA LEU H 104 -4.08 -35.04 -96.84
C LEU H 104 -3.41 -33.68 -96.96
N GLY H 105 -2.81 -33.18 -95.86
CA GLY H 105 -2.11 -31.92 -95.93
C GLY H 105 -0.86 -32.00 -96.79
N VAL H 106 -0.07 -33.07 -96.62
CA VAL H 106 1.08 -33.23 -97.50
C VAL H 106 0.61 -33.51 -98.93
N LEU H 107 -0.48 -34.25 -99.08
CA LEU H 107 -0.99 -34.56 -100.41
C LEU H 107 -1.41 -33.30 -101.15
N ILE H 108 -2.03 -32.35 -100.46
CA ILE H 108 -2.46 -31.10 -101.08
C ILE H 108 -1.31 -30.09 -101.18
N TYR H 109 -0.31 -30.19 -100.32
CA TYR H 109 0.90 -29.38 -100.42
C TYR H 109 1.74 -29.78 -101.62
N GLU H 110 1.57 -31.01 -102.12
CA GLU H 110 2.27 -31.47 -103.32
C GLU H 110 2.05 -30.57 -104.53
N VAL H 111 0.90 -29.89 -104.59
CA VAL H 111 0.47 -29.13 -105.76
C VAL H 111 1.44 -28.01 -106.13
N SER H 112 2.10 -27.43 -105.12
CA SER H 112 2.91 -26.24 -105.34
C SER H 112 4.09 -26.53 -106.28
N GLU H 113 4.72 -27.71 -106.15
CA GLU H 113 5.84 -28.05 -107.02
C GLU H 113 5.39 -28.15 -108.48
N LEU H 114 4.24 -28.79 -108.71
CA LEU H 114 3.71 -28.88 -110.06
C LEU H 114 3.41 -27.49 -110.62
N ASP H 115 2.85 -26.62 -109.79
CA ASP H 115 2.58 -25.25 -110.24
C ASP H 115 3.87 -24.53 -110.60
N ASP H 116 4.92 -24.71 -109.81
CA ASP H 116 6.20 -24.06 -110.10
C ASP H 116 6.80 -24.56 -111.41
N GLN H 117 6.72 -25.88 -111.64
CA GLN H 117 7.23 -26.43 -112.90
C GLN H 117 6.45 -25.89 -114.10
N PHE H 118 5.12 -25.82 -113.97
CA PHE H 118 4.31 -25.24 -115.03
C PHE H 118 4.67 -23.78 -115.27
N ILE H 119 4.97 -23.05 -114.19
CA ILE H 119 5.37 -21.65 -114.31
C ILE H 119 6.69 -21.54 -115.08
N ASP H 120 7.64 -22.41 -114.78
CA ASP H 120 8.92 -22.37 -115.50
C ASP H 120 8.74 -22.65 -116.99
N ARG H 121 7.91 -23.64 -117.32
CA ARG H 121 7.68 -23.94 -118.73
C ARG H 121 6.95 -22.79 -119.43
N TYR H 122 6.02 -22.16 -118.72
CA TYR H 122 5.37 -20.95 -119.24
C TYR H 122 6.38 -19.85 -119.50
N ASP H 123 7.36 -19.70 -118.61
CA ASP H 123 8.41 -18.70 -118.80
C ASP H 123 9.24 -19.00 -120.04
N GLN H 124 9.56 -20.28 -120.29
CA GLN H 124 10.28 -20.63 -121.51
C GLN H 124 9.47 -20.29 -122.76
N TYR H 125 8.17 -20.61 -122.75
CA TYR H 125 7.33 -20.26 -123.89
C TYR H 125 7.28 -18.74 -124.10
N ARG H 126 7.18 -17.98 -123.01
CA ARG H 126 7.23 -16.53 -123.10
C ARG H 126 8.56 -16.06 -123.67
N LEU H 127 9.65 -16.73 -123.32
CA LEU H 127 10.96 -16.35 -123.84
C LEU H 127 11.01 -16.51 -125.35
N THR H 128 10.48 -17.61 -125.87
CA THR H 128 10.47 -17.79 -127.33
C THR H 128 9.58 -16.75 -128.00
N LEU H 129 8.40 -16.50 -127.42
CA LEU H 129 7.51 -15.50 -127.99
C LEU H 129 8.16 -14.12 -127.98
N LYS H 130 8.97 -13.84 -126.96
CA LYS H 130 9.76 -12.62 -126.95
C LYS H 130 10.81 -12.62 -128.05
N SER H 131 11.46 -13.77 -128.27
CA SER H 131 12.48 -13.87 -129.31
C SER H 131 11.93 -13.54 -130.68
N ILE H 132 10.65 -13.82 -130.93
CA ILE H 132 10.05 -13.41 -132.21
C ILE H 132 10.10 -11.88 -132.39
N ARG H 133 9.86 -11.13 -131.31
CA ARG H 133 9.76 -9.69 -131.40
C ARG H 133 11.07 -9.05 -131.85
N ASP H 134 12.20 -9.65 -131.47
CA ASP H 134 13.49 -9.11 -131.89
C ASP H 134 13.63 -9.11 -133.41
N ILE H 135 13.26 -10.23 -134.04
CA ILE H 135 13.35 -10.30 -135.49
C ILE H 135 12.37 -9.35 -136.16
N GLU H 136 11.16 -9.23 -135.58
CA GLU H 136 10.21 -8.27 -136.15
C GLU H 136 10.75 -6.84 -136.10
N GLY H 137 11.29 -6.44 -134.95
CA GLY H 137 11.79 -5.08 -134.79
C GLY H 137 13.06 -4.83 -135.59
N SER H 138 13.80 -5.89 -135.89
CA SER H 138 14.95 -5.76 -136.78
C SER H 138 14.49 -5.61 -138.23
N VAL H 139 13.40 -6.28 -138.59
CA VAL H 139 12.91 -6.22 -139.97
C VAL H 139 12.34 -4.84 -140.30
N GLN H 140 11.63 -4.22 -139.35
CA GLN H 140 10.94 -2.96 -139.66
C GLN H 140 11.83 -1.86 -140.26
N PRO H 141 12.98 -1.50 -139.67
CA PRO H 141 13.73 -0.35 -140.21
C PRO H 141 14.23 -0.56 -141.63
N SER H 142 14.57 -1.80 -142.00
CA SER H 142 15.00 -2.06 -143.36
C SER H 142 13.88 -1.77 -144.36
N ARG H 143 12.63 -2.04 -143.96
CA ARG H 143 11.51 -1.74 -144.83
C ARG H 143 11.22 -0.24 -144.89
N ASP H 144 11.42 0.48 -143.78
CA ASP H 144 11.07 1.90 -143.77
C ASP H 144 11.87 2.70 -144.78
N ARG H 145 13.18 2.46 -144.85
CA ARG H 145 14.06 3.28 -145.69
C ARG H 145 13.74 3.13 -147.17
N LYS H 146 13.46 1.89 -147.60
CA LYS H 146 13.13 1.65 -149.01
C LYS H 146 11.88 2.43 -149.42
N ASP H 147 10.87 2.46 -148.53
CA ASP H 147 9.69 3.25 -148.81
C ASP H 147 10.00 4.74 -148.86
N LYS H 148 10.84 5.23 -147.94
CA LYS H 148 11.10 6.66 -147.89
C LYS H 148 11.85 7.14 -149.14
N ILE H 149 12.85 6.38 -149.58
CA ILE H 149 13.67 6.80 -150.72
C ILE H 149 12.90 6.62 -152.02
N THR H 150 11.68 6.10 -151.94
CA THR H 150 10.75 6.07 -153.07
C THR H 150 9.95 7.35 -153.20
N ASP H 151 9.37 7.83 -152.09
CA ASP H 151 8.75 9.15 -152.11
C ASP H 151 9.77 10.22 -152.44
N LYS H 152 11.02 10.05 -152.00
CA LYS H 152 12.06 11.03 -152.33
C LYS H 152 12.26 11.14 -153.84
N ILE H 153 12.45 10.01 -154.52
CA ILE H 153 12.69 10.06 -155.96
C ILE H 153 11.45 10.51 -156.70
N ALA H 154 10.26 10.13 -156.22
CA ALA H 154 9.03 10.60 -156.85
C ALA H 154 8.92 12.12 -156.79
N TYR H 155 9.20 12.69 -155.61
CA TYR H 155 9.12 14.14 -155.46
C TYR H 155 10.16 14.84 -156.33
N LEU H 156 11.39 14.31 -156.35
CA LEU H 156 12.44 14.95 -157.13
C LEU H 156 12.16 14.84 -158.64
N LYS H 157 11.54 13.75 -159.09
CA LYS H 157 11.12 13.65 -160.48
C LYS H 157 10.01 14.65 -160.78
N TYR H 158 9.09 14.84 -159.84
CA TYR H 158 8.03 15.83 -160.05
C TYR H 158 8.61 17.24 -160.17
N LYS H 159 9.60 17.56 -159.33
CA LYS H 159 10.15 18.92 -159.34
C LYS H 159 10.78 19.25 -160.68
N ASP H 160 11.67 18.38 -161.17
CA ASP H 160 12.29 18.55 -162.48
C ASP H 160 12.85 17.22 -162.97
N PRO H 161 12.48 16.79 -164.17
CA PRO H 161 12.97 15.49 -164.68
C PRO H 161 14.37 15.53 -165.27
N GLN H 162 15.02 16.69 -165.30
CA GLN H 162 16.35 16.82 -165.88
C GLN H 162 17.47 16.67 -164.87
N SER H 163 17.15 16.41 -163.60
CA SER H 163 18.17 16.25 -162.59
C SER H 163 18.94 14.94 -162.81
N PRO H 164 20.24 14.91 -162.49
CA PRO H 164 21.02 13.68 -162.68
C PRO H 164 20.89 12.68 -161.54
N LYS H 165 20.14 13.00 -160.49
CA LYS H 165 20.00 12.10 -159.34
C LYS H 165 18.98 10.99 -159.57
N ILE H 166 18.26 11.02 -160.69
CA ILE H 166 17.21 10.05 -160.94
C ILE H 166 17.78 8.64 -161.00
N GLU H 167 18.88 8.46 -161.73
CA GLU H 167 19.41 7.11 -161.94
C GLU H 167 19.99 6.53 -160.65
N VAL H 168 20.71 7.33 -159.87
CA VAL H 168 21.29 6.83 -158.63
C VAL H 168 20.19 6.54 -157.62
N LEU H 169 19.17 7.40 -157.55
CA LEU H 169 18.06 7.14 -156.65
C LEU H 169 17.32 5.87 -157.05
N GLU H 170 17.12 5.66 -158.35
CA GLU H 170 16.44 4.46 -158.82
C GLU H 170 17.24 3.20 -158.49
N GLN H 171 18.56 3.25 -158.65
CA GLN H 171 19.35 2.07 -158.32
C GLN H 171 19.37 1.80 -156.82
N GLU H 172 19.43 2.85 -156.01
CA GLU H 172 19.32 2.67 -154.57
C GLU H 172 17.98 2.04 -154.21
N LEU H 173 16.91 2.45 -154.91
CA LEU H 173 15.61 1.83 -154.74
C LEU H 173 15.65 0.35 -155.08
N VAL H 174 16.33 -0.01 -156.18
CA VAL H 174 16.41 -1.40 -156.59
C VAL H 174 17.14 -2.25 -155.54
N ARG H 175 18.28 -1.77 -155.04
CA ARG H 175 19.02 -2.52 -154.03
C ARG H 175 18.21 -2.68 -152.75
N ALA H 176 17.60 -1.58 -152.29
CA ALA H 176 16.78 -1.66 -151.09
C ALA H 176 15.59 -2.58 -151.30
N GLU H 177 15.04 -2.62 -152.51
CA GLU H 177 13.93 -3.51 -152.81
C GLU H 177 14.35 -4.97 -152.72
N ALA H 178 15.53 -5.30 -153.24
CA ALA H 178 16.01 -6.68 -153.13
C ALA H 178 16.21 -7.08 -151.67
N GLU H 179 16.86 -6.21 -150.89
CA GLU H 179 17.08 -6.50 -149.48
C GLU H 179 15.75 -6.65 -148.74
N SER H 180 14.78 -5.78 -149.04
CA SER H 180 13.48 -5.85 -148.39
C SER H 180 12.74 -7.12 -148.76
N LEU H 181 12.86 -7.56 -150.01
CA LEU H 181 12.23 -8.82 -150.43
C LEU H 181 12.78 -9.99 -149.63
N VAL H 182 14.12 -10.07 -149.50
CA VAL H 182 14.71 -11.16 -148.74
C VAL H 182 14.24 -11.11 -147.29
N ALA H 183 14.26 -9.92 -146.68
CA ALA H 183 13.86 -9.77 -145.29
C ALA H 183 12.40 -10.17 -145.09
N GLU H 184 11.53 -9.74 -146.00
CA GLU H 184 10.11 -10.04 -145.95
C GLU H 184 9.82 -11.53 -146.07
N ALA H 185 10.52 -12.25 -146.94
CA ALA H 185 10.35 -13.70 -146.99
C ALA H 185 10.79 -14.38 -145.70
N GLN H 186 12.00 -14.05 -145.20
CA GLN H 186 12.49 -14.74 -144.02
C GLN H 186 11.63 -14.42 -142.81
N LEU H 187 11.07 -13.21 -142.75
CA LEU H 187 10.24 -12.84 -141.61
C LEU H 187 9.06 -13.77 -141.46
N SER H 188 8.34 -14.02 -142.56
CA SER H 188 7.20 -14.92 -142.54
C SER H 188 7.65 -16.33 -142.19
N ASN H 189 8.76 -16.80 -142.80
CA ASN H 189 9.26 -18.13 -142.49
C ASN H 189 9.50 -18.29 -140.99
N ILE H 190 10.24 -17.34 -140.41
CA ILE H 190 10.66 -17.45 -139.01
C ILE H 190 9.45 -17.35 -138.09
N THR H 191 8.53 -16.42 -138.36
CA THR H 191 7.39 -16.27 -137.45
C THR H 191 6.52 -17.52 -137.47
N ARG H 192 6.30 -18.12 -138.64
CA ARG H 192 5.52 -19.35 -138.69
C ARG H 192 6.19 -20.46 -137.89
N SER H 193 7.48 -20.69 -138.16
CA SER H 193 8.17 -21.79 -137.49
C SER H 193 8.22 -21.60 -135.98
N LYS H 194 8.58 -20.40 -135.53
CA LYS H 194 8.70 -20.14 -134.09
C LYS H 194 7.35 -20.23 -133.40
N LEU H 195 6.29 -19.68 -134.02
CA LEU H 195 4.96 -19.79 -133.42
C LEU H 195 4.56 -21.24 -133.24
N ARG H 196 4.73 -22.06 -134.29
CA ARG H 196 4.35 -23.46 -134.17
C ARG H 196 5.14 -24.16 -133.07
N ALA H 197 6.46 -24.00 -133.06
CA ALA H 197 7.27 -24.72 -132.08
C ALA H 197 6.93 -24.30 -130.66
N ALA H 198 6.90 -22.99 -130.41
CA ALA H 198 6.62 -22.50 -129.06
C ALA H 198 5.24 -22.92 -128.60
N PHE H 199 4.25 -22.90 -129.50
CA PHE H 199 2.89 -23.13 -129.05
C PHE H 199 2.66 -24.62 -128.79
N ASN H 200 3.32 -25.49 -129.57
CA ASN H 200 3.32 -26.91 -129.21
C ASN H 200 3.96 -27.15 -127.85
N TYR H 201 5.11 -26.50 -127.61
CA TYR H 201 5.78 -26.66 -126.32
C TYR H 201 4.89 -26.20 -125.19
N GLN H 202 4.19 -25.10 -125.36
CA GLN H 202 3.29 -24.58 -124.33
C GLN H 202 2.06 -25.45 -124.14
N PHE H 203 1.53 -26.07 -125.20
CA PHE H 203 0.36 -26.93 -125.08
C PHE H 203 0.67 -28.28 -124.45
N ASP H 204 1.89 -28.80 -124.58
CA ASP H 204 2.21 -30.06 -123.93
C ASP H 204 2.28 -29.95 -122.40
N SER H 205 2.88 -28.87 -121.91
CA SER H 205 3.09 -28.72 -120.48
C SER H 205 1.77 -28.64 -119.72
N ILE H 206 0.79 -27.93 -120.28
CA ILE H 206 -0.46 -27.73 -119.56
C ILE H 206 -1.22 -29.04 -119.41
N ILE H 207 -1.23 -29.88 -120.46
CA ILE H 207 -1.94 -31.15 -120.34
C ILE H 207 -1.19 -32.09 -119.40
N GLU H 208 0.14 -32.07 -119.43
CA GLU H 208 0.90 -32.88 -118.48
C GLU H 208 0.57 -32.49 -117.04
N HIS H 209 0.59 -31.19 -116.75
CA HIS H 209 0.31 -30.71 -115.40
C HIS H 209 -1.12 -31.03 -114.99
N SER H 210 -2.08 -30.87 -115.92
CA SER H 210 -3.47 -31.17 -115.60
C SER H 210 -3.65 -32.64 -115.28
N GLU H 211 -3.02 -33.53 -116.05
CA GLU H 211 -3.14 -34.95 -115.76
C GLU H 211 -2.52 -35.30 -114.40
N LYS H 212 -1.37 -34.72 -114.09
CA LYS H 212 -0.78 -34.98 -112.78
C LYS H 212 -1.68 -34.49 -111.65
N ILE H 213 -2.27 -33.30 -111.80
CA ILE H 213 -3.16 -32.77 -110.78
C ILE H 213 -4.38 -33.65 -110.61
N ALA H 214 -4.94 -34.13 -111.74
CA ALA H 214 -6.10 -35.02 -111.66
C ALA H 214 -5.76 -36.32 -110.94
N LEU H 215 -4.58 -36.88 -111.22
CA LEU H 215 -4.16 -38.09 -110.52
C LEU H 215 -4.03 -37.85 -109.02
N ILE H 216 -3.42 -36.72 -108.63
CA ILE H 216 -3.27 -36.41 -107.21
C ILE H 216 -4.63 -36.25 -106.56
N ALA H 217 -5.56 -35.57 -107.22
CA ALA H 217 -6.89 -35.36 -106.67
C ALA H 217 -7.62 -36.69 -106.51
N GLY H 218 -7.52 -37.57 -107.50
CA GLY H 218 -8.16 -38.87 -107.38
C GLY H 218 -7.60 -39.69 -106.24
N TYR H 219 -6.28 -39.68 -106.08
CA TYR H 219 -5.67 -40.41 -104.97
C TYR H 219 -6.10 -39.83 -103.62
N GLY H 220 -6.19 -38.51 -103.52
CA GLY H 220 -6.67 -37.90 -102.29
C GLY H 220 -8.11 -38.26 -101.98
N LYS H 221 -8.97 -38.25 -103.00
CA LYS H 221 -10.36 -38.64 -102.79
C LYS H 221 -10.46 -40.10 -102.36
N ALA H 222 -9.65 -40.97 -102.94
CA ALA H 222 -9.63 -42.37 -102.52
C ALA H 222 -9.17 -42.49 -101.06
N LEU H 223 -8.18 -41.69 -100.66
CA LEU H 223 -7.70 -41.74 -99.29
C LEU H 223 -8.74 -41.24 -98.30
N LEU H 224 -9.56 -40.25 -98.69
CA LEU H 224 -10.48 -39.63 -97.75
C LEU H 224 -11.54 -40.61 -97.25
N GLU H 225 -11.79 -41.70 -97.97
CA GLU H 225 -12.85 -42.62 -97.61
C GLU H 225 -12.59 -43.29 -96.25
N LEU H 226 -11.34 -43.43 -95.85
CA LEU H 226 -10.94 -44.15 -94.64
C LEU H 226 -11.37 -43.44 -93.33
N LEU H 227 -12.06 -42.28 -93.39
CA LEU H 227 -12.43 -41.56 -92.17
C LEU H 227 -13.44 -42.30 -91.31
N ASP H 228 -14.36 -43.05 -91.91
CA ASP H 228 -15.40 -43.78 -91.19
C ASP H 228 -16.24 -42.84 -90.34
N ASP H 229 -16.94 -41.93 -91.03
CA ASP H 229 -17.80 -40.94 -90.37
C ASP H 229 -19.13 -41.61 -90.02
N SER H 230 -19.34 -41.88 -88.74
CA SER H 230 -20.57 -42.48 -88.26
C SER H 230 -21.09 -41.68 -87.08
N PRO H 231 -22.42 -41.57 -86.92
CA PRO H 231 -22.96 -40.81 -85.79
C PRO H 231 -22.90 -41.62 -84.50
N VAL H 232 -22.62 -40.92 -83.41
CA VAL H 232 -22.53 -41.53 -82.09
C VAL H 232 -23.32 -40.68 -81.10
N THR H 233 -24.13 -41.33 -80.27
CA THR H 233 -24.87 -40.65 -79.22
C THR H 233 -23.98 -40.43 -78.01
N PRO H 234 -24.27 -39.43 -77.18
CA PRO H 234 -23.45 -39.21 -75.99
C PRO H 234 -23.54 -40.38 -75.03
N GLY H 235 -22.42 -40.66 -74.36
CA GLY H 235 -22.34 -41.79 -73.46
C GLY H 235 -21.72 -43.03 -74.06
N GLU H 236 -21.18 -42.95 -75.28
CA GLU H 236 -20.54 -44.07 -75.93
C GLU H 236 -19.12 -43.69 -76.35
N THR H 237 -18.27 -44.71 -76.51
CA THR H 237 -16.88 -44.52 -76.90
C THR H 237 -16.64 -45.22 -78.23
N ARG H 238 -16.11 -44.48 -79.19
CA ARG H 238 -15.80 -45.06 -80.49
C ARG H 238 -14.58 -45.98 -80.38
N PRO H 239 -14.52 -47.03 -81.21
CA PRO H 239 -13.37 -47.95 -81.13
C PRO H 239 -12.07 -47.26 -81.53
N ALA H 240 -10.97 -47.78 -80.99
CA ALA H 240 -9.66 -47.24 -81.33
C ALA H 240 -9.38 -47.37 -82.82
N TYR H 241 -8.76 -46.34 -83.38
CA TYR H 241 -8.53 -46.25 -84.81
C TYR H 241 -7.12 -46.75 -85.14
N ASP H 242 -7.03 -47.59 -86.16
CA ASP H 242 -5.74 -48.08 -86.67
C ASP H 242 -5.80 -48.10 -88.19
N GLY H 243 -5.16 -47.11 -88.81
CA GLY H 243 -5.16 -47.01 -90.26
C GLY H 243 -3.84 -46.51 -90.82
N TYR H 244 -2.80 -46.53 -89.98
CA TYR H 244 -1.48 -46.07 -90.42
C TYR H 244 -0.95 -46.94 -91.55
N GLU H 245 -1.13 -48.26 -91.43
CA GLU H 245 -0.67 -49.21 -92.45
C GLU H 245 -1.42 -49.07 -93.77
N ALA H 246 -2.54 -48.36 -93.80
CA ALA H 246 -3.27 -48.12 -95.03
C ALA H 246 -2.97 -46.72 -95.55
N SER H 247 -2.94 -45.74 -94.65
CA SER H 247 -2.66 -44.36 -95.06
C SER H 247 -1.25 -44.21 -95.62
N LYS H 248 -0.25 -44.78 -94.92
CA LYS H 248 1.11 -44.70 -95.40
C LYS H 248 1.27 -45.41 -96.75
N GLN H 249 0.63 -46.57 -96.89
CA GLN H 249 0.67 -47.28 -98.16
C GLN H 249 0.03 -46.46 -99.28
N ILE H 250 -1.10 -45.79 -98.98
CA ILE H 250 -1.76 -44.95 -99.98
C ILE H 250 -0.85 -43.81 -100.40
N ILE H 251 -0.20 -43.15 -99.43
CA ILE H 251 0.69 -42.04 -99.76
C ILE H 251 1.85 -42.51 -100.61
N ILE H 252 2.47 -43.65 -100.23
CA ILE H 252 3.60 -44.16 -100.99
C ILE H 252 3.18 -44.53 -102.40
N ASP H 253 2.02 -45.20 -102.54
CA ASP H 253 1.54 -45.59 -103.85
C ASP H 253 1.24 -44.37 -104.72
N ALA H 254 0.65 -43.33 -104.12
CA ALA H 254 0.35 -42.11 -104.86
C ALA H 254 1.63 -41.45 -105.35
N GLU H 255 2.64 -41.35 -104.49
CA GLU H 255 3.90 -40.74 -104.89
C GLU H 255 4.57 -41.55 -106.00
N SER H 256 4.56 -42.89 -105.87
CA SER H 256 5.18 -43.73 -106.89
C SER H 256 4.46 -43.62 -108.22
N ALA H 257 3.12 -43.60 -108.19
CA ALA H 257 2.35 -43.47 -109.42
C ALA H 257 2.58 -42.12 -110.08
N LEU H 258 2.66 -41.05 -109.28
CA LEU H 258 2.92 -39.74 -109.84
C LEU H 258 4.31 -39.67 -110.48
N ASN H 259 5.31 -40.26 -109.82
CA ASN H 259 6.67 -40.25 -110.34
C ASN H 259 6.80 -41.08 -111.60
N GLU H 260 6.12 -42.23 -111.64
CA GLU H 260 6.28 -43.19 -112.73
C GLU H 260 5.64 -42.69 -114.02
N TRP H 261 4.61 -41.85 -113.89
CA TRP H 261 3.86 -41.41 -115.06
C TRP H 261 4.76 -40.68 -116.05
N THR H 262 4.56 -40.95 -117.33
CA THR H 262 5.35 -40.37 -118.40
C THR H 262 4.42 -39.76 -119.45
N LEU H 263 5.03 -39.12 -120.46
CA LEU H 263 4.25 -38.47 -121.50
C LEU H 263 3.42 -39.47 -122.30
N ASP H 264 4.02 -40.62 -122.65
CA ASP H 264 3.32 -41.62 -123.43
C ASP H 264 2.24 -42.36 -122.65
N SER H 265 2.20 -42.19 -121.32
CA SER H 265 1.21 -42.84 -120.48
C SER H 265 -0.01 -41.97 -120.21
N ALA H 266 -0.34 -41.08 -121.15
CA ALA H 266 -1.47 -40.18 -120.96
C ALA H 266 -2.78 -40.96 -121.06
N GLN H 267 -3.60 -40.88 -120.00
CA GLN H 267 -4.87 -41.58 -119.99
C GLN H 267 -5.94 -40.88 -120.82
N VAL H 268 -5.84 -39.55 -120.96
CA VAL H 268 -6.84 -38.80 -121.68
C VAL H 268 -6.73 -39.10 -123.18
N LYS H 269 -7.86 -39.42 -123.80
CA LYS H 269 -7.92 -39.72 -125.23
C LYS H 269 -8.98 -38.83 -125.86
N PRO H 270 -8.60 -37.66 -126.36
CA PRO H 270 -9.57 -36.77 -126.99
C PRO H 270 -10.18 -37.41 -128.23
N THR H 271 -11.46 -37.10 -128.46
CA THR H 271 -12.18 -37.64 -129.60
C THR H 271 -11.87 -36.87 -130.87
N MET I 1 6.58 -35.18 -102.10
CA MET I 1 7.60 -34.20 -102.48
C MET I 1 9.00 -34.81 -102.40
N HIS I 2 10.00 -34.02 -102.81
CA HIS I 2 11.38 -34.48 -102.78
C HIS I 2 12.05 -34.29 -101.42
N ARG I 3 11.42 -33.57 -100.50
CA ARG I 3 11.95 -33.37 -99.16
C ARG I 3 11.85 -34.62 -98.29
N THR I 4 11.05 -35.61 -98.69
CA THR I 4 10.76 -36.74 -97.82
C THR I 4 11.90 -37.76 -97.78
N TYR I 5 12.94 -37.61 -98.60
CA TYR I 5 14.15 -38.40 -98.41
C TYR I 5 15.43 -37.57 -98.55
N SER I 6 15.36 -36.24 -98.51
CA SER I 6 16.54 -35.41 -98.68
C SER I 6 16.52 -34.26 -97.68
N LEU I 7 17.72 -33.78 -97.35
CA LEU I 7 17.87 -32.63 -96.48
C LEU I 7 17.82 -31.30 -97.23
N ARG I 8 17.86 -31.32 -98.56
CA ARG I 8 17.85 -30.12 -99.37
C ARG I 8 16.57 -30.08 -100.20
N ASN I 9 16.11 -28.85 -100.48
CA ASN I 9 14.89 -28.64 -101.25
C ASN I 9 15.03 -29.00 -102.71
N SER I 10 16.24 -29.33 -103.18
CA SER I 10 16.43 -29.70 -104.58
C SER I 10 15.65 -30.96 -104.91
N ARG I 11 15.16 -31.03 -106.14
CA ARG I 11 14.28 -32.11 -106.58
C ARG I 11 15.10 -33.20 -107.25
N ALA I 12 14.86 -34.44 -106.84
CA ALA I 12 15.54 -35.57 -107.44
C ALA I 12 15.07 -35.78 -108.88
N PRO I 13 15.93 -36.32 -109.74
CA PRO I 13 15.52 -36.56 -111.13
C PRO I 13 14.36 -37.55 -111.21
N THR I 14 13.46 -37.30 -112.16
CA THR I 14 12.28 -38.13 -112.38
C THR I 14 12.26 -38.58 -113.84
N ALA I 15 11.16 -39.24 -114.22
CA ALA I 15 11.03 -39.70 -115.60
C ALA I 15 10.98 -38.52 -116.58
N SER I 16 10.23 -37.48 -116.23
CA SER I 16 10.17 -36.30 -117.09
C SER I 16 11.53 -35.61 -117.16
N GLN I 17 12.23 -35.51 -116.03
CA GLN I 17 13.55 -34.90 -116.03
C GLN I 17 14.56 -35.75 -116.82
N LEU I 18 14.43 -37.07 -116.73
CA LEU I 18 15.30 -37.95 -117.53
C LEU I 18 15.03 -37.80 -119.02
N GLN I 19 13.76 -37.70 -119.40
CA GLN I 19 13.41 -37.59 -120.81
C GLN I 19 13.82 -36.22 -121.37
N ASN I 20 13.53 -35.15 -120.63
CA ASN I 20 13.85 -33.81 -121.07
C ASN I 20 14.53 -33.06 -119.93
N PRO I 21 15.57 -32.27 -120.21
CA PRO I 21 16.24 -31.55 -119.13
C PRO I 21 15.28 -30.57 -118.47
N PRO I 22 15.48 -30.28 -117.18
CA PRO I 22 14.59 -29.33 -116.49
C PRO I 22 14.61 -27.97 -117.15
N PRO I 23 13.47 -27.29 -117.18
CA PRO I 23 13.41 -25.96 -117.83
C PRO I 23 14.30 -24.96 -117.11
N PRO I 24 14.87 -24.01 -117.83
CA PRO I 24 15.69 -22.97 -117.18
C PRO I 24 14.85 -22.11 -116.26
N PRO I 25 15.44 -21.58 -115.19
CA PRO I 25 14.67 -20.75 -114.26
C PRO I 25 14.32 -19.39 -114.86
N SER I 26 13.47 -18.67 -114.15
CA SER I 26 13.04 -17.35 -114.60
C SER I 26 14.22 -16.38 -114.63
N THR I 27 14.17 -15.44 -115.58
CA THR I 27 15.26 -14.47 -115.72
C THR I 27 15.40 -13.59 -114.49
N THR I 28 14.28 -13.13 -113.94
CA THR I 28 14.26 -12.24 -112.79
C THR I 28 13.52 -12.89 -111.64
N LYS I 29 14.09 -12.80 -110.44
CA LYS I 29 13.49 -13.31 -109.21
C LYS I 29 13.65 -12.26 -108.12
N GLY I 30 12.67 -11.38 -108.01
CA GLY I 30 12.74 -10.33 -107.00
C GLY I 30 12.46 -10.87 -105.61
N ARG I 31 13.24 -10.41 -104.64
CA ARG I 31 13.07 -10.82 -103.24
C ARG I 31 12.03 -9.91 -102.57
N PHE I 32 10.77 -10.17 -102.91
CA PHE I 32 9.66 -9.39 -102.39
C PHE I 32 8.46 -10.30 -102.21
N PHE I 33 7.56 -9.91 -101.32
CA PHE I 33 6.34 -10.68 -101.08
C PHE I 33 5.45 -10.72 -102.32
N GLY I 34 5.34 -9.59 -103.02
CA GLY I 34 4.50 -9.50 -104.19
C GLY I 34 3.03 -9.23 -103.92
N LYS I 35 2.64 -9.12 -102.65
CA LYS I 35 1.24 -8.83 -102.34
C LYS I 35 0.85 -7.44 -102.82
N GLY I 36 1.74 -6.47 -102.66
CA GLY I 36 1.47 -5.11 -103.08
C GLY I 36 0.65 -4.28 -102.11
N GLY I 37 0.27 -4.84 -100.96
CA GLY I 37 -0.51 -4.10 -99.98
C GLY I 37 -0.46 -4.76 -98.63
N LEU I 38 -0.81 -3.98 -97.61
CA LEU I 38 -0.83 -4.44 -96.22
C LEU I 38 -2.17 -5.09 -95.86
N ALA I 39 -3.11 -5.14 -96.80
CA ALA I 39 -4.45 -5.66 -96.53
C ALA I 39 -4.40 -7.14 -96.14
N TYR I 40 -3.58 -7.94 -96.83
CA TYR I 40 -3.50 -9.36 -96.52
C TYR I 40 -3.03 -9.59 -95.09
N SER I 41 -1.92 -8.94 -94.71
CA SER I 41 -1.39 -9.11 -93.36
C SER I 41 -2.35 -8.57 -92.31
N PHE I 42 -2.99 -7.43 -92.61
CA PHE I 42 -3.95 -6.85 -91.67
C PHE I 42 -5.12 -7.79 -91.43
N ARG I 43 -5.67 -8.37 -92.50
CA ARG I 43 -6.78 -9.30 -92.36
C ARG I 43 -6.35 -10.57 -91.64
N ARG I 44 -5.14 -11.05 -91.90
CA ARG I 44 -4.66 -12.24 -91.21
C ARG I 44 -4.48 -11.99 -89.72
N SER I 45 -3.98 -10.80 -89.36
CA SER I 45 -3.70 -10.51 -87.96
C SER I 45 -4.93 -10.08 -87.17
N ALA I 46 -5.95 -9.52 -87.83
CA ALA I 46 -7.12 -9.04 -87.11
C ALA I 46 -8.14 -10.14 -86.80
N ALA I 47 -7.94 -11.34 -87.32
CA ALA I 47 -8.92 -12.41 -87.09
C ALA I 47 -8.92 -12.85 -85.63
N GLY I 48 -7.75 -13.03 -85.03
CA GLY I 48 -7.62 -13.52 -83.67
C GLY I 48 -7.59 -12.46 -82.59
N ALA I 49 -7.87 -11.20 -82.93
CA ALA I 49 -7.79 -10.13 -81.93
C ALA I 49 -8.86 -10.29 -80.86
N PHE I 50 -10.07 -10.70 -81.24
CA PHE I 50 -11.19 -10.77 -80.31
C PHE I 50 -11.92 -12.11 -80.32
N GLY I 51 -11.67 -12.99 -81.29
CA GLY I 51 -12.39 -14.24 -81.38
C GLY I 51 -12.03 -15.21 -80.28
N PRO I 52 -12.89 -16.21 -80.07
CA PRO I 52 -12.61 -17.23 -79.05
C PRO I 52 -11.37 -18.03 -79.40
N GLU I 53 -10.71 -18.53 -78.35
CA GLU I 53 -9.44 -19.24 -78.54
C GLU I 53 -9.62 -20.54 -79.32
N LEU I 54 -10.70 -21.27 -79.07
CA LEU I 54 -10.86 -22.59 -79.70
C LEU I 54 -11.02 -22.48 -81.22
N SER I 55 -11.78 -21.50 -81.69
CA SER I 55 -12.09 -21.37 -83.11
C SER I 55 -11.09 -20.51 -83.86
N ARG I 56 -10.07 -19.98 -83.19
CA ARG I 56 -9.10 -19.11 -83.86
C ARG I 56 -8.32 -19.86 -84.92
N LYS I 57 -7.91 -21.10 -84.63
CA LYS I 57 -7.07 -21.86 -85.54
C LYS I 57 -7.77 -22.09 -86.88
N LEU I 58 -9.04 -22.50 -86.84
CA LEU I 58 -9.77 -22.70 -88.08
C LEU I 58 -10.18 -21.39 -88.73
N SER I 59 -10.47 -20.36 -87.92
CA SER I 59 -10.87 -19.07 -88.48
C SER I 59 -9.73 -18.42 -89.24
N GLN I 60 -8.49 -18.72 -88.87
CA GLN I 60 -7.35 -18.12 -89.57
C GLN I 60 -7.24 -18.63 -91.01
N LEU I 61 -7.73 -19.84 -91.28
CA LEU I 61 -7.56 -20.42 -92.61
C LEU I 61 -8.53 -19.81 -93.63
N VAL I 62 -9.69 -19.32 -93.16
CA VAL I 62 -10.68 -18.79 -94.08
C VAL I 62 -10.15 -17.57 -94.81
N LYS I 63 -9.42 -16.70 -94.12
CA LYS I 63 -8.89 -15.49 -94.75
C LYS I 63 -7.89 -15.84 -95.85
N ILE I 64 -6.99 -16.78 -95.59
CA ILE I 64 -6.01 -17.15 -96.61
C ILE I 64 -6.68 -17.89 -97.76
N GLU I 65 -7.75 -18.63 -97.48
CA GLU I 65 -8.50 -19.25 -98.58
C GLU I 65 -9.16 -18.20 -99.45
N LYS I 66 -9.71 -17.15 -98.83
CA LYS I 66 -10.28 -16.05 -99.61
C LYS I 66 -9.20 -15.35 -100.43
N ASN I 67 -8.01 -15.19 -99.87
CA ASN I 67 -6.90 -14.61 -100.62
C ASN I 67 -6.54 -15.48 -101.82
N VAL I 68 -6.53 -16.80 -101.63
CA VAL I 68 -6.29 -17.73 -102.74
C VAL I 68 -7.34 -17.55 -103.82
N LEU I 69 -8.60 -17.44 -103.41
CA LEU I 69 -9.69 -17.25 -104.37
C LEU I 69 -9.50 -15.96 -105.17
N ARG I 70 -9.16 -14.87 -104.48
CA ARG I 70 -8.96 -13.59 -105.17
C ARG I 70 -7.79 -13.67 -106.14
N SER I 71 -6.69 -14.30 -105.74
CA SER I 71 -5.54 -14.42 -106.63
C SER I 71 -5.88 -15.27 -107.85
N MET I 72 -6.64 -16.35 -107.66
CA MET I 72 -7.06 -17.16 -108.79
C MET I 72 -7.96 -16.37 -109.73
N GLU I 73 -8.85 -15.54 -109.17
CA GLU I 73 -9.70 -14.70 -110.00
C GLU I 73 -8.88 -13.73 -110.83
N LEU I 74 -7.87 -13.11 -110.22
CA LEU I 74 -7.00 -12.19 -110.96
C LEU I 74 -6.25 -12.93 -112.07
N THR I 75 -5.75 -14.13 -111.77
CA THR I 75 -5.05 -14.93 -112.78
C THR I 75 -5.97 -15.23 -113.96
N ALA I 76 -7.20 -15.66 -113.66
CA ALA I 76 -8.14 -16.00 -114.73
C ALA I 76 -8.48 -14.77 -115.56
N ASN I 77 -8.68 -13.62 -114.90
CA ASN I 77 -9.00 -12.40 -115.63
C ASN I 77 -7.87 -12.00 -116.57
N GLU I 78 -6.62 -12.06 -116.08
CA GLU I 78 -5.49 -11.67 -116.92
C GLU I 78 -5.30 -12.65 -118.07
N ARG I 79 -5.47 -13.96 -117.82
CA ARG I 79 -5.35 -14.93 -118.91
C ARG I 79 -6.44 -14.73 -119.95
N ARG I 80 -7.65 -14.39 -119.50
CA ARG I 80 -8.73 -14.07 -120.44
C ARG I 80 -8.38 -12.83 -121.26
N ASP I 81 -7.78 -11.83 -120.62
CA ASP I 81 -7.41 -10.61 -121.34
C ASP I 81 -6.34 -10.87 -122.39
N ALA I 82 -5.39 -11.77 -122.10
CA ALA I 82 -4.29 -12.01 -123.02
C ALA I 82 -4.77 -12.57 -124.36
N ALA I 83 -5.85 -13.34 -124.35
CA ALA I 83 -6.34 -13.95 -125.59
C ALA I 83 -6.82 -12.90 -126.59
N LYS I 84 -7.40 -11.80 -126.09
CA LYS I 84 -7.84 -10.73 -127.00
C LYS I 84 -6.66 -10.12 -127.74
N GLN I 85 -5.57 -9.85 -127.02
CA GLN I 85 -4.38 -9.29 -127.67
C GLN I 85 -3.77 -10.30 -128.65
N LEU I 86 -3.74 -11.58 -128.26
CA LEU I 86 -3.23 -12.60 -129.17
C LEU I 86 -4.06 -12.64 -130.46
N SER I 87 -5.38 -12.51 -130.32
CA SER I 87 -6.25 -12.55 -131.50
C SER I 87 -6.06 -11.33 -132.38
N ILE I 88 -6.00 -10.13 -131.79
CA ILE I 88 -5.89 -8.93 -132.61
C ILE I 88 -4.52 -8.85 -133.29
N TRP I 89 -3.48 -9.41 -132.68
CA TRP I 89 -2.16 -9.39 -133.33
C TRP I 89 -2.18 -10.06 -134.70
N GLY I 90 -3.06 -11.04 -134.89
CA GLY I 90 -3.04 -11.82 -136.12
C GLY I 90 -3.61 -11.12 -137.33
N LEU I 91 -4.15 -9.91 -137.18
CA LEU I 91 -4.76 -9.21 -138.31
C LEU I 91 -3.72 -8.88 -139.38
N GLU I 92 -2.56 -8.40 -138.96
CA GLU I 92 -1.50 -7.98 -139.89
C GLU I 92 -0.52 -9.14 -140.07
N ASN I 93 -0.94 -10.14 -140.82
CA ASN I 93 -0.12 -11.32 -141.11
C ASN I 93 -0.79 -12.07 -142.26
N ASP I 94 -0.30 -13.27 -142.54
CA ASP I 94 -0.87 -14.09 -143.60
C ASP I 94 -2.26 -14.58 -143.19
N ASP I 95 -3.04 -14.96 -144.21
CA ASP I 95 -4.42 -15.37 -143.96
C ASP I 95 -4.49 -16.63 -143.10
N ASP I 96 -3.64 -17.62 -143.39
CA ASP I 96 -3.63 -18.85 -142.60
C ASP I 96 -3.24 -18.55 -141.14
N VAL I 97 -2.23 -17.70 -140.95
CA VAL I 97 -1.81 -17.34 -139.60
C VAL I 97 -2.95 -16.63 -138.87
N SER I 98 -3.65 -15.73 -139.56
CA SER I 98 -4.75 -15.00 -138.94
C SER I 98 -5.88 -15.94 -138.52
N ASP I 99 -6.24 -16.87 -139.40
CA ASP I 99 -7.33 -17.80 -139.10
C ASP I 99 -6.96 -18.71 -137.93
N ILE I 100 -5.75 -19.28 -137.97
CA ILE I 100 -5.30 -20.15 -136.88
C ILE I 100 -5.24 -19.37 -135.58
N THR I 101 -4.78 -18.11 -135.63
CA THR I 101 -4.70 -17.30 -134.44
C THR I 101 -6.09 -17.06 -133.85
N ASP I 102 -7.07 -16.72 -134.69
CA ASP I 102 -8.42 -16.47 -134.18
C ASP I 102 -9.01 -17.72 -133.53
N LYS I 103 -8.90 -18.87 -134.20
CA LYS I 103 -9.50 -20.08 -133.68
C LYS I 103 -8.82 -20.51 -132.38
N LEU I 104 -7.49 -20.56 -132.36
CA LEU I 104 -6.82 -20.92 -131.12
C LEU I 104 -7.04 -19.87 -130.05
N GLY I 105 -7.31 -18.62 -130.46
CA GLY I 105 -7.60 -17.59 -129.47
C GLY I 105 -8.89 -17.83 -128.75
N VAL I 106 -9.95 -18.20 -129.48
CA VAL I 106 -11.20 -18.54 -128.80
C VAL I 106 -11.02 -19.82 -127.99
N LEU I 107 -10.24 -20.77 -128.51
CA LEU I 107 -10.01 -22.03 -127.81
C LEU I 107 -9.32 -21.79 -126.47
N ILE I 108 -8.35 -20.88 -126.43
CA ILE I 108 -7.64 -20.57 -125.18
C ILE I 108 -8.42 -19.61 -124.30
N TYR I 109 -9.29 -18.78 -124.87
CA TYR I 109 -10.20 -17.94 -124.11
C TYR I 109 -11.27 -18.75 -123.39
N GLU I 110 -11.54 -19.97 -123.86
CA GLU I 110 -12.49 -20.86 -123.21
C GLU I 110 -12.15 -21.13 -121.74
N VAL I 111 -10.87 -21.06 -121.38
CA VAL I 111 -10.37 -21.46 -120.07
C VAL I 111 -10.99 -20.65 -118.93
N SER I 112 -11.30 -19.38 -119.21
CA SER I 112 -11.74 -18.47 -118.14
C SER I 112 -13.04 -18.93 -117.51
N GLU I 113 -13.98 -19.44 -118.31
CA GLU I 113 -15.25 -19.91 -117.76
C GLU I 113 -15.04 -21.09 -116.82
N LEU I 114 -14.18 -22.03 -117.21
CA LEU I 114 -13.87 -23.16 -116.33
C LEU I 114 -13.23 -22.69 -115.04
N ASP I 115 -12.33 -21.71 -115.14
CA ASP I 115 -11.70 -21.16 -113.93
C ASP I 115 -12.74 -20.52 -113.02
N ASP I 116 -13.70 -19.79 -113.59
CA ASP I 116 -14.73 -19.14 -112.79
C ASP I 116 -15.62 -20.18 -112.09
N GLN I 117 -15.98 -21.25 -112.81
CA GLN I 117 -16.79 -22.30 -112.18
C GLN I 117 -16.03 -22.97 -111.04
N PHE I 118 -14.74 -23.25 -111.26
CA PHE I 118 -13.92 -23.82 -110.19
C PHE I 118 -13.85 -22.87 -108.99
N ILE I 119 -13.76 -21.57 -109.26
CA ILE I 119 -13.73 -20.57 -108.19
C ILE I 119 -15.02 -20.60 -107.39
N ASP I 120 -16.16 -20.71 -108.07
CA ASP I 120 -17.44 -20.76 -107.37
C ASP I 120 -17.54 -21.99 -106.49
N ARG I 121 -17.11 -23.15 -107.00
CA ARG I 121 -17.16 -24.36 -106.19
C ARG I 121 -16.20 -24.27 -105.00
N TYR I 122 -15.03 -23.65 -105.21
CA TYR I 122 -14.11 -23.39 -104.11
C TYR I 122 -14.76 -22.50 -103.06
N ASP I 123 -15.53 -21.50 -103.49
CA ASP I 123 -16.23 -20.63 -102.55
C ASP I 123 -17.25 -21.41 -101.74
N GLN I 124 -17.97 -22.33 -102.37
CA GLN I 124 -18.92 -23.16 -101.62
C GLN I 124 -18.20 -24.02 -100.57
N TYR I 125 -17.07 -24.62 -100.95
CA TYR I 125 -16.31 -25.41 -99.99
C TYR I 125 -15.83 -24.54 -98.83
N ARG I 126 -15.36 -23.32 -99.14
CA ARG I 126 -14.97 -22.39 -98.09
C ARG I 126 -16.15 -22.03 -97.19
N LEU I 127 -17.35 -21.92 -97.77
CA LEU I 127 -18.53 -21.60 -96.98
C LEU I 127 -18.81 -22.70 -95.96
N THR I 128 -18.71 -23.97 -96.38
CA THR I 128 -18.93 -25.06 -95.43
C THR I 128 -17.86 -25.08 -94.34
N LEU I 129 -16.60 -24.89 -94.74
CA LEU I 129 -15.51 -24.86 -93.77
C LEU I 129 -15.70 -23.71 -92.78
N LYS I 130 -16.26 -22.60 -93.25
CA LYS I 130 -16.63 -21.51 -92.35
C LYS I 130 -17.75 -21.93 -91.40
N SER I 131 -18.74 -22.65 -91.93
CA SER I 131 -19.86 -23.10 -91.10
C SER I 131 -19.41 -23.96 -89.94
N ILE I 132 -18.32 -24.71 -90.11
CA ILE I 132 -17.78 -25.48 -88.97
C ILE I 132 -17.38 -24.54 -87.81
N ARG I 133 -16.78 -23.39 -88.14
CA ARG I 133 -16.26 -22.50 -87.11
C ARG I 133 -17.35 -21.97 -86.20
N ASP I 134 -18.57 -21.77 -86.74
CA ASP I 134 -19.66 -21.28 -85.91
C ASP I 134 -19.97 -22.25 -84.79
N ILE I 135 -20.05 -23.54 -85.10
CA ILE I 135 -20.35 -24.54 -84.08
C ILE I 135 -19.20 -24.64 -83.07
N GLU I 136 -17.95 -24.54 -83.56
CA GLU I 136 -16.83 -24.56 -82.63
C GLU I 136 -16.89 -23.39 -81.64
N GLY I 137 -17.13 -22.19 -82.16
CA GLY I 137 -17.17 -21.02 -81.30
C GLY I 137 -18.38 -20.98 -80.40
N SER I 138 -19.45 -21.67 -80.80
CA SER I 138 -20.60 -21.81 -79.90
C SER I 138 -20.30 -22.82 -78.79
N VAL I 139 -19.52 -23.86 -79.10
CA VAL I 139 -19.21 -24.88 -78.12
C VAL I 139 -18.28 -24.34 -77.03
N GLN I 140 -17.31 -23.51 -77.39
CA GLN I 140 -16.30 -23.08 -76.41
C GLN I 140 -16.88 -22.46 -75.13
N PRO I 141 -17.77 -21.47 -75.19
CA PRO I 141 -18.19 -20.81 -73.93
C PRO I 141 -18.90 -21.75 -72.97
N SER I 142 -19.66 -22.73 -73.48
CA SER I 142 -20.31 -23.69 -72.59
C SER I 142 -19.29 -24.49 -71.81
N ARG I 143 -18.15 -24.80 -72.43
CA ARG I 143 -17.09 -25.53 -71.73
C ARG I 143 -16.38 -24.64 -70.73
N ASP I 144 -16.20 -23.35 -71.04
CA ASP I 144 -15.42 -22.48 -70.14
C ASP I 144 -16.06 -22.36 -68.75
N ARG I 145 -17.38 -22.18 -68.71
CA ARG I 145 -18.06 -21.91 -67.44
C ARG I 145 -17.98 -23.11 -66.49
N LYS I 146 -18.16 -24.31 -67.03
CA LYS I 146 -18.09 -25.51 -66.19
C LYS I 146 -16.72 -25.64 -65.54
N ASP I 147 -15.66 -25.34 -66.29
CA ASP I 147 -14.32 -25.35 -65.70
C ASP I 147 -14.16 -24.28 -64.64
N LYS I 148 -14.70 -23.08 -64.89
CA LYS I 148 -14.49 -22.00 -63.93
C LYS I 148 -15.21 -22.27 -62.61
N ILE I 149 -16.43 -22.77 -62.66
CA ILE I 149 -17.21 -22.99 -61.44
C ILE I 149 -16.70 -24.22 -60.69
N THR I 150 -15.71 -24.90 -61.26
CA THR I 150 -14.98 -25.96 -60.56
C THR I 150 -13.85 -25.42 -59.70
N ASP I 151 -13.02 -24.53 -60.28
CA ASP I 151 -12.03 -23.84 -59.47
C ASP I 151 -12.69 -23.03 -58.37
N LYS I 152 -13.87 -22.47 -58.65
CA LYS I 152 -14.59 -21.70 -57.64
C LYS I 152 -14.93 -22.57 -56.42
N ILE I 153 -15.54 -23.73 -56.66
CA ILE I 153 -15.94 -24.58 -55.54
C ILE I 153 -14.71 -25.15 -54.84
N ALA I 154 -13.65 -25.46 -55.60
CA ALA I 154 -12.42 -25.94 -54.97
C ALA I 154 -11.85 -24.89 -54.02
N TYR I 155 -11.78 -23.64 -54.46
CA TYR I 155 -11.24 -22.58 -53.61
C TYR I 155 -12.11 -22.36 -52.39
N LEU I 156 -13.43 -22.35 -52.58
CA LEU I 156 -14.32 -22.13 -51.44
C LEU I 156 -14.28 -23.28 -50.45
N LYS I 157 -14.09 -24.52 -50.92
CA LYS I 157 -13.89 -25.63 -50.02
C LYS I 157 -12.57 -25.50 -49.26
N TYR I 158 -11.52 -25.03 -49.94
CA TYR I 158 -10.25 -24.83 -49.26
C TYR I 158 -10.38 -23.78 -48.17
N LYS I 159 -11.11 -22.69 -48.44
CA LYS I 159 -11.21 -21.61 -47.45
C LYS I 159 -11.88 -22.09 -46.17
N ASP I 160 -13.04 -22.72 -46.28
CA ASP I 160 -13.72 -23.29 -45.13
C ASP I 160 -14.72 -24.35 -45.59
N PRO I 161 -14.66 -25.56 -45.03
CA PRO I 161 -15.57 -26.62 -45.48
C PRO I 161 -16.96 -26.56 -44.84
N GLN I 162 -17.22 -25.59 -43.97
CA GLN I 162 -18.51 -25.49 -43.29
C GLN I 162 -19.49 -24.56 -43.99
N SER I 163 -19.11 -23.99 -45.13
CA SER I 163 -20.01 -23.10 -45.86
C SER I 163 -21.15 -23.90 -46.48
N PRO I 164 -22.35 -23.31 -46.57
CA PRO I 164 -23.48 -24.03 -47.16
C PRO I 164 -23.54 -23.99 -48.68
N LYS I 165 -22.59 -23.31 -49.34
CA LYS I 165 -22.60 -23.19 -50.79
C LYS I 165 -22.01 -24.41 -51.49
N ILE I 166 -21.46 -25.36 -50.73
CA ILE I 166 -20.80 -26.51 -51.32
C ILE I 166 -21.79 -27.32 -52.16
N GLU I 167 -22.97 -27.60 -51.60
CA GLU I 167 -23.92 -28.48 -52.28
C GLU I 167 -24.48 -27.85 -53.54
N VAL I 168 -24.82 -26.56 -53.49
CA VAL I 168 -25.37 -25.90 -54.66
C VAL I 168 -24.30 -25.75 -55.74
N LEU I 169 -23.06 -25.44 -55.34
CA LEU I 169 -21.98 -25.36 -56.31
C LEU I 169 -21.72 -26.71 -56.96
N GLU I 170 -21.76 -27.79 -56.17
CA GLU I 170 -21.54 -29.13 -56.71
C GLU I 170 -22.64 -29.51 -57.69
N GLN I 171 -23.90 -29.18 -57.38
CA GLN I 171 -24.97 -29.52 -58.31
C GLN I 171 -24.89 -28.69 -59.59
N GLU I 172 -24.52 -27.42 -59.48
CA GLU I 172 -24.30 -26.62 -60.68
C GLU I 172 -23.18 -27.22 -61.52
N LEU I 173 -22.13 -27.73 -60.86
CA LEU I 173 -21.07 -28.44 -61.56
C LEU I 173 -21.61 -29.66 -62.29
N VAL I 174 -22.51 -30.42 -61.63
CA VAL I 174 -23.06 -31.62 -62.26
C VAL I 174 -23.87 -31.27 -63.51
N ARG I 175 -24.74 -30.26 -63.41
CA ARG I 175 -25.55 -29.88 -64.56
C ARG I 175 -24.69 -29.36 -65.71
N ALA I 176 -23.71 -28.51 -65.39
CA ALA I 176 -22.81 -28.01 -66.42
C ALA I 176 -22.00 -29.14 -67.04
N GLU I 177 -21.64 -30.14 -66.23
CA GLU I 177 -20.91 -31.30 -66.74
C GLU I 177 -21.74 -32.09 -67.74
N ALA I 178 -23.03 -32.31 -67.43
CA ALA I 178 -23.88 -33.02 -68.37
C ALA I 178 -24.02 -32.25 -69.68
N GLU I 179 -24.27 -30.94 -69.59
CA GLU I 179 -24.39 -30.13 -70.80
C GLU I 179 -23.09 -30.16 -71.61
N SER I 180 -21.95 -30.05 -70.93
CA SER I 180 -20.66 -30.07 -71.61
C SER I 180 -20.41 -31.42 -72.28
N LEU I 181 -20.81 -32.52 -71.64
CA LEU I 181 -20.66 -33.83 -72.25
C LEU I 181 -21.45 -33.93 -73.55
N VAL I 182 -22.70 -33.47 -73.52
CA VAL I 182 -23.52 -33.52 -74.74
C VAL I 182 -22.88 -32.67 -75.84
N ALA I 183 -22.45 -31.45 -75.48
CA ALA I 183 -21.85 -30.55 -76.47
C ALA I 183 -20.57 -31.14 -77.05
N GLU I 184 -19.73 -31.72 -76.20
CA GLU I 184 -18.48 -32.34 -76.61
C GLU I 184 -18.68 -33.51 -77.56
N ALA I 185 -19.67 -34.36 -77.31
CA ALA I 185 -19.97 -35.43 -78.26
C ALA I 185 -20.44 -34.90 -79.60
N GLN I 186 -21.41 -33.97 -79.60
CA GLN I 186 -21.94 -33.50 -80.87
C GLN I 186 -20.88 -32.73 -81.66
N LEU I 187 -19.98 -32.05 -80.97
CA LEU I 187 -18.94 -31.29 -81.66
C LEU I 187 -18.09 -32.19 -82.53
N SER I 188 -17.62 -33.32 -81.97
CA SER I 188 -16.83 -34.27 -82.74
C SER I 188 -17.65 -34.86 -83.88
N ASN I 189 -18.90 -35.23 -83.59
CA ASN I 189 -19.76 -35.77 -84.65
C ASN I 189 -19.85 -34.81 -85.83
N ILE I 190 -20.19 -33.55 -85.54
CA ILE I 190 -20.44 -32.56 -86.58
C ILE I 190 -19.15 -32.25 -87.34
N THR I 191 -18.03 -32.08 -86.64
CA THR I 191 -16.80 -31.74 -87.34
C THR I 191 -16.37 -32.86 -88.27
N ARG I 192 -16.48 -34.12 -87.83
CA ARG I 192 -16.13 -35.22 -88.73
C ARG I 192 -17.02 -35.23 -89.96
N SER I 193 -18.35 -35.16 -89.77
CA SER I 193 -19.25 -35.26 -90.90
C SER I 193 -19.04 -34.10 -91.88
N LYS I 194 -18.96 -32.87 -91.37
CA LYS I 194 -18.82 -31.71 -92.24
C LYS I 194 -17.49 -31.72 -92.97
N LEU I 195 -16.40 -32.09 -92.28
CA LEU I 195 -15.11 -32.18 -92.95
C LEU I 195 -15.16 -33.16 -94.10
N ARG I 196 -15.70 -34.36 -93.86
CA ARG I 196 -15.76 -35.36 -94.92
C ARG I 196 -16.58 -34.86 -96.11
N ALA I 197 -17.78 -34.34 -95.85
CA ALA I 197 -18.65 -33.92 -96.95
C ALA I 197 -18.02 -32.78 -97.75
N ALA I 198 -17.54 -31.75 -97.07
CA ALA I 198 -16.97 -30.61 -97.77
C ALA I 198 -15.74 -31.00 -98.55
N PHE I 199 -14.92 -31.89 -97.99
CA PHE I 199 -13.65 -32.17 -98.65
C PHE I 199 -13.86 -33.08 -99.86
N ASN I 200 -14.84 -33.99 -99.79
CA ASN I 200 -15.24 -34.71 -101.00
C ASN I 200 -15.76 -33.77 -102.07
N TYR I 201 -16.60 -32.81 -101.68
CA TYR I 201 -17.13 -31.86 -102.65
C TYR I 201 -16.01 -31.06 -103.31
N GLN I 202 -15.03 -30.64 -102.51
CA GLN I 202 -13.90 -29.89 -103.03
C GLN I 202 -12.99 -30.73 -103.91
N PHE I 203 -12.80 -32.02 -103.61
CA PHE I 203 -11.95 -32.87 -104.42
C PHE I 203 -12.58 -33.28 -105.74
N ASP I 204 -13.91 -33.34 -105.83
CA ASP I 204 -14.52 -33.67 -107.12
C ASP I 204 -14.37 -32.55 -108.15
N SER I 205 -14.54 -31.30 -107.72
CA SER I 205 -14.52 -30.18 -108.65
C SER I 205 -13.16 -30.03 -109.32
N ILE I 206 -12.08 -30.22 -108.56
CA ILE I 206 -10.74 -30.00 -109.10
C ILE I 206 -10.42 -31.02 -110.18
N ILE I 207 -10.79 -32.30 -109.97
CA ILE I 207 -10.51 -33.30 -111.00
C ILE I 207 -11.39 -33.07 -112.21
N GLU I 208 -12.65 -32.67 -112.01
CA GLU I 208 -13.49 -32.34 -113.16
C GLU I 208 -12.88 -31.22 -114.00
N HIS I 209 -12.47 -30.14 -113.35
CA HIS I 209 -11.89 -29.01 -114.06
C HIS I 209 -10.58 -29.40 -114.74
N SER I 210 -9.75 -30.19 -114.08
CA SER I 210 -8.49 -30.61 -114.68
C SER I 210 -8.73 -31.46 -115.93
N GLU I 211 -9.70 -32.37 -115.88
CA GLU I 211 -10.00 -33.19 -117.04
C GLU I 211 -10.50 -32.34 -118.20
N LYS I 212 -11.37 -31.37 -117.91
CA LYS I 212 -11.86 -30.49 -118.96
C LYS I 212 -10.73 -29.68 -119.58
N ILE I 213 -9.82 -29.16 -118.75
CA ILE I 213 -8.69 -28.39 -119.25
C ILE I 213 -7.78 -29.26 -120.11
N ALA I 214 -7.55 -30.50 -119.69
CA ALA I 214 -6.72 -31.41 -120.47
C ALA I 214 -7.35 -31.71 -121.81
N LEU I 215 -8.67 -31.92 -121.84
CA LEU I 215 -9.36 -32.14 -123.11
C LEU I 215 -9.22 -30.94 -124.04
N ILE I 216 -9.40 -29.73 -123.49
CA ILE I 216 -9.28 -28.52 -124.31
C ILE I 216 -7.86 -28.39 -124.86
N ALA I 217 -6.86 -28.66 -124.02
CA ALA I 217 -5.46 -28.57 -124.47
C ALA I 217 -5.16 -29.58 -125.55
N GLY I 218 -5.66 -30.81 -125.40
CA GLY I 218 -5.43 -31.82 -126.43
C GLY I 218 -6.08 -31.43 -127.75
N TYR I 219 -7.30 -30.91 -127.71
CA TYR I 219 -7.96 -30.47 -128.93
C TYR I 219 -7.21 -29.33 -129.59
N GLY I 220 -6.71 -28.38 -128.79
CA GLY I 220 -5.92 -27.29 -129.35
C GLY I 220 -4.64 -27.78 -130.00
N LYS I 221 -3.95 -28.71 -129.35
CA LYS I 221 -2.73 -29.27 -129.93
C LYS I 221 -3.03 -30.00 -131.23
N ALA I 222 -4.15 -30.74 -131.28
CA ALA I 222 -4.55 -31.39 -132.52
C ALA I 222 -4.82 -30.37 -133.61
N LEU I 223 -5.47 -29.25 -133.25
CA LEU I 223 -5.77 -28.22 -134.25
C LEU I 223 -4.51 -27.54 -134.76
N LEU I 224 -3.49 -27.38 -133.91
CA LEU I 224 -2.31 -26.62 -134.31
C LEU I 224 -1.55 -27.27 -135.45
N GLU I 225 -1.74 -28.58 -135.68
CA GLU I 225 -0.98 -29.28 -136.70
C GLU I 225 -1.26 -28.76 -138.10
N LEU I 226 -2.43 -28.20 -138.34
CA LEU I 226 -2.88 -27.75 -139.66
C LEU I 226 -2.09 -26.52 -140.20
N LEU I 227 -1.10 -26.00 -139.47
CA LEU I 227 -0.39 -24.81 -139.93
C LEU I 227 0.45 -25.05 -141.18
N ASP I 228 1.01 -26.24 -141.35
CA ASP I 228 1.86 -26.59 -142.50
C ASP I 228 3.04 -25.63 -142.60
N ASP I 229 3.90 -25.70 -141.59
CA ASP I 229 5.10 -24.85 -141.51
C ASP I 229 6.19 -25.48 -142.37
N SER I 230 6.45 -24.88 -143.52
CA SER I 230 7.49 -25.34 -144.42
C SER I 230 8.38 -24.17 -144.83
N PRO I 231 9.68 -24.41 -145.03
CA PRO I 231 10.56 -23.31 -145.42
C PRO I 231 10.42 -22.98 -146.90
N VAL I 232 10.51 -21.68 -147.20
CA VAL I 232 10.39 -21.18 -148.57
C VAL I 232 11.52 -20.19 -148.83
N THR I 233 12.19 -20.33 -149.97
CA THR I 233 13.22 -19.40 -150.37
C THR I 233 12.60 -18.17 -151.02
N PRO I 234 13.28 -17.03 -150.98
CA PRO I 234 12.74 -15.82 -151.61
C PRO I 234 12.57 -16.02 -153.12
N GLY I 235 11.51 -15.40 -153.65
CA GLY I 235 11.19 -15.56 -155.06
C GLY I 235 10.14 -16.60 -155.36
N GLU I 236 9.51 -17.19 -154.35
CA GLU I 236 8.48 -18.19 -154.54
C GLU I 236 7.21 -17.77 -153.81
N THR I 237 6.08 -18.31 -154.27
CA THR I 237 4.77 -18.02 -153.68
C THR I 237 4.17 -19.30 -153.14
N ARG I 238 3.78 -19.28 -151.87
CA ARG I 238 3.14 -20.43 -151.27
C ARG I 238 1.73 -20.61 -151.81
N PRO I 239 1.24 -21.85 -151.90
CA PRO I 239 -0.10 -22.08 -152.42
C PRO I 239 -1.17 -21.47 -151.52
N ALA I 240 -2.31 -21.13 -152.11
CA ALA I 240 -3.42 -20.57 -151.36
C ALA I 240 -3.91 -21.57 -150.31
N TYR I 241 -4.24 -21.06 -149.13
CA TYR I 241 -4.61 -21.88 -147.99
C TYR I 241 -6.12 -22.00 -147.91
N ASP I 242 -6.61 -23.22 -147.71
CA ASP I 242 -8.03 -23.49 -147.50
C ASP I 242 -8.17 -24.54 -146.40
N GLY I 243 -8.53 -24.09 -145.21
CA GLY I 243 -8.69 -24.99 -144.08
C GLY I 243 -9.84 -24.61 -143.17
N TYR I 244 -10.73 -23.74 -143.67
CA TYR I 244 -11.88 -23.33 -142.87
C TYR I 244 -12.79 -24.50 -142.57
N GLU I 245 -13.02 -25.38 -143.55
CA GLU I 245 -13.86 -26.56 -143.38
C GLU I 245 -13.29 -27.56 -142.40
N ALA I 246 -12.01 -27.45 -142.06
CA ALA I 246 -11.39 -28.33 -141.08
C ALA I 246 -11.31 -27.64 -139.72
N SER I 247 -10.93 -26.37 -139.72
CA SER I 247 -10.81 -25.62 -138.48
C SER I 247 -12.16 -25.45 -137.79
N LYS I 248 -13.20 -25.08 -138.56
CA LYS I 248 -14.52 -24.91 -137.99
C LYS I 248 -15.05 -26.24 -137.45
N GLN I 249 -14.82 -27.32 -138.20
CA GLN I 249 -15.23 -28.64 -137.72
C GLN I 249 -14.51 -29.02 -136.44
N ILE I 250 -13.21 -28.72 -136.36
CA ILE I 250 -12.45 -29.02 -135.15
C ILE I 250 -13.00 -28.24 -133.96
N ILE I 251 -13.30 -26.96 -134.16
CA ILE I 251 -13.83 -26.14 -133.07
C ILE I 251 -15.19 -26.67 -132.61
N ILE I 252 -16.06 -27.00 -133.57
CA ILE I 252 -17.38 -27.50 -133.21
C ILE I 252 -17.28 -28.84 -132.47
N ASP I 253 -16.41 -29.73 -132.96
CA ASP I 253 -16.23 -31.02 -132.31
C ASP I 253 -15.67 -30.86 -130.90
N ALA I 254 -14.72 -29.94 -130.72
CA ALA I 254 -14.16 -29.70 -129.40
C ALA I 254 -15.22 -29.18 -128.44
N GLU I 255 -16.04 -28.23 -128.89
CA GLU I 255 -17.08 -27.70 -128.03
C GLU I 255 -18.10 -28.77 -127.67
N SER I 256 -18.50 -29.60 -128.65
CA SER I 256 -19.46 -30.65 -128.39
C SER I 256 -18.91 -31.69 -127.43
N ALA I 257 -17.64 -32.07 -127.60
CA ALA I 257 -17.03 -33.05 -126.71
C ALA I 257 -16.90 -32.50 -125.29
N LEU I 258 -16.55 -31.22 -125.16
CA LEU I 258 -16.46 -30.61 -123.84
C LEU I 258 -17.83 -30.57 -123.16
N ASN I 259 -18.86 -30.22 -123.92
CA ASN I 259 -20.21 -30.13 -123.36
C ASN I 259 -20.75 -31.51 -122.96
N GLU I 260 -20.47 -32.52 -123.79
CA GLU I 260 -21.05 -33.84 -123.61
C GLU I 260 -20.45 -34.55 -122.40
N TRP I 261 -19.20 -34.23 -122.07
CA TRP I 261 -18.50 -34.94 -121.01
C TRP I 261 -19.24 -34.82 -119.68
N THR I 262 -19.30 -35.92 -118.94
CA THR I 262 -19.99 -35.99 -117.67
C THR I 262 -19.06 -36.58 -116.61
N LEU I 263 -19.56 -36.62 -115.37
CA LEU I 263 -18.75 -37.12 -114.26
C LEU I 263 -18.38 -38.59 -114.44
N ASP I 264 -19.34 -39.40 -114.88
CA ASP I 264 -19.08 -40.84 -115.05
C ASP I 264 -18.19 -41.14 -116.26
N SER I 265 -17.96 -40.16 -117.13
CA SER I 265 -17.11 -40.34 -118.30
C SER I 265 -15.66 -39.95 -118.06
N ALA I 266 -15.18 -40.08 -116.83
CA ALA I 266 -13.81 -39.69 -116.50
C ALA I 266 -12.83 -40.69 -117.12
N GLN I 267 -11.91 -40.19 -117.94
CA GLN I 267 -10.92 -41.05 -118.57
C GLN I 267 -9.81 -41.45 -117.62
N VAL I 268 -9.51 -40.61 -116.63
CA VAL I 268 -8.41 -40.89 -115.71
C VAL I 268 -8.79 -42.05 -114.80
N LYS I 269 -7.90 -43.04 -114.69
CA LYS I 269 -8.12 -44.22 -113.86
C LYS I 269 -6.92 -44.36 -112.93
N PRO I 270 -6.98 -43.77 -111.73
CA PRO I 270 -5.86 -43.90 -110.79
C PRO I 270 -5.63 -45.34 -110.38
N THR I 271 -4.37 -45.69 -110.16
CA THR I 271 -3.99 -47.04 -109.78
C THR I 271 -4.20 -47.27 -108.28
N MET J 1 -33.36 -24.43 -12.31
CA MET J 1 -32.34 -24.06 -13.29
C MET J 1 -31.04 -24.82 -13.04
N HIS J 2 -30.07 -24.61 -13.93
CA HIS J 2 -28.78 -25.28 -13.81
C HIS J 2 -27.81 -24.54 -12.89
N ARG J 3 -28.14 -23.32 -12.47
CA ARG J 3 -27.31 -22.56 -11.55
C ARG J 3 -27.36 -23.10 -10.12
N THR J 4 -28.34 -23.94 -9.80
CA THR J 4 -28.56 -24.35 -8.42
C THR J 4 -27.56 -25.39 -7.93
N TYR J 5 -26.71 -25.94 -8.82
CA TYR J 5 -25.59 -26.75 -8.36
C TYR J 5 -24.29 -26.44 -9.08
N SER J 6 -24.20 -25.31 -9.80
CA SER J 6 -22.99 -24.98 -10.55
C SER J 6 -22.66 -23.50 -10.37
N LEU J 7 -21.37 -23.20 -10.51
CA LEU J 7 -20.89 -21.82 -10.47
C LEU J 7 -20.95 -21.13 -11.83
N ARG J 8 -21.21 -21.86 -12.90
CA ARG J 8 -21.26 -21.31 -14.24
C ARG J 8 -22.68 -21.44 -14.80
N ASN J 9 -23.04 -20.49 -15.67
CA ASN J 9 -24.37 -20.45 -16.26
C ASN J 9 -24.60 -21.56 -17.28
N SER J 10 -23.56 -22.33 -17.63
CA SER J 10 -23.73 -23.43 -18.57
C SER J 10 -24.70 -24.46 -18.03
N ARG J 11 -25.46 -25.07 -18.95
CA ARG J 11 -26.52 -25.99 -18.60
C ARG J 11 -26.01 -27.42 -18.62
N ALA J 12 -26.30 -28.17 -17.56
CA ALA J 12 -25.90 -29.56 -17.49
C ALA J 12 -26.69 -30.39 -18.50
N PRO J 13 -26.11 -31.49 -19.00
CA PRO J 13 -26.85 -32.34 -19.94
C PRO J 13 -28.10 -32.92 -19.31
N THR J 14 -29.15 -33.03 -20.12
CA THR J 14 -30.44 -33.57 -19.71
C THR J 14 -30.83 -34.72 -20.64
N ALA J 15 -32.05 -35.22 -20.45
CA ALA J 15 -32.53 -36.30 -21.30
C ALA J 15 -32.66 -35.85 -22.75
N SER J 16 -33.19 -34.64 -22.97
CA SER J 16 -33.29 -34.13 -24.34
C SER J 16 -31.92 -33.90 -24.94
N GLN J 17 -30.98 -33.37 -24.15
CA GLN J 17 -29.62 -33.16 -24.65
C GLN J 17 -28.93 -34.49 -24.93
N LEU J 18 -29.18 -35.50 -24.11
CA LEU J 18 -28.61 -36.82 -24.36
C LEU J 18 -29.19 -37.43 -25.64
N GLN J 19 -30.50 -37.29 -25.85
CA GLN J 19 -31.13 -37.87 -27.03
C GLN J 19 -30.70 -37.15 -28.30
N ASN J 20 -30.69 -35.82 -28.28
CA ASN J 20 -30.32 -35.01 -29.43
C ASN J 20 -29.33 -33.94 -28.99
N PRO J 21 -28.29 -33.68 -29.78
CA PRO J 21 -27.32 -32.65 -29.39
C PRO J 21 -27.99 -31.30 -29.31
N PRO J 22 -27.48 -30.42 -28.44
CA PRO J 22 -28.09 -29.09 -28.30
C PRO J 22 -28.05 -28.32 -29.61
N PRO J 23 -29.07 -27.53 -29.89
CA PRO J 23 -29.12 -26.78 -31.16
C PRO J 23 -27.99 -25.77 -31.23
N PRO J 24 -27.48 -25.50 -32.43
CA PRO J 24 -26.43 -24.50 -32.58
C PRO J 24 -26.94 -23.11 -32.23
N PRO J 25 -26.07 -22.23 -31.72
CA PRO J 25 -26.52 -20.89 -31.33
C PRO J 25 -26.84 -20.03 -32.54
N SER J 26 -27.41 -18.86 -32.27
CA SER J 26 -27.77 -17.95 -33.34
C SER J 26 -26.53 -17.42 -34.05
N THR J 27 -26.67 -17.14 -35.35
CA THR J 27 -25.54 -16.68 -36.13
C THR J 27 -25.03 -15.33 -35.65
N THR J 28 -25.95 -14.41 -35.32
CA THR J 28 -25.60 -13.07 -34.89
C THR J 28 -26.14 -12.82 -33.49
N LYS J 29 -25.31 -12.23 -32.63
CA LYS J 29 -25.69 -11.86 -31.26
C LYS J 29 -25.17 -10.45 -30.98
N GLY J 30 -26.00 -9.45 -31.28
CA GLY J 30 -25.58 -8.08 -31.06
C GLY J 30 -25.61 -7.73 -29.58
N ARG J 31 -24.59 -6.99 -29.14
CA ARG J 31 -24.51 -6.56 -27.75
C ARG J 31 -25.25 -5.23 -27.59
N PHE J 32 -26.57 -5.35 -27.58
CA PHE J 32 -27.45 -4.19 -27.46
C PHE J 32 -28.68 -4.57 -26.66
N PHE J 33 -29.32 -3.57 -26.05
CA PHE J 33 -30.52 -3.82 -25.27
C PHE J 33 -31.66 -4.32 -26.16
N GLY J 34 -31.79 -3.74 -27.35
CA GLY J 34 -32.86 -4.10 -28.26
C GLY J 34 -34.18 -3.42 -28.03
N LYS J 35 -34.28 -2.57 -27.00
CA LYS J 35 -35.52 -1.86 -26.74
C LYS J 35 -35.85 -0.89 -27.88
N GLY J 36 -34.84 -0.20 -28.41
CA GLY J 36 -35.04 0.75 -29.48
C GLY J 36 -35.52 2.12 -29.06
N GLY J 37 -35.70 2.35 -27.76
CA GLY J 37 -36.16 3.65 -27.29
C GLY J 37 -35.88 3.81 -25.81
N LEU J 38 -35.91 5.07 -25.38
CA LEU J 38 -35.69 5.44 -23.99
C LEU J 38 -36.98 5.39 -23.17
N ALA J 39 -38.11 5.07 -23.80
CA ALA J 39 -39.39 5.07 -23.12
C ALA J 39 -39.44 4.06 -21.98
N TYR J 40 -38.89 2.86 -22.18
CA TYR J 40 -38.91 1.85 -21.14
C TYR J 40 -38.16 2.32 -19.89
N SER J 41 -36.93 2.80 -20.08
CA SER J 41 -36.14 3.28 -18.94
C SER J 41 -36.78 4.50 -18.28
N PHE J 42 -37.34 5.41 -19.09
CA PHE J 42 -37.98 6.59 -18.54
C PHE J 42 -39.18 6.20 -17.67
N ARG J 43 -40.01 5.28 -18.17
CA ARG J 43 -41.17 4.84 -17.40
C ARG J 43 -40.74 4.09 -16.13
N ARG J 44 -39.68 3.29 -16.22
CA ARG J 44 -39.19 2.57 -15.04
C ARG J 44 -38.67 3.55 -13.99
N SER J 45 -37.98 4.60 -14.42
CA SER J 45 -37.36 5.52 -13.48
C SER J 45 -38.33 6.56 -12.93
N ALA J 46 -39.39 6.89 -13.66
CA ALA J 46 -40.32 7.92 -13.21
C ALA J 46 -41.35 7.41 -12.21
N ALA J 47 -41.43 6.10 -11.98
CA ALA J 47 -42.44 5.57 -11.07
C ALA J 47 -42.18 5.99 -9.63
N GLY J 48 -40.93 5.90 -9.18
CA GLY J 48 -40.57 6.20 -7.82
C GLY J 48 -40.17 7.64 -7.53
N ALA J 49 -40.38 8.55 -8.48
CA ALA J 49 -39.96 9.93 -8.28
C ALA J 49 -40.77 10.61 -7.18
N PHE J 50 -42.08 10.34 -7.13
CA PHE J 50 -42.97 11.02 -6.21
C PHE J 50 -43.83 10.09 -5.36
N GLY J 51 -43.91 8.80 -5.69
CA GLY J 51 -44.75 7.88 -4.98
C GLY J 51 -44.29 7.60 -3.56
N PRO J 52 -45.19 7.08 -2.74
CA PRO J 52 -44.82 6.73 -1.36
C PRO J 52 -43.78 5.61 -1.33
N GLU J 53 -42.96 5.62 -0.27
CA GLU J 53 -41.87 4.66 -0.18
C GLU J 53 -42.35 3.23 -0.06
N LEU J 54 -43.45 2.99 0.68
CA LEU J 54 -43.89 1.62 0.93
C LEU J 54 -44.35 0.94 -0.35
N SER J 55 -45.09 1.65 -1.20
CA SER J 55 -45.68 1.07 -2.39
C SER J 55 -44.78 1.15 -3.62
N ARG J 56 -43.58 1.71 -3.48
CA ARG J 56 -42.70 1.85 -4.63
C ARG J 56 -42.25 0.50 -5.17
N LYS J 57 -41.94 -0.44 -4.27
CA LYS J 57 -41.41 -1.74 -4.69
C LYS J 57 -42.40 -2.48 -5.57
N LEU J 58 -43.68 -2.51 -5.16
CA LEU J 58 -44.68 -3.19 -5.97
C LEU J 58 -45.06 -2.36 -7.20
N SER J 59 -45.06 -1.04 -7.08
CA SER J 59 -45.41 -0.19 -8.22
C SER J 59 -44.40 -0.31 -9.35
N GLN J 60 -43.14 -0.63 -9.03
CA GLN J 60 -42.14 -0.76 -10.06
C GLN J 60 -42.40 -1.96 -10.97
N LEU J 61 -43.07 -3.00 -10.45
CA LEU J 61 -43.27 -4.22 -11.23
C LEU J 61 -44.35 -4.05 -12.29
N VAL J 62 -45.32 -3.15 -12.04
CA VAL J 62 -46.43 -2.98 -12.98
C VAL J 62 -45.93 -2.50 -14.33
N LYS J 63 -44.96 -1.58 -14.34
CA LYS J 63 -44.46 -1.04 -15.59
C LYS J 63 -43.76 -2.13 -16.42
N ILE J 64 -42.94 -2.96 -15.77
CA ILE J 64 -42.26 -4.01 -16.52
C ILE J 64 -43.25 -5.08 -16.97
N GLU J 65 -44.31 -5.32 -16.19
CA GLU J 65 -45.35 -6.24 -16.65
C GLU J 65 -46.06 -5.70 -17.88
N LYS J 66 -46.33 -4.39 -17.90
CA LYS J 66 -46.92 -3.78 -19.09
C LYS J 66 -45.99 -3.89 -20.29
N ASN J 67 -44.68 -3.72 -20.05
CA ASN J 67 -43.71 -3.89 -21.13
C ASN J 67 -43.72 -5.32 -21.66
N VAL J 68 -43.83 -6.30 -20.75
CA VAL J 68 -43.94 -7.70 -21.16
C VAL J 68 -45.18 -7.90 -22.02
N LEU J 69 -46.30 -7.31 -21.61
CA LEU J 69 -47.54 -7.44 -22.38
C LEU J 69 -47.39 -6.85 -23.78
N ARG J 70 -46.77 -5.67 -23.87
CA ARG J 70 -46.58 -5.03 -25.17
C ARG J 70 -45.67 -5.87 -26.06
N SER J 71 -44.59 -6.41 -25.51
CA SER J 71 -43.69 -7.23 -26.30
C SER J 71 -44.38 -8.51 -26.78
N MET J 72 -45.20 -9.12 -25.92
CA MET J 72 -45.95 -10.30 -26.35
C MET J 72 -46.94 -9.95 -27.45
N GLU J 73 -47.58 -8.78 -27.35
CA GLU J 73 -48.50 -8.35 -28.41
C GLU J 73 -47.76 -8.18 -29.73
N LEU J 74 -46.57 -7.57 -29.71
CA LEU J 74 -45.79 -7.41 -30.93
C LEU J 74 -45.39 -8.77 -31.50
N THR J 75 -44.98 -9.69 -30.64
CA THR J 75 -44.62 -11.03 -31.10
C THR J 75 -45.81 -11.72 -31.78
N ALA J 76 -46.98 -11.64 -31.15
CA ALA J 76 -48.17 -12.27 -31.72
C ALA J 76 -48.53 -11.64 -33.06
N ASN J 77 -48.45 -10.31 -33.15
CA ASN J 77 -48.78 -9.62 -34.39
C ASN J 77 -47.84 -10.05 -35.52
N GLU J 78 -46.53 -10.12 -35.23
CA GLU J 78 -45.58 -10.49 -36.27
C GLU J 78 -45.76 -11.95 -36.69
N ARG J 79 -46.02 -12.84 -35.72
CA ARG J 79 -46.25 -14.24 -36.07
C ARG J 79 -47.52 -14.40 -36.90
N ARG J 80 -48.55 -13.61 -36.59
CA ARG J 80 -49.76 -13.62 -37.42
C ARG J 80 -49.46 -13.11 -38.82
N ASP J 81 -48.62 -12.09 -38.94
CA ASP J 81 -48.28 -11.55 -40.26
C ASP J 81 -47.51 -12.57 -41.10
N ALA J 82 -46.62 -13.34 -40.45
CA ALA J 82 -45.79 -14.29 -41.20
C ALA J 82 -46.61 -15.34 -41.93
N ALA J 83 -47.75 -15.74 -41.35
CA ALA J 83 -48.57 -16.78 -41.97
C ALA J 83 -49.12 -16.36 -43.31
N LYS J 84 -49.45 -15.07 -43.47
CA LYS J 84 -49.95 -14.58 -44.75
C LYS J 84 -48.90 -14.73 -45.85
N GLN J 85 -47.65 -14.37 -45.55
CA GLN J 85 -46.59 -14.53 -46.52
C GLN J 85 -46.32 -16.00 -46.83
N LEU J 86 -46.35 -16.84 -45.79
CA LEU J 86 -46.18 -18.27 -46.02
C LEU J 86 -47.27 -18.81 -46.95
N SER J 87 -48.50 -18.35 -46.75
CA SER J 87 -49.60 -18.82 -47.58
C SER J 87 -49.47 -18.33 -49.02
N ILE J 88 -49.15 -17.04 -49.22
CA ILE J 88 -49.09 -16.53 -50.58
C ILE J 88 -47.90 -17.12 -51.34
N TRP J 89 -46.82 -17.49 -50.65
CA TRP J 89 -45.68 -18.09 -51.34
C TRP J 89 -46.07 -19.38 -52.08
N GLY J 90 -47.09 -20.09 -51.60
CA GLY J 90 -47.42 -21.38 -52.16
C GLY J 90 -48.16 -21.34 -53.48
N LEU J 91 -48.52 -20.15 -53.97
CA LEU J 91 -49.27 -20.05 -55.22
C LEU J 91 -48.46 -20.58 -56.40
N GLU J 92 -47.18 -20.22 -56.46
CA GLU J 92 -46.32 -20.59 -57.58
C GLU J 92 -45.54 -21.85 -57.19
N ASN J 93 -46.23 -22.98 -57.19
CA ASN J 93 -45.64 -24.27 -56.86
C ASN J 93 -46.62 -25.35 -57.30
N ASP J 94 -46.35 -26.59 -56.91
CA ASP J 94 -47.22 -27.70 -57.24
C ASP J 94 -48.54 -27.59 -56.47
N ASP J 95 -49.57 -28.26 -56.99
CA ASP J 95 -50.90 -28.16 -56.40
C ASP J 95 -50.92 -28.73 -54.97
N ASP J 96 -50.27 -29.87 -54.75
CA ASP J 96 -50.23 -30.45 -53.41
C ASP J 96 -49.51 -29.52 -52.44
N VAL J 97 -48.39 -28.94 -52.87
CA VAL J 97 -47.65 -28.02 -52.03
C VAL J 97 -48.51 -26.81 -51.70
N SER J 98 -49.22 -26.28 -52.69
CA SER J 98 -50.07 -25.11 -52.46
C SER J 98 -51.18 -25.42 -51.45
N ASP J 99 -51.84 -26.57 -51.61
CA ASP J 99 -52.93 -26.92 -50.70
C ASP J 99 -52.43 -27.13 -49.28
N ILE J 100 -51.33 -27.88 -49.13
CA ILE J 100 -50.74 -28.11 -47.82
C ILE J 100 -50.32 -26.79 -47.19
N THR J 101 -49.74 -25.89 -48.00
CA THR J 101 -49.30 -24.60 -47.50
C THR J 101 -50.49 -23.78 -46.99
N ASP J 102 -51.59 -23.75 -47.75
CA ASP J 102 -52.75 -22.98 -47.32
C ASP J 102 -53.33 -23.52 -46.02
N LYS J 103 -53.49 -24.85 -45.92
CA LYS J 103 -54.11 -25.42 -44.73
C LYS J 103 -53.22 -25.23 -43.51
N LEU J 104 -51.92 -25.54 -43.63
CA LEU J 104 -51.04 -25.34 -42.49
C LEU J 104 -50.91 -23.85 -42.18
N GLY J 105 -51.11 -22.99 -43.19
CA GLY J 105 -51.05 -21.56 -42.93
C GLY J 105 -52.18 -21.09 -42.05
N VAL J 106 -53.41 -21.54 -42.32
CA VAL J 106 -54.51 -21.19 -41.42
C VAL J 106 -54.31 -21.84 -40.06
N LEU J 107 -53.77 -23.07 -40.05
CA LEU J 107 -53.55 -23.77 -38.78
C LEU J 107 -52.56 -23.02 -37.90
N ILE J 108 -51.50 -22.46 -38.50
CA ILE J 108 -50.51 -21.70 -37.73
C ILE J 108 -50.95 -20.27 -37.48
N TYR J 109 -51.83 -19.72 -38.30
CA TYR J 109 -52.43 -18.41 -38.05
C TYR J 109 -53.41 -18.46 -36.88
N GLU J 110 -53.92 -19.64 -36.55
CA GLU J 110 -54.80 -19.81 -35.40
C GLU J 110 -54.18 -19.32 -34.09
N VAL J 111 -52.85 -19.36 -33.98
CA VAL J 111 -52.12 -19.09 -32.74
C VAL J 111 -52.38 -17.69 -32.20
N SER J 112 -52.60 -16.74 -33.10
CA SER J 112 -52.68 -15.33 -32.70
C SER J 112 -53.86 -15.09 -31.77
N GLU J 113 -55.00 -15.72 -32.02
CA GLU J 113 -56.17 -15.53 -31.17
C GLU J 113 -55.89 -16.04 -29.75
N LEU J 114 -55.26 -17.20 -29.64
CA LEU J 114 -54.90 -17.73 -28.32
C LEU J 114 -53.94 -16.79 -27.61
N ASP J 115 -52.97 -16.24 -28.34
CA ASP J 115 -52.04 -15.29 -27.74
C ASP J 115 -52.77 -14.05 -27.24
N ASP J 116 -53.74 -13.55 -28.01
CA ASP J 116 -54.49 -12.38 -27.59
C ASP J 116 -55.32 -12.65 -26.34
N GLN J 117 -55.95 -13.82 -26.27
CA GLN J 117 -56.72 -14.18 -25.07
C GLN J 117 -55.80 -14.28 -23.85
N PHE J 118 -54.64 -14.90 -24.01
CA PHE J 118 -53.68 -14.97 -22.91
C PHE J 118 -53.24 -13.59 -22.49
N ILE J 119 -53.06 -12.68 -23.46
CA ILE J 119 -52.68 -11.31 -23.14
C ILE J 119 -53.75 -10.62 -22.32
N ASP J 120 -55.02 -10.82 -22.69
CA ASP J 120 -56.12 -10.20 -21.93
C ASP J 120 -56.16 -10.72 -20.50
N ARG J 121 -55.99 -12.03 -20.32
CA ARG J 121 -56.00 -12.58 -18.97
C ARG J 121 -54.79 -12.08 -18.16
N TYR J 122 -53.64 -11.96 -18.82
CA TYR J 122 -52.47 -11.35 -18.18
C TYR J 122 -52.77 -9.92 -17.74
N ASP J 123 -53.49 -9.16 -18.57
CA ASP J 123 -53.87 -7.80 -18.21
C ASP J 123 -54.77 -7.78 -16.99
N GLN J 124 -55.72 -8.71 -16.90
CA GLN J 124 -56.56 -8.78 -15.71
C GLN J 124 -55.75 -9.08 -14.45
N TYR J 125 -54.81 -10.02 -14.55
CA TYR J 125 -53.94 -10.32 -13.41
C TYR J 125 -53.12 -9.09 -13.01
N ARG J 126 -52.60 -8.37 -13.99
CA ARG J 126 -51.88 -7.13 -13.72
C ARG J 126 -52.78 -6.10 -13.05
N LEU J 127 -54.05 -6.05 -13.45
CA LEU J 127 -54.98 -5.12 -12.83
C LEU J 127 -55.17 -5.41 -11.35
N THR J 128 -55.31 -6.69 -10.99
CA THR J 128 -55.45 -7.03 -9.57
C THR J 128 -54.16 -6.70 -8.80
N LEU J 129 -53.00 -7.04 -9.39
CA LEU J 129 -51.74 -6.72 -8.73
C LEU J 129 -51.57 -5.22 -8.55
N LYS J 130 -52.09 -4.44 -9.50
CA LYS J 130 -52.12 -2.98 -9.33
C LYS J 130 -53.04 -2.59 -8.18
N SER J 131 -54.20 -3.23 -8.10
CA SER J 131 -55.16 -2.91 -7.04
C SER J 131 -54.57 -3.10 -5.65
N ILE J 132 -53.64 -4.04 -5.49
CA ILE J 132 -52.96 -4.17 -4.20
C ILE J 132 -52.21 -2.87 -3.82
N ARG J 133 -51.57 -2.24 -4.81
CA ARG J 133 -50.72 -1.08 -4.54
C ARG J 133 -51.53 0.08 -3.97
N ASP J 134 -52.79 0.22 -4.38
CA ASP J 134 -53.62 1.29 -3.85
C ASP J 134 -53.79 1.17 -2.35
N ILE J 135 -54.08 -0.03 -1.86
CA ILE J 135 -54.27 -0.23 -0.42
C ILE J 135 -52.94 -0.03 0.31
N GLU J 136 -51.84 -0.48 -0.28
CA GLU J 136 -50.53 -0.25 0.36
C GLU J 136 -50.25 1.24 0.51
N GLY J 137 -50.45 2.01 -0.56
CA GLY J 137 -50.16 3.43 -0.53
C GLY J 137 -51.13 4.21 0.34
N SER J 138 -52.34 3.66 0.53
CA SER J 138 -53.27 4.27 1.48
C SER J 138 -52.86 3.97 2.91
N VAL J 139 -52.28 2.79 3.15
CA VAL J 139 -51.89 2.41 4.50
C VAL J 139 -50.70 3.23 4.99
N GLN J 140 -49.73 3.50 4.10
CA GLN J 140 -48.50 4.15 4.53
C GLN J 140 -48.69 5.47 5.30
N PRO J 141 -49.46 6.46 4.80
CA PRO J 141 -49.52 7.75 5.51
C PRO J 141 -50.10 7.66 6.90
N SER J 142 -51.05 6.75 7.13
CA SER J 142 -51.61 6.58 8.46
C SER J 142 -50.54 6.11 9.45
N ARG J 143 -49.60 5.28 8.97
CA ARG J 143 -48.52 4.84 9.83
C ARG J 143 -47.49 5.94 10.08
N ASP J 144 -47.24 6.78 9.08
CA ASP J 144 -46.20 7.80 9.22
C ASP J 144 -46.50 8.77 10.36
N ARG J 145 -47.75 9.24 10.45
CA ARG J 145 -48.09 10.29 11.41
C ARG J 145 -47.95 9.80 12.85
N LYS J 146 -48.37 8.56 13.12
CA LYS J 146 -48.26 8.02 14.46
C LYS J 146 -46.81 7.96 14.92
N ASP J 147 -45.91 7.58 14.00
CA ASP J 147 -44.49 7.57 14.33
C ASP J 147 -43.98 8.99 14.59
N LYS J 148 -44.41 9.96 13.77
CA LYS J 148 -43.88 11.31 13.91
C LYS J 148 -44.31 11.95 15.23
N ILE J 149 -45.57 11.78 15.62
CA ILE J 149 -46.08 12.42 16.82
C ILE J 149 -45.57 11.70 18.07
N THR J 150 -44.80 10.63 17.87
CA THR J 150 -44.07 9.98 18.96
C THR J 150 -42.72 10.62 19.22
N ASP J 151 -41.95 10.86 18.16
CA ASP J 151 -40.72 11.64 18.31
C ASP J 151 -41.03 13.04 18.83
N LYS J 152 -42.17 13.60 18.41
CA LYS J 152 -42.56 14.93 18.90
C LYS J 152 -42.72 14.94 20.41
N ILE J 153 -43.50 14.00 20.96
CA ILE J 153 -43.74 13.99 22.39
C ILE J 153 -42.46 13.62 23.15
N ALA J 154 -41.63 12.74 22.57
CA ALA J 154 -40.36 12.41 23.21
C ALA J 154 -39.48 13.65 23.33
N TYR J 155 -39.36 14.42 22.26
CA TYR J 155 -38.53 15.63 22.28
C TYR J 155 -39.08 16.65 23.27
N LEU J 156 -40.41 16.84 23.26
CA LEU J 156 -40.99 17.82 24.17
C LEU J 156 -40.87 17.40 25.62
N LYS J 157 -40.93 16.10 25.91
CA LYS J 157 -40.67 15.63 27.27
C LYS J 157 -39.21 15.84 27.65
N TYR J 158 -38.28 15.64 26.71
CA TYR J 158 -36.88 15.89 27.00
C TYR J 158 -36.64 17.36 27.31
N LYS J 159 -37.28 18.27 26.56
CA LYS J 159 -37.04 19.70 26.76
C LYS J 159 -37.46 20.14 28.16
N ASP J 160 -38.69 19.80 28.56
CA ASP J 160 -39.15 20.11 29.91
C ASP J 160 -40.35 19.22 30.25
N PRO J 161 -40.31 18.51 31.38
CA PRO J 161 -41.42 17.61 31.73
C PRO J 161 -42.62 18.30 32.37
N GLN J 162 -42.56 19.61 32.57
CA GLN J 162 -43.64 20.34 33.22
C GLN J 162 -44.64 20.94 32.23
N SER J 163 -44.45 20.72 30.92
CA SER J 163 -45.39 21.25 29.95
C SER J 163 -46.72 20.52 30.02
N PRO J 164 -47.83 21.21 29.75
CA PRO J 164 -49.15 20.56 29.81
C PRO J 164 -49.52 19.80 28.55
N LYS J 165 -48.69 19.79 27.52
CA LYS J 165 -48.99 19.12 26.27
C LYS J 165 -48.72 17.62 26.32
N ILE J 166 -48.12 17.13 27.41
CA ILE J 166 -47.75 15.72 27.49
C ILE J 166 -48.98 14.83 27.39
N GLU J 167 -50.04 15.16 28.14
CA GLU J 167 -51.20 14.28 28.20
C GLU J 167 -51.95 14.25 26.87
N VAL J 168 -52.12 15.41 26.23
CA VAL J 168 -52.83 15.45 24.95
C VAL J 168 -52.02 14.75 23.87
N LEU J 169 -50.69 14.95 23.88
CA LEU J 169 -49.85 14.26 22.90
C LEU J 169 -49.90 12.75 23.12
N GLU J 170 -49.89 12.31 24.37
CA GLU J 170 -49.95 10.87 24.66
C GLU J 170 -51.28 10.28 24.21
N GLN J 171 -52.38 10.98 24.42
CA GLN J 171 -53.67 10.46 23.97
C GLN J 171 -53.77 10.42 22.45
N GLU J 172 -53.25 11.45 21.79
CA GLU J 172 -53.20 11.41 20.33
C GLU J 172 -52.38 10.22 19.85
N LEU J 173 -51.27 9.93 20.55
CA LEU J 173 -50.48 8.75 20.26
C LEU J 173 -51.31 7.48 20.42
N VAL J 174 -52.12 7.40 21.48
CA VAL J 174 -52.93 6.21 21.71
C VAL J 174 -53.95 6.00 20.59
N ARG J 175 -54.65 7.08 20.21
CA ARG J 175 -55.65 6.95 19.14
C ARG J 175 -55.00 6.57 17.81
N ALA J 176 -53.88 7.22 17.47
CA ALA J 176 -53.18 6.88 16.25
C ALA J 176 -52.67 5.46 16.29
N GLU J 177 -52.26 4.98 17.47
CA GLU J 177 -51.78 3.61 17.62
C GLU J 177 -52.91 2.62 17.35
N ALA J 178 -54.10 2.87 17.88
CA ALA J 178 -55.23 1.98 17.61
C ALA J 178 -55.56 1.94 16.12
N GLU J 179 -55.62 3.12 15.49
CA GLU J 179 -55.91 3.16 14.05
C GLU J 179 -54.84 2.43 13.25
N SER J 180 -53.57 2.62 13.62
CA SER J 180 -52.48 1.96 12.92
C SER J 180 -52.53 0.45 13.10
N LEU J 181 -52.91 -0.01 14.30
CA LEU J 181 -53.04 -1.45 14.52
C LEU J 181 -54.10 -2.05 13.61
N VAL J 182 -55.27 -1.39 13.51
CA VAL J 182 -56.32 -1.90 12.64
C VAL J 182 -55.85 -1.93 11.19
N ALA J 183 -55.21 -0.84 10.75
CA ALA J 183 -54.75 -0.76 9.36
C ALA J 183 -53.71 -1.83 9.07
N GLU J 184 -52.77 -2.05 10.00
CA GLU J 184 -51.72 -3.04 9.85
C GLU J 184 -52.25 -4.45 9.77
N ALA J 185 -53.27 -4.80 10.56
CA ALA J 185 -53.89 -6.11 10.43
C ALA J 185 -54.58 -6.30 9.09
N GLN J 186 -55.40 -5.32 8.68
CA GLN J 186 -56.14 -5.50 7.44
C GLN J 186 -55.21 -5.52 6.23
N LEU J 187 -54.09 -4.79 6.31
CA LEU J 187 -53.15 -4.77 5.20
C LEU J 187 -52.62 -6.17 4.90
N SER J 188 -52.18 -6.88 5.94
CA SER J 188 -51.70 -8.25 5.75
C SER J 188 -52.81 -9.15 5.24
N ASN J 189 -54.01 -9.04 5.84
CA ASN J 189 -55.13 -9.85 5.38
C ASN J 189 -55.36 -9.67 3.88
N ILE J 190 -55.48 -8.42 3.44
CA ILE J 190 -55.83 -8.11 2.06
C ILE J 190 -54.71 -8.54 1.12
N THR J 191 -53.45 -8.27 1.47
CA THR J 191 -52.38 -8.63 0.55
C THR J 191 -52.30 -10.14 0.37
N ARG J 192 -52.46 -10.91 1.45
CA ARG J 192 -52.43 -12.36 1.32
C ARG J 192 -53.57 -12.84 0.42
N SER J 193 -54.81 -12.40 0.69
CA SER J 193 -55.95 -12.88 -0.08
C SER J 193 -55.82 -12.50 -1.55
N LYS J 194 -55.49 -11.24 -1.84
CA LYS J 194 -55.40 -10.78 -3.22
C LYS J 194 -54.28 -11.47 -3.97
N LEU J 195 -53.11 -11.65 -3.33
CA LEU J 195 -52.02 -12.35 -3.99
C LEU J 195 -52.43 -13.77 -4.35
N ARG J 196 -53.04 -14.50 -3.42
CA ARG J 196 -53.44 -15.87 -3.72
C ARG J 196 -54.45 -15.91 -4.88
N ALA J 197 -55.49 -15.08 -4.82
CA ALA J 197 -56.53 -15.13 -5.85
C ALA J 197 -55.97 -14.78 -7.22
N ALA J 198 -55.23 -13.67 -7.30
CA ALA J 198 -54.69 -13.23 -8.58
C ALA J 198 -53.72 -14.25 -9.14
N PHE J 199 -52.91 -14.85 -8.28
CA PHE J 199 -51.85 -15.71 -8.81
C PHE J 199 -52.42 -17.05 -9.26
N ASN J 200 -53.47 -17.54 -8.57
CA ASN J 200 -54.21 -18.70 -9.10
C ASN J 200 -54.83 -18.37 -10.46
N TYR J 201 -55.46 -17.20 -10.58
CA TYR J 201 -56.06 -16.82 -11.85
C TYR J 201 -55.03 -16.77 -12.95
N GLN J 202 -53.86 -16.22 -12.67
CA GLN J 202 -52.79 -16.13 -13.65
C GLN J 202 -52.20 -17.49 -14.01
N PHE J 203 -52.10 -18.41 -13.05
CA PHE J 203 -51.55 -19.73 -13.33
C PHE J 203 -52.50 -20.63 -14.11
N ASP J 204 -53.82 -20.44 -13.99
CA ASP J 204 -54.73 -21.26 -14.78
C ASP J 204 -54.68 -20.94 -16.28
N SER J 205 -54.60 -19.65 -16.61
CA SER J 205 -54.66 -19.23 -18.01
C SER J 205 -53.47 -19.76 -18.79
N ILE J 206 -52.28 -19.74 -18.19
CA ILE J 206 -51.08 -20.15 -18.92
C ILE J 206 -51.12 -21.63 -19.25
N ILE J 207 -51.58 -22.47 -18.33
CA ILE J 207 -51.65 -23.90 -18.63
C ILE J 207 -52.74 -24.18 -19.65
N GLU J 208 -53.87 -23.46 -19.57
CA GLU J 208 -54.91 -23.63 -20.58
C GLU J 208 -54.37 -23.30 -21.97
N HIS J 209 -53.69 -22.15 -22.10
CA HIS J 209 -53.15 -21.73 -23.39
C HIS J 209 -52.08 -22.70 -23.89
N SER J 210 -51.22 -23.18 -22.98
CA SER J 210 -50.19 -24.12 -23.39
C SER J 210 -50.79 -25.42 -23.90
N GLU J 211 -51.83 -25.92 -23.23
CA GLU J 211 -52.47 -27.15 -23.69
C GLU J 211 -53.11 -26.96 -25.05
N LYS J 212 -53.78 -25.82 -25.26
CA LYS J 212 -54.38 -25.56 -26.56
C LYS J 212 -53.31 -25.48 -27.66
N ILE J 213 -52.20 -24.80 -27.37
CA ILE J 213 -51.13 -24.69 -28.36
C ILE J 213 -50.53 -26.06 -28.67
N ALA J 214 -50.36 -26.90 -27.65
CA ALA J 214 -49.83 -28.24 -27.87
C ALA J 214 -50.78 -29.07 -28.74
N LEU J 215 -52.09 -28.96 -28.49
CA LEU J 215 -53.06 -29.67 -29.32
C LEU J 215 -52.98 -29.21 -30.77
N ILE J 216 -52.90 -27.89 -30.99
CA ILE J 216 -52.81 -27.38 -32.35
C ILE J 216 -51.55 -27.88 -33.03
N ALA J 217 -50.42 -27.86 -32.32
CA ALA J 217 -49.17 -28.32 -32.89
C ALA J 217 -49.23 -29.80 -33.25
N GLY J 218 -49.81 -30.61 -32.37
CA GLY J 218 -49.95 -32.03 -32.67
C GLY J 218 -50.82 -32.28 -33.89
N TYR J 219 -51.92 -31.56 -34.00
CA TYR J 219 -52.79 -31.72 -35.17
C TYR J 219 -52.07 -31.30 -36.45
N GLY J 220 -51.30 -30.20 -36.38
CA GLY J 220 -50.54 -29.78 -37.55
C GLY J 220 -49.49 -30.82 -37.96
N LYS J 221 -48.78 -31.38 -36.98
CA LYS J 221 -47.80 -32.42 -37.28
C LYS J 221 -48.45 -33.64 -37.89
N ALA J 222 -49.64 -34.02 -37.39
CA ALA J 222 -50.36 -35.13 -37.99
C ALA J 222 -50.76 -34.81 -39.42
N LEU J 223 -51.17 -33.57 -39.69
CA LEU J 223 -51.57 -33.19 -41.04
C LEU J 223 -50.37 -33.18 -41.99
N LEU J 224 -49.18 -32.83 -41.51
CA LEU J 224 -48.03 -32.68 -42.40
C LEU J 224 -47.63 -33.99 -43.06
N GLU J 225 -48.02 -35.13 -42.49
CA GLU J 225 -47.58 -36.42 -43.00
C GLU J 225 -48.10 -36.68 -44.42
N LEU J 226 -49.23 -36.09 -44.80
CA LEU J 226 -49.91 -36.32 -46.07
C LEU J 226 -49.11 -35.79 -47.29
N LEU J 227 -47.93 -35.19 -47.12
CA LEU J 227 -47.20 -34.61 -48.24
C LEU J 227 -46.69 -35.66 -49.23
N ASP J 228 -46.33 -36.84 -48.75
CA ASP J 228 -45.80 -37.92 -49.60
C ASP J 228 -44.55 -37.45 -50.36
N ASP J 229 -43.51 -37.16 -49.59
CA ASP J 229 -42.24 -36.69 -50.15
C ASP J 229 -41.44 -37.91 -50.63
N SER J 230 -41.37 -38.08 -51.94
CA SER J 230 -40.61 -39.17 -52.54
C SER J 230 -39.71 -38.62 -53.64
N PRO J 231 -38.52 -39.20 -53.82
CA PRO J 231 -37.61 -38.71 -54.86
C PRO J 231 -38.04 -39.20 -56.24
N VAL J 232 -37.88 -38.31 -57.23
CA VAL J 232 -38.23 -38.62 -58.61
C VAL J 232 -37.08 -38.18 -59.51
N THR J 233 -36.70 -39.05 -60.44
CA THR J 233 -35.68 -38.73 -61.42
C THR J 233 -36.28 -37.94 -62.58
N PRO J 234 -35.47 -37.14 -63.27
CA PRO J 234 -36.00 -36.37 -64.40
C PRO J 234 -36.53 -37.28 -65.50
N GLY J 235 -37.60 -36.85 -66.16
CA GLY J 235 -38.23 -37.65 -67.19
C GLY J 235 -39.44 -38.44 -66.73
N GLU J 236 -39.89 -38.24 -65.50
CA GLU J 236 -41.04 -38.94 -64.96
C GLU J 236 -42.07 -37.92 -64.45
N THR J 237 -43.32 -38.36 -64.39
CA THR J 237 -44.42 -37.53 -63.93
C THR J 237 -45.04 -38.16 -62.69
N ARG J 238 -45.15 -37.37 -61.61
CA ARG J 238 -45.76 -37.85 -60.39
C ARG J 238 -47.26 -37.98 -60.57
N PRO J 239 -47.90 -38.93 -59.88
CA PRO J 239 -49.35 -39.10 -60.03
C PRO J 239 -50.12 -37.90 -59.50
N ALA J 240 -51.31 -37.69 -60.05
CA ALA J 240 -52.15 -36.58 -59.61
C ALA J 240 -52.50 -36.73 -58.14
N TYR J 241 -52.51 -35.62 -57.42
CA TYR J 241 -52.72 -35.60 -55.99
C TYR J 241 -54.18 -35.32 -55.67
N ASP J 242 -54.75 -36.10 -54.76
CA ASP J 242 -56.11 -35.90 -54.27
C ASP J 242 -56.12 -36.15 -52.77
N GLY J 243 -56.17 -35.06 -52.00
CA GLY J 243 -56.17 -35.16 -50.56
C GLY J 243 -57.05 -34.11 -49.90
N TYR J 244 -57.91 -33.47 -50.69
CA TYR J 244 -58.80 -32.46 -50.14
C TYR J 244 -59.76 -33.06 -49.11
N GLU J 245 -60.29 -34.24 -49.40
CA GLU J 245 -61.22 -34.93 -48.49
C GLU J 245 -60.56 -35.36 -47.20
N ALA J 246 -59.23 -35.36 -47.13
CA ALA J 246 -58.53 -35.70 -45.90
C ALA J 246 -58.06 -34.44 -45.19
N SER J 247 -57.55 -33.47 -45.97
CA SER J 247 -57.08 -32.22 -45.38
C SER J 247 -58.22 -31.42 -44.76
N LYS J 248 -59.34 -31.30 -45.48
CA LYS J 248 -60.48 -30.57 -44.95
C LYS J 248 -61.03 -31.25 -43.69
N GLN J 249 -61.09 -32.58 -43.72
CA GLN J 249 -61.54 -33.33 -42.54
C GLN J 249 -60.60 -33.11 -41.36
N ILE J 250 -59.29 -33.10 -41.61
CA ILE J 250 -58.33 -32.87 -40.54
C ILE J 250 -58.51 -31.47 -39.95
N ILE J 251 -58.69 -30.47 -40.80
CA ILE J 251 -58.87 -29.10 -40.32
C ILE J 251 -60.14 -28.99 -39.48
N ILE J 252 -61.24 -29.57 -39.97
CA ILE J 252 -62.51 -29.51 -39.24
C ILE J 252 -62.39 -30.24 -37.90
N ASP J 253 -61.76 -31.41 -37.89
CA ASP J 253 -61.60 -32.16 -36.65
C ASP J 253 -60.73 -31.40 -35.66
N ALA J 254 -59.66 -30.76 -36.15
CA ALA J 254 -58.80 -29.98 -35.27
C ALA J 254 -59.57 -28.81 -34.65
N GLU J 255 -60.34 -28.09 -35.47
CA GLU J 255 -61.11 -26.97 -34.93
C GLU J 255 -62.13 -27.44 -33.91
N SER J 256 -62.82 -28.54 -34.21
CA SER J 256 -63.83 -29.06 -33.28
C SER J 256 -63.20 -29.52 -31.97
N ALA J 257 -62.05 -30.20 -32.05
CA ALA J 257 -61.38 -30.65 -30.84
C ALA J 257 -60.88 -29.47 -30.01
N LEU J 258 -60.36 -28.44 -30.67
CA LEU J 258 -59.92 -27.26 -29.93
C LEU J 258 -61.08 -26.56 -29.25
N ASN J 259 -62.22 -26.45 -29.94
CA ASN J 259 -63.39 -25.79 -29.37
C ASN J 259 -63.98 -26.58 -28.22
N GLU J 260 -64.01 -27.91 -28.35
CA GLU J 260 -64.69 -28.77 -27.39
C GLU J 260 -63.92 -28.84 -26.07
N TRP J 261 -62.61 -28.67 -26.12
CA TRP J 261 -61.77 -28.84 -24.93
C TRP J 261 -62.19 -27.87 -23.84
N THR J 262 -62.21 -28.37 -22.61
CA THR J 262 -62.60 -27.60 -21.44
C THR J 262 -61.54 -27.71 -20.36
N LEU J 263 -61.76 -26.98 -19.27
CA LEU J 263 -60.79 -26.97 -18.17
C LEU J 263 -60.65 -28.35 -17.53
N ASP J 264 -61.76 -29.05 -17.32
CA ASP J 264 -61.72 -30.35 -16.68
C ASP J 264 -61.16 -31.44 -17.60
N SER J 265 -61.00 -31.16 -18.89
CA SER J 265 -60.47 -32.12 -19.85
C SER J 265 -58.96 -31.98 -20.04
N ALA J 266 -58.24 -31.53 -19.01
CA ALA J 266 -56.80 -31.34 -19.13
C ALA J 266 -56.10 -32.70 -19.18
N GLN J 267 -55.33 -32.92 -20.25
CA GLN J 267 -54.61 -34.18 -20.40
C GLN J 267 -53.37 -34.25 -19.52
N VAL J 268 -52.76 -33.09 -19.22
CA VAL J 268 -51.53 -33.08 -18.44
C VAL J 268 -51.83 -33.46 -17.00
N LYS J 269 -51.07 -34.40 -16.45
CA LYS J 269 -51.22 -34.87 -15.08
C LYS J 269 -49.87 -34.77 -14.38
N PRO J 270 -49.60 -33.63 -13.72
CA PRO J 270 -48.33 -33.47 -13.02
C PRO J 270 -48.19 -34.49 -11.90
N THR J 271 -46.95 -34.92 -11.68
CA THR J 271 -46.66 -35.91 -10.64
C THR J 271 -46.57 -35.25 -9.27
N MET K 1 -40.26 46.18 67.95
CA MET K 1 -40.29 47.56 67.48
C MET K 1 -41.72 48.08 67.43
N HIS K 2 -41.87 49.36 67.09
CA HIS K 2 -43.18 49.98 67.01
C HIS K 2 -43.86 49.76 65.66
N ARG K 3 -43.15 49.22 64.67
CA ARG K 3 -43.73 48.93 63.37
C ARG K 3 -44.65 47.72 63.39
N THR K 4 -44.60 46.90 64.44
CA THR K 4 -45.32 45.63 64.45
C THR K 4 -46.81 45.79 64.71
N TYR K 5 -47.29 47.00 65.05
CA TYR K 5 -48.73 47.25 65.05
C TYR K 5 -49.11 48.57 64.42
N SER K 6 -48.22 49.21 63.65
CA SER K 6 -48.51 50.51 63.06
C SER K 6 -48.00 50.55 61.63
N LEU K 7 -48.65 51.39 60.81
CA LEU K 7 -48.23 51.61 59.44
C LEU K 7 -47.18 52.70 59.31
N ARG K 8 -46.91 53.45 60.38
CA ARG K 8 -45.93 54.53 60.36
C ARG K 8 -44.78 54.21 61.28
N ASN K 9 -43.60 54.73 60.95
CA ASN K 9 -42.39 54.47 61.72
C ASN K 9 -42.38 55.19 63.06
N SER K 10 -43.35 56.05 63.32
CA SER K 10 -43.42 56.75 64.60
C SER K 10 -43.57 55.76 65.75
N ARG K 11 -42.96 56.10 66.88
CA ARG K 11 -42.90 55.21 68.04
C ARG K 11 -44.05 55.52 69.00
N ALA K 12 -44.76 54.49 69.42
CA ALA K 12 -45.85 54.65 70.37
C ALA K 12 -45.30 55.04 71.74
N PRO K 13 -46.07 55.78 72.53
CA PRO K 13 -45.60 56.16 73.87
C PRO K 13 -45.35 54.93 74.75
N THR K 14 -44.32 55.02 75.57
CA THR K 14 -43.94 53.97 76.48
C THR K 14 -43.87 54.52 77.90
N ALA K 15 -43.40 53.68 78.83
CA ALA K 15 -43.27 54.12 80.22
C ALA K 15 -42.26 55.25 80.36
N SER K 16 -41.12 55.14 79.67
CA SER K 16 -40.12 56.21 79.71
C SER K 16 -40.66 57.48 79.07
N GLN K 17 -41.39 57.35 77.95
CA GLN K 17 -41.97 58.51 77.30
C GLN K 17 -43.06 59.15 78.17
N LEU K 18 -43.83 58.32 78.87
CA LEU K 18 -44.84 58.85 79.78
C LEU K 18 -44.20 59.58 80.95
N GLN K 19 -43.11 59.03 81.51
CA GLN K 19 -42.46 59.66 82.64
C GLN K 19 -41.76 60.95 82.24
N ASN K 20 -41.04 60.94 81.13
CA ASN K 20 -40.30 62.10 80.64
C ASN K 20 -40.59 62.29 79.16
N PRO K 21 -40.80 63.52 78.71
CA PRO K 21 -41.06 63.74 77.29
C PRO K 21 -39.90 63.29 76.44
N PRO K 22 -40.15 62.85 75.21
CA PRO K 22 -39.06 62.39 74.33
C PRO K 22 -38.05 63.50 74.10
N PRO K 23 -36.77 63.16 74.00
CA PRO K 23 -35.74 64.19 73.79
C PRO K 23 -35.91 64.87 72.45
N PRO K 24 -35.56 66.16 72.37
CA PRO K 24 -35.65 66.87 71.10
C PRO K 24 -34.70 66.28 70.07
N PRO K 25 -35.04 66.34 68.79
CA PRO K 25 -34.16 65.77 67.76
C PRO K 25 -32.90 66.61 67.57
N SER K 26 -31.98 66.05 66.79
CA SER K 26 -30.72 66.73 66.52
C SER K 26 -30.95 68.02 65.73
N THR K 27 -30.09 69.02 65.96
CA THR K 27 -30.25 70.30 65.30
C THR K 27 -30.07 70.18 63.79
N THR K 28 -29.08 69.40 63.35
CA THR K 28 -28.78 69.23 61.93
C THR K 28 -28.91 67.76 61.56
N LYS K 29 -29.56 67.51 60.41
CA LYS K 29 -29.72 66.16 59.86
C LYS K 29 -29.42 66.22 58.37
N GLY K 30 -28.15 66.01 58.01
CA GLY K 30 -27.78 66.05 56.61
C GLY K 30 -28.25 64.81 55.87
N ARG K 31 -28.75 65.01 54.65
CA ARG K 31 -29.21 63.90 53.81
C ARG K 31 -28.03 63.36 53.01
N PHE K 32 -27.19 62.60 53.71
CA PHE K 32 -25.99 62.01 53.12
C PHE K 32 -25.73 60.66 53.77
N PHE K 33 -25.02 59.80 53.03
CA PHE K 33 -24.69 58.48 53.57
C PHE K 33 -23.78 58.58 54.78
N GLY K 34 -22.81 59.50 54.73
CA GLY K 34 -21.86 59.66 55.81
C GLY K 34 -20.68 58.72 55.78
N LYS K 35 -20.61 57.81 54.80
CA LYS K 35 -19.48 56.91 54.71
C LYS K 35 -18.19 57.66 54.41
N GLY K 36 -18.25 58.66 53.54
CA GLY K 36 -17.09 59.45 53.17
C GLY K 36 -16.19 58.82 52.14
N GLY K 37 -16.54 57.66 51.61
CA GLY K 37 -15.71 57.00 50.60
C GLY K 37 -16.49 55.92 49.89
N LEU K 38 -15.97 55.55 48.71
CA LEU K 38 -16.57 54.52 47.88
C LEU K 38 -16.09 53.12 48.26
N ALA K 39 -15.20 53.02 49.25
CA ALA K 39 -14.63 51.73 49.63
C ALA K 39 -15.69 50.76 50.14
N TYR K 40 -16.64 51.24 50.93
CA TYR K 40 -17.68 50.36 51.46
C TYR K 40 -18.51 49.75 50.33
N SER K 41 -19.00 50.58 49.42
CA SER K 41 -19.80 50.08 48.31
C SER K 41 -18.99 49.18 47.39
N PHE K 42 -17.73 49.54 47.15
CA PHE K 42 -16.87 48.71 46.30
C PHE K 42 -16.67 47.33 46.90
N ARG K 43 -16.39 47.27 48.21
CA ARG K 43 -16.20 45.98 48.87
C ARG K 43 -17.50 45.18 48.90
N ARG K 44 -18.63 45.85 49.10
CA ARG K 44 -19.91 45.15 49.10
C ARG K 44 -20.22 44.57 47.73
N SER K 45 -19.91 45.30 46.66
CA SER K 45 -20.25 44.87 45.31
C SER K 45 -19.26 43.87 44.74
N ALA K 46 -18.00 43.88 45.18
CA ALA K 46 -17.00 42.98 44.62
C ALA K 46 -17.04 41.58 45.20
N ALA K 47 -17.82 41.36 46.26
CA ALA K 47 -17.84 40.03 46.88
C ALA K 47 -18.46 38.98 45.97
N GLY K 48 -19.57 39.31 45.32
CA GLY K 48 -20.29 38.38 44.48
C GLY K 48 -19.90 38.36 43.02
N ALA K 49 -18.82 39.03 42.65
CA ALA K 49 -18.42 39.09 41.25
C ALA K 49 -17.98 37.73 40.72
N PHE K 50 -17.26 36.96 41.54
CA PHE K 50 -16.70 35.69 41.10
C PHE K 50 -17.02 34.52 42.01
N GLY K 51 -17.54 34.74 43.21
CA GLY K 51 -17.79 33.68 44.15
C GLY K 51 -18.92 32.77 43.73
N PRO K 52 -18.98 31.57 44.32
CA PRO K 52 -20.07 30.65 44.01
C PRO K 52 -21.42 31.21 44.45
N GLU K 53 -22.47 30.79 43.73
CA GLU K 53 -23.80 31.32 43.99
C GLU K 53 -24.32 30.95 45.38
N LEU K 54 -24.05 29.72 45.85
CA LEU K 54 -24.62 29.27 47.11
C LEU K 54 -24.09 30.08 48.29
N SER K 55 -22.79 30.37 48.30
CA SER K 55 -22.16 31.03 49.43
C SER K 55 -22.17 32.55 49.32
N ARG K 56 -22.74 33.10 48.26
CA ARG K 56 -22.73 34.56 48.08
C ARG K 56 -23.54 35.25 49.17
N LYS K 57 -24.70 34.68 49.53
CA LYS K 57 -25.59 35.33 50.49
C LYS K 57 -24.92 35.51 51.85
N LEU K 58 -24.24 34.46 52.33
CA LEU K 58 -23.55 34.57 53.61
C LEU K 58 -22.27 35.37 53.48
N SER K 59 -21.58 35.28 52.34
CA SER K 59 -20.34 36.02 52.17
C SER K 59 -20.57 37.52 52.14
N GLN K 60 -21.77 37.94 51.72
CA GLN K 60 -22.05 39.38 51.68
C GLN K 60 -22.12 39.98 53.09
N LEU K 61 -22.48 39.18 54.09
CA LEU K 61 -22.66 39.72 55.43
C LEU K 61 -21.33 39.99 56.13
N VAL K 62 -20.29 39.25 55.76
CA VAL K 62 -18.99 39.40 56.42
C VAL K 62 -18.44 40.80 56.21
N LYS K 63 -18.59 41.34 55.00
CA LYS K 63 -18.05 42.67 54.72
C LYS K 63 -18.75 43.74 55.55
N ILE K 64 -20.08 43.67 55.66
CA ILE K 64 -20.78 44.67 56.44
C ILE K 64 -20.50 44.49 57.93
N GLU K 65 -20.25 43.25 58.38
CA GLU K 65 -19.84 43.05 59.77
C GLU K 65 -18.48 43.67 60.03
N LYS K 66 -17.56 43.54 59.08
CA LYS K 66 -16.25 44.19 59.21
C LYS K 66 -16.41 45.71 59.24
N ASN K 67 -17.31 46.24 58.42
CA ASN K 67 -17.59 47.68 58.45
C ASN K 67 -18.12 48.12 59.81
N VAL K 68 -19.02 47.31 60.39
CA VAL K 68 -19.53 47.59 61.72
C VAL K 68 -18.39 47.61 62.74
N LEU K 69 -17.48 46.64 62.64
CA LEU K 69 -16.34 46.58 63.55
C LEU K 69 -15.48 47.83 63.42
N ARG K 70 -15.19 48.25 62.19
CA ARG K 70 -14.37 49.43 61.98
C ARG K 70 -15.04 50.68 62.53
N SER K 71 -16.35 50.82 62.31
CA SER K 71 -17.06 51.99 62.82
C SER K 71 -17.07 52.00 64.34
N MET K 72 -17.26 50.84 64.97
CA MET K 72 -17.19 50.77 66.42
C MET K 72 -15.81 51.13 66.94
N GLU K 73 -14.76 50.69 66.23
CA GLU K 73 -13.40 51.05 66.62
C GLU K 73 -13.19 52.56 66.56
N LEU K 74 -13.68 53.20 65.49
CA LEU K 74 -13.57 54.65 65.38
C LEU K 74 -14.32 55.36 66.49
N THR K 75 -15.53 54.88 66.80
CA THR K 75 -16.31 55.45 67.90
C THR K 75 -15.57 55.36 69.22
N ALA K 76 -15.00 54.18 69.51
CA ALA K 76 -14.27 54.00 70.75
C ALA K 76 -13.05 54.89 70.82
N ASN K 77 -12.32 55.01 69.70
CA ASN K 77 -11.14 55.86 69.68
C ASN K 77 -11.50 57.32 69.95
N GLU K 78 -12.56 57.80 69.30
CA GLU K 78 -12.96 59.20 69.49
C GLU K 78 -13.46 59.45 70.92
N ARG K 79 -14.21 58.51 71.48
CA ARG K 79 -14.67 58.67 72.86
C ARG K 79 -13.50 58.66 73.83
N ARG K 80 -12.50 57.82 73.56
CA ARG K 80 -11.29 57.82 74.38
C ARG K 80 -10.56 59.16 74.26
N ASP K 81 -10.51 59.73 73.06
CA ASP K 81 -9.84 61.01 72.86
C ASP K 81 -10.54 62.14 73.61
N ALA K 82 -11.88 62.09 73.65
CA ALA K 82 -12.64 63.19 74.26
C ALA K 82 -12.33 63.33 75.76
N ALA K 83 -12.02 62.23 76.44
CA ALA K 83 -11.76 62.28 77.87
C ALA K 83 -10.52 63.08 78.18
N LYS K 84 -9.50 63.03 77.32
CA LYS K 84 -8.29 63.81 77.55
C LYS K 84 -8.59 65.31 77.53
N GLN K 85 -9.39 65.76 76.55
CA GLN K 85 -9.76 67.16 76.49
C GLN K 85 -10.61 67.56 77.69
N LEU K 86 -11.55 66.69 78.07
CA LEU K 86 -12.36 66.97 79.26
C LEU K 86 -11.47 67.14 80.49
N SER K 87 -10.46 66.29 80.63
CA SER K 87 -9.57 66.36 81.79
C SER K 87 -8.72 67.63 81.76
N ILE K 88 -8.15 67.97 80.60
CA ILE K 88 -7.27 69.13 80.57
C ILE K 88 -8.05 70.42 80.76
N TRP K 89 -9.33 70.47 80.34
CA TRP K 89 -10.13 71.67 80.53
C TRP K 89 -10.23 72.06 82.00
N GLY K 90 -10.15 71.09 82.92
CA GLY K 90 -10.38 71.37 84.32
C GLY K 90 -9.24 72.06 85.03
N LEU K 91 -8.10 72.26 84.37
CA LEU K 91 -6.95 72.87 85.02
C LEU K 91 -7.25 74.31 85.45
N GLU K 92 -7.90 75.08 84.58
CA GLU K 92 -8.18 76.49 84.84
C GLU K 92 -9.61 76.61 85.40
N ASN K 93 -9.76 76.21 86.65
CA ASN K 93 -11.03 76.28 87.35
C ASN K 93 -10.76 76.10 88.84
N ASP K 94 -11.82 75.92 89.62
CA ASP K 94 -11.68 75.71 91.05
C ASP K 94 -11.08 74.34 91.32
N ASP K 95 -10.49 74.20 92.52
CA ASP K 95 -9.81 72.96 92.88
C ASP K 95 -10.77 71.77 92.91
N ASP K 96 -11.96 71.95 93.49
CA ASP K 96 -12.93 70.86 93.53
C ASP K 96 -13.36 70.46 92.13
N VAL K 97 -13.60 71.45 91.26
CA VAL K 97 -13.99 71.16 89.89
C VAL K 97 -12.88 70.40 89.18
N SER K 98 -11.63 70.82 89.38
CA SER K 98 -10.50 70.16 88.73
C SER K 98 -10.38 68.70 89.19
N ASP K 99 -10.49 68.46 90.50
CA ASP K 99 -10.36 67.11 91.02
C ASP K 99 -11.48 66.21 90.52
N ILE K 100 -12.72 66.70 90.58
CA ILE K 100 -13.86 65.92 90.09
C ILE K 100 -13.71 65.65 88.61
N THR K 101 -13.24 66.64 87.85
CA THR K 101 -13.05 66.47 86.41
C THR K 101 -12.01 65.37 86.13
N ASP K 102 -10.88 65.40 86.84
CA ASP K 102 -9.86 64.38 86.61
C ASP K 102 -10.36 62.98 86.93
N LYS K 103 -11.03 62.83 88.07
CA LYS K 103 -11.49 61.49 88.47
C LYS K 103 -12.56 60.97 87.52
N LEU K 104 -13.56 61.80 87.21
CA LEU K 104 -14.58 61.34 86.28
C LEU K 104 -13.99 61.16 84.88
N GLY K 105 -12.91 61.88 84.58
CA GLY K 105 -12.27 61.70 83.29
C GLY K 105 -11.63 60.33 83.14
N VAL K 106 -10.93 59.87 84.18
CA VAL K 106 -10.38 58.52 84.11
C VAL K 106 -11.52 57.49 84.14
N LEU K 107 -12.58 57.79 84.90
CA LEU K 107 -13.70 56.87 84.99
C LEU K 107 -14.38 56.69 83.63
N ILE K 108 -14.52 57.77 82.86
CA ILE K 108 -15.13 57.69 81.53
C ILE K 108 -14.15 57.23 80.47
N TYR K 109 -12.85 57.43 80.67
CA TYR K 109 -11.83 56.87 79.80
C TYR K 109 -11.73 55.36 79.93
N GLU K 110 -12.19 54.80 81.04
CA GLU K 110 -12.21 53.35 81.24
C GLU K 110 -12.98 52.60 80.13
N VAL K 111 -13.96 53.26 79.52
CA VAL K 111 -14.88 52.65 78.57
C VAL K 111 -14.18 52.04 77.36
N SER K 112 -13.07 52.67 76.94
CA SER K 112 -12.42 52.29 75.70
C SER K 112 -11.90 50.86 75.75
N GLU K 113 -11.35 50.43 76.88
CA GLU K 113 -10.85 49.07 77.00
C GLU K 113 -11.98 48.05 76.86
N LEU K 114 -13.12 48.31 77.49
CA LEU K 114 -14.26 47.42 77.36
C LEU K 114 -14.73 47.36 75.91
N ASP K 115 -14.75 48.51 75.23
CA ASP K 115 -15.14 48.53 73.82
C ASP K 115 -14.18 47.70 72.97
N ASP K 116 -12.88 47.80 73.25
CA ASP K 116 -11.89 47.04 72.50
C ASP K 116 -12.07 45.54 72.71
N GLN K 117 -12.32 45.12 73.96
CA GLN K 117 -12.54 43.71 74.24
C GLN K 117 -13.80 43.20 73.52
N PHE K 118 -14.87 43.99 73.55
CA PHE K 118 -16.08 43.62 72.83
C PHE K 118 -15.80 43.51 71.34
N ILE K 119 -14.97 44.41 70.80
CA ILE K 119 -14.62 44.36 69.38
C ILE K 119 -13.87 43.07 69.06
N ASP K 120 -12.94 42.67 69.92
CA ASP K 120 -12.20 41.43 69.69
C ASP K 120 -13.12 40.21 69.69
N ARG K 121 -14.06 40.17 70.65
CA ARG K 121 -14.98 39.04 70.68
C ARG K 121 -15.90 39.04 69.46
N TYR K 122 -16.32 40.23 69.02
CA TYR K 122 -17.08 40.35 67.78
C TYR K 122 -16.29 39.82 66.60
N ASP K 123 -14.98 40.10 66.56
CA ASP K 123 -14.13 39.60 65.49
C ASP K 123 -14.06 38.08 65.51
N GLN K 124 -13.97 37.48 66.70
CA GLN K 124 -13.99 36.01 66.77
C GLN K 124 -15.29 35.43 66.26
N TYR K 125 -16.42 36.03 66.64
CA TYR K 125 -17.72 35.57 66.13
C TYR K 125 -17.78 35.70 64.61
N ARG K 126 -17.28 36.81 64.07
CA ARG K 126 -17.21 36.98 62.61
C ARG K 126 -16.32 35.92 61.98
N LEU K 127 -15.24 35.54 62.66
CA LEU K 127 -14.37 34.50 62.11
C LEU K 127 -15.08 33.17 61.99
N THR K 128 -15.87 32.80 63.00
CA THR K 128 -16.62 31.55 62.90
C THR K 128 -17.68 31.62 61.79
N LEU K 129 -18.39 32.76 61.72
CA LEU K 129 -19.40 32.91 60.68
C LEU K 129 -18.75 32.85 59.30
N LYS K 130 -17.53 33.35 59.17
CA LYS K 130 -16.77 33.20 57.93
C LYS K 130 -16.44 31.73 57.67
N SER K 131 -16.05 31.01 58.72
CA SER K 131 -15.69 29.60 58.57
C SER K 131 -16.86 28.78 58.02
N ILE K 132 -18.09 29.16 58.32
CA ILE K 132 -19.24 28.47 57.70
C ILE K 132 -19.21 28.58 56.18
N ARG K 133 -18.83 29.75 55.65
CA ARG K 133 -18.89 30.00 54.22
C ARG K 133 -17.95 29.07 53.45
N ASP K 134 -16.82 28.70 54.05
CA ASP K 134 -15.89 27.81 53.37
C ASP K 134 -16.54 26.46 53.08
N ILE K 135 -17.23 25.89 54.08
CA ILE K 135 -17.90 24.61 53.88
C ILE K 135 -19.03 24.74 52.87
N GLU K 136 -19.77 25.85 52.92
CA GLU K 136 -20.83 26.04 51.92
C GLU K 136 -20.26 26.07 50.50
N GLY K 137 -19.20 26.85 50.30
CA GLY K 137 -18.62 26.98 48.96
C GLY K 137 -17.92 25.71 48.51
N SER K 138 -17.48 24.88 49.45
CA SER K 138 -16.95 23.57 49.08
C SER K 138 -18.06 22.62 48.70
N VAL K 139 -19.23 22.74 49.34
CA VAL K 139 -20.34 21.84 49.06
C VAL K 139 -20.92 22.11 47.67
N GLN K 140 -21.03 23.38 47.27
CA GLN K 140 -21.72 23.71 46.02
C GLN K 140 -21.20 22.95 44.79
N PRO K 141 -19.88 22.95 44.48
CA PRO K 141 -19.46 22.33 43.21
C PRO K 141 -19.76 20.83 43.12
N SER K 142 -19.71 20.12 44.25
CA SER K 142 -20.04 18.70 44.23
C SER K 142 -21.50 18.48 43.82
N ARG K 143 -22.38 19.40 44.22
CA ARG K 143 -23.78 19.30 43.83
C ARG K 143 -23.98 19.67 42.36
N ASP K 144 -23.21 20.63 41.85
CA ASP K 144 -23.43 21.10 40.48
C ASP K 144 -23.21 19.98 39.45
N ARG K 145 -22.14 19.22 39.61
CA ARG K 145 -21.76 18.22 38.61
C ARG K 145 -22.80 17.11 38.50
N LYS K 146 -23.32 16.65 39.65
CA LYS K 146 -24.33 15.59 39.63
C LYS K 146 -25.57 16.03 38.86
N ASP K 147 -25.98 17.29 39.04
CA ASP K 147 -27.11 17.81 38.28
C ASP K 147 -26.79 17.89 36.80
N LYS K 148 -25.57 18.32 36.45
CA LYS K 148 -25.25 18.50 35.03
C LYS K 148 -25.21 17.16 34.29
N ILE K 149 -24.62 16.14 34.91
CA ILE K 149 -24.47 14.84 34.24
C ILE K 149 -25.80 14.10 34.21
N THR K 150 -26.84 14.70 34.80
CA THR K 150 -28.20 14.21 34.67
C THR K 150 -28.89 14.75 33.42
N ASP K 151 -28.81 16.05 33.20
CA ASP K 151 -29.28 16.62 31.93
C ASP K 151 -28.52 16.00 30.75
N LYS K 152 -27.23 15.71 30.94
CA LYS K 152 -26.45 15.09 29.87
C LYS K 152 -27.04 13.75 29.47
N ILE K 153 -27.28 12.85 30.44
CA ILE K 153 -27.79 11.53 30.11
C ILE K 153 -29.22 11.63 29.59
N ALA K 154 -30.01 12.56 30.11
CA ALA K 154 -31.37 12.74 29.60
C ALA K 154 -31.35 13.13 28.12
N TYR K 155 -30.49 14.10 27.76
CA TYR K 155 -30.42 14.53 26.38
C TYR K 155 -29.91 13.40 25.48
N LEU K 156 -28.89 12.67 25.93
CA LEU K 156 -28.36 11.59 25.11
C LEU K 156 -29.37 10.45 24.95
N LYS K 157 -30.17 10.19 25.97
CA LYS K 157 -31.25 9.21 25.82
C LYS K 157 -32.31 9.70 24.84
N TYR K 158 -32.62 11.00 24.88
CA TYR K 158 -33.58 11.55 23.92
C TYR K 158 -33.08 11.41 22.49
N LYS K 159 -31.79 11.67 22.27
CA LYS K 159 -31.25 11.65 20.91
C LYS K 159 -31.36 10.24 20.31
N ASP K 160 -30.89 9.23 21.03
CA ASP K 160 -31.01 7.84 20.58
C ASP K 160 -30.85 6.90 21.76
N PRO K 161 -31.79 5.99 21.99
CA PRO K 161 -31.70 5.08 23.13
C PRO K 161 -30.79 3.89 22.91
N GLN K 162 -30.18 3.74 21.74
CA GLN K 162 -29.33 2.59 21.43
C GLN K 162 -27.86 2.86 21.70
N SER K 163 -27.50 4.04 22.21
CA SER K 163 -26.12 4.34 22.51
C SER K 163 -25.64 3.53 23.71
N PRO K 164 -24.37 3.13 23.73
CA PRO K 164 -23.85 2.35 24.86
C PRO K 164 -23.43 3.19 26.06
N LYS K 165 -23.53 4.51 25.99
CA LYS K 165 -23.11 5.38 27.09
C LYS K 165 -24.16 5.49 28.19
N ILE K 166 -25.36 4.92 27.98
CA ILE K 166 -26.43 5.06 28.95
C ILE K 166 -26.04 4.46 30.29
N GLU K 167 -25.48 3.25 30.28
CA GLU K 167 -25.19 2.55 31.53
C GLU K 167 -24.07 3.23 32.31
N VAL K 168 -23.01 3.67 31.63
CA VAL K 168 -21.91 4.33 32.33
C VAL K 168 -22.36 5.69 32.87
N LEU K 169 -23.15 6.42 32.08
CA LEU K 169 -23.67 7.69 32.56
C LEU K 169 -24.58 7.49 33.77
N GLU K 170 -25.41 6.46 33.75
CA GLU K 170 -26.31 6.19 34.87
C GLU K 170 -25.52 5.82 36.13
N GLN K 171 -24.45 5.03 35.98
CA GLN K 171 -23.66 4.68 37.16
C GLN K 171 -22.90 5.89 37.71
N GLU K 172 -22.38 6.74 36.81
CA GLU K 172 -21.77 7.97 37.28
C GLU K 172 -22.77 8.82 38.03
N LEU K 173 -24.02 8.85 37.54
CA LEU K 173 -25.09 9.55 38.25
C LEU K 173 -25.30 8.95 39.64
N VAL K 174 -25.28 7.62 39.75
CA VAL K 174 -25.50 6.98 41.04
C VAL K 174 -24.39 7.33 42.02
N ARG K 175 -23.13 7.27 41.59
CA ARG K 175 -22.02 7.59 42.48
C ARG K 175 -22.06 9.05 42.91
N ALA K 176 -22.30 9.96 41.96
CA ALA K 176 -22.41 11.38 42.30
C ALA K 176 -23.58 11.63 43.23
N GLU K 177 -24.68 10.88 43.06
CA GLU K 177 -25.83 11.02 43.94
C GLU K 177 -25.48 10.62 45.37
N ALA K 178 -24.76 9.51 45.54
CA ALA K 178 -24.36 9.10 46.89
C ALA K 178 -23.47 10.15 47.54
N GLU K 179 -22.47 10.65 46.79
CA GLU K 179 -21.59 11.67 47.34
C GLU K 179 -22.36 12.94 47.69
N SER K 180 -23.30 13.34 46.84
CA SER K 180 -24.09 14.53 47.09
C SER K 180 -24.98 14.36 48.30
N LEU K 181 -25.53 13.16 48.50
CA LEU K 181 -26.35 12.90 49.69
C LEU K 181 -25.53 13.06 50.96
N VAL K 182 -24.33 12.48 50.98
CA VAL K 182 -23.47 12.62 52.16
C VAL K 182 -23.14 14.09 52.42
N ALA K 183 -22.76 14.81 51.36
CA ALA K 183 -22.39 16.22 51.50
C ALA K 183 -23.57 17.04 51.99
N GLU K 184 -24.77 16.80 51.45
CA GLU K 184 -25.97 17.51 51.84
C GLU K 184 -26.36 17.28 53.28
N ALA K 185 -26.23 16.05 53.79
CA ALA K 185 -26.48 15.83 55.21
C ALA K 185 -25.47 16.55 56.10
N GLN K 186 -24.17 16.43 55.80
CA GLN K 186 -23.18 17.04 56.68
C GLN K 186 -23.29 18.57 56.63
N LEU K 187 -23.68 19.12 55.48
CA LEU K 187 -23.80 20.57 55.38
C LEU K 187 -24.80 21.12 56.38
N SER K 188 -25.98 20.51 56.45
CA SER K 188 -27.00 20.94 57.41
C SER K 188 -26.50 20.73 58.84
N ASN K 189 -25.89 19.57 59.11
CA ASN K 189 -25.36 19.33 60.46
C ASN K 189 -24.40 20.44 60.88
N ILE K 190 -23.42 20.73 60.03
CA ILE K 190 -22.36 21.68 60.37
C ILE K 190 -22.93 23.09 60.51
N THR K 191 -23.81 23.49 59.59
CA THR K 191 -24.32 24.86 59.67
C THR K 191 -25.14 25.06 60.94
N ARG K 192 -25.96 24.07 61.32
CA ARG K 192 -26.72 24.20 62.55
C ARG K 192 -25.79 24.32 63.76
N SER K 193 -24.82 23.40 63.87
CA SER K 193 -23.95 23.41 65.04
C SER K 193 -23.14 24.70 65.13
N LYS K 194 -22.53 25.12 64.02
CA LYS K 194 -21.69 26.31 64.03
C LYS K 194 -22.51 27.56 64.32
N LEU K 195 -23.71 27.68 63.72
CA LEU K 195 -24.55 28.83 64.00
C LEU K 195 -24.88 28.91 65.48
N ARG K 196 -25.31 27.79 66.08
CA ARG K 196 -25.64 27.82 67.50
C ARG K 196 -24.45 28.22 68.35
N ALA K 197 -23.29 27.59 68.13
CA ALA K 197 -22.14 27.86 68.97
C ALA K 197 -21.69 29.31 68.85
N ALA K 198 -21.53 29.79 67.61
CA ALA K 198 -21.06 31.15 67.40
C ALA K 198 -22.03 32.16 67.96
N PHE K 199 -23.33 31.91 67.82
CA PHE K 199 -24.29 32.93 68.20
C PHE K 199 -24.43 32.99 69.73
N ASN K 200 -24.31 31.84 70.40
CA ASN K 200 -24.20 31.87 71.87
C ASN K 200 -22.96 32.64 72.31
N TYR K 201 -21.83 32.39 71.66
CA TYR K 201 -20.60 33.10 72.03
C TYR K 201 -20.77 34.60 71.84
N GLN K 202 -21.41 35.02 70.75
CA GLN K 202 -21.64 36.43 70.49
C GLN K 202 -22.63 37.06 71.46
N PHE K 203 -23.66 36.32 71.87
CA PHE K 203 -24.65 36.86 72.81
C PHE K 203 -24.14 36.97 74.23
N ASP K 204 -23.18 36.14 74.64
CA ASP K 204 -22.64 36.29 76.00
C ASP K 204 -21.80 37.56 76.17
N SER K 205 -20.98 37.88 75.17
CA SER K 205 -20.06 39.01 75.28
C SER K 205 -20.81 40.32 75.42
N ILE K 206 -21.90 40.49 74.66
CA ILE K 206 -22.61 41.76 74.66
C ILE K 206 -23.25 42.02 76.02
N ILE K 207 -23.84 40.99 76.65
CA ILE K 207 -24.45 41.20 77.96
C ILE K 207 -23.37 41.44 79.02
N GLU K 208 -22.24 40.74 78.91
CA GLU K 208 -21.14 41.01 79.85
C GLU K 208 -20.69 42.46 79.76
N HIS K 209 -20.45 42.94 78.53
CA HIS K 209 -19.99 44.31 78.33
C HIS K 209 -21.03 45.32 78.80
N SER K 210 -22.30 45.05 78.51
CA SER K 210 -23.36 45.97 78.94
C SER K 210 -23.44 46.06 80.45
N GLU K 211 -23.31 44.92 81.16
CA GLU K 211 -23.35 44.95 82.61
C GLU K 211 -22.16 45.72 83.18
N LYS K 212 -20.97 45.52 82.60
CA LYS K 212 -19.80 46.27 83.06
C LYS K 212 -19.99 47.77 82.85
N ILE K 213 -20.51 48.15 81.68
CA ILE K 213 -20.73 49.57 81.39
C ILE K 213 -21.76 50.16 82.35
N ALA K 214 -22.82 49.41 82.65
CA ALA K 214 -23.83 49.90 83.59
C ALA K 214 -23.24 50.08 84.98
N LEU K 215 -22.39 49.15 85.42
CA LEU K 215 -21.74 49.30 86.72
C LEU K 215 -20.86 50.54 86.75
N ILE K 216 -20.08 50.76 85.69
CA ILE K 216 -19.21 51.94 85.65
C ILE K 216 -20.04 53.22 85.68
N ALA K 217 -21.14 53.25 84.92
CA ALA K 217 -22.00 54.43 84.90
C ALA K 217 -22.62 54.70 86.27
N GLY K 218 -23.07 53.64 86.94
CA GLY K 218 -23.63 53.82 88.28
C GLY K 218 -22.62 54.35 89.27
N TYR K 219 -21.39 53.82 89.21
CA TYR K 219 -20.35 54.31 90.11
C TYR K 219 -20.01 55.76 89.82
N GLY K 220 -19.96 56.14 88.54
CA GLY K 220 -19.71 57.54 88.20
C GLY K 220 -20.81 58.46 88.69
N LYS K 221 -22.08 58.04 88.53
CA LYS K 221 -23.19 58.83 89.02
C LYS K 221 -23.13 58.98 90.54
N ALA K 222 -22.77 57.91 91.24
CA ALA K 222 -22.61 58.00 92.69
C ALA K 222 -21.48 58.97 93.06
N LEU K 223 -20.39 58.96 92.30
CA LEU K 223 -19.28 59.86 92.58
C LEU K 223 -19.65 61.31 92.34
N LEU K 224 -20.49 61.58 91.33
CA LEU K 224 -20.78 62.96 90.94
C LEU K 224 -21.49 63.74 92.05
N GLU K 225 -22.13 63.04 92.99
CA GLU K 225 -22.91 63.72 94.03
C GLU K 225 -22.04 64.60 94.93
N LEU K 226 -20.76 64.28 95.08
CA LEU K 226 -19.84 64.97 95.98
C LEU K 226 -19.51 66.42 95.55
N LEU K 227 -20.08 66.93 94.44
CA LEU K 227 -19.74 68.28 93.98
C LEU K 227 -20.20 69.38 94.93
N ASP K 228 -21.34 69.20 95.59
CA ASP K 228 -21.91 70.19 96.50
C ASP K 228 -22.16 71.51 95.77
N ASP K 229 -23.07 71.46 94.80
CA ASP K 229 -23.42 72.63 94.00
C ASP K 229 -24.43 73.47 94.78
N SER K 230 -23.97 74.61 95.30
CA SER K 230 -24.81 75.53 96.04
C SER K 230 -24.62 76.94 95.51
N PRO K 231 -25.68 77.75 95.50
CA PRO K 231 -25.54 79.12 94.99
C PRO K 231 -24.87 80.03 96.02
N VAL K 232 -24.04 80.94 95.52
CA VAL K 232 -23.32 81.89 96.36
C VAL K 232 -23.46 83.28 95.75
N THR K 233 -23.77 84.26 96.59
CA THR K 233 -23.84 85.64 96.15
C THR K 233 -22.44 86.27 96.13
N PRO K 234 -22.24 87.29 95.31
CA PRO K 234 -20.92 87.93 95.27
C PRO K 234 -20.56 88.56 96.61
N GLY K 235 -19.27 88.50 96.95
CA GLY K 235 -18.80 89.00 98.23
C GLY K 235 -18.63 87.95 99.30
N GLU K 236 -18.78 86.67 98.96
CA GLU K 236 -18.62 85.58 99.91
C GLU K 236 -17.60 84.59 99.38
N THR K 237 -17.00 83.83 100.30
CA THR K 237 -15.99 82.83 99.98
C THR K 237 -16.49 81.47 100.40
N ARG K 238 -16.48 80.52 99.47
CA ARG K 238 -16.90 79.16 99.78
C ARG K 238 -15.84 78.47 100.63
N PRO K 239 -16.25 77.54 101.50
CA PRO K 239 -15.29 76.86 102.36
C PRO K 239 -14.34 75.99 101.55
N ALA K 240 -13.14 75.78 102.10
CA ALA K 240 -12.15 74.95 101.44
C ALA K 240 -12.67 73.53 101.27
N TYR K 241 -12.38 72.93 100.13
CA TYR K 241 -12.90 71.61 99.76
C TYR K 241 -11.87 70.54 100.11
N ASP K 242 -12.35 69.47 100.74
CA ASP K 242 -11.53 68.30 101.06
C ASP K 242 -12.35 67.05 100.80
N GLY K 243 -12.07 66.38 99.67
CA GLY K 243 -12.79 65.19 99.31
C GLY K 243 -11.92 64.15 98.65
N TYR K 244 -10.59 64.31 98.76
CA TYR K 244 -9.67 63.36 98.16
C TYR K 244 -9.82 61.98 98.79
N GLU K 245 -9.98 61.92 100.10
CA GLU K 245 -10.15 60.65 100.82
C GLU K 245 -11.45 59.95 100.47
N ALA K 246 -12.39 60.64 99.83
CA ALA K 246 -13.63 60.01 99.40
C ALA K 246 -13.58 59.68 97.92
N SER K 247 -13.04 60.60 97.13
CA SER K 247 -12.94 60.38 95.68
C SER K 247 -12.00 59.23 95.36
N LYS K 248 -10.82 59.19 96.00
CA LYS K 248 -9.88 58.12 95.76
C LYS K 248 -10.46 56.77 96.19
N GLN K 249 -11.14 56.76 97.33
CA GLN K 249 -11.80 55.53 97.79
C GLN K 249 -12.87 55.08 96.81
N ILE K 250 -13.65 56.02 96.26
CA ILE K 250 -14.68 55.66 95.30
C ILE K 250 -14.06 55.08 94.05
N ILE K 251 -12.97 55.68 93.56
CA ILE K 251 -12.31 55.17 92.35
C ILE K 251 -11.76 53.77 92.59
N ILE K 252 -11.10 53.56 93.74
CA ILE K 252 -10.54 52.25 94.05
C ILE K 252 -11.64 51.20 94.17
N ASP K 253 -12.74 51.55 94.86
CA ASP K 253 -13.84 50.62 95.01
C ASP K 253 -14.47 50.27 93.68
N ALA K 254 -14.63 51.27 92.81
CA ALA K 254 -15.19 51.02 91.48
C ALA K 254 -14.31 50.09 90.67
N GLU K 255 -12.99 50.32 90.69
CA GLU K 255 -12.08 49.45 89.95
C GLU K 255 -12.12 48.03 90.50
N SER K 256 -12.12 47.90 91.83
CA SER K 256 -12.14 46.57 92.44
C SER K 256 -13.43 45.84 92.12
N ALA K 257 -14.57 46.54 92.18
CA ALA K 257 -15.85 45.91 91.86
C ALA K 257 -15.92 45.50 90.40
N LEU K 258 -15.39 46.33 89.50
CA LEU K 258 -15.38 45.97 88.09
C LEU K 258 -14.51 44.76 87.84
N ASN K 259 -13.34 44.69 88.49
CA ASN K 259 -12.43 43.56 88.30
C ASN K 259 -13.00 42.28 88.88
N GLU K 260 -13.66 42.38 90.04
CA GLU K 260 -14.13 41.20 90.76
C GLU K 260 -15.31 40.53 90.06
N TRP K 261 -16.09 41.32 89.32
CA TRP K 261 -17.30 40.80 88.70
C TRP K 261 -16.99 39.65 87.75
N THR K 262 -17.83 38.62 87.80
CA THR K 262 -17.66 37.43 86.97
C THR K 262 -18.96 37.12 86.24
N LEU K 263 -18.91 36.09 85.39
CA LEU K 263 -20.08 35.72 84.60
C LEU K 263 -21.25 35.29 85.48
N ASP K 264 -20.97 34.48 86.51
CA ASP K 264 -22.02 33.98 87.38
C ASP K 264 -22.58 35.06 88.30
N SER K 265 -21.94 36.22 88.39
CA SER K 265 -22.40 37.31 89.24
C SER K 265 -23.27 38.31 88.49
N ALA K 266 -23.98 37.86 87.47
CA ALA K 266 -24.82 38.76 86.68
C ALA K 266 -26.03 39.20 87.49
N GLN K 267 -26.20 40.51 87.66
CA GLN K 267 -27.32 41.04 88.42
C GLN K 267 -28.62 41.00 87.61
N VAL K 268 -28.54 41.09 86.28
CA VAL K 268 -29.74 41.13 85.46
C VAL K 268 -30.41 39.76 85.46
N LYS K 269 -31.71 39.75 85.73
CA LYS K 269 -32.50 38.52 85.76
C LYS K 269 -33.69 38.69 84.83
N PRO K 270 -33.56 38.29 83.56
CA PRO K 270 -34.67 38.42 82.63
C PRO K 270 -35.85 37.57 83.05
N THR K 271 -37.05 38.07 82.77
CA THR K 271 -38.28 37.38 83.13
C THR K 271 -38.62 36.30 82.11
N MET L 1 -8.07 51.49 84.87
CA MET L 1 -7.35 50.83 83.79
C MET L 1 -6.14 50.09 84.33
N HIS L 2 -5.43 49.39 83.43
CA HIS L 2 -4.25 48.62 83.81
C HIS L 2 -2.98 49.46 83.85
N ARG L 3 -3.03 50.70 83.34
CA ARG L 3 -1.88 51.59 83.37
C ARG L 3 -1.59 52.13 84.76
N THR L 4 -2.53 52.02 85.69
CA THR L 4 -2.39 52.69 86.99
C THR L 4 -1.45 51.95 87.94
N TYR L 5 -0.96 50.77 87.58
CA TYR L 5 0.14 50.16 88.33
C TYR L 5 1.20 49.54 87.43
N SER L 6 1.24 49.87 86.14
CA SER L 6 2.21 49.28 85.22
C SER L 6 2.76 50.35 84.29
N LEU L 7 3.99 50.11 83.82
CA LEU L 7 4.62 50.98 82.84
C LEU L 7 4.27 50.62 81.40
N ARG L 8 3.63 49.47 81.17
CA ARG L 8 3.26 49.04 79.84
C ARG L 8 1.74 48.99 79.70
N ASN L 9 1.26 49.21 78.48
CA ASN L 9 -0.16 49.23 78.20
C ASN L 9 -0.81 47.85 78.27
N SER L 10 -0.02 46.79 78.42
CA SER L 10 -0.57 45.44 78.53
C SER L 10 -1.48 45.33 79.75
N ARG L 11 -2.53 44.53 79.60
CA ARG L 11 -3.57 44.40 80.62
C ARG L 11 -3.26 43.22 81.52
N ALA L 12 -3.32 43.44 82.84
CA ALA L 12 -3.09 42.38 83.80
C ALA L 12 -4.23 41.38 83.76
N PRO L 13 -3.97 40.11 84.09
CA PRO L 13 -5.04 39.11 84.08
C PRO L 13 -6.12 39.45 85.09
N THR L 14 -7.37 39.14 84.71
CA THR L 14 -8.53 39.41 85.55
C THR L 14 -9.31 38.10 85.73
N ALA L 15 -10.49 38.20 86.35
CA ALA L 15 -11.32 37.03 86.55
C ALA L 15 -11.79 36.45 85.23
N SER L 16 -12.21 37.32 84.31
CA SER L 16 -12.63 36.85 82.99
C SER L 16 -11.47 36.23 82.23
N GLN L 17 -10.28 36.84 82.31
CA GLN L 17 -9.11 36.29 81.64
C GLN L 17 -8.70 34.97 82.27
N LEU L 18 -8.83 34.84 83.59
CA LEU L 18 -8.53 33.58 84.24
C LEU L 18 -9.51 32.49 83.84
N GLN L 19 -10.79 32.82 83.74
CA GLN L 19 -11.80 31.84 83.38
C GLN L 19 -11.66 31.41 81.91
N ASN L 20 -11.48 32.38 81.01
CA ASN L 20 -11.36 32.10 79.59
C ASN L 20 -10.17 32.86 79.05
N PRO L 21 -9.36 32.25 78.17
CA PRO L 21 -8.21 32.95 77.62
C PRO L 21 -8.64 34.17 76.83
N PRO L 22 -7.82 35.20 76.78
CA PRO L 22 -8.18 36.42 76.03
C PRO L 22 -8.43 36.11 74.58
N PRO L 23 -9.38 36.78 73.95
CA PRO L 23 -9.69 36.52 72.53
C PRO L 23 -8.52 36.88 71.64
N PRO L 24 -8.34 36.15 70.55
CA PRO L 24 -7.26 36.47 69.61
C PRO L 24 -7.46 37.83 68.98
N PRO L 25 -6.39 38.53 68.63
CA PRO L 25 -6.55 39.87 68.03
C PRO L 25 -7.08 39.79 66.60
N SER L 26 -7.41 40.96 66.06
CA SER L 26 -7.95 41.03 64.71
C SER L 26 -6.90 40.60 63.70
N THR L 27 -7.37 40.01 62.60
CA THR L 27 -6.46 39.51 61.57
C THR L 27 -5.67 40.64 60.92
N THR L 28 -6.34 41.76 60.63
CA THR L 28 -5.71 42.90 59.98
C THR L 28 -5.80 44.13 60.86
N LYS L 29 -4.70 44.86 60.97
CA LYS L 29 -4.62 46.11 61.74
C LYS L 29 -3.88 47.14 60.90
N GLY L 30 -4.62 47.90 60.10
CA GLY L 30 -3.99 48.91 59.26
C GLY L 30 -3.56 50.11 60.08
N ARG L 31 -2.37 50.63 59.75
CA ARG L 31 -1.84 51.81 60.43
C ARG L 31 -2.34 53.07 59.71
N PHE L 32 -3.61 53.38 59.97
CA PHE L 32 -4.26 54.52 59.36
C PHE L 32 -5.26 55.11 60.36
N PHE L 33 -5.56 56.39 60.18
CA PHE L 33 -6.53 57.06 61.06
C PHE L 33 -7.92 56.46 60.90
N GLY L 34 -8.32 56.14 59.67
CA GLY L 34 -9.62 55.60 59.40
C GLY L 34 -10.73 56.62 59.27
N LYS L 35 -10.42 57.91 59.43
CA LYS L 35 -11.45 58.94 59.27
C LYS L 35 -11.97 58.99 57.83
N GLY L 36 -11.07 58.86 56.85
CA GLY L 36 -11.45 58.89 55.46
C GLY L 36 -11.62 60.28 54.87
N GLY L 37 -11.38 61.33 55.65
CA GLY L 37 -11.52 62.68 55.16
C GLY L 37 -10.83 63.68 56.06
N LEU L 38 -10.58 64.86 55.50
CA LEU L 38 -9.93 65.95 56.21
C LEU L 38 -10.92 66.81 56.98
N ALA L 39 -12.22 66.49 56.90
CA ALA L 39 -13.24 67.29 57.54
C ALA L 39 -13.09 67.33 59.05
N TYR L 40 -12.76 66.18 59.67
CA TYR L 40 -12.61 66.13 61.12
C TYR L 40 -11.49 67.06 61.59
N SER L 41 -10.32 66.94 60.97
CA SER L 41 -9.18 67.77 61.35
C SER L 41 -9.46 69.24 61.07
N PHE L 42 -10.11 69.53 59.93
CA PHE L 42 -10.42 70.92 59.59
C PHE L 42 -11.36 71.54 60.61
N ARG L 43 -12.40 70.80 61.01
CA ARG L 43 -13.33 71.31 62.01
C ARG L 43 -12.66 71.46 63.37
N ARG L 44 -11.78 70.53 63.73
CA ARG L 44 -11.06 70.64 64.99
C ARG L 44 -10.15 71.86 65.01
N SER L 45 -9.48 72.14 63.89
CA SER L 45 -8.51 73.22 63.85
C SER L 45 -9.15 74.60 63.64
N ALA L 46 -10.33 74.66 63.02
CA ALA L 46 -10.96 75.94 62.75
C ALA L 46 -11.71 76.52 63.94
N ALA L 47 -11.89 75.75 65.02
CA ALA L 47 -12.65 76.24 66.16
C ALA L 47 -11.95 77.39 66.86
N GLY L 48 -10.64 77.27 67.09
CA GLY L 48 -9.87 78.25 67.82
C GLY L 48 -9.24 79.34 66.98
N ALA L 49 -9.58 79.44 65.70
CA ALA L 49 -8.97 80.44 64.83
C ALA L 49 -9.35 81.86 65.25
N PHE L 50 -10.61 82.07 65.63
CA PHE L 50 -11.11 83.40 65.94
C PHE L 50 -11.80 83.52 67.28
N GLY L 51 -12.12 82.42 67.95
CA GLY L 51 -12.85 82.46 69.20
C GLY L 51 -12.03 83.03 70.34
N PRO L 52 -12.72 83.45 71.40
CA PRO L 52 -12.01 83.98 72.57
C PRO L 52 -11.16 82.90 73.23
N GLU L 53 -10.09 83.35 73.89
CA GLU L 53 -9.13 82.42 74.48
C GLU L 53 -9.74 81.61 75.62
N LEU L 54 -10.59 82.23 76.44
CA LEU L 54 -11.11 81.54 77.62
C LEU L 54 -12.00 80.37 77.24
N SER L 55 -12.85 80.54 76.23
CA SER L 55 -13.82 79.52 75.86
C SER L 55 -13.31 78.54 74.82
N ARG L 56 -12.06 78.69 74.37
CA ARG L 56 -11.52 77.80 73.34
C ARG L 56 -11.43 76.36 73.84
N LYS L 57 -10.99 76.18 75.09
CA LYS L 57 -10.76 74.84 75.62
C LYS L 57 -12.05 74.03 75.63
N LEU L 58 -13.15 74.62 76.10
CA LEU L 58 -14.42 73.91 76.11
C LEU L 58 -15.03 73.82 74.72
N SER L 59 -14.83 74.84 73.88
CA SER L 59 -15.39 74.81 72.54
C SER L 59 -14.76 73.72 71.69
N GLN L 60 -13.51 73.34 71.99
CA GLN L 60 -12.86 72.29 71.21
C GLN L 60 -13.51 70.94 71.43
N LEU L 61 -14.13 70.71 72.60
CA LEU L 61 -14.69 69.40 72.91
C LEU L 61 -16.00 69.16 72.17
N VAL L 62 -16.75 70.22 71.85
CA VAL L 62 -18.05 70.06 71.20
C VAL L 62 -17.90 69.40 69.84
N LYS L 63 -16.87 69.77 69.08
CA LYS L 63 -16.67 69.21 67.75
C LYS L 63 -16.39 67.71 67.82
N ILE L 64 -15.52 67.29 68.75
CA ILE L 64 -15.21 65.87 68.87
C ILE L 64 -16.42 65.10 69.41
N GLU L 65 -17.23 65.73 70.25
CA GLU L 65 -18.46 65.08 70.70
C GLU L 65 -19.42 64.88 69.53
N LYS L 66 -19.52 65.87 68.65
CA LYS L 66 -20.35 65.71 67.45
C LYS L 66 -19.82 64.60 66.56
N ASN L 67 -18.48 64.50 66.44
CA ASN L 67 -17.89 63.41 65.68
C ASN L 67 -18.23 62.06 66.29
N VAL L 68 -18.19 61.97 67.62
CA VAL L 68 -18.59 60.74 68.32
C VAL L 68 -20.04 60.40 67.99
N LEU L 69 -20.92 61.40 68.01
CA LEU L 69 -22.32 61.17 67.71
C LEU L 69 -22.50 60.66 66.29
N ARG L 70 -21.80 61.26 65.32
CA ARG L 70 -21.91 60.83 63.94
C ARG L 70 -21.40 59.40 63.77
N SER L 71 -20.28 59.06 64.40
CA SER L 71 -19.75 57.71 64.30
C SER L 71 -20.71 56.69 64.91
N MET L 72 -21.31 57.03 66.06
CA MET L 72 -22.29 56.14 66.66
C MET L 72 -23.51 55.96 65.75
N GLU L 73 -23.94 57.03 65.09
CA GLU L 73 -25.06 56.93 64.16
C GLU L 73 -24.72 55.99 63.00
N LEU L 74 -23.50 56.11 62.46
CA LEU L 74 -23.09 55.22 61.38
C LEU L 74 -23.05 53.77 61.86
N THR L 75 -22.52 53.53 63.06
CA THR L 75 -22.47 52.18 63.62
C THR L 75 -23.87 51.60 63.75
N ALA L 76 -24.80 52.39 64.29
CA ALA L 76 -26.17 51.92 64.46
C ALA L 76 -26.83 51.62 63.12
N ASN L 77 -26.61 52.49 62.13
CA ASN L 77 -27.19 52.26 60.81
C ASN L 77 -26.66 50.97 60.19
N GLU L 78 -25.35 50.74 60.27
CA GLU L 78 -24.78 49.54 59.68
C GLU L 78 -25.25 48.28 60.41
N ARG L 79 -25.34 48.34 61.74
CA ARG L 79 -25.83 47.18 62.49
C ARG L 79 -27.29 46.89 62.16
N ARG L 80 -28.09 47.95 61.96
CA ARG L 80 -29.48 47.76 61.53
C ARG L 80 -29.53 47.13 60.15
N ASP L 81 -28.63 47.54 59.24
CA ASP L 81 -28.62 46.98 57.90
C ASP L 81 -28.24 45.50 57.91
N ALA L 82 -27.33 45.11 58.79
CA ALA L 82 -26.85 43.72 58.80
C ALA L 82 -27.97 42.74 59.12
N ALA L 83 -28.94 43.15 59.94
CA ALA L 83 -30.02 42.24 60.33
C ALA L 83 -30.88 41.84 59.14
N LYS L 84 -31.08 42.75 58.18
CA LYS L 84 -31.85 42.41 56.99
C LYS L 84 -31.18 41.31 56.19
N GLN L 85 -29.86 41.41 55.99
CA GLN L 85 -29.15 40.37 55.28
C GLN L 85 -29.18 39.05 56.05
N LEU L 86 -29.00 39.12 57.37
CA LEU L 86 -29.09 37.90 58.17
C LEU L 86 -30.45 37.24 58.01
N SER L 87 -31.52 38.03 57.99
CA SER L 87 -32.85 37.49 57.85
C SER L 87 -33.08 36.88 56.47
N ILE L 88 -32.66 37.56 55.41
CA ILE L 88 -32.92 37.05 54.07
C ILE L 88 -32.10 35.80 53.79
N TRP L 89 -30.91 35.67 54.40
CA TRP L 89 -30.11 34.47 54.19
C TRP L 89 -30.84 33.20 54.60
N GLY L 90 -31.76 33.29 55.56
CA GLY L 90 -32.40 32.10 56.10
C GLY L 90 -33.47 31.50 55.21
N LEU L 91 -33.80 32.13 54.09
CA LEU L 91 -34.87 31.62 53.23
C LEU L 91 -34.50 30.26 52.65
N GLU L 92 -33.24 30.11 52.19
CA GLU L 92 -32.80 28.87 51.55
C GLU L 92 -32.10 28.00 52.59
N ASN L 93 -32.88 27.41 53.47
CA ASN L 93 -32.40 26.53 54.51
C ASN L 93 -33.59 25.75 55.07
N ASP L 94 -33.37 25.04 56.18
CA ASP L 94 -34.44 24.29 56.81
C ASP L 94 -35.45 25.23 57.44
N ASP L 95 -36.66 24.71 57.67
CA ASP L 95 -37.74 25.54 58.19
C ASP L 95 -37.43 26.06 59.59
N ASP L 96 -36.89 25.20 60.46
CA ASP L 96 -36.54 25.63 61.80
C ASP L 96 -35.47 26.71 61.77
N VAL L 97 -34.45 26.53 60.93
CA VAL L 97 -33.40 27.53 60.79
C VAL L 97 -33.96 28.84 60.30
N SER L 98 -34.87 28.79 59.32
CA SER L 98 -35.46 30.00 58.78
C SER L 98 -36.27 30.75 59.85
N ASP L 99 -37.08 30.02 60.61
CA ASP L 99 -37.90 30.65 61.63
C ASP L 99 -37.04 31.27 62.73
N ILE L 100 -36.05 30.53 63.22
CA ILE L 100 -35.15 31.05 64.24
C ILE L 100 -34.40 32.27 63.72
N THR L 101 -33.97 32.22 62.46
CA THR L 101 -33.26 33.34 61.87
C THR L 101 -34.14 34.58 61.82
N ASP L 102 -35.39 34.43 61.39
CA ASP L 102 -36.29 35.59 61.30
C ASP L 102 -36.53 36.20 62.68
N LYS L 103 -36.83 35.36 63.67
CA LYS L 103 -37.14 35.89 65.00
C LYS L 103 -35.93 36.56 65.64
N LEU L 104 -34.77 35.89 65.60
CA LEU L 104 -33.58 36.51 66.16
C LEU L 104 -33.19 37.74 65.34
N GLY L 105 -33.55 37.77 64.06
CA GLY L 105 -33.25 38.93 63.24
C GLY L 105 -34.02 40.15 63.68
N VAL L 106 -35.31 39.99 63.96
CA VAL L 106 -36.05 41.14 64.48
C VAL L 106 -35.56 41.49 65.89
N LEU L 107 -35.20 40.48 66.68
CA LEU L 107 -34.72 40.72 68.03
C LEU L 107 -33.43 41.54 68.02
N ILE L 108 -32.53 41.26 67.07
CA ILE L 108 -31.27 42.00 66.98
C ILE L 108 -31.44 43.32 66.23
N TYR L 109 -32.44 43.42 65.36
CA TYR L 109 -32.79 44.69 64.72
C TYR L 109 -33.39 45.69 65.71
N GLU L 110 -33.93 45.20 66.82
CA GLU L 110 -34.46 46.06 67.88
C GLU L 110 -33.44 47.08 68.40
N VAL L 111 -32.15 46.74 68.33
CA VAL L 111 -31.07 47.52 68.94
C VAL L 111 -30.99 48.94 68.39
N SER L 112 -31.33 49.11 67.11
CA SER L 112 -31.12 50.39 66.43
C SER L 112 -31.95 51.50 67.08
N GLU L 113 -33.18 51.21 67.47
CA GLU L 113 -34.02 52.22 68.10
C GLU L 113 -33.42 52.69 69.42
N LEU L 114 -32.93 51.76 70.23
CA LEU L 114 -32.28 52.11 71.49
C LEU L 114 -31.05 52.98 71.23
N ASP L 115 -30.27 52.62 70.20
CA ASP L 115 -29.10 53.41 69.87
C ASP L 115 -29.50 54.83 69.45
N ASP L 116 -30.58 54.97 68.68
CA ASP L 116 -31.02 56.29 68.25
C ASP L 116 -31.49 57.13 69.44
N GLN L 117 -32.22 56.51 70.38
CA GLN L 117 -32.65 57.25 71.57
C GLN L 117 -31.44 57.70 72.40
N PHE L 118 -30.46 56.82 72.58
CA PHE L 118 -29.24 57.20 73.29
C PHE L 118 -28.52 58.34 72.58
N ILE L 119 -28.53 58.31 71.24
CA ILE L 119 -27.90 59.38 70.46
C ILE L 119 -28.61 60.71 70.71
N ASP L 120 -29.94 60.69 70.74
CA ASP L 120 -30.69 61.93 71.00
C ASP L 120 -30.39 62.49 72.38
N ARG L 121 -30.34 61.62 73.39
CA ARG L 121 -30.03 62.10 74.73
C ARG L 121 -28.60 62.63 74.82
N TYR L 122 -27.67 61.97 74.12
CA TYR L 122 -26.30 62.49 74.01
C TYR L 122 -26.29 63.86 73.37
N ASP L 123 -27.12 64.08 72.34
CA ASP L 123 -27.20 65.38 71.71
C ASP L 123 -27.71 66.44 72.67
N GLN L 124 -28.70 66.11 73.50
CA GLN L 124 -29.17 67.06 74.50
C GLN L 124 -28.07 67.42 75.51
N TYR L 125 -27.32 66.42 75.97
CA TYR L 125 -26.22 66.70 76.88
C TYR L 125 -25.17 67.58 76.22
N ARG L 126 -24.86 67.33 74.95
CA ARG L 126 -23.94 68.17 74.20
C ARG L 126 -24.50 69.59 74.08
N LEU L 127 -25.81 69.74 73.92
CA LEU L 127 -26.40 71.06 73.83
C LEU L 127 -26.19 71.85 75.11
N THR L 128 -26.39 71.22 76.27
CA THR L 128 -26.15 71.93 77.52
C THR L 128 -24.67 72.29 77.70
N LEU L 129 -23.79 71.34 77.37
CA LEU L 129 -22.36 71.63 77.46
C LEU L 129 -21.96 72.77 76.53
N LYS L 130 -22.61 72.86 75.38
CA LYS L 130 -22.42 74.01 74.50
C LYS L 130 -22.92 75.29 75.15
N SER L 131 -24.08 75.23 75.81
CA SER L 131 -24.66 76.40 76.45
C SER L 131 -23.72 76.99 77.50
N ILE L 132 -22.91 76.16 78.15
CA ILE L 132 -21.90 76.70 79.08
C ILE L 132 -20.93 77.65 78.36
N ARG L 133 -20.52 77.29 77.14
CA ARG L 133 -19.49 78.05 76.43
C ARG L 133 -19.96 79.47 76.13
N ASP L 134 -21.25 79.67 75.90
CA ASP L 134 -21.76 81.01 75.63
C ASP L 134 -21.51 81.94 76.81
N ILE L 135 -21.80 81.47 78.03
CA ILE L 135 -21.59 82.30 79.21
C ILE L 135 -20.10 82.54 79.43
N GLU L 136 -19.27 81.51 79.19
CA GLU L 136 -17.82 81.72 79.32
C GLU L 136 -17.32 82.81 78.37
N GLY L 137 -17.73 82.72 77.09
CA GLY L 137 -17.26 83.68 76.11
C GLY L 137 -17.85 85.06 76.30
N SER L 138 -19.01 85.14 76.97
CA SER L 138 -19.55 86.44 77.34
C SER L 138 -18.79 87.04 78.51
N VAL L 139 -18.32 86.18 79.42
CA VAL L 139 -17.60 86.66 80.60
C VAL L 139 -16.24 87.22 80.23
N GLN L 140 -15.53 86.57 79.30
CA GLN L 140 -14.15 86.97 79.01
C GLN L 140 -13.97 88.45 78.67
N PRO L 141 -14.72 89.06 77.72
CA PRO L 141 -14.40 90.45 77.35
C PRO L 141 -14.58 91.43 78.48
N SER L 142 -15.53 91.20 79.38
CA SER L 142 -15.70 92.10 80.52
C SER L 142 -14.46 92.09 81.41
N ARG L 143 -13.81 90.93 81.52
CA ARG L 143 -12.59 90.86 82.32
C ARG L 143 -11.41 91.50 81.60
N ASP L 144 -11.35 91.40 80.27
CA ASP L 144 -10.19 91.91 79.54
C ASP L 144 -10.03 93.42 79.72
N ARG L 145 -11.13 94.18 79.61
CA ARG L 145 -11.05 95.64 79.62
C ARG L 145 -10.58 96.16 80.97
N LYS L 146 -11.06 95.57 82.07
CA LYS L 146 -10.64 96.03 83.39
C LYS L 146 -9.13 95.85 83.57
N ASP L 147 -8.58 94.74 83.08
CA ASP L 147 -7.14 94.55 83.13
C ASP L 147 -6.40 95.58 82.28
N LYS L 148 -6.93 95.86 81.08
CA LYS L 148 -6.21 96.76 80.18
C LYS L 148 -6.18 98.19 80.73
N ILE L 149 -7.29 98.67 81.28
CA ILE L 149 -7.35 100.05 81.77
C ILE L 149 -6.60 100.18 83.08
N THR L 150 -6.06 99.08 83.59
CA THR L 150 -5.13 99.10 84.72
C THR L 150 -3.69 99.35 84.29
N ASP L 151 -3.23 98.61 83.28
CA ASP L 151 -1.92 98.93 82.70
C ASP L 151 -1.91 100.34 82.14
N LYS L 152 -3.04 100.80 81.60
CA LYS L 152 -3.10 102.16 81.07
C LYS L 152 -2.81 103.19 82.16
N ILE L 153 -3.53 103.09 83.29
CA ILE L 153 -3.34 104.08 84.36
C ILE L 153 -1.96 103.93 84.99
N ALA L 154 -1.45 102.70 85.09
CA ALA L 154 -0.10 102.51 85.61
C ALA L 154 0.94 103.22 84.73
N TYR L 155 0.83 103.05 83.42
CA TYR L 155 1.78 103.69 82.51
C TYR L 155 1.66 105.21 82.57
N LEU L 156 0.42 105.72 82.60
CA LEU L 156 0.25 107.16 82.63
C LEU L 156 0.72 107.76 83.95
N LYS L 157 0.59 107.04 85.06
CA LYS L 157 1.17 107.49 86.33
C LYS L 157 2.69 107.47 86.26
N TYR L 158 3.27 106.46 85.62
CA TYR L 158 4.72 106.43 85.48
C TYR L 158 5.22 107.62 84.66
N LYS L 159 4.51 107.96 83.59
CA LYS L 159 4.98 109.03 82.71
C LYS L 159 5.03 110.37 83.45
N ASP L 160 3.94 110.73 84.12
CA ASP L 160 3.90 111.95 84.93
C ASP L 160 2.76 111.88 85.93
N PRO L 161 3.02 112.08 87.22
CA PRO L 161 1.96 111.98 88.23
C PRO L 161 1.10 113.22 88.35
N GLN L 162 1.36 114.27 87.58
CA GLN L 162 0.61 115.51 87.68
C GLN L 162 -0.54 115.59 86.69
N SER L 163 -0.76 114.54 85.89
CA SER L 163 -1.86 114.56 84.94
C SER L 163 -3.20 114.47 85.66
N PRO L 164 -4.25 115.10 85.12
CA PRO L 164 -5.56 115.05 85.77
C PRO L 164 -6.38 113.81 85.45
N LYS L 165 -5.86 112.91 84.61
CA LYS L 165 -6.61 111.71 84.23
C LYS L 165 -6.51 110.59 85.26
N ILE L 166 -5.70 110.78 86.31
CA ILE L 166 -5.49 109.72 87.30
C ILE L 166 -6.80 109.37 87.99
N GLU L 167 -7.55 110.38 88.43
CA GLU L 167 -8.76 110.12 89.22
C GLU L 167 -9.85 109.47 88.38
N VAL L 168 -10.05 109.93 87.14
CA VAL L 168 -11.08 109.33 86.30
C VAL L 168 -10.70 107.91 85.91
N LEU L 169 -9.42 107.68 85.60
CA LEU L 169 -8.97 106.33 85.29
C LEU L 169 -9.15 105.40 86.49
N GLU L 170 -8.83 105.90 87.69
CA GLU L 170 -9.00 105.08 88.89
C GLU L 170 -10.45 104.73 89.15
N GLN L 171 -11.36 105.69 88.94
CA GLN L 171 -12.77 105.39 89.15
C GLN L 171 -13.30 104.43 88.10
N GLU L 172 -12.86 104.57 86.85
CA GLU L 172 -13.24 103.60 85.84
C GLU L 172 -12.74 102.21 86.21
N LEU L 173 -11.53 102.15 86.78
CA LEU L 173 -11.01 100.89 87.29
C LEU L 173 -11.90 100.31 88.38
N VAL L 174 -12.38 101.17 89.30
CA VAL L 174 -13.23 100.70 90.38
C VAL L 174 -14.54 100.13 89.84
N ARG L 175 -15.19 100.84 88.92
CA ARG L 175 -16.46 100.36 88.36
C ARG L 175 -16.26 99.05 87.61
N ALA L 176 -15.22 98.98 86.77
CA ALA L 176 -14.94 97.74 86.05
C ALA L 176 -14.61 96.61 87.00
N GLU L 177 -13.95 96.92 88.12
CA GLU L 177 -13.63 95.90 89.11
C GLU L 177 -14.90 95.33 89.75
N ALA L 178 -15.85 96.20 90.09
CA ALA L 178 -17.11 95.72 90.66
C ALA L 178 -17.85 94.82 89.66
N GLU L 179 -17.94 95.27 88.40
CA GLU L 179 -18.62 94.46 87.40
C GLU L 179 -17.93 93.12 87.20
N SER L 180 -16.59 93.14 87.17
CA SER L 180 -15.83 91.91 86.99
C SER L 180 -16.02 90.97 88.17
N LEU L 181 -16.10 91.50 89.38
CA LEU L 181 -16.33 90.66 90.55
C LEU L 181 -17.68 89.95 90.44
N VAL L 182 -18.73 90.69 90.08
CA VAL L 182 -20.04 90.06 89.93
C VAL L 182 -20.01 88.98 88.86
N ALA L 183 -19.40 89.30 87.71
CA ALA L 183 -19.34 88.33 86.62
C ALA L 183 -18.56 87.08 87.01
N GLU L 184 -17.44 87.27 87.70
CA GLU L 184 -16.60 86.17 88.16
C GLU L 184 -17.31 85.26 89.15
N ALA L 185 -18.08 85.81 90.08
CA ALA L 185 -18.87 84.96 90.96
C ALA L 185 -19.93 84.16 90.22
N GLN L 186 -20.71 84.84 89.36
CA GLN L 186 -21.80 84.12 88.68
C GLN L 186 -21.24 83.07 87.73
N LEU L 187 -20.08 83.32 87.14
CA LEU L 187 -19.49 82.35 86.21
C LEU L 187 -19.25 81.02 86.90
N SER L 188 -18.62 81.05 88.07
CA SER L 188 -18.39 79.82 88.83
C SER L 188 -19.69 79.16 89.23
N ASN L 189 -20.65 79.97 89.72
CA ASN L 189 -21.95 79.40 90.09
C ASN L 189 -22.57 78.64 88.93
N ILE L 190 -22.65 79.29 87.77
CA ILE L 190 -23.34 78.72 86.62
C ILE L 190 -22.61 77.49 86.10
N THR L 191 -21.27 77.55 86.01
CA THR L 191 -20.56 76.40 85.47
C THR L 191 -20.73 75.19 86.37
N ARG L 192 -20.66 75.39 87.70
CA ARG L 192 -20.85 74.25 88.60
C ARG L 192 -22.25 73.65 88.43
N SER L 193 -23.29 74.50 88.47
CA SER L 193 -24.65 73.98 88.39
C SER L 193 -24.90 73.26 87.07
N LYS L 194 -24.51 73.89 85.96
CA LYS L 194 -24.77 73.31 84.64
C LYS L 194 -24.00 72.01 84.45
N LEU L 195 -22.73 71.97 84.88
CA LEU L 195 -21.97 70.74 84.76
C LEU L 195 -22.63 69.61 85.52
N ARG L 196 -23.04 69.87 86.78
CA ARG L 196 -23.69 68.81 87.56
C ARG L 196 -24.96 68.32 86.89
N ALA L 197 -25.84 69.25 86.49
CA ALA L 197 -27.12 68.84 85.92
C ALA L 197 -26.93 68.06 84.63
N ALA L 198 -26.13 68.59 83.70
CA ALA L 198 -25.93 67.93 82.42
C ALA L 198 -25.28 66.57 82.60
N PHE L 199 -24.34 66.45 83.53
CA PHE L 199 -23.59 65.20 83.63
C PHE L 199 -24.43 64.13 84.30
N ASN L 200 -25.29 64.51 85.25
CA ASN L 200 -26.28 63.56 85.76
C ASN L 200 -27.22 63.10 84.66
N TYR L 201 -27.71 64.03 83.84
CA TYR L 201 -28.60 63.66 82.75
C TYR L 201 -27.92 62.69 81.78
N GLN L 202 -26.66 62.93 81.47
CA GLN L 202 -25.91 62.07 80.58
C GLN L 202 -25.61 60.70 81.18
N PHE L 203 -25.36 60.63 82.49
CA PHE L 203 -25.08 59.36 83.14
C PHE L 203 -26.32 58.49 83.33
N ASP L 204 -27.51 59.07 83.44
CA ASP L 204 -28.71 58.24 83.56
C ASP L 204 -29.05 57.49 82.26
N SER L 205 -28.91 58.19 81.12
CA SER L 205 -29.30 57.59 79.84
C SER L 205 -28.46 56.38 79.50
N ILE L 206 -27.16 56.44 79.78
CA ILE L 206 -26.28 55.34 79.38
C ILE L 206 -26.59 54.07 80.17
N ILE L 207 -26.87 54.21 81.48
CA ILE L 207 -27.20 53.01 82.26
C ILE L 207 -28.57 52.47 81.86
N GLU L 208 -29.52 53.36 81.56
CA GLU L 208 -30.82 52.88 81.07
C GLU L 208 -30.65 52.07 79.79
N HIS L 209 -29.91 52.62 78.82
CA HIS L 209 -29.72 51.93 77.55
C HIS L 209 -28.96 50.63 77.72
N SER L 210 -27.95 50.61 78.59
CA SER L 210 -27.18 49.39 78.84
C SER L 210 -28.06 48.31 79.44
N GLU L 211 -28.93 48.67 80.40
CA GLU L 211 -29.82 47.68 80.99
C GLU L 211 -30.80 47.13 79.97
N LYS L 212 -31.35 48.00 79.12
CA LYS L 212 -32.26 47.52 78.08
C LYS L 212 -31.54 46.57 77.11
N ILE L 213 -30.32 46.91 76.72
CA ILE L 213 -29.56 46.06 75.81
C ILE L 213 -29.26 44.71 76.45
N ALA L 214 -28.90 44.72 77.74
CA ALA L 214 -28.64 43.48 78.44
C ALA L 214 -29.89 42.61 78.51
N LEU L 215 -31.04 43.21 78.77
CA LEU L 215 -32.29 42.45 78.79
C LEU L 215 -32.58 41.82 77.43
N ILE L 216 -32.39 42.59 76.36
CA ILE L 216 -32.63 42.07 75.02
C ILE L 216 -31.69 40.91 74.72
N ALA L 217 -30.41 41.07 75.08
CA ALA L 217 -29.44 40.01 74.83
C ALA L 217 -29.78 38.74 75.61
N GLY L 218 -30.18 38.89 76.87
CA GLY L 218 -30.57 37.73 77.65
C GLY L 218 -31.78 37.01 77.06
N TYR L 219 -32.78 37.77 76.62
CA TYR L 219 -33.95 37.16 76.00
C TYR L 219 -33.58 36.44 74.71
N GLY L 220 -32.69 37.03 73.90
CA GLY L 220 -32.25 36.37 72.69
C GLY L 220 -31.49 35.08 72.98
N LYS L 221 -30.61 35.09 73.99
CA LYS L 221 -29.89 33.90 74.36
C LYS L 221 -30.84 32.81 74.85
N ALA L 222 -31.86 33.20 75.62
CA ALA L 222 -32.87 32.24 76.05
C ALA L 222 -33.61 31.64 74.86
N LEU L 223 -33.93 32.48 73.86
CA LEU L 223 -34.64 32.00 72.68
C LEU L 223 -33.78 31.04 71.85
N LEU L 224 -32.46 31.27 71.80
CA LEU L 224 -31.60 30.49 70.93
C LEU L 224 -31.56 29.01 71.31
N GLU L 225 -31.91 28.68 72.55
CA GLU L 225 -31.81 27.30 73.02
C GLU L 225 -32.73 26.36 72.26
N LEU L 226 -33.84 26.86 71.72
CA LEU L 226 -34.87 26.06 71.05
C LEU L 226 -34.40 25.44 69.71
N LEU L 227 -33.15 25.64 69.28
CA LEU L 227 -32.70 25.12 67.99
C LEU L 227 -32.64 23.61 67.95
N ASP L 228 -32.30 22.95 69.06
CA ASP L 228 -32.17 21.49 69.13
C ASP L 228 -31.14 20.98 68.12
N ASP L 229 -29.90 21.39 68.33
CA ASP L 229 -28.79 21.01 67.46
C ASP L 229 -28.32 19.61 67.86
N SER L 230 -28.65 18.62 67.03
CA SER L 230 -28.23 17.25 67.26
C SER L 230 -27.61 16.68 66.00
N PRO L 231 -26.61 15.81 66.12
CA PRO L 231 -25.98 15.24 64.93
C PRO L 231 -26.84 14.13 64.33
N VAL L 232 -26.86 14.07 62.99
CA VAL L 232 -27.62 13.07 62.26
C VAL L 232 -26.73 12.47 61.18
N THR L 233 -26.75 11.15 61.07
CA THR L 233 -26.01 10.46 60.03
C THR L 233 -26.81 10.46 58.73
N PRO L 234 -26.14 10.36 57.58
CA PRO L 234 -26.87 10.33 56.31
C PRO L 234 -27.80 9.12 56.23
N GLY L 235 -28.94 9.31 55.58
CA GLY L 235 -29.94 8.27 55.48
C GLY L 235 -31.05 8.33 56.51
N GLU L 236 -31.11 9.40 57.30
CA GLU L 236 -32.15 9.57 58.30
C GLU L 236 -32.84 10.91 58.10
N THR L 237 -34.08 11.00 58.60
CA THR L 237 -34.88 12.20 58.49
C THR L 237 -35.19 12.72 59.88
N ARG L 238 -34.90 14.00 60.11
CA ARG L 238 -35.19 14.61 61.40
C ARG L 238 -36.69 14.84 61.54
N PRO L 239 -37.22 14.78 62.77
CA PRO L 239 -38.65 14.98 62.96
C PRO L 239 -39.08 16.39 62.59
N ALA L 240 -40.35 16.53 62.21
CA ALA L 240 -40.90 17.84 61.86
C ALA L 240 -40.82 18.78 63.06
N TYR L 241 -40.49 20.03 62.80
CA TYR L 241 -40.27 21.03 63.84
C TYR L 241 -41.55 21.84 64.04
N ASP L 242 -41.92 22.02 65.31
CA ASP L 242 -43.05 22.86 65.68
C ASP L 242 -42.67 23.66 66.92
N GLY L 243 -42.36 24.95 66.73
CA GLY L 243 -41.97 25.80 67.82
C GLY L 243 -42.48 27.21 67.68
N TYR L 244 -43.45 27.41 66.79
CA TYR L 244 -44.02 28.74 66.58
C TYR L 244 -44.71 29.25 67.85
N GLU L 245 -45.45 28.36 68.53
CA GLU L 245 -46.14 28.72 69.76
C GLU L 245 -45.21 29.06 70.90
N ALA L 246 -43.92 28.71 70.79
CA ALA L 246 -42.94 29.07 71.81
C ALA L 246 -42.15 30.30 71.38
N SER L 247 -41.76 30.34 70.10
CA SER L 247 -40.99 31.48 69.61
C SER L 247 -41.80 32.76 69.64
N LYS L 248 -43.05 32.70 69.17
CA LYS L 248 -43.90 33.90 69.19
C LYS L 248 -44.15 34.37 70.62
N GLN L 249 -44.38 33.42 71.54
CA GLN L 249 -44.57 33.77 72.93
C GLN L 249 -43.31 34.42 73.51
N ILE L 250 -42.14 33.89 73.17
CA ILE L 250 -40.89 34.47 73.65
C ILE L 250 -40.72 35.89 73.14
N ILE L 251 -41.01 36.12 71.84
CA ILE L 251 -40.87 37.45 71.28
C ILE L 251 -41.83 38.43 71.96
N ILE L 252 -43.08 38.01 72.15
CA ILE L 252 -44.08 38.88 72.78
C ILE L 252 -43.68 39.19 74.21
N ASP L 253 -43.22 38.18 74.95
CA ASP L 253 -42.80 38.39 76.34
C ASP L 253 -41.60 39.33 76.41
N ALA L 254 -40.64 39.16 75.49
CA ALA L 254 -39.48 40.05 75.47
C ALA L 254 -39.89 41.49 75.20
N GLU L 255 -40.76 41.70 74.22
CA GLU L 255 -41.20 43.06 73.92
C GLU L 255 -41.94 43.66 75.10
N SER L 256 -42.83 42.89 75.73
CA SER L 256 -43.58 43.39 76.87
C SER L 256 -42.67 43.74 78.04
N ALA L 257 -41.69 42.88 78.32
CA ALA L 257 -40.75 43.13 79.41
C ALA L 257 -39.90 44.36 79.13
N LEU L 258 -39.46 44.53 77.88
CA LEU L 258 -38.69 45.72 77.54
C LEU L 258 -39.52 46.98 77.68
N ASN L 259 -40.78 46.94 77.26
CA ASN L 259 -41.65 48.12 77.35
C ASN L 259 -41.98 48.46 78.80
N GLU L 260 -42.21 47.43 79.62
CA GLU L 260 -42.69 47.63 80.99
C GLU L 260 -41.60 48.20 81.88
N TRP L 261 -40.33 47.92 81.56
CA TRP L 261 -39.23 48.32 82.41
C TRP L 261 -39.19 49.84 82.58
N THR L 262 -38.92 50.28 83.81
CA THR L 262 -38.87 51.70 84.15
C THR L 262 -37.57 51.99 84.87
N LEU L 263 -37.37 53.28 85.18
CA LEU L 263 -36.14 53.72 85.83
C LEU L 263 -35.99 53.10 87.21
N ASP L 264 -37.08 53.06 87.99
CA ASP L 264 -37.01 52.52 89.34
C ASP L 264 -36.88 51.01 89.36
N SER L 265 -37.06 50.33 88.23
CA SER L 265 -36.95 48.88 88.15
C SER L 265 -35.56 48.43 87.73
N ALA L 266 -34.52 49.20 88.06
CA ALA L 266 -33.15 48.85 87.67
C ALA L 266 -32.67 47.66 88.48
N GLN L 267 -32.28 46.59 87.78
CA GLN L 267 -31.79 45.39 88.47
C GLN L 267 -30.37 45.56 88.98
N VAL L 268 -29.56 46.40 88.31
CA VAL L 268 -28.16 46.55 88.71
C VAL L 268 -28.10 47.30 90.04
N LYS L 269 -27.32 46.75 90.99
CA LYS L 269 -27.14 47.35 92.31
C LYS L 269 -25.65 47.49 92.57
N PRO L 270 -25.07 48.64 92.22
CA PRO L 270 -23.63 48.84 92.45
C PRO L 270 -23.30 48.80 93.94
N THR L 271 -22.12 48.28 94.25
CA THR L 271 -21.67 48.16 95.63
C THR L 271 -21.10 49.48 96.13
N MET M 1 3.38 57.32 91.72
CA MET M 1 3.38 58.61 91.04
C MET M 1 1.97 59.19 90.96
N HIS M 2 1.88 60.41 90.43
CA HIS M 2 0.58 61.07 90.31
C HIS M 2 -0.18 60.68 89.04
N ARG M 3 0.46 59.96 88.12
CA ARG M 3 -0.19 59.50 86.90
C ARG M 3 -1.16 58.35 87.16
N THR M 4 -1.10 57.72 88.33
CA THR M 4 -1.87 56.50 88.56
C THR M 4 -3.35 56.77 88.86
N TYR M 5 -3.75 58.04 89.02
CA TYR M 5 -5.16 58.36 89.05
C TYR M 5 -5.53 59.59 88.23
N SER M 6 -4.64 60.05 87.34
CA SER M 6 -4.91 61.26 86.55
C SER M 6 -4.47 61.04 85.12
N LEU M 7 -5.12 61.78 84.21
CA LEU M 7 -4.76 61.78 82.80
C LEU M 7 -3.66 62.77 82.47
N ARG M 8 -3.31 63.67 83.39
CA ARG M 8 -2.30 64.68 83.16
C ARG M 8 -1.10 64.44 84.08
N ASN M 9 0.08 64.83 83.60
CA ASN M 9 1.31 64.64 84.35
C ASN M 9 1.42 65.56 85.56
N SER M 10 0.50 66.50 85.73
CA SER M 10 0.53 67.40 86.88
C SER M 10 0.39 66.60 88.17
N ARG M 11 1.07 67.08 89.21
CA ARG M 11 1.14 66.39 90.50
C ARG M 11 0.06 66.90 91.43
N ALA M 12 -0.67 65.97 92.05
CA ALA M 12 -1.70 66.34 93.00
C ALA M 12 -1.06 66.90 94.27
N PRO M 13 -1.76 67.80 94.97
CA PRO M 13 -1.21 68.36 96.22
C PRO M 13 -0.98 67.27 97.25
N THR M 14 0.11 67.44 98.01
CA THR M 14 0.49 66.51 99.07
C THR M 14 0.65 67.26 100.38
N ALA M 15 1.13 66.57 101.41
CA ALA M 15 1.35 67.21 102.70
C ALA M 15 2.41 68.29 102.61
N SER M 16 3.51 68.01 101.91
CA SER M 16 4.54 69.03 101.74
C SER M 16 4.03 70.21 100.93
N GLN M 17 3.26 69.94 99.88
CA GLN M 17 2.69 71.03 99.08
C GLN M 17 1.68 71.84 99.88
N LEU M 18 0.91 71.17 100.74
CA LEU M 18 -0.04 71.89 101.59
C LEU M 18 0.71 72.76 102.60
N GLN M 19 1.78 72.24 103.19
CA GLN M 19 2.53 73.01 104.19
C GLN M 19 3.25 74.18 103.55
N ASN M 20 3.93 73.96 102.42
CA ASN M 20 4.68 74.99 101.74
C ASN M 20 4.33 74.96 100.25
N PRO M 21 4.15 76.13 99.62
CA PRO M 21 3.83 76.13 98.20
C PRO M 21 4.93 75.49 97.39
N PRO M 22 4.59 74.89 96.25
CA PRO M 22 5.61 74.24 95.42
C PRO M 22 6.66 75.25 94.96
N PRO M 23 7.92 74.82 94.86
CA PRO M 23 8.98 75.75 94.46
C PRO M 23 8.78 76.23 93.03
N PRO M 24 9.17 77.47 92.73
CA PRO M 24 9.05 77.98 91.36
C PRO M 24 9.93 77.19 90.41
N PRO M 25 9.52 77.07 89.15
CA PRO M 25 10.33 76.30 88.19
C PRO M 25 11.61 77.02 87.81
N SER M 26 12.47 76.31 87.08
CA SER M 26 13.74 76.88 86.66
C SER M 26 13.52 78.04 85.69
N THR M 27 14.43 79.01 85.73
CA THR M 27 14.30 80.18 84.88
C THR M 27 14.41 79.82 83.40
N THR M 28 15.33 78.93 83.05
CA THR M 28 15.56 78.53 81.67
C THR M 28 15.34 77.03 81.53
N LYS M 29 14.63 76.64 80.46
CA LYS M 29 14.38 75.23 80.15
C LYS M 29 14.60 75.04 78.64
N GLY M 30 15.83 74.71 78.27
CA GLY M 30 16.14 74.52 76.86
C GLY M 30 15.58 73.19 76.36
N ARG M 31 15.03 73.24 75.14
CA ARG M 31 14.48 72.04 74.50
C ARG M 31 15.60 71.32 73.75
N PHE M 32 16.44 70.64 74.52
CA PHE M 32 17.56 69.90 73.99
C PHE M 32 17.80 68.65 74.82
N PHE M 33 18.43 67.65 74.20
CA PHE M 33 18.74 66.42 74.93
C PHE M 33 19.72 66.66 76.07
N GLY M 34 20.72 67.51 75.84
CA GLY M 34 21.73 67.79 76.83
C GLY M 34 22.86 66.80 76.90
N LYS M 35 22.83 65.74 76.07
CA LYS M 35 23.93 64.77 76.07
C LYS M 35 25.24 65.41 75.61
N GLY M 36 25.17 66.26 74.59
CA GLY M 36 26.35 66.91 74.06
C GLY M 36 27.16 66.09 73.09
N GLY M 37 26.73 64.87 72.77
CA GLY M 37 27.48 64.03 71.85
C GLY M 37 26.62 62.90 71.34
N LEU M 38 27.06 62.32 70.22
CA LEU M 38 26.38 61.21 69.58
C LEU M 38 26.81 59.86 70.16
N ALA M 39 27.74 59.87 71.12
CA ALA M 39 28.27 58.64 71.67
C ALA M 39 27.20 57.80 72.36
N TYR M 40 26.31 58.44 73.11
CA TYR M 40 25.27 57.72 73.82
C TYR M 40 24.36 56.98 72.84
N SER M 41 23.86 57.69 71.83
CA SER M 41 22.98 57.07 70.85
C SER M 41 23.70 55.99 70.05
N PHE M 42 24.96 56.24 69.70
CA PHE M 42 25.73 55.25 68.96
C PHE M 42 25.91 53.97 69.76
N ARG M 43 26.25 54.10 71.04
CA ARG M 43 26.41 52.92 71.89
C ARG M 43 25.09 52.21 72.10
N ARG M 44 23.99 52.96 72.24
CA ARG M 44 22.69 52.32 72.41
C ARG M 44 22.28 51.55 71.16
N SER M 45 22.57 52.10 69.97
CA SER M 45 22.15 51.48 68.74
C SER M 45 23.06 50.35 68.28
N ALA M 46 24.34 50.37 68.66
CA ALA M 46 25.27 49.35 68.20
C ALA M 46 25.20 48.05 69.00
N ALA M 47 24.45 48.04 70.11
CA ALA M 47 24.41 46.83 70.94
C ALA M 47 23.71 45.68 70.22
N GLY M 48 22.57 45.96 69.58
CA GLY M 48 21.77 44.95 68.93
C GLY M 48 22.09 44.68 67.48
N ALA M 49 23.19 45.24 66.95
CA ALA M 49 23.52 45.06 65.54
C ALA M 49 23.86 43.61 65.23
N PHE M 50 24.59 42.94 66.12
CA PHE M 50 25.07 41.59 65.86
C PHE M 50 24.74 40.59 66.96
N GLY M 51 24.29 41.03 68.14
CA GLY M 51 24.04 40.14 69.24
C GLY M 51 22.85 39.23 69.02
N PRO M 52 22.77 38.15 69.79
CA PRO M 52 21.62 37.24 69.68
C PRO M 52 20.33 37.93 70.08
N GLU M 53 19.23 37.45 69.49
CA GLU M 53 17.93 38.09 69.70
C GLU M 53 17.46 37.97 71.15
N LEU M 54 17.71 36.82 71.79
CA LEU M 54 17.18 36.60 73.14
C LEU M 54 17.80 37.55 74.16
N SER M 55 19.11 37.77 74.06
CA SER M 55 19.84 38.56 75.05
C SER M 55 19.89 40.05 74.71
N ARG M 56 19.29 40.46 73.59
CA ARG M 56 19.36 41.87 73.19
C ARG M 56 18.63 42.76 74.19
N LYS M 57 17.47 42.32 74.68
CA LYS M 57 16.65 43.15 75.56
C LYS M 57 17.40 43.50 76.84
N LEU M 58 18.05 42.50 77.46
CA LEU M 58 18.81 42.78 78.67
C LEU M 58 20.12 43.48 78.37
N SER M 59 20.75 43.17 77.23
CA SER M 59 22.01 43.82 76.88
C SER M 59 21.84 45.30 76.64
N GLN M 60 20.64 45.72 76.21
CA GLN M 60 20.42 47.15 75.95
C GLN M 60 20.45 47.96 77.25
N LEU M 61 20.10 47.35 78.38
CA LEU M 61 20.02 48.09 79.63
C LEU M 61 21.39 48.40 80.22
N VAL M 62 22.39 47.55 79.92
CA VAL M 62 23.72 47.74 80.50
C VAL M 62 24.33 49.06 80.04
N LYS M 63 24.14 49.42 78.77
CA LYS M 63 24.71 50.66 78.25
C LYS M 63 24.11 51.88 78.94
N ILE M 64 22.79 51.90 79.11
CA ILE M 64 22.16 53.03 79.76
C ILE M 64 22.51 53.08 81.25
N GLU M 65 22.73 51.91 81.87
CA GLU M 65 23.20 51.91 83.26
C GLU M 65 24.60 52.50 83.37
N LYS M 66 25.46 52.17 82.41
CA LYS M 66 26.80 52.77 82.38
C LYS M 66 26.72 54.27 82.17
N ASN M 67 25.79 54.72 81.32
CA ASN M 67 25.59 56.15 81.13
C ASN M 67 25.14 56.82 82.43
N VAL M 68 24.24 56.16 83.16
CA VAL M 68 23.81 56.67 84.46
C VAL M 68 25.00 56.79 85.40
N LEU M 69 25.86 55.77 85.43
CA LEU M 69 27.04 55.80 86.29
C LEU M 69 27.95 56.96 85.93
N ARG M 70 28.19 57.17 84.64
CA ARG M 70 29.06 58.27 84.21
C ARG M 70 28.47 59.62 84.58
N SER M 71 27.16 59.79 84.39
CA SER M 71 26.53 61.05 84.74
C SER M 71 26.59 61.30 86.25
N MET M 72 26.39 60.26 87.05
CA MET M 72 26.53 60.41 88.50
C MET M 72 27.95 60.78 88.89
N GLU M 73 28.94 60.18 88.22
CA GLU M 73 30.32 60.53 88.49
C GLU M 73 30.60 62.00 88.18
N LEU M 74 30.08 62.49 87.04
CA LEU M 74 30.27 63.89 86.70
C LEU M 74 29.59 64.80 87.73
N THR M 75 28.38 64.44 88.16
CA THR M 75 27.68 65.22 89.18
C THR M 75 28.49 65.29 90.47
N ALA M 76 29.01 64.14 90.91
CA ALA M 76 29.79 64.11 92.15
C ALA M 76 31.06 64.94 92.01
N ASN M 77 31.74 64.86 90.86
CA ASN M 77 32.95 65.64 90.65
C ASN M 77 32.67 67.13 90.69
N GLU M 78 31.60 67.57 90.03
CA GLU M 78 31.28 68.99 90.02
C GLU M 78 30.86 69.48 91.40
N ARG M 79 30.10 68.68 92.14
CA ARG M 79 29.71 69.08 93.50
C ARG M 79 30.92 69.15 94.41
N ARG M 80 31.88 68.23 94.23
CA ARG M 80 33.12 68.31 94.98
C ARG M 80 33.91 69.57 94.63
N ASP M 81 33.92 69.94 93.35
CA ASP M 81 34.64 71.14 92.93
C ASP M 81 34.02 72.40 93.51
N ALA M 82 32.69 72.44 93.62
CA ALA M 82 32.01 73.64 94.10
C ALA M 82 32.41 74.00 95.52
N ALA M 83 32.69 72.99 96.36
CA ALA M 83 33.02 73.26 97.75
C ALA M 83 34.33 74.05 97.88
N LYS M 84 35.29 73.81 97.00
CA LYS M 84 36.54 74.54 97.04
C LYS M 84 36.31 76.03 96.80
N GLN M 85 35.49 76.36 95.80
CA GLN M 85 35.18 77.76 95.53
C GLN M 85 34.40 78.38 96.69
N LEU M 86 33.45 77.63 97.25
CA LEU M 86 32.71 78.15 98.41
C LEU M 86 33.66 78.45 99.56
N SER M 87 34.64 77.58 99.78
CA SER M 87 35.59 77.78 100.88
C SER M 87 36.50 78.98 100.62
N ILE M 88 37.03 79.12 99.40
CA ILE M 88 37.96 80.21 99.14
C ILE M 88 37.23 81.56 99.16
N TRP M 89 35.95 81.59 98.79
CA TRP M 89 35.21 82.86 98.84
C TRP M 89 35.20 83.48 100.23
N GLY M 90 35.28 82.66 101.27
CA GLY M 90 35.13 83.17 102.63
C GLY M 90 36.34 83.89 103.18
N LEU M 91 37.45 83.93 102.43
CA LEU M 91 38.66 84.58 102.94
C LEU M 91 38.44 86.07 103.15
N GLU M 92 37.80 86.73 102.19
CA GLU M 92 37.58 88.18 102.24
C GLU M 92 36.20 88.46 102.83
N ASN M 93 36.09 88.27 104.14
CA ASN M 93 34.85 88.51 104.88
C ASN M 93 35.19 88.54 106.36
N ASP M 94 34.16 88.54 107.20
CA ASP M 94 34.37 88.55 108.64
C ASP M 94 34.93 87.21 109.10
N ASP M 95 35.55 87.23 110.28
CA ASP M 95 36.20 86.02 110.79
C ASP M 95 35.20 84.90 111.06
N ASP M 96 34.05 85.23 111.65
CA ASP M 96 33.03 84.22 111.91
C ASP M 96 32.51 83.63 110.60
N VAL M 97 32.27 84.48 109.61
CA VAL M 97 31.80 84.00 108.31
C VAL M 97 32.84 83.08 107.68
N SER M 98 34.12 83.47 107.76
CA SER M 98 35.18 82.65 107.18
C SER M 98 35.26 81.28 107.86
N ASP M 99 35.20 81.25 109.19
CA ASP M 99 35.30 79.99 109.91
C ASP M 99 34.11 79.08 109.60
N ILE M 100 32.90 79.65 109.64
CA ILE M 100 31.71 78.86 109.33
C ILE M 100 31.77 78.35 107.90
N THR M 101 32.25 79.19 106.97
CA THR M 101 32.36 78.78 105.58
C THR M 101 33.33 77.62 105.42
N ASP M 102 34.49 77.68 106.08
CA ASP M 102 35.47 76.60 105.96
C ASP M 102 34.90 75.29 106.51
N LYS M 103 34.30 75.34 107.70
CA LYS M 103 33.80 74.11 108.32
C LYS M 103 32.66 73.51 107.51
N LEU M 104 31.68 74.33 107.12
CA LEU M 104 30.59 73.78 106.32
C LEU M 104 31.11 73.36 104.95
N GLY M 105 32.20 73.96 104.48
CA GLY M 105 32.77 73.55 103.21
C GLY M 105 33.33 72.15 103.26
N VAL M 106 34.08 71.82 104.31
CA VAL M 106 34.54 70.44 104.44
C VAL M 106 33.36 69.50 104.68
N LEU M 107 32.36 69.97 105.43
CA LEU M 107 31.20 69.13 105.71
C LEU M 107 30.45 68.77 104.42
N ILE M 108 30.33 69.73 103.50
CA ILE M 108 29.65 69.47 102.23
C ILE M 108 30.55 68.80 101.21
N TYR M 109 31.87 68.96 101.33
CA TYR M 109 32.82 68.23 100.51
C TYR M 109 32.85 66.74 100.86
N GLU M 110 32.43 66.39 102.08
CA GLU M 110 32.34 65.00 102.50
C GLU M 110 31.50 64.14 101.56
N VAL M 111 30.52 64.74 100.88
CA VAL M 111 29.51 64.03 100.09
C VAL M 111 30.14 63.21 98.96
N SER M 112 31.25 63.71 98.40
CA SER M 112 31.82 63.10 97.20
C SER M 112 32.27 61.67 97.46
N GLU M 113 32.86 61.40 98.62
CA GLU M 113 33.31 60.05 98.93
C GLU M 113 32.13 59.08 98.99
N LEU M 114 31.04 59.49 99.63
CA LEU M 114 29.84 58.66 99.69
C LEU M 114 29.31 58.40 98.29
N ASP M 115 29.30 59.43 97.45
CA ASP M 115 28.84 59.25 96.07
C ASP M 115 29.72 58.25 95.32
N ASP M 116 31.04 58.32 95.52
CA ASP M 116 31.94 57.40 94.85
C ASP M 116 31.72 55.96 95.31
N GLN M 117 31.51 55.76 96.62
CA GLN M 117 31.24 54.42 97.12
C GLN M 117 29.93 53.87 96.54
N PHE M 118 28.90 54.71 96.50
CA PHE M 118 27.63 54.29 95.89
C PHE M 118 27.83 53.94 94.43
N ILE M 119 28.67 54.70 93.72
CA ILE M 119 28.96 54.41 92.31
C ILE M 119 29.62 53.05 92.16
N ASP M 120 30.58 52.75 93.04
CA ASP M 120 31.25 51.45 92.97
C ASP M 120 30.28 50.30 93.21
N ARG M 121 29.39 50.45 94.19
CA ARG M 121 28.42 49.39 94.45
C ARG M 121 27.44 49.25 93.29
N TYR M 122 27.05 50.37 92.68
CA TYR M 122 26.23 50.34 91.47
C TYR M 122 26.95 49.59 90.35
N ASP M 123 28.26 49.81 90.22
CA ASP M 123 29.04 49.09 89.21
C ASP M 123 29.03 47.59 89.47
N GLN M 124 29.15 47.17 90.72
CA GLN M 124 29.08 45.75 91.03
C GLN M 124 27.72 45.15 90.66
N TYR M 125 26.65 45.87 90.99
CA TYR M 125 25.31 45.41 90.62
C TYR M 125 25.17 45.29 89.10
N ARG M 126 25.70 46.29 88.37
CA ARG M 126 25.70 46.22 86.91
C ARG M 126 26.50 45.03 86.42
N LEU M 127 27.60 44.71 87.09
CA LEU M 127 28.41 43.56 86.68
C LEU M 127 27.61 42.26 86.80
N THR M 128 26.88 42.09 87.89
CA THR M 128 26.06 40.88 88.02
C THR M 128 24.95 40.83 86.96
N LEU M 129 24.29 41.98 86.74
CA LEU M 129 23.25 42.02 85.73
C LEU M 129 23.80 41.72 84.34
N LYS M 130 25.06 42.13 84.09
CA LYS M 130 25.73 41.74 82.87
C LYS M 130 25.98 40.24 82.82
N SER M 131 26.40 39.66 83.95
CA SER M 131 26.68 38.23 84.02
C SER M 131 25.46 37.40 83.65
N ILE M 132 24.26 37.89 83.93
CA ILE M 132 23.05 37.18 83.49
C ILE M 132 23.01 37.04 81.96
N ARG M 133 23.41 38.10 81.25
CA ARG M 133 23.30 38.12 79.79
C ARG M 133 24.15 37.04 79.14
N ASP M 134 25.29 36.72 79.74
CA ASP M 134 26.14 35.68 79.18
C ASP M 134 25.42 34.33 79.13
N ILE M 135 24.75 33.96 80.23
CA ILE M 135 24.03 32.70 80.26
C ILE M 135 22.85 32.73 79.29
N GLU M 136 22.16 33.87 79.20
CA GLU M 136 21.06 33.96 78.23
C GLU M 136 21.56 33.74 76.80
N GLY M 137 22.64 34.42 76.43
CA GLY M 137 23.15 34.32 75.07
C GLY M 137 23.77 32.96 74.79
N SER M 138 24.23 32.26 75.84
CA SER M 138 24.68 30.89 75.65
C SER M 138 23.51 29.94 75.47
N VAL M 139 22.39 30.22 76.14
CA VAL M 139 21.22 29.35 76.04
C VAL M 139 20.59 29.43 74.66
N GLN M 140 20.52 30.62 74.07
CA GLN M 140 19.78 30.79 72.81
C GLN M 140 20.21 29.83 71.69
N PRO M 141 21.49 29.71 71.33
CA PRO M 141 21.83 28.87 70.16
C PRO M 141 21.46 27.41 70.33
N SER M 142 21.54 26.88 71.55
CA SER M 142 21.13 25.49 71.76
C SER M 142 19.66 25.29 71.46
N ARG M 143 18.84 26.30 71.75
CA ARG M 143 17.41 26.20 71.43
C ARG M 143 17.16 26.36 69.94
N ASP M 144 17.94 27.20 69.25
CA ASP M 144 17.67 27.45 67.83
C ASP M 144 17.79 26.18 66.98
N ARG M 145 18.84 25.39 67.22
CA ARG M 145 19.11 24.23 66.37
C ARG M 145 18.02 23.17 66.48
N LYS M 146 17.54 22.93 67.70
CA LYS M 146 16.49 21.93 67.89
C LYS M 146 15.23 22.31 67.12
N ASP M 147 14.89 23.60 67.12
CA ASP M 147 13.75 24.05 66.33
C ASP M 147 13.99 23.88 64.85
N LYS M 148 15.21 24.20 64.38
CA LYS M 148 15.46 24.13 62.95
C LYS M 148 15.41 22.70 62.43
N ILE M 149 16.00 21.75 63.16
CA ILE M 149 16.04 20.37 62.69
C ILE M 149 14.68 19.70 62.84
N THR M 150 13.71 20.43 63.38
CA THR M 150 12.32 19.99 63.38
C THR M 150 11.58 20.37 62.10
N ASP M 151 11.72 21.62 61.67
CA ASP M 151 11.21 21.99 60.35
C ASP M 151 11.88 21.17 59.25
N LYS M 152 13.16 20.85 59.44
CA LYS M 152 13.85 20.04 58.44
C LYS M 152 13.19 18.67 58.27
N ILE M 153 12.96 17.96 59.38
CA ILE M 153 12.37 16.63 59.29
C ILE M 153 10.93 16.71 58.83
N ALA M 154 10.20 17.76 59.22
CA ALA M 154 8.84 17.93 58.75
C ALA M 154 8.79 18.08 57.23
N TYR M 155 9.68 18.93 56.69
CA TYR M 155 9.71 19.15 55.24
C TYR M 155 10.11 17.87 54.52
N LEU M 156 11.12 17.16 55.04
CA LEU M 156 11.56 15.95 54.37
C LEU M 156 10.50 14.84 54.43
N LYS M 157 9.72 14.78 55.52
CA LYS M 157 8.60 13.85 55.57
C LYS M 157 7.52 14.23 54.57
N TYR M 158 7.27 15.54 54.42
CA TYR M 158 6.29 15.98 53.43
C TYR M 158 6.72 15.60 52.01
N LYS M 159 8.00 15.76 51.70
CA LYS M 159 8.48 15.49 50.35
C LYS M 159 8.26 14.03 49.97
N ASP M 160 8.72 13.11 50.82
CA ASP M 160 8.52 11.68 50.60
C ASP M 160 8.70 10.93 51.91
N PRO M 161 7.73 10.11 52.31
CA PRO M 161 7.84 9.38 53.58
C PRO M 161 8.68 8.12 53.52
N GLN M 162 9.22 7.77 52.35
CA GLN M 162 10.00 6.55 52.20
C GLN M 162 11.50 6.78 52.36
N SER M 163 11.92 8.00 52.66
CA SER M 163 13.34 8.26 52.85
C SER M 163 13.84 7.63 54.14
N PRO M 164 15.10 7.17 54.17
CA PRO M 164 15.64 6.55 55.39
C PRO M 164 16.15 7.55 56.43
N LYS M 165 16.11 8.84 56.15
CA LYS M 165 16.62 9.85 57.08
C LYS M 165 15.63 10.18 58.19
N ILE M 166 14.41 9.65 58.13
CA ILE M 166 13.38 9.99 59.10
C ILE M 166 13.82 9.59 60.51
N GLU M 167 14.32 8.36 60.65
CA GLU M 167 14.64 7.85 61.99
C GLU M 167 15.83 8.59 62.61
N VAL M 168 16.88 8.86 61.82
CA VAL M 168 18.04 9.56 62.36
C VAL M 168 17.67 11.01 62.69
N LEU M 169 16.88 11.65 61.83
CA LEU M 169 16.44 13.01 62.13
C LEU M 169 15.59 13.04 63.40
N GLU M 170 14.70 12.07 63.57
CA GLU M 170 13.86 12.01 64.76
C GLU M 170 14.69 11.82 66.03
N GLN M 171 15.71 10.95 65.96
CA GLN M 171 16.54 10.75 67.14
C GLN M 171 17.38 11.98 67.46
N GLU M 172 17.90 12.65 66.43
CA GLU M 172 18.59 13.92 66.67
C GLU M 172 17.66 14.93 67.32
N LEU M 173 16.40 14.95 66.88
CA LEU M 173 15.40 15.79 67.52
C LEU M 173 15.22 15.44 68.99
N VAL M 174 15.19 14.14 69.30
CA VAL M 174 15.01 13.71 70.69
C VAL M 174 16.18 14.16 71.56
N ARG M 175 17.41 13.96 71.08
CA ARG M 175 18.59 14.36 71.87
C ARG M 175 18.63 15.87 72.06
N ALA M 176 18.38 16.63 70.99
CA ALA M 176 18.35 18.08 71.11
C ALA M 176 17.24 18.54 72.04
N GLU M 177 16.11 17.83 72.03
CA GLU M 177 15.01 18.16 72.93
C GLU M 177 15.40 17.97 74.39
N ALA M 178 16.09 16.86 74.70
CA ALA M 178 16.53 16.65 76.08
C ALA M 178 17.50 17.74 76.51
N GLU M 179 18.49 18.07 75.66
CA GLU M 179 19.44 19.11 76.00
C GLU M 179 18.74 20.46 76.19
N SER M 180 17.79 20.77 75.31
CA SER M 180 17.05 22.03 75.41
C SER M 180 16.22 22.09 76.69
N LEU M 181 15.62 20.96 77.09
CA LEU M 181 14.86 20.93 78.33
C LEU M 181 15.75 21.25 79.52
N VAL M 182 16.93 20.63 79.59
CA VAL M 182 17.85 20.89 80.70
C VAL M 182 18.25 22.37 80.70
N ALA M 183 18.61 22.89 79.52
CA ALA M 183 19.05 24.29 79.43
C ALA M 183 17.93 25.24 79.84
N GLU M 184 16.71 24.97 79.38
CA GLU M 184 15.54 25.79 79.71
C GLU M 184 15.22 25.81 81.19
N ALA M 185 15.32 24.68 81.88
CA ALA M 185 15.14 24.68 83.33
C ALA M 185 16.22 25.49 84.04
N GLN M 186 17.50 25.24 83.71
CA GLN M 186 18.56 25.94 84.44
C GLN M 186 18.51 27.44 84.16
N LEU M 187 18.09 27.83 82.97
CA LEU M 187 18.03 29.26 82.63
C LEU M 187 17.11 30.01 83.59
N SER M 188 15.90 29.47 83.79
CA SER M 188 14.96 30.09 84.72
C SER M 188 15.52 30.09 86.14
N ASN M 189 16.09 28.96 86.56
CA ASN M 189 16.67 28.89 87.90
C ASN M 189 17.70 30.00 88.10
N ILE M 190 18.65 30.12 87.17
CA ILE M 190 19.76 31.05 87.31
C ILE M 190 19.27 32.48 87.26
N THR M 191 18.36 32.79 86.32
CA THR M 191 17.91 34.18 86.22
C THR M 191 17.17 34.61 87.47
N ARG M 192 16.32 33.74 88.03
CA ARG M 192 15.64 34.10 89.27
C ARG M 192 16.64 34.35 90.40
N SER M 193 17.56 33.41 90.60
CA SER M 193 18.49 33.56 91.72
C SER M 193 19.37 34.80 91.58
N LYS M 194 19.93 35.01 90.38
CA LYS M 194 20.82 36.15 90.17
C LYS M 194 20.08 37.47 90.29
N LEU M 195 18.86 37.55 89.74
CA LEU M 195 18.09 38.78 89.88
C LEU M 195 17.84 39.11 91.33
N ARG M 196 17.39 38.12 92.12
CA ARG M 196 17.12 38.37 93.53
C ARG M 196 18.37 38.84 94.25
N ALA M 197 19.49 38.13 94.09
CA ALA M 197 20.70 38.47 94.83
C ALA M 197 21.21 39.86 94.46
N ALA M 198 21.33 40.13 93.15
CA ALA M 198 21.84 41.41 92.71
C ALA M 198 20.94 42.55 93.15
N PHE M 199 19.62 42.34 93.10
CA PHE M 199 18.73 43.46 93.36
C PHE M 199 18.67 43.76 94.86
N ASN M 200 18.78 42.73 95.70
CA ASN M 200 18.96 42.98 97.14
C ASN M 200 20.26 43.74 97.40
N TYR M 201 21.35 43.33 96.76
CA TYR M 201 22.61 44.03 96.96
C TYR M 201 22.50 45.49 96.55
N GLN M 202 21.83 45.76 95.43
CA GLN M 202 21.66 47.13 94.95
C GLN M 202 20.73 47.94 95.85
N PHE M 203 19.70 47.34 96.43
CA PHE M 203 18.79 48.06 97.30
C PHE M 203 19.37 48.37 98.67
N ASP M 204 20.31 47.57 99.17
CA ASP M 204 20.92 47.90 100.46
C ASP M 204 21.82 49.13 100.38
N SER M 205 22.61 49.24 99.32
CA SER M 205 23.59 50.32 99.21
C SER M 205 22.90 51.69 99.17
N ILE M 206 21.78 51.79 98.44
CA ILE M 206 21.13 53.08 98.28
C ILE M 206 20.57 53.58 99.60
N ILE M 207 19.97 52.70 100.41
CA ILE M 207 19.44 53.14 101.70
C ILE M 207 20.57 53.48 102.65
N GLU M 208 21.68 52.71 102.62
CA GLU M 208 22.82 53.07 103.44
C GLU M 208 23.34 54.47 103.10
N HIS M 209 23.53 54.73 101.81
CA HIS M 209 24.05 56.03 101.39
C HIS M 209 23.07 57.15 101.73
N SER M 210 21.78 56.91 101.55
CA SER M 210 20.78 57.94 101.86
C SER M 210 20.79 58.27 103.36
N GLU M 211 20.89 57.25 104.21
CA GLU M 211 20.94 57.51 105.64
C GLU M 211 22.18 58.29 106.03
N LYS M 212 23.33 57.94 105.45
CA LYS M 212 24.55 58.69 105.73
C LYS M 212 24.42 60.14 105.29
N ILE M 213 23.86 60.37 104.11
CA ILE M 213 23.69 61.73 103.61
C ILE M 213 22.74 62.52 104.51
N ALA M 214 21.67 61.88 104.96
CA ALA M 214 20.73 62.56 105.86
C ALA M 214 21.40 62.92 107.17
N LEU M 215 22.22 62.03 107.72
CA LEU M 215 22.95 62.34 108.95
C LEU M 215 23.88 63.53 108.76
N ILE M 216 24.61 63.54 107.64
CA ILE M 216 25.52 64.65 107.36
C ILE M 216 24.75 65.96 107.24
N ALA M 217 23.62 65.94 106.53
CA ALA M 217 22.82 67.15 106.36
C ALA M 217 22.29 67.65 107.69
N GLY M 218 21.81 66.73 108.55
CA GLY M 218 21.33 67.14 109.86
C GLY M 218 22.42 67.76 110.71
N TYR M 219 23.61 67.17 110.69
CA TYR M 219 24.73 67.74 111.45
C TYR M 219 25.11 69.12 110.92
N GLY M 220 25.12 69.28 109.60
CA GLY M 220 25.40 70.59 109.03
C GLY M 220 24.37 71.64 109.42
N LYS M 221 23.09 71.26 109.38
CA LYS M 221 22.04 72.19 109.79
C LYS M 221 22.17 72.57 111.25
N ALA M 222 22.52 71.59 112.11
CA ALA M 222 22.77 71.90 113.51
C ALA M 222 23.94 72.86 113.68
N LEU M 223 25.00 72.67 112.88
CA LEU M 223 26.16 73.55 112.97
C LEU M 223 25.84 74.96 112.50
N LEU M 224 24.96 75.11 111.51
CA LEU M 224 24.71 76.43 110.93
C LEU M 224 24.09 77.40 111.93
N GLU M 225 23.47 76.89 113.00
CA GLU M 225 22.78 77.77 113.95
C GLU M 225 23.73 78.72 114.66
N LEU M 226 25.01 78.37 114.80
CA LEU M 226 26.00 79.14 115.54
C LEU M 226 26.37 80.49 114.87
N LEU M 227 25.78 80.85 113.73
CA LEU M 227 26.15 82.09 113.04
C LEU M 227 25.77 83.34 113.82
N ASP M 228 24.66 83.33 114.56
CA ASP M 228 24.18 84.48 115.33
C ASP M 228 23.97 85.68 114.41
N ASP M 229 23.01 85.53 113.49
CA ASP M 229 22.67 86.58 112.53
C ASP M 229 21.74 87.58 113.22
N SER M 230 22.28 88.75 113.54
CA SER M 230 21.51 89.82 114.16
C SER M 230 21.73 91.13 113.40
N PRO M 231 20.71 91.97 113.30
CA PRO M 231 20.89 93.24 112.59
C PRO M 231 21.65 94.26 113.43
N VAL M 232 22.49 95.04 112.76
CA VAL M 232 23.30 96.07 113.41
C VAL M 232 23.19 97.36 112.59
N THR M 233 22.96 98.47 113.28
CA THR M 233 22.93 99.77 112.63
C THR M 233 24.35 100.30 112.46
N PRO M 234 24.57 101.18 111.48
CA PRO M 234 25.92 101.74 111.28
C PRO M 234 26.36 102.54 112.49
N GLY M 235 27.66 102.48 112.77
CA GLY M 235 28.21 103.14 113.94
C GLY M 235 28.39 102.27 115.15
N GLU M 236 28.17 100.96 115.03
CA GLU M 236 28.33 100.02 116.12
C GLU M 236 29.28 98.90 115.72
N THR M 237 29.89 98.28 116.73
CA THR M 237 30.83 97.18 116.52
C THR M 237 30.30 95.92 117.17
N ARG M 238 30.22 94.85 116.39
CA ARG M 238 29.75 93.58 116.93
C ARG M 238 30.82 92.97 117.84
N PRO M 239 30.41 92.21 118.87
CA PRO M 239 31.39 91.62 119.78
C PRO M 239 32.26 90.59 119.07
N ALA M 240 33.47 90.40 119.59
CA ALA M 240 34.39 89.43 119.03
C ALA M 240 33.80 88.03 119.11
N TYR M 241 34.00 87.25 118.06
CA TYR M 241 33.41 85.93 117.93
C TYR M 241 34.40 84.87 118.40
N ASP M 242 33.92 83.93 119.22
CA ASP M 242 34.70 82.79 119.67
C ASP M 242 33.81 81.55 119.64
N GLY M 243 34.00 80.71 118.64
CA GLY M 243 33.21 79.51 118.49
C GLY M 243 34.00 78.34 117.96
N TYR M 244 35.33 78.45 118.00
CA TYR M 244 36.19 77.37 117.51
C TYR M 244 36.00 76.11 118.35
N GLU M 245 35.91 76.27 119.67
CA GLU M 245 35.72 75.14 120.58
C GLU M 245 34.37 74.45 120.41
N ALA M 246 33.43 75.08 119.71
CA ALA M 246 32.14 74.45 119.44
C ALA M 246 32.11 73.90 118.03
N SER M 247 32.65 74.66 117.07
CA SER M 247 32.67 74.20 115.68
C SER M 247 33.55 72.97 115.49
N LYS M 248 34.74 72.98 116.08
CA LYS M 248 35.63 71.83 115.97
C LYS M 248 35.00 70.61 116.63
N GLN M 249 34.38 70.79 117.80
CA GLN M 249 33.69 69.69 118.46
C GLN M 249 32.55 69.15 117.62
N ILE M 250 31.79 70.04 116.97
CA ILE M 250 30.70 69.59 116.11
C ILE M 250 31.23 68.78 114.94
N ILE M 251 32.32 69.25 114.31
CA ILE M 251 32.89 68.52 113.18
C ILE M 251 33.39 67.15 113.62
N ILE M 252 34.09 67.08 114.76
CA ILE M 252 34.62 65.81 115.24
C ILE M 252 33.47 64.86 115.57
N ASP M 253 32.43 65.36 116.24
CA ASP M 253 31.29 64.52 116.60
C ASP M 253 30.58 64.01 115.35
N ALA M 254 30.43 64.87 114.34
CA ALA M 254 29.79 64.45 113.10
C ALA M 254 30.60 63.35 112.42
N GLU M 255 31.92 63.52 112.33
CA GLU M 255 32.74 62.50 111.70
C GLU M 255 32.67 61.18 112.47
N SER M 256 32.74 61.26 113.80
CA SER M 256 32.68 60.04 114.62
C SER M 256 31.34 59.33 114.46
N ALA M 257 30.24 60.10 114.46
CA ALA M 257 28.93 59.50 114.30
C ALA M 257 28.76 58.86 112.93
N LEU M 258 29.28 59.52 111.88
CA LEU M 258 29.21 58.94 110.55
C LEU M 258 30.01 57.65 110.46
N ASN M 259 31.20 57.64 111.06
CA ASN M 259 32.05 56.45 111.01
C ASN M 259 31.45 55.30 111.81
N GLU M 260 30.86 55.61 112.96
CA GLU M 260 30.38 54.58 113.89
C GLU M 260 29.14 53.88 113.35
N TRP M 261 28.35 54.58 112.53
CA TRP M 261 27.09 54.03 112.06
C TRP M 261 27.30 52.74 111.28
N THR M 262 26.42 51.77 111.53
CA THR M 262 26.50 50.46 110.89
C THR M 262 25.15 50.12 110.27
N LEU M 263 25.11 48.96 109.60
CA LEU M 263 23.89 48.53 108.92
C LEU M 263 22.75 48.30 109.91
N ASP M 264 23.05 47.65 111.03
CA ASP M 264 22.01 47.35 112.01
C ASP M 264 21.54 48.58 112.79
N SER M 265 22.25 49.70 112.67
CA SER M 265 21.88 50.93 113.35
C SER M 265 21.01 51.85 112.49
N ALA M 266 20.22 51.29 111.58
CA ALA M 266 19.39 52.10 110.70
C ALA M 266 18.24 52.72 111.48
N GLN M 267 18.15 54.05 111.45
CA GLN M 267 17.09 54.74 112.16
C GLN M 267 15.74 54.65 111.43
N VAL M 268 15.76 54.54 110.11
CA VAL M 268 14.53 54.50 109.33
C VAL M 268 13.81 53.19 109.59
N LYS M 269 12.51 53.28 109.90
CA LYS M 269 11.67 52.12 110.16
C LYS M 269 10.45 52.20 109.26
N PRO M 270 10.51 51.61 108.07
CA PRO M 270 9.34 51.65 107.17
C PRO M 270 8.15 50.94 107.77
N THR M 271 6.96 51.45 107.47
CA THR M 271 5.73 50.89 107.99
C THR M 271 5.29 49.68 107.17
N MET N 1 36.58 63.51 106.20
CA MET N 1 37.22 62.67 105.20
C MET N 1 38.43 61.94 105.79
N HIS N 2 39.05 61.08 104.99
CA HIS N 2 40.21 60.33 105.44
C HIS N 2 41.51 61.09 105.29
N ARG N 3 41.50 62.23 104.60
CA ARG N 3 42.69 63.06 104.44
C ARG N 3 43.08 63.79 105.71
N THR N 4 42.17 63.87 106.70
CA THR N 4 42.40 64.72 107.85
C THR N 4 43.37 64.10 108.87
N TYR N 5 43.79 62.85 108.68
CA TYR N 5 44.88 62.31 109.47
C TYR N 5 45.89 61.51 108.63
N SER N 6 45.87 61.63 107.31
CA SER N 6 46.76 60.86 106.45
C SER N 6 47.31 61.74 105.34
N LEU N 7 48.50 61.37 104.86
CA LEU N 7 49.11 62.04 103.72
C LEU N 7 48.68 61.48 102.38
N ARG N 8 47.98 60.35 102.36
CA ARG N 8 47.52 59.72 101.13
C ARG N 8 46.00 59.73 101.07
N ASN N 9 45.48 59.79 99.85
CA ASN N 9 44.04 59.84 99.63
C ASN N 9 43.34 58.52 99.94
N SER N 10 44.08 57.46 100.23
CA SER N 10 43.48 56.18 100.57
C SER N 10 42.63 56.30 101.82
N ARG N 11 41.54 55.54 101.86
CA ARG N 11 40.55 55.63 102.93
C ARG N 11 40.85 54.58 103.99
N ALA N 12 40.86 55.01 105.25
CA ALA N 12 41.10 54.11 106.36
C ALA N 12 39.91 53.17 106.52
N PRO N 13 40.13 51.96 107.03
CA PRO N 13 39.02 51.01 107.24
C PRO N 13 38.00 51.57 108.23
N THR N 14 36.73 51.27 107.95
CA THR N 14 35.62 51.71 108.78
C THR N 14 34.80 50.50 109.20
N ALA N 15 33.67 50.76 109.85
CA ALA N 15 32.78 49.67 110.27
C ALA N 15 32.22 48.92 109.07
N SER N 16 31.79 49.66 108.03
CA SER N 16 31.28 49.01 106.83
C SER N 16 32.38 48.22 106.13
N GLN N 17 33.59 48.78 106.07
CA GLN N 17 34.71 48.07 105.45
C GLN N 17 35.10 46.83 106.25
N LEU N 18 35.02 46.93 107.58
CA LEU N 18 35.30 45.76 108.42
C LEU N 18 34.25 44.68 108.22
N GLN N 19 32.98 45.07 108.14
CA GLN N 19 31.91 44.09 107.97
C GLN N 19 31.97 43.43 106.59
N ASN N 20 32.13 44.24 105.55
CA ASN N 20 32.17 43.73 104.18
C ASN N 20 33.37 44.34 103.46
N PRO N 21 34.10 43.56 102.67
CA PRO N 21 35.26 44.11 101.96
C PRO N 21 34.83 45.21 101.02
N PRO N 22 35.71 46.18 100.76
CA PRO N 22 35.37 47.28 99.86
C PRO N 22 35.03 46.76 98.47
N PRO N 23 34.07 47.38 97.78
CA PRO N 23 33.68 46.92 96.45
C PRO N 23 34.82 47.07 95.46
N PRO N 24 34.91 46.17 94.48
CA PRO N 24 35.97 46.29 93.46
C PRO N 24 35.78 47.55 92.64
N PRO N 25 36.86 48.12 92.13
CA PRO N 25 36.74 49.36 91.34
C PRO N 25 36.13 49.08 89.97
N SER N 26 35.83 50.18 89.26
CA SER N 26 35.22 50.07 87.95
C SER N 26 36.20 49.43 86.96
N THR N 27 35.65 48.69 85.99
CA THR N 27 36.49 48.00 85.01
C THR N 27 37.29 48.97 84.16
N THR N 28 36.66 50.07 83.74
CA THR N 28 37.30 51.06 82.88
C THR N 28 37.31 52.42 83.57
N LYS N 29 38.45 53.09 83.51
CA LYS N 29 38.62 54.44 84.07
C LYS N 29 39.37 55.29 83.05
N GLY N 30 38.62 55.96 82.17
CA GLY N 30 39.25 56.79 81.16
C GLY N 30 39.77 58.08 81.76
N ARG N 31 40.96 58.48 81.30
CA ARG N 31 41.59 59.73 81.77
C ARG N 31 41.11 60.87 80.88
N PHE N 32 39.87 61.28 81.14
CA PHE N 32 39.23 62.35 80.40
C PHE N 32 38.31 63.14 81.32
N PHE N 33 38.06 64.40 80.95
CA PHE N 33 37.18 65.24 81.76
C PHE N 33 35.76 64.70 81.76
N GLY N 34 35.28 64.22 80.61
CA GLY N 34 33.93 63.70 80.49
C GLY N 34 32.87 64.75 80.24
N LYS N 35 33.24 66.03 80.18
CA LYS N 35 32.25 67.06 79.91
C LYS N 35 31.67 66.93 78.51
N GLY N 36 32.51 66.59 77.53
CA GLY N 36 32.06 66.43 76.15
C GLY N 36 31.92 67.72 75.37
N GLY N 37 32.25 68.87 75.97
CA GLY N 37 32.14 70.13 75.27
C GLY N 37 32.92 71.21 75.98
N LEU N 38 33.19 72.29 75.23
CA LEU N 38 33.94 73.43 75.73
C LEU N 38 33.02 74.46 76.40
N ALA N 39 31.70 74.19 76.42
CA ALA N 39 30.75 75.14 76.97
C ALA N 39 30.98 75.40 78.45
N TYR N 40 31.28 74.35 79.22
CA TYR N 40 31.50 74.51 80.65
C TYR N 40 32.69 75.44 80.92
N SER N 41 33.82 75.17 80.28
CA SER N 41 35.01 75.99 80.49
C SER N 41 34.78 77.41 79.98
N PHE N 42 34.10 77.55 78.84
CA PHE N 42 33.83 78.88 78.30
C PHE N 42 32.98 79.71 79.25
N ARG N 43 31.92 79.09 79.80
CA ARG N 43 31.06 79.79 80.75
C ARG N 43 31.81 80.12 82.03
N ARG N 44 32.67 79.21 82.50
CA ARG N 44 33.44 79.48 83.70
C ARG N 44 34.42 80.64 83.50
N SER N 45 35.04 80.71 82.32
CA SER N 45 36.05 81.73 82.06
C SER N 45 35.46 83.08 81.67
N ALA N 46 34.25 83.10 81.10
CA ALA N 46 33.67 84.37 80.65
C ALA N 46 33.01 85.16 81.77
N ALA N 47 32.86 84.58 82.96
CA ALA N 47 32.17 85.28 84.04
C ALA N 47 32.96 86.48 84.53
N GLY N 48 34.27 86.33 84.70
CA GLY N 48 35.11 87.37 85.24
C GLY N 48 35.75 88.28 84.21
N ALA N 49 35.35 88.20 82.94
CA ALA N 49 35.97 89.02 81.91
C ALA N 49 35.67 90.49 82.12
N PHE N 50 34.44 90.83 82.52
CA PHE N 50 34.02 92.22 82.62
C PHE N 50 33.40 92.59 83.97
N GLY N 51 33.06 91.61 84.81
CA GLY N 51 32.41 91.88 86.07
C GLY N 51 33.30 92.59 87.07
N PRO N 52 32.68 93.20 88.09
CA PRO N 52 33.47 93.86 89.13
C PRO N 52 34.31 92.86 89.92
N GLU N 53 35.43 93.35 90.44
CA GLU N 53 36.38 92.47 91.13
C GLU N 53 35.79 91.88 92.41
N LEU N 54 35.01 92.66 93.16
CA LEU N 54 34.52 92.19 94.45
C LEU N 54 33.56 91.02 94.30
N SER N 55 32.67 91.08 93.32
CA SER N 55 31.63 90.07 93.15
C SER N 55 32.05 88.91 92.25
N ARG N 56 33.28 88.93 91.73
CA ARG N 56 33.73 87.86 90.83
C ARG N 56 33.78 86.51 91.55
N LYS N 57 34.27 86.51 92.80
CA LYS N 57 34.46 85.25 93.52
C LYS N 57 33.15 84.52 93.71
N LEU N 58 32.09 85.24 94.12
CA LEU N 58 30.80 84.60 94.30
C LEU N 58 30.12 84.33 92.97
N SER N 59 30.33 85.19 91.98
CA SER N 59 29.69 84.99 90.67
C SER N 59 30.23 83.75 89.98
N GLN N 60 31.48 83.36 90.29
CA GLN N 60 32.04 82.16 89.66
C GLN N 60 31.33 80.89 90.11
N LEU N 61 30.77 80.89 91.32
CA LEU N 61 30.16 79.68 91.86
C LEU N 61 28.81 79.38 91.23
N VAL N 62 28.10 80.43 90.77
CA VAL N 62 26.77 80.23 90.22
C VAL N 62 26.82 79.36 88.97
N LYS N 63 27.83 79.56 88.12
CA LYS N 63 27.92 78.78 86.88
C LYS N 63 28.15 77.30 87.19
N ILE N 64 29.04 76.99 88.13
CA ILE N 64 29.29 75.60 88.45
C ILE N 64 28.09 74.98 89.16
N GLU N 65 27.33 75.77 89.93
CA GLU N 65 26.10 75.26 90.52
C GLU N 65 25.08 74.93 89.45
N LYS N 66 24.98 75.78 88.42
CA LYS N 66 24.08 75.48 87.30
C LYS N 66 24.53 74.22 86.57
N ASN N 67 25.84 74.04 86.41
CA ASN N 67 26.35 72.81 85.81
C ASN N 67 25.98 71.59 86.64
N VAL N 68 26.08 71.70 87.96
CA VAL N 68 25.67 70.62 88.86
C VAL N 68 24.18 70.30 88.66
N LEU N 69 23.36 71.35 88.55
CA LEU N 69 21.93 71.15 88.35
C LEU N 69 21.65 70.42 87.04
N ARG N 70 22.34 70.84 85.96
CA ARG N 70 22.13 70.20 84.66
C ARG N 70 22.57 68.73 84.70
N SER N 71 23.70 68.45 85.34
CA SER N 71 24.17 67.07 85.42
C SER N 71 23.21 66.20 86.23
N MET N 72 22.67 66.75 87.32
CA MET N 72 21.68 66.02 88.11
C MET N 72 20.42 65.76 87.29
N GLU N 73 20.00 66.74 86.49
CA GLU N 73 18.83 66.54 85.63
C GLU N 73 19.08 65.43 84.63
N LEU N 74 20.26 65.40 84.02
CA LEU N 74 20.58 64.32 83.08
C LEU N 74 20.59 62.96 83.77
N THR N 75 21.16 62.90 84.97
CA THR N 75 21.17 61.65 85.73
C THR N 75 19.76 61.17 86.02
N ALA N 76 18.89 62.08 86.47
CA ALA N 76 17.51 61.71 86.77
C ALA N 76 16.78 61.25 85.52
N ASN N 77 16.99 61.93 84.40
CA ASN N 77 16.33 61.53 83.15
C ASN N 77 16.77 60.14 82.71
N GLU N 78 18.08 59.86 82.79
CA GLU N 78 18.55 58.55 82.36
C GLU N 78 18.07 57.44 83.30
N ARG N 79 18.05 57.71 84.61
CA ARG N 79 17.54 56.72 85.55
C ARG N 79 16.06 56.46 85.33
N ARG N 80 15.30 57.50 85.01
CA ARG N 80 13.89 57.33 84.66
C ARG N 80 13.73 56.49 83.41
N ASP N 81 14.61 56.71 82.42
CA ASP N 81 14.53 55.95 81.17
C ASP N 81 14.83 54.47 81.40
N ALA N 82 15.78 54.18 82.29
CA ALA N 82 16.19 52.78 82.50
C ALA N 82 15.05 51.92 83.02
N ALA N 83 14.13 52.49 83.80
CA ALA N 83 13.03 51.72 84.38
C ALA N 83 12.10 51.19 83.30
N LYS N 84 11.90 51.94 82.22
CA LYS N 84 11.05 51.47 81.14
C LYS N 84 11.63 50.22 80.49
N GLN N 85 12.93 50.22 80.22
CA GLN N 85 13.57 49.04 79.65
C GLN N 85 13.53 47.87 80.61
N LEU N 86 13.76 48.13 81.90
CA LEU N 86 13.67 47.06 82.89
C LEU N 86 12.28 46.45 82.89
N SER N 87 11.23 47.29 82.79
CA SER N 87 9.87 46.79 82.80
C SER N 87 9.55 45.99 81.54
N ILE N 88 9.94 46.48 80.37
CA ILE N 88 9.59 45.78 79.14
C ILE N 88 10.35 44.46 79.03
N TRP N 89 11.55 44.37 79.59
CA TRP N 89 12.30 43.11 79.55
C TRP N 89 11.52 41.96 80.18
N GLY N 90 10.66 42.24 81.15
CA GLY N 90 10.00 41.18 81.89
C GLY N 90 8.86 40.51 81.17
N LEU N 91 8.49 40.98 79.96
CA LEU N 91 7.38 40.39 79.25
C LEU N 91 7.66 38.94 78.87
N GLU N 92 8.87 38.66 78.38
CA GLU N 92 9.23 37.32 77.93
C GLU N 92 9.95 36.59 79.07
N ASN N 93 9.17 36.17 80.05
CA ASN N 93 9.67 35.44 81.21
C ASN N 93 8.48 34.82 81.93
N ASP N 94 8.72 34.28 83.12
CA ASP N 94 7.66 33.69 83.92
C ASP N 94 6.71 34.78 84.43
N ASP N 95 5.49 34.36 84.78
CA ASP N 95 4.48 35.32 85.22
C ASP N 95 4.88 36.02 86.50
N ASP N 96 5.43 35.29 87.47
CA ASP N 96 5.87 35.91 88.73
C ASP N 96 6.99 36.91 88.48
N VAL N 97 7.95 36.54 87.62
CA VAL N 97 9.04 37.45 87.29
C VAL N 97 8.50 38.70 86.62
N SER N 98 7.55 38.54 85.70
CA SER N 98 6.99 39.69 85.00
C SER N 98 6.27 40.63 85.97
N ASP N 99 5.47 40.07 86.87
CA ASP N 99 4.72 40.90 87.82
C ASP N 99 5.66 41.64 88.77
N ILE N 100 6.64 40.92 89.33
CA ILE N 100 7.61 41.55 90.21
C ILE N 100 8.39 42.63 89.48
N THR N 101 8.75 42.36 88.22
CA THR N 101 9.49 43.35 87.43
C THR N 101 8.67 44.61 87.22
N ASP N 102 7.38 44.47 86.88
CA ASP N 102 6.54 45.63 86.65
C ASP N 102 6.40 46.46 87.92
N LYS N 103 6.11 45.80 89.05
CA LYS N 103 5.88 46.54 90.29
C LYS N 103 7.15 47.24 90.76
N LEU N 104 8.28 46.51 90.78
CA LEU N 104 9.52 47.16 91.18
C LEU N 104 9.93 48.21 90.16
N GLY N 105 9.51 48.06 88.90
CA GLY N 105 9.81 49.07 87.91
C GLY N 105 9.12 50.39 88.18
N VAL N 106 7.84 50.35 88.53
CA VAL N 106 7.18 51.59 88.91
C VAL N 106 7.75 52.13 90.21
N LEU N 107 8.11 51.23 91.14
CA LEU N 107 8.67 51.66 92.41
C LEU N 107 9.99 52.40 92.22
N ILE N 108 10.84 51.93 91.29
CA ILE N 108 12.11 52.58 91.02
C ILE N 108 11.97 53.77 90.09
N TYR N 109 10.92 53.80 89.25
CA TYR N 109 10.60 54.96 88.44
C TYR N 109 10.10 56.13 89.28
N GLU N 110 9.59 55.85 90.48
CA GLU N 110 9.16 56.90 91.41
C GLU N 110 10.25 57.93 91.72
N VAL N 111 11.51 57.51 91.65
CA VAL N 111 12.66 58.31 92.08
C VAL N 111 12.78 59.63 91.31
N SER N 112 12.38 59.61 90.04
CA SER N 112 12.60 60.76 89.17
C SER N 112 11.86 62.00 89.66
N GLU N 113 10.64 61.83 90.15
CA GLU N 113 9.88 62.98 90.64
C GLU N 113 10.56 63.62 91.85
N LEU N 114 11.05 62.79 92.78
CA LEU N 114 11.78 63.31 93.93
C LEU N 114 13.03 64.05 93.49
N ASP N 115 13.75 63.50 92.50
CA ASP N 115 14.93 64.17 91.99
C ASP N 115 14.58 65.53 91.38
N ASP N 116 13.47 65.60 90.64
CA ASP N 116 13.05 66.86 90.04
C ASP N 116 12.70 67.90 91.09
N GLN N 117 11.99 67.48 92.14
CA GLN N 117 11.65 68.40 93.22
C GLN N 117 12.91 68.92 93.92
N PHE N 118 13.86 68.03 94.19
CA PHE N 118 15.12 68.45 94.77
C PHE N 118 15.85 69.42 93.86
N ILE N 119 15.79 69.19 92.55
CA ILE N 119 16.42 70.10 91.60
C ILE N 119 15.78 71.48 91.66
N ASP N 120 14.45 71.53 91.75
CA ASP N 120 13.78 72.83 91.83
C ASP N 120 14.18 73.58 93.10
N ARG N 121 14.24 72.88 94.23
CA ARG N 121 14.63 73.54 95.47
C ARG N 121 16.09 74.00 95.40
N TYR N 122 16.95 73.20 94.78
CA TYR N 122 18.33 73.62 94.53
C TYR N 122 18.38 74.88 93.68
N ASP N 123 17.51 74.97 92.68
CA ASP N 123 17.45 76.17 91.85
C ASP N 123 17.03 77.39 92.65
N GLN N 124 16.07 77.24 93.56
CA GLN N 124 15.70 78.36 94.42
C GLN N 124 16.86 78.81 95.30
N TYR N 125 17.59 77.86 95.89
CA TYR N 125 18.75 78.21 96.70
C TYR N 125 19.80 78.94 95.87
N ARG N 126 20.03 78.46 94.64
CA ARG N 126 20.94 79.14 93.73
C ARG N 126 20.46 80.56 93.41
N LEU N 127 19.15 80.73 93.29
CA LEU N 127 18.61 82.06 93.00
C LEU N 127 18.91 83.03 94.14
N THR N 128 18.75 82.59 95.38
CA THR N 128 19.08 83.47 96.51
C THR N 128 20.58 83.77 96.56
N LEU N 129 21.40 82.75 96.34
CA LEU N 129 22.85 82.97 96.34
C LEU N 129 23.25 83.94 95.22
N LYS N 130 22.55 83.88 94.09
CA LYS N 130 22.75 84.87 93.04
C LYS N 130 22.33 86.26 93.50
N SER N 131 21.20 86.35 94.21
CA SER N 131 20.72 87.64 94.69
C SER N 131 21.73 88.34 95.58
N ILE N 132 22.54 87.58 96.32
CA ILE N 132 23.61 88.20 97.11
C ILE N 132 24.59 88.98 96.22
N ARG N 133 24.92 88.41 95.05
CA ARG N 133 25.94 89.00 94.18
C ARG N 133 25.52 90.38 93.69
N ASP N 134 24.23 90.60 93.48
CA ASP N 134 23.76 91.91 93.03
C ASP N 134 24.12 93.00 94.04
N ILE N 135 23.87 92.73 95.32
CA ILE N 135 24.18 93.73 96.35
C ILE N 135 25.69 93.92 96.47
N GLU N 136 26.45 92.83 96.35
CA GLU N 136 27.92 92.99 96.39
C GLU N 136 28.42 93.88 95.25
N GLY N 137 27.95 93.62 94.03
CA GLY N 137 28.40 94.39 92.89
C GLY N 137 27.89 95.81 92.89
N SER N 138 26.76 96.05 93.57
CA SER N 138 26.30 97.43 93.76
C SER N 138 27.15 98.15 94.80
N VAL N 139 27.63 97.43 95.81
CA VAL N 139 28.42 98.05 96.87
C VAL N 139 29.79 98.47 96.36
N GLN N 140 30.41 97.65 95.50
CA GLN N 140 31.80 97.92 95.09
C GLN N 140 32.03 99.33 94.53
N PRO N 141 31.26 99.81 93.53
CA PRO N 141 31.61 101.11 92.92
C PRO N 141 31.54 102.27 93.89
N SER N 142 30.63 102.23 94.86
CA SER N 142 30.56 103.30 95.84
C SER N 142 31.83 103.36 96.67
N ARG N 143 32.44 102.20 96.94
CA ARG N 143 33.70 102.18 97.68
C ARG N 143 34.87 102.65 96.82
N ASP N 144 34.85 102.34 95.53
CA ASP N 144 36.00 102.67 94.67
C ASP N 144 36.23 104.19 94.61
N ARG N 145 35.15 104.97 94.43
CA ARG N 145 35.30 106.40 94.21
C ARG N 145 35.88 107.11 95.43
N LYS N 146 35.42 106.72 96.63
CA LYS N 146 35.93 107.34 97.85
C LYS N 146 37.43 107.14 97.99
N ASP N 147 37.91 105.93 97.65
CA ASP N 147 39.34 105.68 97.68
C ASP N 147 40.08 106.52 96.64
N LYS N 148 39.50 106.64 95.43
CA LYS N 148 40.21 107.35 94.37
C LYS N 148 40.35 108.85 94.69
N ILE N 149 39.28 109.46 95.21
CA ILE N 149 39.30 110.90 95.47
C ILE N 149 40.12 111.20 96.72
N THR N 150 40.64 110.16 97.37
CA THR N 150 41.62 110.31 98.45
C THR N 150 43.05 110.41 97.92
N ASP N 151 43.44 109.50 97.02
CA ASP N 151 44.72 109.66 96.33
C ASP N 151 44.76 110.97 95.56
N LYS N 152 43.63 111.39 95.00
CA LYS N 152 43.61 112.66 94.27
C LYS N 152 43.98 113.83 95.18
N ILE N 153 43.34 113.94 96.34
CA ILE N 153 43.62 115.07 97.23
C ILE N 153 45.02 114.95 97.81
N ALA N 154 45.47 113.73 98.08
CA ALA N 154 46.84 113.56 98.57
C ALA N 154 47.86 114.06 97.56
N TYR N 155 47.68 113.69 96.28
CA TYR N 155 48.61 114.13 95.25
C TYR N 155 48.56 115.64 95.06
N LEU N 156 47.35 116.21 95.07
CA LEU N 156 47.24 117.66 94.89
C LEU N 156 47.81 118.43 96.06
N LYS N 157 47.70 117.90 97.28
CA LYS N 157 48.36 118.51 98.43
C LYS N 157 49.87 118.41 98.32
N TYR N 158 50.38 117.28 97.82
CA TYR N 158 51.82 117.14 97.61
C TYR N 158 52.33 118.17 96.60
N LYS N 159 51.58 118.38 95.52
CA LYS N 159 52.05 119.28 94.46
C LYS N 159 52.20 120.70 94.98
N ASP N 160 51.16 121.23 95.63
CA ASP N 160 51.22 122.55 96.23
C ASP N 160 50.12 122.69 97.28
N PRO N 161 50.46 123.08 98.52
CA PRO N 161 49.45 123.19 99.57
C PRO N 161 48.64 124.49 99.54
N GLN N 162 48.92 125.39 98.60
CA GLN N 162 48.23 126.67 98.53
C GLN N 162 47.03 126.64 97.59
N SER N 163 46.72 125.50 96.98
CA SER N 163 45.58 125.42 96.09
C SER N 163 44.27 125.51 96.88
N PRO N 164 43.24 126.11 96.29
CA PRO N 164 41.96 126.23 96.99
C PRO N 164 41.07 125.00 96.91
N LYS N 165 41.49 123.95 96.20
CA LYS N 165 40.69 122.75 96.04
C LYS N 165 40.79 121.80 97.24
N ILE N 166 41.65 122.10 98.20
CA ILE N 166 41.87 121.20 99.33
C ILE N 166 40.57 121.03 100.13
N GLU N 167 39.89 122.13 100.43
CA GLU N 167 38.72 122.07 101.30
C GLU N 167 37.56 121.35 100.63
N VAL N 168 37.32 121.62 99.34
CA VAL N 168 36.22 120.96 98.65
C VAL N 168 36.52 119.48 98.46
N LEU N 169 37.77 119.13 98.15
CA LEU N 169 38.14 117.73 98.04
C LEU N 169 37.98 117.01 99.37
N GLU N 170 38.38 117.66 100.46
CA GLU N 170 38.25 117.05 101.79
C GLU N 170 36.78 116.83 102.15
N GLN N 171 35.92 117.79 101.84
CA GLN N 171 34.50 117.59 102.15
C GLN N 171 33.87 116.51 101.29
N GLU N 172 34.25 116.44 100.01
CA GLU N 172 33.79 115.34 99.18
C GLU N 172 34.24 114.00 99.75
N LEU N 173 35.47 113.96 100.27
CA LEU N 173 35.97 112.77 100.95
C LEU N 173 35.10 112.42 102.15
N VAL N 174 34.72 113.44 102.94
CA VAL N 174 33.90 113.18 104.12
C VAL N 174 32.54 112.61 103.75
N ARG N 175 31.87 113.20 102.74
CA ARG N 175 30.56 112.70 102.32
C ARG N 175 30.66 111.28 101.78
N ALA N 176 31.65 111.03 100.92
CA ALA N 176 31.84 109.69 100.38
C ALA N 176 32.17 108.70 101.50
N GLU N 177 32.90 109.14 102.51
CA GLU N 177 33.21 108.27 103.64
C GLU N 177 31.96 107.88 104.41
N ALA N 178 31.06 108.84 104.65
CA ALA N 178 29.81 108.51 105.34
C ALA N 178 28.99 107.51 104.53
N GLU N 179 28.85 107.77 103.22
CA GLU N 179 28.08 106.85 102.38
C GLU N 179 28.72 105.46 102.37
N SER N 180 30.05 105.40 102.28
CA SER N 180 30.75 104.12 102.26
C SER N 180 30.58 103.38 103.58
N LEU N 181 30.59 104.10 104.70
CA LEU N 181 30.36 103.47 106.01
C LEU N 181 28.98 102.82 106.07
N VAL N 182 27.95 103.54 105.63
CA VAL N 182 26.61 102.97 105.65
C VAL N 182 26.54 101.74 104.75
N ALA N 183 27.11 101.83 103.55
CA ALA N 183 27.07 100.72 102.61
C ALA N 183 27.80 99.50 103.17
N GLU N 184 28.98 99.74 103.77
CA GLU N 184 29.78 98.67 104.36
C GLU N 184 29.08 97.96 105.50
N ALA N 185 28.39 98.70 106.37
CA ALA N 185 27.59 98.04 107.41
C ALA N 185 26.46 97.19 106.85
N GLN N 186 25.67 97.75 105.92
CA GLN N 186 24.53 97.01 105.41
C GLN N 186 24.98 95.79 104.62
N LEU N 187 26.13 95.89 103.94
CA LEU N 187 26.62 94.76 103.16
C LEU N 187 26.84 93.53 104.03
N SER N 188 27.53 93.72 105.16
CA SER N 188 27.75 92.61 106.08
C SER N 188 26.43 92.09 106.65
N ASN N 189 25.54 93.01 107.05
CA ASN N 189 24.24 92.58 107.56
C ASN N 189 23.52 91.68 106.56
N ILE N 190 23.41 92.15 105.31
CA ILE N 190 22.64 91.44 104.29
C ILE N 190 23.29 90.11 103.95
N THR N 191 24.63 90.09 103.80
CA THR N 191 25.26 88.83 103.41
C THR N 191 25.09 87.78 104.50
N ARG N 192 25.23 88.17 105.77
CA ARG N 192 25.02 87.21 106.85
C ARG N 192 23.60 86.66 106.83
N SER N 193 22.60 87.56 106.78
CA SER N 193 21.21 87.10 106.85
C SER N 193 20.86 86.21 105.67
N LYS N 194 21.22 86.63 104.45
CA LYS N 194 20.88 85.87 103.26
C LYS N 194 21.58 84.52 103.24
N LEU N 195 22.86 84.48 103.62
CA LEU N 195 23.57 83.20 103.67
C LEU N 195 22.88 82.24 104.62
N ARG N 196 22.56 82.71 105.83
CA ARG N 196 21.91 81.83 106.79
C ARG N 196 20.58 81.31 106.26
N ALA N 197 19.73 82.20 105.76
CA ALA N 197 18.40 81.78 105.31
C ALA N 197 18.48 80.80 104.16
N ALA N 198 19.27 81.14 103.13
CA ALA N 198 19.37 80.27 101.96
C ALA N 198 19.96 78.92 102.33
N PHE N 199 20.95 78.90 103.22
CA PHE N 199 21.64 77.66 103.47
C PHE N 199 20.79 76.73 104.35
N ASN N 200 20.00 77.31 105.27
CA ASN N 200 18.99 76.50 105.96
C ASN N 200 17.98 75.92 104.98
N TYR N 201 17.49 76.74 104.05
CA TYR N 201 16.53 76.25 103.06
C TYR N 201 17.12 75.12 102.24
N GLN N 202 18.38 75.24 101.84
CA GLN N 202 19.04 74.21 101.06
C GLN N 202 19.30 72.94 101.86
N PHE N 203 19.61 73.06 103.16
CA PHE N 203 19.87 71.89 103.99
C PHE N 203 18.61 71.12 104.36
N ASP N 204 17.45 71.78 104.42
CA ASP N 204 16.22 71.03 104.72
C ASP N 204 15.79 70.12 103.57
N SER N 205 15.90 70.62 102.34
CA SER N 205 15.41 69.85 101.19
C SER N 205 16.18 68.55 101.01
N ILE N 206 17.50 68.59 101.21
CA ILE N 206 18.31 67.40 100.95
C ILE N 206 17.98 66.30 101.95
N ILE N 207 17.77 66.64 103.23
CA ILE N 207 17.43 65.60 104.20
C ILE N 207 16.03 65.07 103.94
N GLU N 208 15.10 65.95 103.56
CA GLU N 208 13.76 65.46 103.21
C GLU N 208 13.81 64.47 102.05
N HIS N 209 14.54 64.82 100.99
CA HIS N 209 14.64 63.93 99.83
C HIS N 209 15.34 62.63 100.18
N SER N 210 16.40 62.70 101.00
CA SER N 210 17.10 61.49 101.39
C SER N 210 16.22 60.56 102.19
N GLU N 211 15.43 61.12 103.12
CA GLU N 211 14.53 60.28 103.90
C GLU N 211 13.46 59.62 103.01
N LYS N 212 12.92 60.38 102.06
CA LYS N 212 11.94 59.79 101.15
C LYS N 212 12.56 58.67 100.32
N ILE N 213 13.77 58.88 99.82
CA ILE N 213 14.45 57.86 99.02
C ILE N 213 14.72 56.62 99.86
N ALA N 214 15.13 56.81 101.12
CA ALA N 214 15.38 55.67 101.99
C ALA N 214 14.11 54.88 102.25
N LEU N 215 12.99 55.59 102.47
CA LEU N 215 11.72 54.90 102.66
C LEU N 215 11.34 54.09 101.43
N ILE N 216 11.49 54.68 100.24
CA ILE N 216 11.15 53.96 99.01
C ILE N 216 12.03 52.73 98.85
N ALA N 217 13.33 52.86 99.13
CA ALA N 217 14.25 51.73 99.01
C ALA N 217 13.89 50.63 99.99
N GLY N 218 13.55 50.99 101.22
CA GLY N 218 13.15 49.98 102.20
C GLY N 218 11.89 49.24 101.78
N TYR N 219 10.91 49.98 101.27
CA TYR N 219 9.68 49.34 100.80
C TYR N 219 9.96 48.41 99.62
N GLY N 220 10.83 48.82 98.70
CA GLY N 220 11.18 47.95 97.59
C GLY N 220 11.89 46.69 98.05
N LYS N 221 12.81 46.83 99.00
CA LYS N 221 13.50 45.66 99.53
C LYS N 221 12.53 44.71 100.22
N ALA N 222 11.56 45.26 100.96
CA ALA N 222 10.54 44.42 101.58
C ALA N 222 9.71 43.71 100.53
N LEU N 223 9.38 44.39 99.43
CA LEU N 223 8.59 43.77 98.36
C LEU N 223 9.37 42.66 97.66
N LEU N 224 10.69 42.81 97.53
CA LEU N 224 11.47 41.85 96.74
C LEU N 224 11.46 40.45 97.35
N GLU N 225 11.16 40.34 98.65
CA GLU N 225 11.23 39.04 99.32
C GLU N 225 10.23 38.04 98.76
N LEU N 226 9.12 38.51 98.19
CA LEU N 226 8.02 37.68 97.70
C LEU N 226 8.39 36.82 96.47
N LEU N 227 9.62 36.90 95.95
CA LEU N 227 9.98 36.15 94.74
C LEU N 227 9.98 34.65 94.94
N ASP N 228 10.34 34.16 96.12
CA ASP N 228 10.41 32.73 96.41
C ASP N 228 11.36 32.02 95.45
N ASP N 229 12.64 32.39 95.54
CA ASP N 229 13.68 31.81 94.69
C ASP N 229 14.11 30.47 95.28
N SER N 230 13.70 29.39 94.64
CA SER N 230 14.06 28.04 95.07
C SER N 230 14.58 27.25 93.88
N PRO N 231 15.56 26.36 94.10
CA PRO N 231 16.09 25.58 92.97
C PRO N 231 15.16 24.44 92.59
N VAL N 232 15.07 24.18 91.29
CA VAL N 232 14.23 23.12 90.76
C VAL N 232 15.04 22.31 89.75
N THR N 233 14.96 20.99 89.85
CA THR N 233 15.61 20.10 88.90
C THR N 233 14.75 19.95 87.66
N PRO N 234 15.35 19.64 86.50
CA PRO N 234 14.55 19.45 85.29
C PRO N 234 13.58 18.28 85.43
N GLY N 235 12.41 18.44 84.82
CA GLY N 235 11.37 17.44 84.93
C GLY N 235 10.31 17.73 85.97
N GLU N 236 10.34 18.90 86.60
CA GLU N 236 9.36 19.29 87.60
C GLU N 236 8.72 20.61 87.21
N THR N 237 7.52 20.84 87.74
CA THR N 237 6.76 22.05 87.48
C THR N 237 6.54 22.80 88.79
N ARG N 238 6.91 24.08 88.81
CA ARG N 238 6.70 24.89 89.99
C ARG N 238 5.22 25.22 90.16
N PRO N 239 4.76 25.38 91.40
CA PRO N 239 3.34 25.68 91.62
C PRO N 239 2.96 27.04 91.06
N ALA N 240 1.68 27.18 90.71
CA ALA N 240 1.18 28.44 90.18
C ALA N 240 1.35 29.55 91.22
N TYR N 241 1.72 30.73 90.74
CA TYR N 241 2.04 31.86 91.61
C TYR N 241 0.82 32.76 91.74
N ASP N 242 0.52 33.17 92.97
CA ASP N 242 -0.56 34.10 93.26
C ASP N 242 -0.08 35.07 94.34
N GLY N 243 0.29 36.29 93.94
CA GLY N 243 0.77 37.28 94.87
C GLY N 243 0.31 38.68 94.53
N TYR N 244 -0.69 38.79 93.65
CA TYR N 244 -1.21 40.09 93.27
C TYR N 244 -1.82 40.82 94.46
N GLU N 245 -2.56 40.10 95.30
CA GLU N 245 -3.18 40.67 96.50
C GLU N 245 -2.17 41.14 97.52
N ALA N 246 -0.91 40.72 97.41
CA ALA N 246 0.13 41.17 98.32
C ALA N 246 0.96 42.27 97.68
N SER N 247 1.28 42.10 96.39
CA SER N 247 2.08 43.10 95.68
C SER N 247 1.33 44.42 95.55
N LYS N 248 0.06 44.36 95.16
CA LYS N 248 -0.74 45.58 95.03
C LYS N 248 -0.89 46.27 96.37
N GLN N 249 -1.12 45.50 97.43
CA GLN N 249 -1.22 46.08 98.77
C GLN N 249 0.09 46.74 99.18
N ILE N 250 1.22 46.10 98.87
CA ILE N 250 2.52 46.68 99.21
C ILE N 250 2.72 47.99 98.46
N ILE N 251 2.39 48.03 97.18
CA ILE N 251 2.55 49.26 96.40
C ILE N 251 1.67 50.37 96.96
N ILE N 252 0.41 50.05 97.26
CA ILE N 252 -0.51 51.06 97.79
C ILE N 252 -0.02 51.57 99.14
N ASP N 253 0.42 50.66 100.01
CA ASP N 253 0.92 51.07 101.32
C ASP N 253 2.16 51.94 101.19
N ALA N 254 3.07 51.59 100.27
CA ALA N 254 4.26 52.39 100.07
C ALA N 254 3.91 53.79 99.58
N GLU N 255 2.99 53.90 98.62
CA GLU N 255 2.60 55.21 98.13
C GLU N 255 1.94 56.03 99.24
N SER N 256 1.07 55.41 100.02
CA SER N 256 0.39 56.12 101.10
C SER N 256 1.38 56.60 102.16
N ALA N 257 2.33 55.73 102.53
CA ALA N 257 3.33 56.11 103.53
C ALA N 257 4.22 57.24 103.02
N LEU N 258 4.60 57.19 101.74
CA LEU N 258 5.41 58.27 101.17
C LEU N 258 4.65 59.58 101.16
N ASN N 259 3.36 59.54 100.80
CA ASN N 259 2.55 60.76 100.74
C ASN N 259 2.30 61.33 102.13
N GLU N 260 2.08 60.46 103.11
CA GLU N 260 1.68 60.89 104.45
C GLU N 260 2.84 61.54 105.19
N TRP N 261 4.07 61.14 104.87
CA TRP N 261 5.23 61.62 105.60
C TRP N 261 5.34 63.14 105.53
N THR N 262 5.69 63.75 106.66
CA THR N 262 5.82 65.20 106.77
C THR N 262 7.17 65.54 107.38
N LEU N 263 7.44 66.85 107.47
CA LEU N 263 8.72 67.32 107.99
C LEU N 263 8.92 66.91 109.45
N ASP N 264 7.87 67.05 110.26
CA ASP N 264 7.97 66.72 111.67
C ASP N 264 8.04 65.22 111.94
N SER N 265 7.78 64.38 110.93
CA SER N 265 7.83 62.94 111.08
C SER N 265 9.18 62.36 110.68
N ALA N 266 10.25 63.12 110.83
CA ALA N 266 11.58 62.64 110.44
C ALA N 266 12.05 61.56 111.42
N GLN N 267 12.36 60.38 110.88
CA GLN N 267 12.83 59.28 111.71
C GLN N 267 14.29 59.44 112.13
N VAL N 268 15.09 60.13 111.32
CA VAL N 268 16.51 60.28 111.62
C VAL N 268 16.68 61.22 112.82
N LYS N 269 17.47 60.79 113.80
CA LYS N 269 17.74 61.56 115.00
C LYS N 269 19.25 61.68 115.16
N PRO N 270 19.87 62.72 114.62
CA PRO N 270 21.32 62.88 114.76
C PRO N 270 21.72 63.05 116.22
N THR N 271 22.89 62.53 116.55
CA THR N 271 23.41 62.60 117.91
C THR N 271 24.05 63.95 118.18
#